data_9GON
#
_entry.id   9GON
#
_cell.length_a   88.799
_cell.length_b   106.683
_cell.length_c   121.143
_cell.angle_alpha   65.05
_cell.angle_beta   70.82
_cell.angle_gamma   76.58
#
_symmetry.space_group_name_H-M   'P 1'
#
loop_
_entity.id
_entity.type
_entity.pdbx_description
1 polymer 'Dipeptidyl peptidase 9'
2 non-polymer azanyl-oxidanylidene-(sulfoamino)phosphanium
3 non-polymer DI(HYDROXYETHYL)ETHER
4 non-polymer 1,2-ETHANEDIOL
5 non-polymer 'CHLORIDE ION'
6 non-polymer 'SODIUM ION'
7 non-polymer 'TRIETHYLENE GLYCOL'
8 water water
#
_entity_poly.entity_id   1
_entity_poly.type   'polypeptide(L)'
_entity_poly.pdbx_seq_one_letter_code
;MPAARFQVQKHSWDGLRSIIHGSRKYSGLIVNKAPHDFQFVQKTDESGPHSHRLYYLGMPYGSRENSLLYSEIPKKVRKE
ALLLLSWKQMLDHFQATPHHGVYSREEELLRERKRLGVFGITSYDFHSESGLFLFQASNSLFHCRDGGKNGFMVSPMKPL
EIKTQCSGPRMDPKICPADPAFFSFINNSDLWVANIETGEERRLTFCHQGLSNVLDDPKSAGVATFVIQEEFDRFTGYWW
CPTASWEGSEGLKTLRILYEEVDESEVEVIHVPSPALEERKTDSYRYPRTGSKNPKIALKLAEFQTDSQGKIVSTQEKEL
VQPFSSLFPKVEYIARAGWTRDGKYAWAMFLDRPQQWLQLVLLPPALFIPSTENEEQRLASARAVPRNVQPYVVYEEVTN
VWINVHDIFYPFPQSEGEDELCFLRANECKTGFCHLYKVTAVLKSQGYDWSEPFSPGEDEFKCPIKEEIALTSGEWEVLA
RHGSKIWVNEETKLVYFQGTKDTPLEHHLYVVSYEAAGEIVRLTTPGFSHSCSMSQNFDMFVSHYSSVSTPPCVHVYKLS
GPDDDPLHKQPRFWASMMEAASCPPDYVPPEIFHFHTRSDVRLYGMIYKPHALQPGKKHPTVLFVYGGPQVQLVNNSFKG
IKYLRLNTLASLGYAVVVIDGRGSCQRGLRFEGALKNQMGQVEIEDQVEGLQFVAEKYGFIDLSRVAIHGWSYGGFLSLM
GLIHKPQVFKVAIAGAPVTVWMAYDTGYTERYMDVPENNQHGYEAGSVALHVEKLPNEPNRLLILHGFLDENVHFFHTNF
LVSQLIRAGKPYQLQIYPNERHSIRCPESGEHYEVTLLHFLQEYLHHHHHH
;
_entity_poly.pdbx_strand_id   A,B,C,D
#
# COMPACT_ATOMS: atom_id res chain seq x y z
N ALA A 4 -5.02 47.21 15.32
CA ALA A 4 -6.49 46.94 15.40
C ALA A 4 -6.88 45.82 14.43
N ARG A 5 -6.27 45.72 13.25
CA ARG A 5 -6.51 44.61 12.29
C ARG A 5 -5.49 43.49 12.51
N PHE A 6 -5.96 42.31 12.89
CA PHE A 6 -5.15 41.07 12.96
C PHE A 6 -4.79 40.63 11.54
N GLN A 7 -3.51 40.30 11.33
CA GLN A 7 -2.98 39.69 10.09
C GLN A 7 -2.61 38.26 10.43
N VAL A 8 -3.20 37.31 9.70
CA VAL A 8 -2.84 35.87 9.75
C VAL A 8 -1.38 35.75 9.28
N GLN A 9 -0.58 34.96 9.98
N GLN A 9 -0.58 34.96 9.97
CA GLN A 9 0.81 34.60 9.60
CA GLN A 9 0.82 34.63 9.58
C GLN A 9 0.78 33.97 8.20
C GLN A 9 0.79 33.97 8.21
N LYS A 10 1.59 34.49 7.27
CA LYS A 10 1.73 33.91 5.92
C LYS A 10 2.67 32.71 6.00
N HIS A 11 2.25 31.60 5.40
CA HIS A 11 3.04 30.35 5.33
C HIS A 11 3.36 30.08 3.86
N SER A 12 4.46 29.39 3.63
CA SER A 12 4.75 28.74 2.34
C SER A 12 3.67 27.69 2.10
N TRP A 13 3.51 27.26 0.85
CA TRP A 13 2.60 26.16 0.49
C TRP A 13 2.94 24.92 1.31
N ASP A 14 4.21 24.56 1.45
CA ASP A 14 4.61 23.33 2.19
C ASP A 14 4.37 23.56 3.71
N GLY A 15 4.50 24.80 4.19
CA GLY A 15 4.10 25.16 5.57
C GLY A 15 2.64 24.91 5.81
N LEU A 16 1.77 25.33 4.90
CA LEU A 16 0.32 25.09 4.99
C LEU A 16 0.02 23.58 4.94
N ARG A 17 0.74 22.81 4.10
CA ARG A 17 0.59 21.34 4.02
C ARG A 17 0.91 20.71 5.38
N SER A 18 1.99 21.15 6.03
N SER A 18 1.99 21.15 6.03
CA SER A 18 2.42 20.66 7.36
CA SER A 18 2.41 20.64 7.36
C SER A 18 1.34 20.98 8.41
C SER A 18 1.33 20.97 8.41
N ILE A 19 0.75 22.17 8.38
CA ILE A 19 -0.34 22.56 9.31
C ILE A 19 -1.55 21.64 9.09
N ILE A 20 -2.01 21.47 7.85
CA ILE A 20 -3.20 20.63 7.56
C ILE A 20 -2.87 19.18 7.93
N HIS A 21 -1.74 18.65 7.52
CA HIS A 21 -1.35 17.25 7.80
C HIS A 21 -1.32 17.00 9.32
N GLY A 22 -0.67 17.88 10.08
CA GLY A 22 -0.61 17.80 11.55
C GLY A 22 -1.98 17.86 12.19
N SER A 23 -2.87 18.72 11.68
CA SER A 23 -4.23 18.95 12.22
C SER A 23 -5.05 17.66 12.19
N ARG A 24 -4.85 16.82 11.15
CA ARG A 24 -5.67 15.62 10.88
C ARG A 24 -5.01 14.43 11.56
N LYS A 25 -3.71 14.24 11.38
CA LYS A 25 -2.95 13.11 11.97
C LYS A 25 -3.08 13.14 13.49
N TYR A 26 -2.93 14.32 14.09
CA TYR A 26 -2.93 14.56 15.56
C TYR A 26 -4.22 15.31 15.95
N SER A 27 -5.35 14.92 15.35
CA SER A 27 -6.70 15.51 15.61
C SER A 27 -7.14 15.18 17.05
N GLY A 28 -6.73 14.01 17.56
CA GLY A 28 -7.19 13.44 18.84
C GLY A 28 -8.50 12.68 18.69
N LEU A 29 -9.07 12.61 17.48
CA LEU A 29 -10.38 12.00 17.15
C LEU A 29 -10.17 10.89 16.10
N ILE A 30 -11.10 9.93 16.03
CA ILE A 30 -11.14 8.85 14.99
C ILE A 30 -12.52 8.85 14.34
N VAL A 31 -12.58 8.86 13.00
CA VAL A 31 -13.85 8.87 12.21
C VAL A 31 -14.52 7.50 12.34
N ASN A 32 -15.86 7.50 12.46
CA ASN A 32 -16.76 6.32 12.30
C ASN A 32 -16.28 5.16 13.18
N LYS A 33 -16.08 5.42 14.46
CA LYS A 33 -15.70 4.40 15.47
C LYS A 33 -16.94 3.91 16.26
N ALA A 34 -18.14 4.49 16.02
CA ALA A 34 -19.36 4.22 16.83
C ALA A 34 -20.05 2.96 16.33
N PRO A 35 -20.40 2.00 17.21
CA PRO A 35 -21.24 0.87 16.83
C PRO A 35 -22.66 1.34 16.51
N HIS A 36 -23.40 0.61 15.66
CA HIS A 36 -24.72 1.03 15.12
C HIS A 36 -25.51 -0.18 14.61
N ASP A 37 -26.80 0.02 14.29
CA ASP A 37 -27.73 -1.02 13.78
C ASP A 37 -27.87 -2.13 14.83
N PHE A 38 -28.37 -1.75 16.01
CA PHE A 38 -28.48 -2.60 17.22
C PHE A 38 -29.67 -3.56 17.09
N GLN A 39 -29.49 -4.82 17.51
CA GLN A 39 -30.59 -5.80 17.74
C GLN A 39 -30.38 -6.42 19.11
N PHE A 40 -31.36 -6.24 20.00
CA PHE A 40 -31.40 -6.85 21.35
C PHE A 40 -32.11 -8.20 21.23
N VAL A 41 -31.49 -9.26 21.72
CA VAL A 41 -32.08 -10.62 21.82
C VAL A 41 -31.99 -11.04 23.27
N GLN A 42 -33.12 -11.41 23.87
CA GLN A 42 -33.18 -11.96 25.26
C GLN A 42 -32.49 -13.32 25.25
N LYS A 43 -31.72 -13.61 26.29
CA LYS A 43 -31.13 -14.94 26.55
C LYS A 43 -32.17 -15.79 27.30
N THR A 44 -32.15 -17.12 27.11
CA THR A 44 -33.13 -18.08 27.69
C THR A 44 -32.40 -19.07 28.59
N ASP A 45 -31.63 -18.57 29.57
CA ASP A 45 -30.87 -19.37 30.57
C ASP A 45 -30.97 -18.64 31.91
N GLU A 46 -31.74 -19.20 32.86
CA GLU A 46 -32.03 -18.57 34.17
C GLU A 46 -30.75 -18.55 35.04
N SER A 47 -29.89 -19.58 34.90
CA SER A 47 -28.64 -19.73 35.70
C SER A 47 -27.53 -18.79 35.20
N GLY A 48 -27.49 -18.50 33.89
CA GLY A 48 -26.40 -17.76 33.22
C GLY A 48 -26.37 -16.29 33.61
N PRO A 49 -25.22 -15.59 33.43
CA PRO A 49 -25.07 -14.22 33.93
C PRO A 49 -25.56 -13.09 33.01
N HIS A 50 -26.04 -13.40 31.81
CA HIS A 50 -26.45 -12.39 30.79
C HIS A 50 -27.97 -12.39 30.57
N SER A 51 -28.60 -11.22 30.52
CA SER A 51 -30.03 -11.02 30.17
C SER A 51 -30.20 -11.02 28.65
N HIS A 52 -29.24 -10.45 27.91
CA HIS A 52 -29.35 -10.24 26.44
C HIS A 52 -28.01 -10.48 25.74
N ARG A 53 -28.10 -10.81 24.46
CA ARG A 53 -27.04 -10.56 23.47
C ARG A 53 -27.45 -9.34 22.66
N LEU A 54 -26.54 -8.39 22.53
CA LEU A 54 -26.74 -7.18 21.71
C LEU A 54 -25.87 -7.31 20.45
N TYR A 55 -26.51 -7.39 19.29
CA TYR A 55 -25.81 -7.47 17.97
C TYR A 55 -25.77 -6.08 17.36
N TYR A 56 -24.71 -5.78 16.60
CA TYR A 56 -24.54 -4.47 15.94
C TYR A 56 -23.45 -4.56 14.87
N LEU A 57 -23.35 -3.51 14.06
CA LEU A 57 -22.20 -3.29 13.14
C LEU A 57 -21.22 -2.36 13.82
N GLY A 58 -19.95 -2.65 13.71
CA GLY A 58 -18.91 -1.74 14.19
C GLY A 58 -17.59 -2.07 13.58
N MET A 59 -16.70 -1.08 13.68
CA MET A 59 -15.28 -1.16 13.29
C MET A 59 -14.49 -1.04 14.58
N PRO A 60 -14.03 -2.18 15.15
CA PRO A 60 -13.22 -2.12 16.37
C PRO A 60 -11.83 -1.51 16.09
N TYR A 61 -11.09 -1.20 17.16
CA TYR A 61 -9.78 -0.48 17.11
C TYR A 61 -8.80 -1.24 16.21
N GLY A 62 -8.69 -2.58 16.27
CA GLY A 62 -7.73 -3.37 15.47
C GLY A 62 -8.28 -3.83 14.14
N SER A 63 -9.24 -3.12 13.52
CA SER A 63 -9.93 -3.51 12.26
C SER A 63 -9.90 -2.35 11.26
N ARG A 64 -9.94 -2.68 9.95
CA ARG A 64 -10.01 -1.71 8.84
C ARG A 64 -11.41 -1.64 8.23
N GLU A 65 -12.37 -2.45 8.73
CA GLU A 65 -13.73 -2.50 8.15
C GLU A 65 -14.80 -2.78 9.21
N ASN A 66 -16.01 -2.39 8.87
CA ASN A 66 -17.27 -2.69 9.59
C ASN A 66 -17.51 -4.20 9.51
N SER A 67 -17.72 -4.88 10.65
CA SER A 67 -18.26 -6.26 10.66
C SER A 67 -19.39 -6.41 11.67
N LEU A 68 -19.98 -7.61 11.69
CA LEU A 68 -21.06 -8.05 12.59
C LEU A 68 -20.43 -8.42 13.93
N LEU A 69 -20.90 -7.78 14.98
CA LEU A 69 -20.33 -7.92 16.34
C LEU A 69 -21.48 -8.21 17.31
N TYR A 70 -21.13 -8.63 18.52
CA TYR A 70 -22.12 -8.72 19.62
C TYR A 70 -21.39 -8.41 20.92
N SER A 71 -22.19 -8.01 21.90
CA SER A 71 -21.80 -7.87 23.32
C SER A 71 -22.87 -8.53 24.20
N GLU A 72 -22.43 -9.07 25.33
CA GLU A 72 -23.26 -9.76 26.33
C GLU A 72 -23.71 -8.71 27.34
N ILE A 73 -25.02 -8.57 27.55
CA ILE A 73 -25.60 -7.64 28.55
C ILE A 73 -25.76 -8.40 29.86
N PRO A 74 -25.04 -8.05 30.94
CA PRO A 74 -25.14 -8.80 32.20
C PRO A 74 -26.45 -8.50 32.95
N LYS A 75 -26.89 -9.47 33.77
CA LYS A 75 -28.13 -9.37 34.59
C LYS A 75 -27.97 -8.33 35.69
N LYS A 76 -26.79 -8.25 36.32
CA LYS A 76 -26.44 -7.28 37.39
C LYS A 76 -25.17 -6.52 37.01
N VAL A 77 -25.05 -5.24 37.40
CA VAL A 77 -23.80 -4.43 37.31
C VAL A 77 -23.57 -3.75 38.66
N ARG A 78 -22.31 -3.51 39.03
CA ARG A 78 -21.93 -2.70 40.22
C ARG A 78 -22.28 -1.23 39.93
N LYS A 79 -23.00 -0.58 40.85
CA LYS A 79 -23.56 0.79 40.72
C LYS A 79 -22.43 1.82 40.55
N GLU A 80 -21.37 1.74 41.36
CA GLU A 80 -20.25 2.71 41.39
C GLU A 80 -19.05 2.12 40.61
N ALA A 81 -19.28 1.72 39.36
CA ALA A 81 -18.32 1.02 38.47
C ALA A 81 -18.82 1.09 37.03
N LEU A 82 -17.93 1.41 36.10
CA LEU A 82 -18.25 1.67 34.68
C LEU A 82 -17.94 0.40 33.87
N LEU A 83 -18.94 -0.38 33.47
CA LEU A 83 -18.68 -1.59 32.64
C LEU A 83 -18.48 -1.15 31.19
N LEU A 84 -17.31 -1.45 30.64
CA LEU A 84 -16.99 -1.36 29.18
C LEU A 84 -17.32 -2.74 28.58
N LEU A 85 -18.36 -2.83 27.75
CA LEU A 85 -18.76 -4.11 27.11
C LEU A 85 -17.65 -4.57 26.14
N SER A 86 -17.26 -5.84 26.23
CA SER A 86 -16.34 -6.47 25.25
C SER A 86 -17.09 -6.64 23.92
N TRP A 87 -16.51 -6.10 22.83
CA TRP A 87 -16.97 -6.30 21.43
C TRP A 87 -16.47 -7.69 20.98
N LYS A 88 -17.39 -8.59 20.65
CA LYS A 88 -17.07 -9.95 20.15
C LYS A 88 -17.32 -9.98 18.65
N GLN A 89 -16.43 -10.63 17.89
N GLN A 89 -16.42 -10.62 17.89
CA GLN A 89 -16.64 -10.88 16.44
CA GLN A 89 -16.61 -10.91 16.44
C GLN A 89 -17.64 -12.02 16.29
C GLN A 89 -17.65 -12.03 16.30
N MET A 90 -18.62 -11.85 15.42
CA MET A 90 -19.51 -12.96 14.96
C MET A 90 -18.75 -13.79 13.91
N LEU A 91 -17.89 -13.14 13.11
CA LEU A 91 -17.28 -13.72 11.88
C LEU A 91 -15.76 -13.88 12.04
N ASP A 92 -15.28 -15.10 11.74
CA ASP A 92 -13.86 -15.53 11.90
C ASP A 92 -13.04 -15.08 10.69
N HIS A 93 -12.18 -14.08 10.87
CA HIS A 93 -11.15 -13.60 9.90
C HIS A 93 -11.76 -13.54 8.50
N PHE A 94 -12.84 -12.78 8.37
CA PHE A 94 -13.67 -12.64 7.15
C PHE A 94 -13.52 -11.20 6.63
N GLN A 95 -13.03 -11.03 5.40
CA GLN A 95 -12.97 -9.72 4.72
C GLN A 95 -14.23 -9.51 3.89
N ALA A 96 -15.06 -8.56 4.29
CA ALA A 96 -16.36 -8.23 3.68
C ALA A 96 -16.17 -7.22 2.55
N THR A 97 -15.18 -6.34 2.67
CA THR A 97 -14.83 -5.32 1.65
C THR A 97 -14.29 -6.04 0.41
N PRO A 98 -14.74 -5.69 -0.82
CA PRO A 98 -14.14 -6.23 -2.03
C PRO A 98 -12.70 -5.72 -2.22
N HIS A 99 -11.92 -6.41 -3.07
CA HIS A 99 -10.51 -6.09 -3.38
C HIS A 99 -10.35 -4.59 -3.64
N HIS A 100 -9.42 -3.94 -2.92
CA HIS A 100 -8.98 -2.52 -3.06
C HIS A 100 -10.09 -1.54 -2.69
N GLY A 101 -11.19 -2.00 -2.06
CA GLY A 101 -12.38 -1.19 -1.76
C GLY A 101 -13.06 -0.69 -3.02
N VAL A 102 -12.95 -1.42 -4.14
CA VAL A 102 -13.65 -1.09 -5.42
C VAL A 102 -14.92 -1.93 -5.51
N TYR A 103 -16.05 -1.29 -5.29
CA TYR A 103 -17.41 -1.90 -5.37
C TYR A 103 -17.87 -1.89 -6.83
N SER A 104 -18.81 -2.77 -7.19
CA SER A 104 -19.60 -2.72 -8.46
C SER A 104 -20.21 -1.32 -8.58
N ARG A 105 -20.52 -0.88 -9.82
CA ARG A 105 -21.13 0.46 -10.04
C ARG A 105 -22.40 0.57 -9.21
N GLU A 106 -23.18 -0.51 -9.15
CA GLU A 106 -24.49 -0.55 -8.45
C GLU A 106 -24.28 -0.30 -6.96
N GLU A 107 -23.36 -1.03 -6.33
CA GLU A 107 -23.06 -0.90 -4.86
C GLU A 107 -22.42 0.47 -4.59
N GLU A 108 -21.52 0.92 -5.47
CA GLU A 108 -20.82 2.22 -5.31
C GLU A 108 -21.86 3.35 -5.31
N LEU A 109 -22.77 3.34 -6.25
CA LEU A 109 -23.81 4.40 -6.34
C LEU A 109 -24.79 4.30 -5.16
N LEU A 110 -25.15 3.08 -4.73
CA LEU A 110 -26.02 2.94 -3.53
C LEU A 110 -25.32 3.54 -2.30
N ARG A 111 -24.03 3.30 -2.12
CA ARG A 111 -23.23 3.88 -1.01
C ARG A 111 -23.22 5.42 -1.11
N GLU A 112 -23.10 5.99 -2.31
CA GLU A 112 -23.21 7.46 -2.54
C GLU A 112 -24.60 7.97 -2.12
N ARG A 113 -25.68 7.33 -2.57
CA ARG A 113 -27.06 7.75 -2.25
C ARG A 113 -27.28 7.69 -0.73
N LYS A 114 -26.74 6.67 -0.05
CA LYS A 114 -26.89 6.46 1.42
C LYS A 114 -25.87 7.26 2.24
N ARG A 115 -24.94 7.99 1.61
CA ARG A 115 -23.84 8.73 2.29
C ARG A 115 -23.02 7.75 3.15
N LEU A 116 -22.74 6.54 2.66
CA LEU A 116 -21.87 5.54 3.36
C LEU A 116 -20.42 5.76 2.93
N GLY A 117 -19.53 6.04 3.88
CA GLY A 117 -18.07 6.12 3.66
C GLY A 117 -17.35 4.87 4.15
N VAL A 118 -17.84 4.21 5.20
CA VAL A 118 -17.13 3.07 5.86
C VAL A 118 -17.10 1.87 4.91
N PHE A 119 -16.07 1.05 5.04
CA PHE A 119 -15.90 -0.22 4.30
C PHE A 119 -16.49 -1.36 5.12
N GLY A 120 -16.79 -2.49 4.47
CA GLY A 120 -17.22 -3.74 5.10
C GLY A 120 -18.73 -3.87 5.08
N ILE A 121 -19.29 -4.63 6.01
CA ILE A 121 -20.77 -4.87 6.08
C ILE A 121 -21.43 -3.58 6.57
N THR A 122 -22.30 -2.98 5.74
CA THR A 122 -22.96 -1.69 6.05
C THR A 122 -24.44 -1.90 6.40
N SER A 123 -24.98 -3.09 6.19
CA SER A 123 -26.34 -3.45 6.65
C SER A 123 -26.48 -4.97 6.72
N TYR A 124 -27.45 -5.42 7.52
CA TYR A 124 -27.79 -6.86 7.64
C TYR A 124 -29.30 -6.95 7.85
N ASP A 125 -29.88 -8.03 7.37
CA ASP A 125 -31.28 -8.41 7.71
C ASP A 125 -31.19 -9.49 8.76
N PHE A 126 -32.11 -9.44 9.73
CA PHE A 126 -32.12 -10.35 10.89
C PHE A 126 -33.54 -10.88 11.04
N HIS A 127 -33.68 -12.19 11.15
CA HIS A 127 -34.93 -12.89 11.55
C HIS A 127 -34.75 -13.45 12.96
N SER A 128 -35.39 -12.82 13.95
CA SER A 128 -35.11 -13.08 15.39
C SER A 128 -35.51 -14.51 15.77
N GLU A 129 -36.68 -14.99 15.31
CA GLU A 129 -37.18 -16.36 15.69
C GLU A 129 -36.17 -17.43 15.26
N SER A 130 -35.60 -17.34 14.05
CA SER A 130 -34.64 -18.35 13.52
C SER A 130 -33.19 -17.97 13.87
N GLY A 131 -32.90 -16.70 14.18
CA GLY A 131 -31.52 -16.23 14.44
C GLY A 131 -30.72 -16.13 13.15
N LEU A 132 -31.39 -15.94 12.00
CA LEU A 132 -30.73 -15.87 10.66
C LEU A 132 -30.32 -14.43 10.41
N PHE A 133 -29.06 -14.23 10.04
CA PHE A 133 -28.46 -12.97 9.55
C PHE A 133 -28.18 -13.14 8.07
N LEU A 134 -28.58 -12.16 7.27
CA LEU A 134 -28.39 -12.17 5.80
C LEU A 134 -27.74 -10.83 5.42
N PHE A 135 -26.63 -10.86 4.69
CA PHE A 135 -25.89 -9.62 4.35
C PHE A 135 -25.07 -9.79 3.07
N GLN A 136 -24.77 -8.65 2.44
CA GLN A 136 -23.83 -8.54 1.30
C GLN A 136 -22.42 -8.47 1.86
N ALA A 137 -21.51 -9.22 1.27
CA ALA A 137 -20.06 -9.14 1.52
C ALA A 137 -19.33 -9.70 0.30
N SER A 138 -18.16 -9.14 -0.01
N SER A 138 -18.14 -9.15 -0.01
CA SER A 138 -17.18 -9.66 -1.00
CA SER A 138 -17.18 -9.67 -1.01
C SER A 138 -17.86 -9.96 -2.35
C SER A 138 -17.86 -9.97 -2.36
N ASN A 139 -18.67 -9.03 -2.87
CA ASN A 139 -19.37 -9.13 -4.19
C ASN A 139 -20.34 -10.30 -4.22
N SER A 140 -20.89 -10.71 -3.07
CA SER A 140 -21.79 -11.89 -2.96
C SER A 140 -22.74 -11.74 -1.77
N LEU A 141 -23.46 -12.80 -1.45
CA LEU A 141 -24.44 -12.89 -0.35
C LEU A 141 -23.94 -13.96 0.61
N PHE A 142 -23.96 -13.62 1.89
CA PHE A 142 -23.55 -14.52 2.98
C PHE A 142 -24.66 -14.56 4.02
N HIS A 143 -24.62 -15.60 4.82
CA HIS A 143 -25.51 -15.77 5.99
C HIS A 143 -24.77 -16.48 7.12
N CYS A 144 -25.29 -16.31 8.32
CA CYS A 144 -24.92 -17.07 9.52
C CYS A 144 -26.14 -17.10 10.43
N ARG A 145 -26.11 -18.01 11.40
CA ARG A 145 -27.20 -18.21 12.38
C ARG A 145 -26.59 -18.09 13.78
N ASP A 146 -27.29 -17.42 14.69
CA ASP A 146 -26.92 -17.35 16.12
C ASP A 146 -28.20 -17.16 16.94
N GLY A 147 -28.24 -17.69 18.15
CA GLY A 147 -29.45 -17.73 18.99
C GLY A 147 -30.46 -18.73 18.45
N GLY A 148 -31.73 -18.53 18.81
CA GLY A 148 -32.85 -19.45 18.47
C GLY A 148 -32.52 -20.89 18.82
N LYS A 149 -32.77 -21.81 17.89
CA LYS A 149 -32.60 -23.28 18.04
C LYS A 149 -31.10 -23.65 18.03
N ASN A 150 -30.27 -22.89 17.31
CA ASN A 150 -28.82 -23.20 17.08
C ASN A 150 -28.00 -23.07 18.38
N GLY A 151 -28.45 -22.24 19.34
CA GLY A 151 -27.66 -21.83 20.51
C GLY A 151 -26.88 -20.56 20.21
N PHE A 152 -26.27 -19.95 21.25
CA PHE A 152 -25.42 -18.74 21.17
C PHE A 152 -23.95 -19.14 21.01
N MET A 153 -23.28 -18.66 19.98
CA MET A 153 -21.83 -18.91 19.73
C MET A 153 -21.01 -18.32 20.90
N VAL A 154 -19.89 -18.95 21.20
CA VAL A 154 -18.87 -18.52 22.21
C VAL A 154 -17.61 -18.01 21.49
N SER A 155 -17.48 -18.24 20.17
CA SER A 155 -16.33 -17.77 19.36
C SER A 155 -16.78 -17.49 17.93
N PRO A 156 -16.02 -16.72 17.12
CA PRO A 156 -16.45 -16.34 15.79
C PRO A 156 -16.62 -17.57 14.87
N MET A 157 -17.59 -17.51 13.95
CA MET A 157 -17.91 -18.59 12.99
C MET A 157 -17.63 -18.10 11.57
N LYS A 158 -17.37 -19.02 10.63
CA LYS A 158 -17.24 -18.68 9.19
C LYS A 158 -18.65 -18.46 8.66
N PRO A 159 -18.94 -17.32 7.98
CA PRO A 159 -20.25 -17.15 7.35
C PRO A 159 -20.29 -18.03 6.09
N LEU A 160 -21.47 -18.51 5.72
CA LEU A 160 -21.68 -19.40 4.54
C LEU A 160 -22.10 -18.53 3.35
N GLU A 161 -21.35 -18.58 2.24
CA GLU A 161 -21.74 -17.94 0.98
C GLU A 161 -23.00 -18.63 0.45
N ILE A 162 -23.92 -17.85 -0.10
CA ILE A 162 -25.13 -18.37 -0.81
C ILE A 162 -24.78 -18.44 -2.30
N LYS A 163 -24.77 -19.65 -2.83
CA LYS A 163 -24.40 -19.91 -4.25
C LYS A 163 -25.54 -19.40 -5.16
N THR A 164 -25.20 -19.03 -6.38
CA THR A 164 -26.18 -18.54 -7.38
C THR A 164 -25.79 -19.03 -8.78
N GLN A 165 -26.77 -19.12 -9.65
CA GLN A 165 -26.56 -19.29 -11.11
C GLN A 165 -26.93 -17.96 -11.80
N CYS A 166 -27.25 -16.92 -11.05
CA CYS A 166 -27.52 -15.56 -11.59
C CYS A 166 -26.21 -14.94 -12.08
N SER A 167 -26.29 -14.13 -13.13
N SER A 167 -26.29 -14.12 -13.14
CA SER A 167 -25.21 -13.26 -13.66
CA SER A 167 -25.19 -13.28 -13.66
C SER A 167 -25.37 -11.86 -13.10
C SER A 167 -25.36 -11.86 -13.10
N GLY A 168 -24.27 -11.28 -12.59
CA GLY A 168 -24.25 -9.92 -12.07
C GLY A 168 -24.74 -9.90 -10.63
N PRO A 169 -24.73 -8.71 -9.97
CA PRO A 169 -25.00 -8.62 -8.54
C PRO A 169 -26.43 -9.04 -8.10
N ARG A 170 -26.54 -9.58 -6.88
CA ARG A 170 -27.79 -9.81 -6.15
C ARG A 170 -27.90 -8.68 -5.12
N MET A 171 -28.80 -7.73 -5.37
N MET A 171 -28.80 -7.72 -5.38
CA MET A 171 -28.92 -6.47 -4.60
CA MET A 171 -28.92 -6.47 -4.60
C MET A 171 -30.16 -6.53 -3.69
C MET A 171 -30.15 -6.54 -3.69
N ASP A 172 -30.13 -5.74 -2.62
CA ASP A 172 -31.28 -5.52 -1.70
C ASP A 172 -31.84 -6.85 -1.18
N PRO A 173 -31.02 -7.73 -0.57
CA PRO A 173 -31.50 -9.02 -0.10
C PRO A 173 -32.33 -8.87 1.19
N LYS A 174 -33.44 -9.60 1.29
CA LYS A 174 -34.31 -9.58 2.49
C LYS A 174 -34.79 -10.99 2.78
N ILE A 175 -34.83 -11.33 4.07
CA ILE A 175 -35.40 -12.60 4.58
C ILE A 175 -36.93 -12.49 4.49
N CYS A 176 -37.58 -13.53 4.03
CA CYS A 176 -39.06 -13.65 4.07
C CYS A 176 -39.52 -13.72 5.53
N PRO A 177 -40.31 -12.74 6.03
CA PRO A 177 -40.75 -12.74 7.43
C PRO A 177 -41.57 -13.97 7.83
N ALA A 178 -42.42 -14.47 6.94
CA ALA A 178 -43.37 -15.57 7.20
C ALA A 178 -42.65 -16.92 7.19
N ASP A 179 -41.52 -17.02 6.49
CA ASP A 179 -40.80 -18.31 6.30
C ASP A 179 -39.33 -18.01 6.00
N PRO A 180 -38.44 -18.08 7.01
CA PRO A 180 -37.05 -17.69 6.83
C PRO A 180 -36.20 -18.70 6.03
N ALA A 181 -36.80 -19.78 5.54
CA ALA A 181 -36.18 -20.63 4.49
C ALA A 181 -36.02 -19.82 3.19
N PHE A 182 -36.82 -18.77 3.00
CA PHE A 182 -36.86 -17.95 1.77
C PHE A 182 -36.25 -16.57 2.00
N PHE A 183 -35.61 -16.07 0.96
CA PHE A 183 -35.17 -14.66 0.85
C PHE A 183 -35.38 -14.19 -0.59
N SER A 184 -35.34 -12.88 -0.75
CA SER A 184 -35.56 -12.18 -2.02
C SER A 184 -34.31 -11.35 -2.33
N PHE A 185 -34.15 -11.01 -3.60
CA PHE A 185 -33.11 -10.08 -4.08
C PHE A 185 -33.52 -9.55 -5.45
N ILE A 186 -32.82 -8.50 -5.87
CA ILE A 186 -32.94 -7.90 -7.22
C ILE A 186 -31.73 -8.37 -8.01
N ASN A 187 -31.98 -8.85 -9.23
CA ASN A 187 -30.92 -9.24 -10.18
C ASN A 187 -31.33 -8.72 -11.56
N ASN A 188 -30.47 -7.92 -12.20
CA ASN A 188 -30.75 -7.35 -13.56
C ASN A 188 -32.16 -6.75 -13.58
N SER A 189 -32.50 -5.93 -12.58
CA SER A 189 -33.72 -5.09 -12.51
C SER A 189 -35.00 -5.95 -12.43
N ASP A 190 -34.90 -7.19 -11.95
CA ASP A 190 -36.06 -8.06 -11.68
C ASP A 190 -35.95 -8.67 -10.27
N LEU A 191 -37.10 -8.99 -9.72
CA LEU A 191 -37.27 -9.60 -8.39
C LEU A 191 -37.10 -11.11 -8.50
N TRP A 192 -36.27 -11.65 -7.62
CA TRP A 192 -36.01 -13.10 -7.46
C TRP A 192 -36.33 -13.49 -6.02
N VAL A 193 -36.62 -14.77 -5.83
CA VAL A 193 -36.62 -15.42 -4.49
C VAL A 193 -35.74 -16.65 -4.57
N ALA A 194 -35.27 -17.09 -3.42
CA ALA A 194 -34.43 -18.29 -3.29
C ALA A 194 -34.75 -18.95 -1.96
N ASN A 195 -34.48 -20.25 -1.92
CA ASN A 195 -34.56 -21.07 -0.69
C ASN A 195 -33.13 -21.20 -0.18
N ILE A 196 -32.85 -20.65 0.99
CA ILE A 196 -31.48 -20.56 1.58
C ILE A 196 -31.01 -21.96 1.99
N GLU A 197 -31.94 -22.88 2.28
CA GLU A 197 -31.66 -24.26 2.76
C GLU A 197 -31.36 -25.20 1.58
N THR A 198 -32.11 -25.06 0.47
CA THR A 198 -31.99 -25.97 -0.70
C THR A 198 -31.11 -25.35 -1.79
N GLY A 199 -30.99 -24.02 -1.85
CA GLY A 199 -30.24 -23.32 -2.90
C GLY A 199 -31.09 -23.04 -4.13
N GLU A 200 -32.35 -23.48 -4.20
CA GLU A 200 -33.25 -23.21 -5.36
C GLU A 200 -33.46 -21.70 -5.53
N GLU A 201 -33.40 -21.21 -6.76
CA GLU A 201 -33.65 -19.78 -7.11
C GLU A 201 -34.81 -19.74 -8.09
N ARG A 202 -35.57 -18.66 -8.07
CA ARG A 202 -36.70 -18.50 -9.00
C ARG A 202 -36.89 -17.02 -9.30
N ARG A 203 -36.91 -16.70 -10.60
CA ARG A 203 -37.25 -15.35 -11.07
C ARG A 203 -38.76 -15.14 -10.92
N LEU A 204 -39.19 -14.03 -10.32
CA LEU A 204 -40.63 -13.71 -10.11
C LEU A 204 -41.10 -12.71 -11.17
N THR A 205 -40.30 -11.71 -11.55
CA THR A 205 -40.73 -10.64 -12.48
C THR A 205 -39.91 -10.72 -13.76
N PHE A 206 -40.52 -10.32 -14.86
CA PHE A 206 -39.99 -10.49 -16.24
C PHE A 206 -40.03 -9.17 -17.01
N CYS A 207 -39.77 -8.05 -16.30
N CYS A 207 -39.78 -8.04 -16.35
CA CYS A 207 -39.77 -6.66 -16.83
CA CYS A 207 -39.92 -6.73 -17.03
C CYS A 207 -38.58 -6.38 -17.74
C CYS A 207 -38.59 -6.30 -17.67
N HIS A 208 -37.43 -6.85 -17.29
CA HIS A 208 -36.11 -6.58 -17.94
C HIS A 208 -35.91 -7.70 -18.98
N GLN A 209 -35.87 -7.33 -20.25
CA GLN A 209 -35.74 -8.27 -21.40
C GLN A 209 -34.29 -8.74 -21.55
N GLY A 210 -33.31 -7.95 -21.08
CA GLY A 210 -31.87 -8.22 -21.28
C GLY A 210 -31.44 -7.93 -22.71
N LEU A 211 -32.02 -6.90 -23.35
CA LEU A 211 -31.66 -6.45 -24.74
C LEU A 211 -30.23 -5.93 -24.73
N SER A 212 -29.53 -6.05 -25.86
CA SER A 212 -28.13 -5.57 -26.03
C SER A 212 -28.08 -4.04 -25.81
N ASN A 213 -29.02 -3.28 -26.38
CA ASN A 213 -29.18 -1.83 -26.12
C ASN A 213 -30.04 -1.63 -24.86
N VAL A 214 -29.41 -1.29 -23.72
N VAL A 214 -29.40 -1.28 -23.73
CA VAL A 214 -30.07 -1.06 -22.40
CA VAL A 214 -30.03 -1.03 -22.40
C VAL A 214 -31.14 0.04 -22.49
C VAL A 214 -31.12 0.05 -22.49
N LEU A 215 -30.97 1.02 -23.40
CA LEU A 215 -31.91 2.17 -23.54
C LEU A 215 -33.24 1.71 -24.14
N ASP A 216 -33.25 0.57 -24.83
CA ASP A 216 -34.48 -0.08 -25.38
C ASP A 216 -35.10 -1.02 -24.34
N ASP A 217 -34.54 -1.10 -23.12
CA ASP A 217 -34.94 -2.05 -22.05
C ASP A 217 -35.24 -1.27 -20.76
N PRO A 218 -36.30 -0.43 -20.76
CA PRO A 218 -36.44 0.61 -19.74
C PRO A 218 -37.26 0.29 -18.49
N LYS A 219 -37.69 -0.95 -18.32
CA LYS A 219 -38.53 -1.35 -17.19
C LYS A 219 -37.69 -2.07 -16.12
N SER A 220 -38.05 -1.86 -14.86
N SER A 220 -38.06 -1.86 -14.85
CA SER A 220 -37.47 -2.56 -13.68
CA SER A 220 -37.47 -2.53 -13.67
C SER A 220 -38.59 -2.89 -12.71
C SER A 220 -38.61 -2.91 -12.73
N ALA A 221 -38.38 -3.91 -11.87
CA ALA A 221 -39.30 -4.34 -10.81
C ALA A 221 -38.51 -4.44 -9.51
N GLY A 222 -39.02 -3.82 -8.45
CA GLY A 222 -38.44 -3.98 -7.09
C GLY A 222 -37.34 -2.98 -6.82
N VAL A 223 -37.14 -2.02 -7.72
CA VAL A 223 -36.00 -1.07 -7.69
C VAL A 223 -36.51 0.36 -7.41
N ALA A 224 -35.84 1.06 -6.50
CA ALA A 224 -35.96 2.51 -6.28
C ALA A 224 -35.10 3.25 -7.32
N THR A 225 -35.71 4.08 -8.16
CA THR A 225 -35.00 4.85 -9.22
C THR A 225 -34.24 6.04 -8.61
N PHE A 226 -33.44 6.72 -9.42
CA PHE A 226 -32.46 7.76 -8.96
C PHE A 226 -33.14 8.80 -8.02
N VAL A 227 -34.23 9.43 -8.43
CA VAL A 227 -34.84 10.55 -7.65
C VAL A 227 -35.42 9.99 -6.34
N ILE A 228 -35.93 8.76 -6.36
CA ILE A 228 -36.51 8.12 -5.15
C ILE A 228 -35.38 7.94 -4.12
N GLN A 229 -34.22 7.47 -4.57
CA GLN A 229 -33.05 7.24 -3.67
C GLN A 229 -32.47 8.57 -3.25
N GLU A 230 -32.26 9.50 -4.17
CA GLU A 230 -31.55 10.77 -3.87
C GLU A 230 -32.47 11.75 -3.13
N GLU A 231 -33.76 11.82 -3.44
CA GLU A 231 -34.63 12.93 -2.92
C GLU A 231 -35.75 12.44 -2.01
N PHE A 232 -36.06 11.13 -1.98
CA PHE A 232 -37.12 10.61 -1.08
C PHE A 232 -36.56 9.62 -0.06
N ASP A 233 -35.25 9.41 0.00
CA ASP A 233 -34.64 8.56 1.05
C ASP A 233 -35.26 7.14 1.03
N ARG A 234 -35.63 6.61 -0.14
CA ARG A 234 -36.15 5.23 -0.27
C ARG A 234 -35.18 4.45 -1.19
N PHE A 235 -34.67 3.33 -0.69
CA PHE A 235 -33.60 2.54 -1.32
C PHE A 235 -34.11 1.16 -1.71
N THR A 236 -35.42 0.91 -1.61
CA THR A 236 -36.01 -0.42 -1.96
C THR A 236 -37.27 -0.14 -2.78
N GLY A 237 -37.60 -1.05 -3.69
CA GLY A 237 -38.87 -0.99 -4.44
C GLY A 237 -39.73 -2.23 -4.23
N TYR A 238 -39.56 -2.95 -3.13
CA TYR A 238 -40.39 -4.16 -2.88
C TYR A 238 -40.49 -4.40 -1.38
N TRP A 239 -41.57 -5.08 -1.01
CA TRP A 239 -42.01 -5.26 0.40
C TRP A 239 -42.65 -6.62 0.58
N TRP A 240 -42.03 -7.47 1.38
CA TRP A 240 -42.56 -8.81 1.73
C TRP A 240 -43.89 -8.63 2.46
N CYS A 241 -44.89 -9.38 2.05
CA CYS A 241 -46.08 -9.62 2.87
C CYS A 241 -45.62 -10.42 4.08
N PRO A 242 -45.94 -9.98 5.32
CA PRO A 242 -45.46 -10.67 6.52
C PRO A 242 -46.11 -12.03 6.81
N THR A 243 -47.18 -12.39 6.11
CA THR A 243 -47.97 -13.64 6.37
C THR A 243 -47.97 -14.52 5.12
N ALA A 244 -48.18 -15.81 5.35
CA ALA A 244 -48.45 -16.84 4.33
C ALA A 244 -49.97 -17.01 4.21
N SER A 245 -50.45 -17.52 3.08
CA SER A 245 -51.87 -17.90 2.88
C SER A 245 -51.93 -19.29 2.23
N TRP A 246 -53.09 -19.92 2.31
CA TRP A 246 -53.30 -21.31 1.88
C TRP A 246 -54.51 -21.42 0.97
N GLU A 247 -54.62 -20.56 -0.05
CA GLU A 247 -55.83 -20.49 -0.90
C GLU A 247 -55.73 -21.43 -2.11
N GLY A 248 -54.57 -22.04 -2.41
CA GLY A 248 -54.45 -23.06 -3.50
C GLY A 248 -55.11 -24.38 -3.10
N SER A 249 -55.65 -25.16 -4.05
CA SER A 249 -56.42 -26.42 -3.78
C SER A 249 -55.49 -27.64 -3.90
N GLU A 250 -54.21 -27.49 -3.48
CA GLU A 250 -53.17 -28.53 -3.64
C GLU A 250 -52.28 -28.67 -2.38
N GLY A 251 -52.65 -28.12 -1.22
CA GLY A 251 -51.79 -28.12 0.00
C GLY A 251 -50.55 -27.22 -0.11
N LEU A 252 -50.58 -26.24 -1.02
CA LEU A 252 -49.45 -25.30 -1.25
C LEU A 252 -49.63 -24.06 -0.37
N LYS A 253 -48.52 -23.44 0.00
CA LYS A 253 -48.47 -22.19 0.82
C LYS A 253 -48.14 -21.06 -0.14
N THR A 254 -48.88 -19.96 -0.09
CA THR A 254 -48.66 -18.75 -0.91
C THR A 254 -47.91 -17.70 -0.10
N LEU A 255 -46.80 -17.22 -0.68
CA LEU A 255 -46.03 -16.04 -0.21
C LEU A 255 -46.16 -14.93 -1.24
N ARG A 256 -46.15 -13.68 -0.77
CA ARG A 256 -46.51 -12.47 -1.55
C ARG A 256 -45.44 -11.39 -1.36
N ILE A 257 -45.14 -10.66 -2.42
CA ILE A 257 -44.27 -9.46 -2.41
C ILE A 257 -44.97 -8.35 -3.19
N LEU A 258 -45.20 -7.22 -2.55
CA LEU A 258 -45.61 -5.96 -3.20
C LEU A 258 -44.35 -5.38 -3.85
N TYR A 259 -44.44 -4.88 -5.06
CA TYR A 259 -43.26 -4.25 -5.71
C TYR A 259 -43.72 -3.11 -6.61
N GLU A 260 -42.82 -2.16 -6.76
CA GLU A 260 -42.97 -1.03 -7.71
C GLU A 260 -42.36 -1.48 -9.04
N GLU A 261 -43.16 -1.44 -10.09
CA GLU A 261 -42.68 -1.55 -11.48
C GLU A 261 -42.52 -0.14 -12.00
N VAL A 262 -41.39 0.14 -12.66
CA VAL A 262 -41.14 1.47 -13.27
C VAL A 262 -40.84 1.27 -14.74
N ASP A 263 -41.22 2.26 -15.55
CA ASP A 263 -40.81 2.38 -16.95
C ASP A 263 -40.12 3.73 -17.09
N GLU A 264 -38.80 3.71 -17.36
CA GLU A 264 -38.00 4.95 -17.49
C GLU A 264 -37.84 5.40 -18.94
N SER A 265 -38.63 4.86 -19.89
N SER A 265 -38.63 4.86 -19.88
CA SER A 265 -38.53 5.11 -21.36
CA SER A 265 -38.46 5.11 -21.35
C SER A 265 -38.43 6.61 -21.65
C SER A 265 -38.42 6.61 -21.67
N GLU A 266 -39.29 7.42 -21.05
CA GLU A 266 -39.45 8.87 -21.36
C GLU A 266 -38.52 9.71 -20.48
N VAL A 267 -37.81 9.11 -19.54
CA VAL A 267 -36.89 9.86 -18.65
C VAL A 267 -35.63 10.21 -19.43
N GLU A 268 -35.20 11.46 -19.35
CA GLU A 268 -33.98 11.95 -20.06
C GLU A 268 -32.75 11.17 -19.56
N VAL A 269 -31.85 10.90 -20.47
CA VAL A 269 -30.57 10.16 -20.22
C VAL A 269 -29.44 11.19 -20.17
N ILE A 270 -28.63 11.12 -19.14
CA ILE A 270 -27.38 11.92 -19.06
C ILE A 270 -26.20 10.95 -18.84
N HIS A 271 -24.99 11.42 -19.12
CA HIS A 271 -23.73 10.65 -18.99
C HIS A 271 -22.88 11.32 -17.91
N VAL A 272 -22.37 10.55 -16.97
CA VAL A 272 -21.43 11.07 -15.92
C VAL A 272 -20.18 10.22 -16.00
N PRO A 273 -18.98 10.83 -16.01
CA PRO A 273 -17.75 10.04 -16.06
C PRO A 273 -17.70 8.98 -14.95
N SER A 274 -17.17 7.82 -15.30
CA SER A 274 -16.94 6.66 -14.41
C SER A 274 -15.69 6.89 -13.58
N PRO A 275 -15.59 6.34 -12.35
CA PRO A 275 -14.39 6.47 -11.53
C PRO A 275 -13.09 5.82 -12.04
N ALA A 276 -13.17 4.87 -12.98
CA ALA A 276 -11.94 4.34 -13.64
C ALA A 276 -11.52 5.36 -14.71
N LEU A 277 -10.82 6.44 -14.29
CA LEU A 277 -10.52 7.60 -15.19
C LEU A 277 -9.82 7.14 -16.47
N GLU A 278 -8.89 6.20 -16.33
CA GLU A 278 -8.05 5.71 -17.44
C GLU A 278 -8.91 5.05 -18.54
N GLU A 279 -10.13 4.61 -18.24
CA GLU A 279 -11.02 3.98 -19.26
C GLU A 279 -11.70 5.06 -20.11
N ARG A 280 -11.73 6.32 -19.64
CA ARG A 280 -12.25 7.50 -20.40
C ARG A 280 -13.69 7.21 -20.87
N LYS A 281 -14.51 6.64 -19.99
CA LYS A 281 -15.92 6.29 -20.27
C LYS A 281 -16.84 6.94 -19.23
N THR A 282 -18.13 6.92 -19.51
CA THR A 282 -19.21 7.42 -18.67
C THR A 282 -20.19 6.29 -18.37
N ASP A 283 -20.99 6.46 -17.33
CA ASP A 283 -22.20 5.65 -17.05
C ASP A 283 -23.41 6.48 -17.46
N SER A 284 -24.47 5.81 -17.90
CA SER A 284 -25.75 6.44 -18.30
C SER A 284 -26.70 6.42 -17.10
N TYR A 285 -27.37 7.55 -16.86
CA TYR A 285 -28.32 7.77 -15.75
C TYR A 285 -29.62 8.23 -16.37
N ARG A 286 -30.74 7.67 -15.92
CA ARG A 286 -32.09 8.22 -16.14
C ARG A 286 -32.26 9.32 -15.09
N TYR A 287 -31.99 10.56 -15.48
CA TYR A 287 -31.93 11.74 -14.58
C TYR A 287 -33.10 12.65 -14.93
N PRO A 288 -34.19 12.64 -14.15
CA PRO A 288 -35.31 13.53 -14.40
C PRO A 288 -34.95 14.96 -13.97
N ARG A 289 -34.58 15.81 -14.93
CA ARG A 289 -34.38 17.25 -14.59
C ARG A 289 -35.74 17.86 -14.32
N THR A 290 -35.78 18.87 -13.46
CA THR A 290 -37.00 19.63 -13.11
C THR A 290 -37.80 19.95 -14.37
N GLY A 291 -39.11 19.69 -14.35
CA GLY A 291 -40.02 19.98 -15.47
C GLY A 291 -40.12 18.85 -16.47
N SER A 292 -39.22 17.88 -16.45
CA SER A 292 -39.17 16.76 -17.42
C SER A 292 -39.85 15.53 -16.81
N LYS A 293 -39.97 14.46 -17.58
CA LYS A 293 -40.76 13.27 -17.17
C LYS A 293 -40.04 12.53 -16.05
N ASN A 294 -40.79 12.20 -15.01
CA ASN A 294 -40.42 11.17 -14.03
C ASN A 294 -40.77 9.80 -14.62
N PRO A 295 -40.27 8.70 -14.04
CA PRO A 295 -40.65 7.37 -14.51
C PRO A 295 -42.17 7.13 -14.38
N LYS A 296 -42.70 6.31 -15.29
CA LYS A 296 -44.08 5.76 -15.17
C LYS A 296 -44.03 4.64 -14.15
N ILE A 297 -44.92 4.65 -13.16
CA ILE A 297 -44.85 3.75 -11.97
C ILE A 297 -46.18 2.99 -11.80
N ALA A 298 -46.09 1.82 -11.19
CA ALA A 298 -47.26 1.03 -10.75
C ALA A 298 -46.83 0.12 -9.61
N LEU A 299 -47.75 -0.14 -8.67
CA LEU A 299 -47.60 -1.21 -7.68
C LEU A 299 -48.20 -2.48 -8.26
N LYS A 300 -47.46 -3.57 -8.12
CA LYS A 300 -47.88 -4.93 -8.55
C LYS A 300 -47.62 -5.87 -7.39
N LEU A 301 -48.10 -7.09 -7.55
CA LEU A 301 -47.95 -8.15 -6.57
C LEU A 301 -47.33 -9.38 -7.24
N ALA A 302 -46.21 -9.84 -6.70
CA ALA A 302 -45.56 -11.12 -7.05
C ALA A 302 -46.03 -12.14 -6.01
N GLU A 303 -46.51 -13.29 -6.47
CA GLU A 303 -46.94 -14.41 -5.61
C GLU A 303 -46.18 -15.64 -6.04
N PHE A 304 -45.85 -16.50 -5.10
CA PHE A 304 -45.33 -17.85 -5.41
C PHE A 304 -45.86 -18.85 -4.37
N GLN A 305 -45.95 -20.11 -4.78
N GLN A 305 -45.93 -20.11 -4.78
CA GLN A 305 -46.40 -21.24 -3.94
CA GLN A 305 -46.43 -21.22 -3.94
C GLN A 305 -45.21 -22.16 -3.67
C GLN A 305 -45.29 -22.23 -3.70
N THR A 306 -45.12 -22.63 -2.43
N THR A 306 -45.11 -22.60 -2.43
CA THR A 306 -44.10 -23.59 -1.97
CA THR A 306 -44.10 -23.58 -2.01
C THR A 306 -44.83 -24.83 -1.46
C THR A 306 -44.82 -24.82 -1.46
N ASP A 307 -44.22 -26.01 -1.63
CA ASP A 307 -44.72 -27.29 -1.09
C ASP A 307 -44.08 -27.52 0.29
N SER A 308 -44.41 -28.64 0.93
CA SER A 308 -43.92 -29.00 2.29
C SER A 308 -42.38 -29.14 2.33
N GLN A 309 -41.75 -29.47 1.20
CA GLN A 309 -40.27 -29.63 1.06
C GLN A 309 -39.57 -28.29 0.80
N GLY A 310 -40.30 -27.18 0.68
CA GLY A 310 -39.73 -25.85 0.37
C GLY A 310 -39.45 -25.66 -1.11
N LYS A 311 -40.00 -26.51 -1.99
CA LYS A 311 -39.83 -26.36 -3.44
C LYS A 311 -40.73 -25.23 -3.94
N ILE A 312 -40.20 -24.31 -4.75
CA ILE A 312 -40.99 -23.21 -5.38
C ILE A 312 -41.70 -23.82 -6.60
N VAL A 313 -43.02 -24.03 -6.46
N VAL A 313 -43.01 -24.07 -6.49
CA VAL A 313 -43.87 -24.85 -7.38
CA VAL A 313 -43.80 -24.86 -7.47
C VAL A 313 -44.39 -23.97 -8.52
C VAL A 313 -44.36 -23.94 -8.56
N SER A 314 -44.73 -22.71 -8.24
CA SER A 314 -45.39 -21.81 -9.21
C SER A 314 -45.27 -20.38 -8.75
N THR A 315 -45.33 -19.46 -9.71
CA THR A 315 -45.21 -18.00 -9.50
C THR A 315 -46.29 -17.31 -10.34
N GLN A 316 -46.66 -16.10 -9.94
CA GLN A 316 -47.65 -15.27 -10.66
C GLN A 316 -47.27 -13.81 -10.49
N GLU A 317 -47.29 -13.05 -11.60
CA GLU A 317 -47.30 -11.57 -11.60
C GLU A 317 -48.75 -11.12 -11.61
N LYS A 318 -49.13 -10.27 -10.66
CA LYS A 318 -50.50 -9.71 -10.61
C LYS A 318 -50.41 -8.19 -10.65
N GLU A 319 -51.41 -7.57 -11.26
CA GLU A 319 -51.49 -6.12 -11.49
C GLU A 319 -52.88 -5.65 -11.07
N LEU A 320 -52.99 -4.37 -10.79
CA LEU A 320 -54.27 -3.76 -10.37
C LEU A 320 -55.32 -4.01 -11.44
N VAL A 321 -56.54 -4.35 -11.02
CA VAL A 321 -57.63 -4.75 -11.95
C VAL A 321 -57.90 -3.61 -12.94
N GLN A 322 -57.75 -2.37 -12.51
CA GLN A 322 -57.75 -1.17 -13.39
C GLN A 322 -56.35 -0.58 -13.31
N PRO A 323 -55.78 -0.01 -14.40
CA PRO A 323 -54.42 0.53 -14.34
C PRO A 323 -54.20 1.52 -13.19
N PHE A 324 -53.02 1.45 -12.59
CA PHE A 324 -52.52 2.41 -11.57
C PHE A 324 -52.87 3.85 -11.97
N SER A 325 -52.64 4.20 -13.24
CA SER A 325 -52.86 5.57 -13.78
C SER A 325 -54.34 5.94 -13.83
N SER A 326 -55.25 4.96 -13.96
CA SER A 326 -56.72 5.19 -13.94
C SER A 326 -57.21 5.36 -12.50
N LEU A 327 -56.77 4.48 -11.60
CA LEU A 327 -57.21 4.48 -10.18
C LEU A 327 -56.67 5.72 -9.48
N PHE A 328 -55.42 6.09 -9.78
CA PHE A 328 -54.66 7.09 -9.01
C PHE A 328 -54.03 8.09 -9.99
N PRO A 329 -54.84 8.86 -10.74
CA PRO A 329 -54.34 9.66 -11.86
C PRO A 329 -53.46 10.86 -11.45
N LYS A 330 -53.51 11.31 -10.20
CA LYS A 330 -52.72 12.48 -9.74
C LYS A 330 -51.45 12.03 -9.01
N VAL A 331 -51.18 10.73 -8.92
CA VAL A 331 -49.97 10.23 -8.22
C VAL A 331 -48.76 10.36 -9.15
N GLU A 332 -47.73 11.05 -8.70
CA GLU A 332 -46.43 11.19 -9.40
C GLU A 332 -45.41 10.24 -8.77
N TYR A 333 -45.41 10.11 -7.44
CA TYR A 333 -44.39 9.35 -6.69
C TYR A 333 -45.05 8.41 -5.70
N ILE A 334 -44.46 7.23 -5.55
CA ILE A 334 -44.69 6.35 -4.37
C ILE A 334 -43.58 6.68 -3.39
N ALA A 335 -43.92 7.33 -2.28
CA ALA A 335 -42.92 7.73 -1.25
C ALA A 335 -42.50 6.48 -0.47
N ARG A 336 -43.51 5.72 -0.01
CA ARG A 336 -43.32 4.58 0.92
C ARG A 336 -44.38 3.54 0.60
N ALA A 337 -44.13 2.32 1.02
CA ALA A 337 -45.15 1.26 0.95
C ALA A 337 -44.85 0.20 2.00
N GLY A 338 -45.78 -0.70 2.20
CA GLY A 338 -45.61 -1.83 3.10
C GLY A 338 -46.87 -2.64 3.21
N TRP A 339 -47.03 -3.31 4.33
CA TRP A 339 -48.21 -4.15 4.60
C TRP A 339 -48.70 -3.86 6.02
N THR A 340 -49.97 -4.12 6.28
CA THR A 340 -50.50 -4.31 7.66
C THR A 340 -49.87 -5.59 8.23
N ARG A 341 -49.76 -5.72 9.55
CA ARG A 341 -48.99 -6.83 10.20
C ARG A 341 -49.68 -8.18 9.96
N ASP A 342 -50.97 -8.19 9.68
CA ASP A 342 -51.76 -9.42 9.37
C ASP A 342 -51.70 -9.74 7.87
N GLY A 343 -51.10 -8.89 7.03
CA GLY A 343 -51.07 -9.11 5.57
C GLY A 343 -52.40 -8.88 4.86
N LYS A 344 -53.40 -8.35 5.55
N LYS A 344 -53.40 -8.34 5.56
CA LYS A 344 -54.75 -8.16 4.96
CA LYS A 344 -54.75 -8.14 5.00
C LYS A 344 -54.68 -7.05 3.91
C LYS A 344 -54.69 -7.05 3.92
N TYR A 345 -53.85 -6.02 4.12
CA TYR A 345 -53.72 -4.88 3.18
C TYR A 345 -52.25 -4.59 2.92
N ALA A 346 -51.91 -4.37 1.66
CA ALA A 346 -50.73 -3.60 1.28
C ALA A 346 -51.10 -2.13 1.51
N TRP A 347 -50.13 -1.29 1.79
CA TRP A 347 -50.37 0.17 1.84
C TRP A 347 -49.30 0.89 1.05
N ALA A 348 -49.62 2.10 0.60
CA ALA A 348 -48.69 3.00 -0.09
C ALA A 348 -48.96 4.44 0.35
N MET A 349 -47.87 5.22 0.41
N MET A 349 -47.89 5.23 0.37
CA MET A 349 -47.92 6.69 0.56
CA MET A 349 -47.91 6.68 0.59
C MET A 349 -47.69 7.31 -0.82
C MET A 349 -47.67 7.35 -0.78
N PHE A 350 -48.70 7.98 -1.37
CA PHE A 350 -48.69 8.59 -2.71
C PHE A 350 -48.50 10.10 -2.61
N LEU A 351 -47.66 10.67 -3.48
CA LEU A 351 -47.48 12.15 -3.62
C LEU A 351 -47.92 12.58 -5.00
N ASP A 352 -48.53 13.76 -5.08
CA ASP A 352 -48.76 14.40 -6.39
C ASP A 352 -47.46 15.07 -6.83
N ARG A 353 -47.41 15.51 -8.09
CA ARG A 353 -46.20 16.13 -8.67
C ARG A 353 -45.84 17.42 -7.91
N PRO A 354 -46.78 18.34 -7.62
CA PRO A 354 -46.45 19.53 -6.81
C PRO A 354 -45.96 19.21 -5.37
N GLN A 355 -46.13 17.96 -4.91
CA GLN A 355 -45.76 17.48 -3.55
C GLN A 355 -46.47 18.36 -2.51
N GLN A 356 -47.75 18.65 -2.75
CA GLN A 356 -48.63 19.37 -1.78
C GLN A 356 -49.80 18.49 -1.32
N TRP A 357 -49.86 17.24 -1.77
CA TRP A 357 -50.99 16.33 -1.54
C TRP A 357 -50.41 14.93 -1.37
N LEU A 358 -50.59 14.34 -0.19
CA LEU A 358 -50.17 12.97 0.15
C LEU A 358 -51.43 12.17 0.49
N GLN A 359 -51.49 10.94 0.03
CA GLN A 359 -52.54 9.98 0.44
C GLN A 359 -51.88 8.72 0.95
N LEU A 360 -52.34 8.22 2.10
N LEU A 360 -52.38 8.21 2.06
CA LEU A 360 -52.07 6.84 2.60
CA LEU A 360 -52.08 6.86 2.58
C LEU A 360 -53.23 5.95 2.15
C LEU A 360 -53.23 5.94 2.17
N VAL A 361 -52.92 4.95 1.32
CA VAL A 361 -53.92 4.11 0.63
C VAL A 361 -53.67 2.65 0.99
N LEU A 362 -54.72 1.96 1.43
CA LEU A 362 -54.72 0.48 1.58
C LEU A 362 -55.10 -0.13 0.24
N LEU A 363 -54.43 -1.22 -0.12
CA LEU A 363 -54.70 -1.99 -1.36
C LEU A 363 -54.81 -3.45 -0.96
N PRO A 364 -56.04 -4.04 -0.99
CA PRO A 364 -56.17 -5.45 -0.67
C PRO A 364 -55.56 -6.30 -1.78
N PRO A 365 -54.93 -7.46 -1.49
CA PRO A 365 -54.44 -8.36 -2.54
C PRO A 365 -55.49 -8.77 -3.58
N ALA A 366 -56.78 -8.85 -3.21
CA ALA A 366 -57.86 -9.24 -4.12
C ALA A 366 -58.08 -8.17 -5.22
N LEU A 367 -57.56 -6.96 -5.07
CA LEU A 367 -57.62 -5.90 -6.12
C LEU A 367 -56.64 -6.19 -7.26
N PHE A 368 -55.70 -7.12 -7.06
CA PHE A 368 -54.68 -7.49 -8.07
C PHE A 368 -55.12 -8.76 -8.77
N ILE A 369 -55.05 -8.80 -10.09
CA ILE A 369 -55.44 -9.98 -10.92
C ILE A 369 -54.22 -10.43 -11.72
N PRO A 370 -54.18 -11.70 -12.20
CA PRO A 370 -53.05 -12.17 -13.02
C PRO A 370 -52.86 -11.28 -14.25
N SER A 371 -51.62 -10.87 -14.49
CA SER A 371 -51.20 -10.22 -15.75
C SER A 371 -51.37 -11.23 -16.89
N THR A 372 -51.95 -10.82 -18.00
CA THR A 372 -52.19 -11.69 -19.18
C THR A 372 -52.29 -10.83 -20.45
N GLU A 373 -51.95 -11.41 -21.59
CA GLU A 373 -52.18 -10.79 -22.92
C GLU A 373 -53.55 -11.20 -23.45
N ASN A 374 -54.15 -12.25 -22.87
CA ASN A 374 -55.47 -12.83 -23.25
C ASN A 374 -56.60 -11.93 -22.70
N GLU A 375 -57.24 -11.13 -23.56
CA GLU A 375 -58.31 -10.16 -23.18
C GLU A 375 -59.49 -10.89 -22.53
N GLU A 376 -59.83 -12.09 -23.00
CA GLU A 376 -60.97 -12.90 -22.46
C GLU A 376 -60.67 -13.32 -21.02
N GLN A 377 -59.47 -13.81 -20.75
CA GLN A 377 -59.05 -14.23 -19.40
C GLN A 377 -58.99 -13.02 -18.46
N ARG A 378 -58.48 -11.88 -18.95
CA ARG A 378 -58.37 -10.63 -18.16
C ARG A 378 -59.77 -10.19 -17.70
N LEU A 379 -60.73 -10.13 -18.63
CA LEU A 379 -62.13 -9.72 -18.37
C LEU A 379 -62.76 -10.68 -17.35
N ALA A 380 -62.54 -11.99 -17.49
CA ALA A 380 -63.04 -13.01 -16.53
C ALA A 380 -62.50 -12.68 -15.13
N SER A 381 -61.20 -12.43 -15.03
CA SER A 381 -60.52 -12.07 -13.75
C SER A 381 -61.13 -10.80 -13.17
N ALA A 382 -61.32 -9.76 -13.99
CA ALA A 382 -61.81 -8.43 -13.54
C ALA A 382 -63.25 -8.58 -13.01
N ARG A 383 -64.07 -9.36 -13.71
CA ARG A 383 -65.49 -9.64 -13.32
C ARG A 383 -65.55 -10.40 -11.99
N ALA A 384 -64.54 -11.21 -11.66
CA ALA A 384 -64.44 -12.02 -10.43
C ALA A 384 -63.95 -11.20 -9.22
N VAL A 385 -63.45 -9.96 -9.40
CA VAL A 385 -63.02 -9.15 -8.22
C VAL A 385 -64.30 -8.83 -7.43
N PRO A 386 -64.39 -9.18 -6.13
CA PRO A 386 -65.62 -8.91 -5.36
C PRO A 386 -66.00 -7.41 -5.35
N ARG A 387 -67.29 -7.12 -5.38
CA ARG A 387 -67.82 -5.73 -5.41
C ARG A 387 -67.29 -4.90 -4.23
N ASN A 388 -67.06 -5.51 -3.06
CA ASN A 388 -66.67 -4.75 -1.83
C ASN A 388 -65.15 -4.60 -1.71
N VAL A 389 -64.38 -5.06 -2.70
CA VAL A 389 -62.89 -4.91 -2.72
C VAL A 389 -62.57 -3.54 -3.35
N GLN A 390 -61.75 -2.73 -2.70
CA GLN A 390 -61.41 -1.40 -3.24
C GLN A 390 -60.16 -0.88 -2.53
N PRO A 391 -59.50 0.15 -3.10
CA PRO A 391 -58.57 0.96 -2.35
C PRO A 391 -59.33 1.72 -1.24
N TYR A 392 -58.66 1.97 -0.13
CA TYR A 392 -59.13 2.88 0.95
C TYR A 392 -58.09 3.96 1.17
N VAL A 393 -58.47 5.22 0.96
CA VAL A 393 -57.64 6.37 1.39
C VAL A 393 -57.95 6.60 2.87
N VAL A 394 -57.04 6.16 3.74
CA VAL A 394 -57.25 6.19 5.22
C VAL A 394 -56.72 7.51 5.78
N TYR A 395 -55.93 8.26 5.02
CA TYR A 395 -55.37 9.54 5.51
C TYR A 395 -54.92 10.38 4.32
N GLU A 396 -55.12 11.67 4.43
CA GLU A 396 -54.77 12.64 3.37
C GLU A 396 -54.14 13.85 4.06
N GLU A 397 -53.00 14.29 3.57
CA GLU A 397 -52.25 15.47 4.07
C GLU A 397 -52.15 16.45 2.90
N VAL A 398 -52.60 17.69 3.10
CA VAL A 398 -52.63 18.74 2.04
C VAL A 398 -52.01 20.01 2.65
N THR A 399 -51.26 20.78 1.88
CA THR A 399 -50.54 21.99 2.35
C THR A 399 -50.38 22.97 1.20
N ASN A 400 -50.21 24.25 1.51
CA ASN A 400 -49.81 25.28 0.52
C ASN A 400 -48.28 25.48 0.58
N VAL A 401 -47.56 24.75 1.44
CA VAL A 401 -46.07 24.80 1.52
C VAL A 401 -45.55 23.58 0.73
N TRP A 402 -45.15 22.49 1.37
CA TRP A 402 -44.85 21.20 0.71
C TRP A 402 -44.99 20.09 1.75
N ILE A 403 -45.24 18.87 1.28
CA ILE A 403 -45.23 17.64 2.13
C ILE A 403 -43.78 17.21 2.29
N ASN A 404 -43.28 17.17 3.52
CA ASN A 404 -42.06 16.39 3.85
C ASN A 404 -42.52 14.96 4.10
N VAL A 405 -41.90 13.98 3.46
CA VAL A 405 -42.25 12.54 3.68
C VAL A 405 -41.77 12.15 5.07
N HIS A 406 -42.71 11.81 5.97
CA HIS A 406 -42.45 11.31 7.34
C HIS A 406 -42.67 9.80 7.35
N ASP A 407 -41.74 9.05 7.92
CA ASP A 407 -41.65 7.57 7.79
C ASP A 407 -42.61 6.88 8.78
N ILE A 408 -43.24 7.62 9.70
CA ILE A 408 -43.98 7.04 10.85
C ILE A 408 -45.42 6.77 10.41
N PHE A 409 -45.75 5.51 10.26
CA PHE A 409 -47.11 4.99 10.03
C PHE A 409 -47.18 3.62 10.69
N TYR A 410 -47.99 3.49 11.74
CA TYR A 410 -48.06 2.26 12.55
C TYR A 410 -49.51 1.79 12.60
N PRO A 411 -49.93 0.89 11.66
CA PRO A 411 -51.28 0.35 11.71
C PRO A 411 -51.43 -0.72 12.78
N PHE A 412 -52.47 -0.62 13.61
CA PHE A 412 -52.83 -1.66 14.63
C PHE A 412 -53.58 -2.75 13.89
N PRO A 413 -53.29 -4.04 14.15
CA PRO A 413 -53.98 -5.14 13.48
C PRO A 413 -55.48 -5.05 13.78
N GLN A 414 -56.28 -5.29 12.75
CA GLN A 414 -57.75 -5.23 12.82
C GLN A 414 -58.27 -6.54 13.41
N SER A 415 -59.42 -6.48 14.06
N SER A 415 -59.42 -6.49 14.07
CA SER A 415 -60.26 -7.65 14.45
CA SER A 415 -60.23 -7.67 14.46
C SER A 415 -60.99 -8.16 13.21
C SER A 415 -60.99 -8.17 13.22
N GLU A 416 -61.32 -9.45 13.16
CA GLU A 416 -62.14 -10.05 12.06
C GLU A 416 -63.55 -9.40 12.05
N GLY A 417 -64.02 -8.98 10.88
CA GLY A 417 -65.32 -8.29 10.69
C GLY A 417 -65.34 -6.82 11.15
N GLU A 418 -64.18 -6.23 11.45
CA GLU A 418 -64.06 -4.82 11.92
C GLU A 418 -63.88 -3.95 10.66
N ASP A 419 -64.75 -2.97 10.45
CA ASP A 419 -64.71 -2.07 9.25
C ASP A 419 -64.06 -0.74 9.68
N GLU A 420 -63.01 -0.80 10.48
CA GLU A 420 -62.18 0.37 10.80
C GLU A 420 -60.73 -0.06 10.93
N LEU A 421 -59.85 0.92 10.80
CA LEU A 421 -58.40 0.79 10.98
C LEU A 421 -57.93 1.88 11.92
N CYS A 422 -57.25 1.49 12.98
CA CYS A 422 -56.59 2.42 13.90
C CYS A 422 -55.10 2.41 13.58
N PHE A 423 -54.47 3.59 13.56
CA PHE A 423 -53.03 3.72 13.23
C PHE A 423 -52.44 4.95 13.92
N LEU A 424 -51.14 4.90 14.18
CA LEU A 424 -50.33 6.08 14.54
C LEU A 424 -49.74 6.67 13.27
N ARG A 425 -49.68 7.98 13.21
CA ARG A 425 -49.17 8.72 12.03
C ARG A 425 -48.47 10.00 12.50
N ALA A 426 -47.27 10.27 12.01
CA ALA A 426 -46.63 11.61 12.15
C ALA A 426 -47.23 12.49 11.06
N ASN A 427 -47.73 13.65 11.42
CA ASN A 427 -48.36 14.62 10.49
C ASN A 427 -47.83 16.02 10.84
N GLU A 428 -47.26 16.70 9.85
CA GLU A 428 -46.71 18.07 10.01
C GLU A 428 -47.67 19.11 9.43
N CYS A 429 -48.37 18.79 8.34
N CYS A 429 -48.36 18.78 8.33
CA CYS A 429 -49.21 19.78 7.61
CA CYS A 429 -49.27 19.69 7.60
C CYS A 429 -50.40 20.24 8.47
C CYS A 429 -50.39 20.24 8.50
N LYS A 430 -50.87 19.41 9.42
CA LYS A 430 -52.05 19.78 10.27
C LYS A 430 -51.77 21.07 11.06
N THR A 431 -50.65 21.16 11.77
CA THR A 431 -50.33 22.30 12.66
C THR A 431 -49.09 23.08 12.19
N GLY A 432 -48.32 22.58 11.22
CA GLY A 432 -47.05 23.20 10.79
C GLY A 432 -45.85 22.67 11.59
N PHE A 433 -46.09 21.71 12.50
CA PHE A 433 -45.05 21.01 13.29
C PHE A 433 -45.34 19.53 13.25
N CYS A 434 -44.32 18.71 13.06
CA CYS A 434 -44.47 17.24 12.95
C CYS A 434 -44.88 16.66 14.32
N HIS A 435 -46.08 16.09 14.42
CA HIS A 435 -46.64 15.52 15.67
C HIS A 435 -47.29 14.16 15.42
N LEU A 436 -47.42 13.37 16.50
CA LEU A 436 -47.98 12.01 16.48
C LEU A 436 -49.47 12.10 16.73
N TYR A 437 -50.25 11.41 15.91
CA TYR A 437 -51.72 11.31 16.02
C TYR A 437 -52.11 9.84 16.05
N LYS A 438 -53.11 9.50 16.87
CA LYS A 438 -53.79 8.20 16.82
C LYS A 438 -55.08 8.40 16.04
N VAL A 439 -55.18 7.78 14.87
CA VAL A 439 -56.28 8.02 13.89
C VAL A 439 -57.10 6.73 13.76
N THR A 440 -58.42 6.84 13.68
CA THR A 440 -59.34 5.73 13.35
C THR A 440 -60.13 6.10 12.09
N ALA A 441 -59.92 5.34 11.03
CA ALA A 441 -60.58 5.49 9.73
C ALA A 441 -61.68 4.43 9.60
N VAL A 442 -62.77 4.76 8.92
CA VAL A 442 -63.89 3.83 8.67
C VAL A 442 -63.72 3.27 7.26
N LEU A 443 -63.70 1.93 7.13
CA LEU A 443 -63.47 1.23 5.86
C LEU A 443 -64.77 0.56 5.44
N LYS A 444 -65.61 1.26 4.69
CA LYS A 444 -66.90 0.73 4.18
C LYS A 444 -66.93 0.83 2.65
N SER A 445 -67.39 -0.22 1.96
CA SER A 445 -67.55 -0.24 0.48
C SER A 445 -69.03 -0.09 0.12
N GLN A 446 -69.36 0.84 -0.77
CA GLN A 446 -70.69 0.87 -1.47
C GLN A 446 -70.64 0.05 -2.77
N GLY A 447 -69.46 -0.38 -3.23
CA GLY A 447 -69.37 -1.41 -4.30
C GLY A 447 -68.93 -0.86 -5.65
N TYR A 448 -68.08 -1.62 -6.34
CA TYR A 448 -67.54 -1.31 -7.68
C TYR A 448 -67.68 -2.56 -8.55
N ASP A 449 -68.07 -2.35 -9.81
CA ASP A 449 -67.88 -3.33 -10.91
C ASP A 449 -66.53 -3.03 -11.56
N TRP A 450 -65.51 -3.81 -11.22
CA TRP A 450 -64.11 -3.57 -11.66
C TRP A 450 -63.89 -3.93 -13.14
N SER A 451 -64.84 -4.60 -13.79
CA SER A 451 -64.80 -4.91 -15.24
C SER A 451 -65.23 -3.67 -16.06
N GLU A 452 -65.82 -2.65 -15.43
CA GLU A 452 -66.30 -1.40 -16.11
C GLU A 452 -65.18 -0.37 -16.12
N PRO A 453 -65.01 0.45 -17.20
CA PRO A 453 -63.94 1.46 -17.22
C PRO A 453 -64.13 2.47 -16.08
N PHE A 454 -63.03 2.95 -15.51
CA PHE A 454 -62.98 3.62 -14.19
C PHE A 454 -62.49 5.06 -14.35
N SER A 455 -63.24 6.03 -13.83
CA SER A 455 -62.83 7.45 -13.72
C SER A 455 -63.12 7.95 -12.31
N PRO A 456 -62.11 8.06 -11.41
CA PRO A 456 -62.39 8.37 -10.01
C PRO A 456 -62.89 9.81 -9.89
N GLY A 457 -63.92 10.03 -9.07
CA GLY A 457 -64.38 11.36 -8.66
C GLY A 457 -63.45 11.99 -7.63
N GLU A 458 -63.72 13.24 -7.27
CA GLU A 458 -63.18 13.89 -6.04
C GLU A 458 -63.57 13.02 -4.84
N ASP A 459 -62.60 12.74 -3.97
CA ASP A 459 -62.78 12.00 -2.70
C ASP A 459 -63.14 10.52 -2.97
N GLU A 460 -62.84 10.00 -4.17
CA GLU A 460 -62.93 8.56 -4.46
C GLU A 460 -62.04 7.83 -3.44
N PHE A 461 -62.61 6.83 -2.78
CA PHE A 461 -61.93 5.91 -1.85
C PHE A 461 -61.68 6.57 -0.50
N LYS A 462 -62.09 7.83 -0.29
CA LYS A 462 -61.76 8.59 0.95
C LYS A 462 -62.56 7.97 2.11
N CYS A 463 -61.90 7.64 3.20
CA CYS A 463 -62.50 7.09 4.44
C CYS A 463 -62.89 8.22 5.39
N PRO A 464 -64.10 8.19 5.98
CA PRO A 464 -64.40 9.03 7.15
C PRO A 464 -63.40 8.76 8.26
N ILE A 465 -62.99 9.80 8.97
CA ILE A 465 -62.14 9.72 10.20
C ILE A 465 -63.08 9.80 11.39
N LYS A 466 -63.23 8.70 12.10
CA LYS A 466 -64.07 8.57 13.32
C LYS A 466 -63.40 9.28 14.49
N GLU A 467 -62.08 9.25 14.57
CA GLU A 467 -61.34 9.79 15.74
C GLU A 467 -59.93 10.17 15.31
N GLU A 468 -59.40 11.29 15.81
CA GLU A 468 -57.98 11.68 15.59
C GLU A 468 -57.48 12.36 16.87
N ILE A 469 -56.67 11.64 17.64
CA ILE A 469 -56.13 12.11 18.95
C ILE A 469 -54.72 12.62 18.70
N ALA A 470 -54.43 13.88 19.04
CA ALA A 470 -53.05 14.39 19.06
C ALA A 470 -52.34 13.79 20.27
N LEU A 471 -51.30 12.95 20.09
CA LEU A 471 -50.50 12.42 21.23
C LEU A 471 -49.45 13.44 21.66
N THR A 472 -49.00 14.29 20.74
CA THR A 472 -47.97 15.33 21.00
C THR A 472 -48.48 16.64 20.37
N SER A 473 -48.03 17.77 20.89
CA SER A 473 -48.36 19.09 20.30
C SER A 473 -47.39 20.13 20.82
N GLY A 474 -47.35 21.26 20.13
CA GLY A 474 -46.47 22.40 20.47
C GLY A 474 -45.59 22.83 19.33
N GLU A 475 -44.81 23.88 19.58
CA GLU A 475 -43.88 24.49 18.61
C GLU A 475 -42.53 23.77 18.74
N TRP A 476 -42.56 22.48 18.44
CA TRP A 476 -41.38 21.58 18.39
C TRP A 476 -41.81 20.38 17.54
N GLU A 477 -40.88 19.46 17.22
CA GLU A 477 -41.11 18.39 16.24
C GLU A 477 -40.85 17.02 16.85
N VAL A 478 -41.68 16.07 16.47
CA VAL A 478 -41.34 14.63 16.49
C VAL A 478 -40.43 14.40 15.29
N LEU A 479 -39.30 13.72 15.48
CA LEU A 479 -38.34 13.40 14.38
C LEU A 479 -38.84 12.15 13.66
N ALA A 480 -39.08 12.24 12.36
CA ALA A 480 -39.78 11.21 11.59
C ALA A 480 -39.10 10.95 10.24
N ARG A 481 -37.86 11.39 10.04
CA ARG A 481 -37.15 11.26 8.74
C ARG A 481 -35.72 10.78 8.99
N HIS A 482 -35.06 10.29 7.94
CA HIS A 482 -33.59 10.07 7.90
C HIS A 482 -33.16 9.18 9.06
N GLY A 483 -33.88 8.08 9.30
CA GLY A 483 -33.53 7.06 10.31
C GLY A 483 -34.38 7.17 11.56
N SER A 484 -35.01 8.31 11.84
CA SER A 484 -35.80 8.51 13.07
C SER A 484 -37.09 7.68 12.95
N LYS A 485 -37.49 7.03 14.03
CA LYS A 485 -38.67 6.13 14.04
C LYS A 485 -39.36 6.20 15.40
N ILE A 486 -40.49 5.52 15.53
CA ILE A 486 -41.16 5.30 16.83
C ILE A 486 -41.02 3.83 17.20
N TRP A 487 -41.15 3.55 18.49
CA TRP A 487 -41.23 2.18 19.01
C TRP A 487 -42.52 2.10 19.81
N VAL A 488 -43.38 1.12 19.49
CA VAL A 488 -44.73 1.01 20.09
C VAL A 488 -44.78 -0.25 20.96
N ASN A 489 -45.02 -0.10 22.26
CA ASN A 489 -45.27 -1.22 23.19
C ASN A 489 -46.79 -1.39 23.33
N GLU A 490 -47.35 -2.38 22.63
CA GLU A 490 -48.82 -2.63 22.66
C GLU A 490 -49.28 -3.22 24.00
N GLU A 491 -48.39 -3.78 24.82
CA GLU A 491 -48.74 -4.27 26.18
C GLU A 491 -48.96 -3.09 27.14
N THR A 492 -48.14 -2.03 27.10
CA THR A 492 -48.21 -0.87 28.04
C THR A 492 -48.97 0.31 27.41
N LYS A 493 -49.27 0.24 26.11
CA LYS A 493 -49.94 1.30 25.31
C LYS A 493 -49.08 2.58 25.30
N LEU A 494 -47.77 2.42 25.18
CA LEU A 494 -46.78 3.52 25.18
C LEU A 494 -46.11 3.58 23.82
N VAL A 495 -45.87 4.80 23.35
CA VAL A 495 -45.10 5.05 22.11
C VAL A 495 -43.87 5.86 22.51
N TYR A 496 -42.71 5.33 22.14
CA TYR A 496 -41.38 5.96 22.33
C TYR A 496 -41.03 6.67 21.03
N PHE A 497 -40.56 7.90 21.13
CA PHE A 497 -40.24 8.75 19.96
C PHE A 497 -39.09 9.69 20.31
N GLN A 498 -38.51 10.29 19.28
CA GLN A 498 -37.47 11.33 19.44
C GLN A 498 -38.05 12.65 18.99
N GLY A 499 -37.56 13.73 19.58
CA GLY A 499 -38.03 15.07 19.25
C GLY A 499 -37.19 16.18 19.84
N THR A 500 -37.64 17.39 19.55
CA THR A 500 -36.97 18.67 19.90
C THR A 500 -37.79 19.41 20.95
N LYS A 501 -38.59 18.70 21.75
CA LYS A 501 -39.49 19.33 22.77
C LYS A 501 -38.69 20.21 23.73
N ASP A 502 -37.52 19.77 24.18
CA ASP A 502 -36.69 20.50 25.16
C ASP A 502 -36.01 21.71 24.50
N THR A 503 -35.55 21.57 23.27
CA THR A 503 -34.80 22.62 22.53
C THR A 503 -34.60 22.15 21.11
N PRO A 504 -34.67 23.07 20.12
CA PRO A 504 -34.33 22.69 18.74
C PRO A 504 -32.84 22.30 18.58
N LEU A 505 -32.00 22.53 19.59
CA LEU A 505 -30.54 22.26 19.54
C LEU A 505 -30.22 20.82 19.96
N GLU A 506 -31.17 20.03 20.49
CA GLU A 506 -30.90 18.65 20.95
C GLU A 506 -32.05 17.71 20.57
N HIS A 507 -31.70 16.50 20.10
CA HIS A 507 -32.62 15.36 19.91
C HIS A 507 -32.67 14.60 21.24
N HIS A 508 -33.88 14.34 21.73
CA HIS A 508 -34.12 13.57 22.98
C HIS A 508 -35.07 12.43 22.70
N LEU A 509 -35.02 11.41 23.56
CA LEU A 509 -35.97 10.30 23.57
C LEU A 509 -37.08 10.62 24.57
N TYR A 510 -38.32 10.38 24.16
CA TYR A 510 -39.54 10.66 24.95
C TYR A 510 -40.46 9.44 24.90
N VAL A 511 -41.40 9.40 25.84
CA VAL A 511 -42.48 8.38 25.82
C VAL A 511 -43.78 9.10 26.21
N VAL A 512 -44.88 8.67 25.58
CA VAL A 512 -46.28 9.13 25.83
C VAL A 512 -47.21 7.93 25.65
N SER A 513 -48.33 7.91 26.38
CA SER A 513 -49.40 6.90 26.19
C SER A 513 -50.15 7.18 24.89
N TYR A 514 -50.49 6.17 24.08
CA TYR A 514 -51.43 6.35 22.95
C TYR A 514 -52.87 6.02 23.38
N GLU A 515 -53.07 5.47 24.58
CA GLU A 515 -54.39 5.08 25.12
C GLU A 515 -55.01 6.33 25.75
N ALA A 516 -54.32 6.89 26.74
CA ALA A 516 -54.73 8.07 27.53
C ALA A 516 -53.66 9.14 27.36
N ALA A 517 -53.60 9.77 26.18
CA ALA A 517 -52.58 10.78 25.79
C ALA A 517 -52.51 11.86 26.87
N GLY A 518 -51.33 12.09 27.45
CA GLY A 518 -51.14 13.15 28.47
C GLY A 518 -49.69 13.49 28.65
N GLU A 519 -49.12 13.16 29.81
CA GLU A 519 -47.73 13.50 30.20
C GLU A 519 -46.74 12.87 29.19
N ILE A 520 -45.80 13.68 28.70
CA ILE A 520 -44.62 13.20 27.91
C ILE A 520 -43.43 13.15 28.85
N VAL A 521 -42.78 12.00 28.96
CA VAL A 521 -41.60 11.78 29.86
C VAL A 521 -40.33 11.75 28.99
N ARG A 522 -39.32 12.51 29.38
CA ARG A 522 -37.99 12.54 28.71
C ARG A 522 -37.13 11.44 29.34
N LEU A 523 -36.51 10.62 28.51
CA LEU A 523 -35.66 9.48 28.95
C LEU A 523 -34.15 9.77 28.81
N THR A 524 -33.79 10.81 28.05
CA THR A 524 -32.37 11.19 27.82
C THR A 524 -31.96 12.43 28.63
N THR A 525 -30.66 12.56 28.89
CA THR A 525 -30.06 13.62 29.71
C THR A 525 -29.94 14.90 28.90
N PRO A 526 -30.50 16.04 29.39
CA PRO A 526 -30.28 17.35 28.78
C PRO A 526 -28.80 17.73 28.72
N GLY A 527 -28.47 18.56 27.73
CA GLY A 527 -27.12 19.09 27.51
C GLY A 527 -26.34 18.25 26.51
N PHE A 528 -26.97 17.25 25.93
CA PHE A 528 -26.44 16.44 24.80
C PHE A 528 -27.56 16.24 23.79
N SER A 529 -27.18 15.96 22.54
CA SER A 529 -28.12 15.51 21.48
C SER A 529 -27.94 14.00 21.31
N HIS A 530 -29.06 13.27 21.30
CA HIS A 530 -29.10 11.78 21.44
C HIS A 530 -29.64 11.17 20.15
N SER A 531 -29.03 10.05 19.76
CA SER A 531 -29.54 9.13 18.70
C SER A 531 -29.76 7.75 19.34
N CYS A 532 -31.02 7.33 19.47
CA CYS A 532 -31.40 6.19 20.35
C CYS A 532 -31.93 5.01 19.55
N SER A 533 -31.73 3.82 20.13
CA SER A 533 -32.27 2.52 19.64
C SER A 533 -32.91 1.84 20.83
N MET A 534 -34.20 1.52 20.72
N MET A 534 -34.21 1.54 20.73
CA MET A 534 -35.00 0.89 21.79
CA MET A 534 -35.02 0.88 21.79
C MET A 534 -35.06 -0.63 21.55
C MET A 534 -35.05 -0.63 21.54
N SER A 535 -34.87 -1.44 22.59
CA SER A 535 -35.11 -2.91 22.55
C SER A 535 -36.58 -3.18 22.17
N GLN A 536 -36.86 -4.22 21.38
CA GLN A 536 -38.28 -4.58 21.04
C GLN A 536 -38.99 -5.17 22.27
N ASN A 537 -38.28 -5.41 23.38
CA ASN A 537 -38.88 -5.81 24.69
C ASN A 537 -38.99 -4.59 25.63
N PHE A 538 -38.58 -3.40 25.19
CA PHE A 538 -38.78 -2.12 25.89
C PHE A 538 -38.16 -2.13 27.29
N ASP A 539 -37.19 -2.99 27.54
CA ASP A 539 -36.49 -3.14 28.84
C ASP A 539 -35.18 -2.33 28.83
N MET A 540 -34.68 -1.97 27.65
CA MET A 540 -33.41 -1.23 27.51
C MET A 540 -33.30 -0.48 26.19
N PHE A 541 -32.38 0.48 26.15
CA PHE A 541 -32.13 1.30 24.97
C PHE A 541 -30.65 1.69 24.94
N VAL A 542 -30.20 2.03 23.74
CA VAL A 542 -28.83 2.55 23.49
C VAL A 542 -28.99 4.03 23.16
N SER A 543 -28.11 4.87 23.69
CA SER A 543 -27.99 6.26 23.21
C SER A 543 -26.57 6.51 22.71
N HIS A 544 -26.50 6.94 21.45
CA HIS A 544 -25.33 7.56 20.80
C HIS A 544 -25.49 9.07 20.96
N TYR A 545 -24.69 9.71 21.80
CA TYR A 545 -24.88 11.15 22.12
C TYR A 545 -23.54 11.89 22.24
N SER A 546 -23.64 13.21 22.10
CA SER A 546 -22.53 14.16 22.15
C SER A 546 -23.04 15.57 22.47
N SER A 547 -22.11 16.48 22.68
CA SER A 547 -22.36 17.95 22.81
C SER A 547 -21.29 18.66 21.99
N VAL A 548 -21.41 19.99 21.80
CA VAL A 548 -20.37 20.77 21.08
C VAL A 548 -19.01 20.57 21.75
N SER A 549 -18.95 20.38 23.07
CA SER A 549 -17.68 20.29 23.82
C SER A 549 -17.22 18.84 24.04
N THR A 550 -18.06 17.82 23.84
CA THR A 550 -17.70 16.42 24.22
C THR A 550 -17.91 15.49 23.05
N PRO A 551 -16.85 14.78 22.58
CA PRO A 551 -17.00 13.80 21.51
C PRO A 551 -18.03 12.73 21.85
N PRO A 552 -18.60 12.05 20.82
CA PRO A 552 -19.66 11.06 21.01
C PRO A 552 -19.28 9.88 21.91
N CYS A 553 -20.26 9.36 22.66
CA CYS A 553 -20.20 8.08 23.39
C CYS A 553 -21.45 7.27 23.02
N VAL A 554 -21.41 5.97 23.27
CA VAL A 554 -22.54 5.05 23.07
C VAL A 554 -22.73 4.31 24.39
N HIS A 555 -23.88 4.55 25.05
CA HIS A 555 -24.21 3.99 26.38
C HIS A 555 -25.48 3.15 26.30
N VAL A 556 -25.53 2.10 27.10
CA VAL A 556 -26.69 1.18 27.24
C VAL A 556 -27.38 1.53 28.56
N TYR A 557 -28.71 1.68 28.49
CA TYR A 557 -29.58 2.04 29.63
C TYR A 557 -30.61 0.95 29.84
N LYS A 558 -30.92 0.66 31.10
CA LYS A 558 -32.02 -0.23 31.53
C LYS A 558 -33.18 0.67 31.97
N LEU A 559 -34.39 0.37 31.49
CA LEU A 559 -35.62 1.01 31.99
C LEU A 559 -36.11 0.20 33.18
N SER A 560 -36.13 0.80 34.38
CA SER A 560 -36.36 0.14 35.68
C SER A 560 -37.46 0.85 36.47
N GLY A 561 -38.19 0.07 37.26
CA GLY A 561 -39.22 0.56 38.20
C GLY A 561 -40.47 -0.34 38.18
N PRO A 562 -41.47 -0.02 39.02
CA PRO A 562 -42.69 -0.81 39.11
C PRO A 562 -43.39 -1.03 37.76
N ASP A 563 -43.80 -2.26 37.49
CA ASP A 563 -44.58 -2.65 36.27
C ASP A 563 -45.96 -1.98 36.25
N ASP A 564 -46.50 -1.53 37.39
CA ASP A 564 -47.82 -0.83 37.43
C ASP A 564 -47.71 0.63 36.93
N ASP A 565 -46.50 1.16 36.71
CA ASP A 565 -46.27 2.57 36.31
C ASP A 565 -45.31 2.63 35.13
N PRO A 566 -45.65 2.01 33.97
CA PRO A 566 -44.70 1.91 32.84
C PRO A 566 -44.26 3.25 32.25
N LEU A 567 -45.10 4.29 32.28
CA LEU A 567 -44.77 5.63 31.74
C LEU A 567 -43.57 6.23 32.51
N HIS A 568 -43.40 5.89 33.77
CA HIS A 568 -42.38 6.50 34.67
C HIS A 568 -41.25 5.52 34.99
N LYS A 569 -41.04 4.48 34.16
CA LYS A 569 -39.81 3.66 34.21
C LYS A 569 -38.62 4.62 34.10
N GLN A 570 -37.61 4.42 34.95
N GLN A 570 -37.61 4.42 34.95
CA GLN A 570 -36.41 5.28 35.07
CA GLN A 570 -36.41 5.30 35.07
C GLN A 570 -35.30 4.73 34.16
C GLN A 570 -35.31 4.74 34.17
N PRO A 571 -34.64 5.58 33.36
CA PRO A 571 -33.44 5.16 32.62
C PRO A 571 -32.27 5.07 33.62
N ARG A 572 -31.68 3.89 33.71
CA ARG A 572 -30.49 3.62 34.57
C ARG A 572 -29.31 3.28 33.64
N PHE A 573 -28.22 4.03 33.74
CA PHE A 573 -26.93 3.67 33.09
C PHE A 573 -26.61 2.22 33.42
N TRP A 574 -26.33 1.40 32.41
CA TRP A 574 -26.05 -0.04 32.57
C TRP A 574 -24.60 -0.34 32.19
N ALA A 575 -24.18 0.03 30.97
CA ALA A 575 -22.82 -0.22 30.45
C ALA A 575 -22.49 0.71 29.27
N SER A 576 -21.21 0.82 28.94
CA SER A 576 -20.71 1.61 27.80
C SER A 576 -20.33 0.67 26.65
N MET A 577 -20.74 1.03 25.44
N MET A 577 -20.71 1.02 25.43
CA MET A 577 -20.27 0.44 24.16
CA MET A 577 -20.19 0.42 24.18
C MET A 577 -19.05 1.23 23.63
C MET A 577 -19.00 1.23 23.65
N MET A 578 -18.89 2.49 24.03
CA MET A 578 -17.82 3.39 23.54
C MET A 578 -17.83 4.64 24.44
N GLU A 579 -16.73 4.85 25.16
CA GLU A 579 -16.51 6.09 25.94
C GLU A 579 -16.08 7.20 24.97
N ALA A 580 -16.50 8.41 25.27
CA ALA A 580 -16.01 9.66 24.63
C ALA A 580 -14.49 9.68 24.76
N ALA A 581 -13.80 9.85 23.63
CA ALA A 581 -12.48 10.51 23.59
C ALA A 581 -12.55 11.81 24.41
N SER A 582 -11.46 12.20 25.04
CA SER A 582 -11.29 13.58 25.57
C SER A 582 -11.44 14.57 24.41
N CYS A 583 -11.98 15.77 24.68
CA CYS A 583 -11.88 16.93 23.76
C CYS A 583 -10.38 17.20 23.54
N PRO A 584 -9.86 17.07 22.30
CA PRO A 584 -8.45 17.34 22.03
C PRO A 584 -8.01 18.74 22.50
N PRO A 585 -6.80 18.92 23.07
CA PRO A 585 -6.44 20.19 23.71
C PRO A 585 -6.37 21.39 22.75
N ASP A 586 -6.00 21.17 21.49
CA ASP A 586 -5.94 22.25 20.45
C ASP A 586 -7.27 22.35 19.68
N TYR A 587 -8.23 21.48 19.96
CA TYR A 587 -9.64 21.69 19.54
C TYR A 587 -10.32 22.60 20.57
N VAL A 588 -10.82 23.76 20.15
CA VAL A 588 -11.66 24.65 21.00
C VAL A 588 -13.08 24.58 20.45
N PRO A 589 -14.05 24.04 21.22
CA PRO A 589 -15.42 23.92 20.73
C PRO A 589 -16.00 25.27 20.33
N PRO A 590 -16.88 25.32 19.30
CA PRO A 590 -17.54 26.56 18.95
C PRO A 590 -18.54 26.89 20.07
N GLU A 591 -18.97 28.14 20.09
CA GLU A 591 -19.98 28.65 21.04
C GLU A 591 -21.28 28.84 20.26
N ILE A 592 -22.38 28.33 20.79
CA ILE A 592 -23.74 28.51 20.21
C ILE A 592 -24.31 29.81 20.78
N PHE A 593 -24.98 30.59 19.93
CA PHE A 593 -25.70 31.82 20.34
C PHE A 593 -27.03 31.85 19.58
N HIS A 594 -27.92 32.76 19.97
CA HIS A 594 -29.11 33.09 19.16
C HIS A 594 -29.30 34.60 19.17
N PHE A 595 -30.04 35.08 18.17
CA PHE A 595 -30.44 36.49 18.04
C PHE A 595 -31.81 36.53 17.37
N HIS A 596 -32.46 37.68 17.47
CA HIS A 596 -33.76 37.96 16.82
C HIS A 596 -33.47 38.89 15.65
N THR A 597 -33.96 38.51 14.47
CA THR A 597 -33.87 39.33 13.23
C THR A 597 -34.72 40.60 13.43
N ARG A 598 -34.60 41.56 12.52
CA ARG A 598 -35.45 42.79 12.49
C ARG A 598 -36.93 42.40 12.34
N SER A 599 -37.24 41.26 11.71
CA SER A 599 -38.60 40.68 11.62
C SER A 599 -38.99 39.88 12.89
N ASP A 600 -38.14 39.82 13.92
CA ASP A 600 -38.36 39.09 15.20
C ASP A 600 -38.45 37.56 15.00
N VAL A 601 -37.68 37.00 14.06
CA VAL A 601 -37.48 35.53 13.99
C VAL A 601 -36.24 35.20 14.82
N ARG A 602 -36.31 34.17 15.68
CA ARG A 602 -35.11 33.67 16.39
C ARG A 602 -34.25 32.82 15.44
N LEU A 603 -32.98 33.17 15.28
CA LEU A 603 -31.97 32.36 14.53
C LEU A 603 -30.87 31.93 15.49
N TYR A 604 -30.38 30.71 15.33
CA TYR A 604 -29.23 30.17 16.07
C TYR A 604 -28.00 30.24 15.16
N GLY A 605 -26.86 30.43 15.80
CA GLY A 605 -25.58 30.42 15.11
C GLY A 605 -24.50 29.85 16.00
N MET A 606 -23.33 29.62 15.42
CA MET A 606 -22.15 29.29 16.23
C MET A 606 -20.96 30.10 15.76
N ILE A 607 -20.07 30.36 16.69
CA ILE A 607 -18.82 31.15 16.45
C ILE A 607 -17.65 30.28 16.92
N TYR A 608 -16.66 30.13 16.05
CA TYR A 608 -15.31 29.68 16.40
C TYR A 608 -14.49 30.96 16.59
N LYS A 609 -14.18 31.30 17.84
CA LYS A 609 -13.37 32.48 18.17
C LYS A 609 -11.96 32.23 17.65
N PRO A 610 -11.27 33.25 17.09
CA PRO A 610 -9.84 33.14 16.82
C PRO A 610 -9.14 32.63 18.08
N HIS A 611 -8.23 31.67 17.97
CA HIS A 611 -7.49 31.12 19.14
C HIS A 611 -6.57 32.21 19.71
N ALA A 612 -6.35 32.21 21.03
CA ALA A 612 -5.44 33.15 21.71
C ALA A 612 -5.83 34.59 21.33
N LEU A 613 -7.14 34.88 21.43
CA LEU A 613 -7.74 36.19 21.06
C LEU A 613 -7.18 37.27 21.99
N GLN A 614 -6.70 38.37 21.41
CA GLN A 614 -6.22 39.58 22.14
C GLN A 614 -7.27 40.66 21.99
N PRO A 615 -7.52 41.48 23.05
CA PRO A 615 -8.58 42.49 23.00
C PRO A 615 -8.24 43.64 22.03
N GLY A 616 -9.27 44.25 21.44
CA GLY A 616 -9.13 45.38 20.50
C GLY A 616 -8.71 44.95 19.10
N LYS A 617 -8.68 43.64 18.79
CA LYS A 617 -8.20 43.14 17.47
C LYS A 617 -9.40 42.68 16.64
N LYS A 618 -9.46 43.10 15.38
CA LYS A 618 -10.49 42.72 14.39
C LYS A 618 -9.88 41.69 13.43
N HIS A 619 -10.50 40.50 13.35
CA HIS A 619 -9.96 39.32 12.66
C HIS A 619 -10.66 39.10 11.33
N PRO A 620 -9.93 38.57 10.31
CA PRO A 620 -10.55 38.15 9.06
C PRO A 620 -11.48 36.98 9.42
N THR A 621 -12.60 36.90 8.70
CA THR A 621 -13.75 36.05 9.10
C THR A 621 -14.15 35.18 7.93
N VAL A 622 -14.43 33.91 8.21
CA VAL A 622 -15.05 32.98 7.25
C VAL A 622 -16.49 32.73 7.71
N LEU A 623 -17.46 33.12 6.88
CA LEU A 623 -18.85 32.67 6.99
C LEU A 623 -18.98 31.32 6.29
N PHE A 624 -19.08 30.26 7.08
CA PHE A 624 -19.29 28.88 6.57
C PHE A 624 -20.80 28.67 6.46
N VAL A 625 -21.29 28.36 5.26
CA VAL A 625 -22.73 28.36 4.92
C VAL A 625 -23.14 27.03 4.26
N TYR A 626 -24.29 26.52 4.64
CA TYR A 626 -25.04 25.52 3.85
C TYR A 626 -26.34 26.23 3.44
N GLY A 627 -27.30 26.40 4.37
CA GLY A 627 -28.41 27.35 4.23
C GLY A 627 -29.60 26.78 3.46
N GLY A 628 -29.55 25.52 3.05
CA GLY A 628 -30.62 24.90 2.25
C GLY A 628 -31.59 24.08 3.10
N PRO A 629 -32.72 23.65 2.52
CA PRO A 629 -33.69 22.85 3.27
C PRO A 629 -33.12 21.47 3.68
N GLN A 630 -33.70 20.92 4.75
CA GLN A 630 -33.49 19.54 5.28
C GLN A 630 -32.19 19.45 6.09
N VAL A 631 -31.49 20.57 6.32
CA VAL A 631 -30.22 20.57 7.08
C VAL A 631 -30.33 21.60 8.21
N GLN A 632 -29.81 21.23 9.37
CA GLN A 632 -29.57 22.15 10.52
C GLN A 632 -28.09 22.05 10.87
N LEU A 633 -27.30 23.10 10.62
CA LEU A 633 -25.86 23.07 10.96
C LEU A 633 -25.66 23.36 12.45
N VAL A 634 -26.53 24.17 13.07
CA VAL A 634 -26.30 24.66 14.45
C VAL A 634 -27.16 23.85 15.43
N ASN A 635 -26.51 22.98 16.18
CA ASN A 635 -27.12 22.20 17.27
C ASN A 635 -26.02 21.79 18.26
N ASN A 636 -26.44 21.28 19.40
CA ASN A 636 -25.52 20.88 20.49
C ASN A 636 -25.09 19.42 20.28
N SER A 637 -24.31 19.20 19.24
CA SER A 637 -23.63 17.91 18.95
C SER A 637 -22.19 18.20 18.56
N PHE A 638 -21.32 17.21 18.70
CA PHE A 638 -19.87 17.40 18.46
C PHE A 638 -19.61 17.61 16.97
N LYS A 639 -18.95 18.72 16.62
CA LYS A 639 -18.70 19.15 15.22
C LYS A 639 -17.28 18.82 14.78
N GLY A 640 -16.39 18.42 15.68
CA GLY A 640 -14.95 18.25 15.38
C GLY A 640 -14.64 17.10 14.44
N ILE A 641 -15.52 16.11 14.25
CA ILE A 641 -15.27 14.92 13.38
C ILE A 641 -15.55 15.35 11.94
N LYS A 642 -16.66 16.02 11.68
CA LYS A 642 -17.05 16.43 10.32
C LYS A 642 -16.42 17.81 9.97
N TYR A 643 -16.23 18.71 10.95
CA TYR A 643 -15.89 20.13 10.67
C TYR A 643 -14.59 20.51 11.37
N LEU A 644 -13.63 19.59 11.49
CA LEU A 644 -12.31 19.87 12.13
C LEU A 644 -11.68 21.10 11.48
N ARG A 645 -11.82 21.25 10.16
CA ARG A 645 -11.20 22.35 9.38
C ARG A 645 -11.62 23.74 9.88
N LEU A 646 -12.79 23.88 10.52
CA LEU A 646 -13.25 25.20 11.05
C LEU A 646 -12.43 25.55 12.30
N ASN A 647 -12.10 24.57 13.13
CA ASN A 647 -11.16 24.72 14.27
C ASN A 647 -9.78 25.13 13.73
N THR A 648 -9.34 24.50 12.64
CA THR A 648 -8.02 24.78 12.03
C THR A 648 -7.98 26.25 11.59
N LEU A 649 -9.03 26.73 10.91
CA LEU A 649 -9.13 28.17 10.49
C LEU A 649 -9.02 29.07 11.73
N ALA A 650 -9.76 28.77 12.80
CA ALA A 650 -9.74 29.56 14.05
C ALA A 650 -8.35 29.52 14.70
N SER A 651 -7.63 28.40 14.59
CA SER A 651 -6.27 28.27 15.19
C SER A 651 -5.29 29.19 14.47
N LEU A 652 -5.54 29.54 13.21
CA LEU A 652 -4.68 30.49 12.44
C LEU A 652 -5.09 31.95 12.67
N GLY A 653 -6.24 32.19 13.32
CA GLY A 653 -6.69 33.54 13.66
C GLY A 653 -7.84 34.00 12.80
N TYR A 654 -8.49 33.13 12.02
CA TYR A 654 -9.79 33.44 11.38
C TYR A 654 -10.91 33.28 12.43
N ALA A 655 -11.86 34.22 12.48
CA ALA A 655 -13.18 33.98 13.11
C ALA A 655 -14.00 33.14 12.13
N VAL A 656 -14.71 32.11 12.60
CA VAL A 656 -15.60 31.30 11.73
C VAL A 656 -17.02 31.42 12.28
N VAL A 657 -17.95 31.86 11.43
CA VAL A 657 -19.36 32.11 11.79
C VAL A 657 -20.23 31.13 10.99
N VAL A 658 -21.21 30.53 11.65
CA VAL A 658 -22.26 29.68 11.05
C VAL A 658 -23.63 30.18 11.52
N ILE A 659 -24.56 30.36 10.60
CA ILE A 659 -25.94 30.85 10.87
C ILE A 659 -26.92 29.85 10.26
N ASP A 660 -27.87 29.34 11.06
CA ASP A 660 -29.04 28.60 10.55
C ASP A 660 -30.15 29.61 10.22
N GLY A 661 -30.19 30.10 8.99
CA GLY A 661 -31.21 31.03 8.51
C GLY A 661 -32.54 30.35 8.21
N ARG A 662 -33.57 31.14 7.91
CA ARG A 662 -34.87 30.61 7.44
C ARG A 662 -34.62 29.69 6.24
N GLY A 663 -35.36 28.57 6.18
CA GLY A 663 -35.18 27.51 5.18
C GLY A 663 -34.51 26.28 5.77
N SER A 664 -33.72 26.44 6.83
CA SER A 664 -33.06 25.33 7.56
C SER A 664 -34.13 24.56 8.37
N CYS A 665 -33.82 23.37 8.84
CA CYS A 665 -34.83 22.41 9.34
C CYS A 665 -34.82 22.38 10.88
N GLN A 666 -35.70 21.54 11.45
CA GLN A 666 -35.95 21.36 12.90
C GLN A 666 -36.57 22.61 13.55
N ARG A 667 -37.24 23.48 12.78
CA ARG A 667 -37.95 24.69 13.30
C ARG A 667 -39.40 24.76 12.77
N GLY A 668 -39.89 23.70 12.14
CA GLY A 668 -41.27 23.59 11.65
C GLY A 668 -41.41 24.05 10.21
N LEU A 669 -42.59 23.83 9.65
CA LEU A 669 -42.87 24.01 8.20
C LEU A 669 -42.86 25.50 7.80
N ARG A 670 -43.39 26.40 8.62
CA ARG A 670 -43.44 27.85 8.29
C ARG A 670 -42.01 28.40 8.15
N PHE A 671 -41.11 28.02 9.05
CA PHE A 671 -39.72 28.49 9.10
C PHE A 671 -38.99 28.06 7.83
N GLU A 672 -39.08 26.78 7.43
CA GLU A 672 -38.41 26.33 6.20
C GLU A 672 -39.16 26.85 4.96
N GLY A 673 -40.48 27.07 5.08
CA GLY A 673 -41.36 27.53 4.00
C GLY A 673 -41.06 28.93 3.47
N ALA A 674 -40.26 29.72 4.19
CA ALA A 674 -39.89 31.11 3.79
C ALA A 674 -39.18 31.11 2.42
N LEU A 675 -38.53 30.02 2.01
CA LEU A 675 -37.78 30.06 0.74
C LEU A 675 -38.64 29.53 -0.42
N LYS A 676 -39.91 29.18 -0.19
CA LYS A 676 -40.79 28.65 -1.26
C LYS A 676 -40.76 29.55 -2.51
N ASN A 677 -40.37 28.98 -3.65
CA ASN A 677 -40.38 29.60 -5.00
C ASN A 677 -39.36 30.74 -5.10
N GLN A 678 -38.44 30.91 -4.14
CA GLN A 678 -37.50 32.06 -4.14
C GLN A 678 -36.17 31.66 -3.48
N MET A 679 -35.68 30.47 -3.77
CA MET A 679 -34.38 29.99 -3.26
C MET A 679 -33.28 31.00 -3.64
N GLY A 680 -32.42 31.31 -2.68
CA GLY A 680 -31.36 32.32 -2.80
C GLY A 680 -31.71 33.62 -2.08
N GLN A 681 -32.99 33.99 -1.99
CA GLN A 681 -33.39 35.39 -1.68
C GLN A 681 -33.35 35.59 -0.14
N VAL A 682 -34.13 34.87 0.65
CA VAL A 682 -34.18 35.12 2.13
C VAL A 682 -32.89 34.60 2.79
N GLU A 683 -32.21 33.62 2.21
CA GLU A 683 -31.08 32.92 2.86
C GLU A 683 -29.94 33.91 3.07
N ILE A 684 -29.59 34.71 2.07
CA ILE A 684 -28.41 35.63 2.18
C ILE A 684 -28.74 36.76 3.16
N GLU A 685 -29.99 37.24 3.18
CA GLU A 685 -30.41 38.30 4.12
C GLU A 685 -30.13 37.84 5.56
N ASP A 686 -30.50 36.61 5.89
CA ASP A 686 -30.34 36.05 7.26
C ASP A 686 -28.85 35.83 7.57
N GLN A 687 -28.06 35.36 6.60
CA GLN A 687 -26.60 35.17 6.78
C GLN A 687 -25.95 36.51 7.13
N VAL A 688 -26.30 37.57 6.41
CA VAL A 688 -25.73 38.94 6.61
C VAL A 688 -26.22 39.50 7.97
N GLU A 689 -27.49 39.35 8.32
CA GLU A 689 -27.98 39.80 9.65
C GLU A 689 -27.20 39.10 10.77
N GLY A 690 -26.96 37.80 10.62
CA GLY A 690 -26.19 37.00 11.60
C GLY A 690 -24.77 37.48 11.71
N LEU A 691 -24.11 37.68 10.58
CA LEU A 691 -22.70 38.16 10.53
C LEU A 691 -22.61 39.52 11.24
N GLN A 692 -23.56 40.42 10.97
CA GLN A 692 -23.56 41.78 11.56
C GLN A 692 -23.90 41.67 13.05
N PHE A 693 -24.78 40.75 13.47
CA PHE A 693 -25.07 40.53 14.91
C PHE A 693 -23.80 40.11 15.64
N VAL A 694 -23.08 39.13 15.08
CA VAL A 694 -21.83 38.58 15.69
C VAL A 694 -20.78 39.69 15.81
N ALA A 695 -20.62 40.50 14.78
CA ALA A 695 -19.67 41.64 14.75
C ALA A 695 -20.00 42.60 15.90
N GLU A 696 -21.28 42.92 16.11
CA GLU A 696 -21.75 43.85 17.18
C GLU A 696 -21.56 43.21 18.55
N LYS A 697 -21.93 41.94 18.73
CA LYS A 697 -21.93 41.27 20.07
C LYS A 697 -20.48 40.99 20.50
N TYR A 698 -19.65 40.43 19.63
CA TYR A 698 -18.33 39.86 20.01
C TYR A 698 -17.19 40.86 19.78
N GLY A 699 -17.30 41.73 18.76
CA GLY A 699 -16.37 42.87 18.58
C GLY A 699 -15.03 42.50 17.93
N PHE A 700 -14.75 41.24 17.60
CA PHE A 700 -13.47 40.82 16.96
C PHE A 700 -13.65 40.46 15.47
N ILE A 701 -14.76 40.86 14.84
CA ILE A 701 -15.03 40.58 13.41
C ILE A 701 -14.59 41.80 12.61
N ASP A 702 -13.67 41.59 11.65
CA ASP A 702 -13.29 42.60 10.64
C ASP A 702 -14.27 42.48 9.46
N LEU A 703 -15.30 43.33 9.43
CA LEU A 703 -16.32 43.25 8.35
C LEU A 703 -15.74 43.64 6.98
N SER A 704 -14.53 44.23 6.89
CA SER A 704 -13.84 44.48 5.58
C SER A 704 -13.16 43.21 5.03
N ARG A 705 -13.07 42.12 5.81
CA ARG A 705 -12.37 40.87 5.40
C ARG A 705 -13.22 39.64 5.76
N VAL A 706 -14.35 39.49 5.08
CA VAL A 706 -15.27 38.33 5.24
C VAL A 706 -15.23 37.50 3.95
N ALA A 707 -14.87 36.23 4.06
CA ALA A 707 -15.04 35.20 3.01
C ALA A 707 -16.34 34.44 3.27
N ILE A 708 -17.07 34.11 2.22
CA ILE A 708 -18.23 33.18 2.28
C ILE A 708 -17.79 31.86 1.60
N HIS A 709 -18.02 30.73 2.26
CA HIS A 709 -17.63 29.40 1.79
C HIS A 709 -18.70 28.35 2.15
N GLY A 710 -19.06 27.54 1.16
CA GLY A 710 -19.91 26.37 1.37
C GLY A 710 -19.81 25.41 0.21
N TRP A 711 -20.50 24.28 0.35
CA TRP A 711 -20.55 23.15 -0.59
C TRP A 711 -22.01 22.87 -0.97
N SER A 712 -22.28 22.59 -2.26
CA SER A 712 -23.61 22.25 -2.83
C SER A 712 -24.56 23.45 -2.70
N TYR A 713 -25.65 23.39 -1.92
CA TYR A 713 -26.48 24.58 -1.63
C TYR A 713 -25.59 25.70 -1.08
N GLY A 714 -24.61 25.35 -0.24
CA GLY A 714 -23.65 26.31 0.32
C GLY A 714 -22.76 26.94 -0.75
N GLY A 715 -22.43 26.21 -1.82
CA GLY A 715 -21.67 26.76 -2.96
C GLY A 715 -22.57 27.74 -3.72
N PHE A 716 -23.83 27.36 -3.94
CA PHE A 716 -24.88 28.24 -4.50
C PHE A 716 -24.94 29.56 -3.71
N LEU A 717 -25.09 29.47 -2.39
CA LEU A 717 -25.25 30.69 -1.56
C LEU A 717 -23.94 31.50 -1.51
N SER A 718 -22.78 30.85 -1.56
CA SER A 718 -21.47 31.56 -1.65
C SER A 718 -21.48 32.46 -2.89
N LEU A 719 -21.91 31.94 -4.03
CA LEU A 719 -22.03 32.75 -5.28
C LEU A 719 -23.11 33.83 -5.13
N MET A 720 -24.27 33.50 -4.55
CA MET A 720 -25.38 34.46 -4.34
C MET A 720 -24.89 35.61 -3.47
N GLY A 721 -24.10 35.30 -2.44
CA GLY A 721 -23.50 36.31 -1.54
C GLY A 721 -22.64 37.30 -2.32
N LEU A 722 -21.76 36.80 -3.19
CA LEU A 722 -20.82 37.65 -3.94
C LEU A 722 -21.61 38.45 -4.98
N ILE A 723 -22.67 37.87 -5.54
CA ILE A 723 -23.54 38.57 -6.54
C ILE A 723 -24.36 39.67 -5.87
N HIS A 724 -25.07 39.37 -4.78
CA HIS A 724 -26.06 40.30 -4.20
C HIS A 724 -25.44 41.19 -3.13
N LYS A 725 -24.35 40.78 -2.47
CA LYS A 725 -23.73 41.53 -1.35
C LYS A 725 -22.22 41.66 -1.56
N PRO A 726 -21.76 42.17 -2.72
CA PRO A 726 -20.33 42.27 -3.02
C PRO A 726 -19.55 43.20 -2.07
N GLN A 727 -20.23 44.13 -1.38
CA GLN A 727 -19.57 44.98 -0.35
C GLN A 727 -19.45 44.23 0.98
N VAL A 728 -20.21 43.16 1.17
CA VAL A 728 -20.16 42.34 2.43
C VAL A 728 -19.08 41.27 2.31
N PHE A 729 -19.01 40.58 1.17
CA PHE A 729 -18.16 39.39 0.97
C PHE A 729 -16.99 39.77 0.06
N LYS A 730 -15.79 39.81 0.63
N LYS A 730 -15.79 39.81 0.63
CA LYS A 730 -14.55 40.14 -0.12
CA LYS A 730 -14.55 40.14 -0.12
C LYS A 730 -14.26 39.01 -1.11
C LYS A 730 -14.26 39.01 -1.11
N VAL A 731 -14.41 37.76 -0.69
CA VAL A 731 -14.17 36.57 -1.54
C VAL A 731 -15.25 35.52 -1.30
N ALA A 732 -15.50 34.68 -2.31
CA ALA A 732 -16.36 33.49 -2.22
C ALA A 732 -15.57 32.26 -2.65
N ILE A 733 -15.69 31.17 -1.88
CA ILE A 733 -15.20 29.82 -2.28
C ILE A 733 -16.43 28.92 -2.40
N ALA A 734 -16.85 28.63 -3.64
CA ALA A 734 -18.09 27.87 -3.96
C ALA A 734 -17.73 26.43 -4.34
N GLY A 735 -18.05 25.48 -3.48
CA GLY A 735 -17.84 24.04 -3.75
C GLY A 735 -19.10 23.41 -4.33
N ALA A 736 -18.94 22.59 -5.38
CA ALA A 736 -20.02 21.84 -6.07
C ALA A 736 -21.30 22.67 -6.13
N PRO A 737 -21.27 23.91 -6.66
CA PRO A 737 -22.44 24.77 -6.57
C PRO A 737 -23.54 24.35 -7.55
N VAL A 738 -24.79 24.44 -7.10
CA VAL A 738 -25.95 24.50 -8.02
C VAL A 738 -25.92 25.89 -8.65
N THR A 739 -25.77 25.96 -9.97
CA THR A 739 -25.65 27.24 -10.71
C THR A 739 -26.85 27.49 -11.62
N VAL A 740 -27.59 26.45 -11.97
N VAL A 740 -27.60 26.45 -11.94
CA VAL A 740 -28.84 26.57 -12.76
CA VAL A 740 -28.83 26.57 -12.78
C VAL A 740 -29.84 25.54 -12.26
C VAL A 740 -29.83 25.54 -12.28
N TRP A 741 -30.91 26.01 -11.64
CA TRP A 741 -31.96 25.13 -11.05
C TRP A 741 -32.63 24.28 -12.13
N MET A 742 -32.69 24.74 -13.38
CA MET A 742 -33.27 23.94 -14.49
C MET A 742 -32.45 22.65 -14.74
N ALA A 743 -31.22 22.53 -14.22
CA ALA A 743 -30.37 21.33 -14.42
C ALA A 743 -30.47 20.40 -13.21
N TYR A 744 -31.13 20.77 -12.12
CA TYR A 744 -31.26 19.89 -10.92
C TYR A 744 -32.53 19.05 -11.09
N ASP A 745 -32.77 18.13 -10.17
CA ASP A 745 -33.77 17.02 -10.37
C ASP A 745 -35.21 17.46 -10.02
N THR A 746 -36.18 16.65 -10.44
CA THR A 746 -37.63 16.80 -10.18
C THR A 746 -37.92 16.80 -8.68
N GLY A 747 -37.51 15.77 -7.96
CA GLY A 747 -37.96 15.51 -6.57
C GLY A 747 -37.66 16.68 -5.65
N TYR A 748 -36.45 17.21 -5.73
CA TYR A 748 -35.98 18.30 -4.86
C TYR A 748 -36.47 19.63 -5.42
N THR A 749 -36.16 19.94 -6.67
CA THR A 749 -36.31 21.31 -7.19
C THR A 749 -37.80 21.68 -7.23
N GLU A 750 -38.67 20.78 -7.69
CA GLU A 750 -40.12 21.08 -7.82
C GLU A 750 -40.75 21.24 -6.44
N ARG A 751 -40.25 20.55 -5.42
CA ARG A 751 -40.79 20.66 -4.04
C ARG A 751 -40.67 22.11 -3.60
N TYR A 752 -39.50 22.73 -3.79
CA TYR A 752 -39.18 24.05 -3.22
C TYR A 752 -39.44 25.17 -4.24
N MET A 753 -39.49 24.89 -5.55
CA MET A 753 -39.49 25.93 -6.62
C MET A 753 -40.59 25.77 -7.67
N ASP A 754 -41.40 24.71 -7.63
CA ASP A 754 -42.39 24.40 -8.70
C ASP A 754 -41.64 24.04 -9.99
N VAL A 755 -42.35 23.84 -11.12
CA VAL A 755 -41.69 23.55 -12.43
C VAL A 755 -41.24 24.88 -13.04
N PRO A 756 -40.21 24.88 -13.92
CA PRO A 756 -39.75 26.11 -14.59
C PRO A 756 -40.87 26.96 -15.21
N GLU A 757 -41.81 26.33 -15.92
CA GLU A 757 -42.90 27.02 -16.66
C GLU A 757 -43.86 27.73 -15.68
N ASN A 758 -43.92 27.33 -14.41
CA ASN A 758 -44.82 27.94 -13.40
C ASN A 758 -44.07 28.96 -12.52
N ASN A 759 -42.74 29.06 -12.62
CA ASN A 759 -41.96 29.93 -11.72
C ASN A 759 -40.73 30.45 -12.46
N GLN A 760 -40.95 31.04 -13.64
CA GLN A 760 -39.85 31.51 -14.50
C GLN A 760 -39.02 32.55 -13.72
N HIS A 761 -39.67 33.48 -13.04
CA HIS A 761 -38.98 34.56 -12.29
C HIS A 761 -38.12 33.95 -11.18
N GLY A 762 -38.65 33.00 -10.39
CA GLY A 762 -37.88 32.38 -9.29
C GLY A 762 -36.69 31.56 -9.77
N TYR A 763 -36.88 30.77 -10.83
CA TYR A 763 -35.77 30.00 -11.44
C TYR A 763 -34.67 30.95 -11.95
N GLU A 764 -35.06 32.02 -12.63
N GLU A 764 -35.06 32.02 -12.63
CA GLU A 764 -34.13 33.03 -13.21
CA GLU A 764 -34.10 33.00 -13.21
C GLU A 764 -33.35 33.70 -12.07
C GLU A 764 -33.34 33.69 -12.06
N ALA A 765 -34.04 34.21 -11.05
CA ALA A 765 -33.44 34.93 -9.91
C ALA A 765 -32.54 33.99 -9.11
N GLY A 766 -32.87 32.69 -9.02
CA GLY A 766 -32.14 31.74 -8.16
C GLY A 766 -31.01 31.01 -8.87
N SER A 767 -30.81 31.21 -10.17
CA SER A 767 -29.77 30.53 -10.99
C SER A 767 -28.58 31.47 -11.17
N VAL A 768 -27.54 31.29 -10.34
CA VAL A 768 -26.38 32.23 -10.25
C VAL A 768 -25.66 32.30 -11.60
N ALA A 769 -25.69 31.25 -12.42
CA ALA A 769 -25.03 31.23 -13.74
C ALA A 769 -25.69 32.22 -14.69
N LEU A 770 -26.94 32.64 -14.44
CA LEU A 770 -27.63 33.65 -15.29
C LEU A 770 -27.36 35.08 -14.78
N HIS A 771 -26.54 35.28 -13.75
CA HIS A 771 -26.22 36.61 -13.15
C HIS A 771 -24.70 36.84 -13.06
N VAL A 772 -23.91 36.19 -13.92
CA VAL A 772 -22.42 36.30 -13.91
C VAL A 772 -21.99 37.74 -14.19
N GLU A 773 -22.77 38.55 -14.89
CA GLU A 773 -22.45 39.99 -15.11
C GLU A 773 -22.29 40.71 -13.77
N LYS A 774 -22.90 40.22 -12.69
CA LYS A 774 -22.84 40.81 -11.33
C LYS A 774 -21.67 40.25 -10.51
N LEU A 775 -20.97 39.22 -10.99
CA LEU A 775 -19.78 38.68 -10.31
C LEU A 775 -18.61 39.64 -10.53
N PRO A 776 -17.54 39.58 -9.69
CA PRO A 776 -16.50 40.60 -9.74
C PRO A 776 -15.74 40.71 -11.06
N ASN A 777 -15.44 41.92 -11.47
CA ASN A 777 -14.49 42.21 -12.58
C ASN A 777 -13.07 42.29 -12.01
N GLU A 778 -12.86 41.99 -10.72
CA GLU A 778 -11.51 41.94 -10.09
C GLU A 778 -11.10 40.46 -9.96
N PRO A 779 -9.84 40.09 -10.24
CA PRO A 779 -9.36 38.73 -10.03
C PRO A 779 -9.29 38.41 -8.53
N ASN A 780 -9.23 37.11 -8.21
CA ASN A 780 -8.90 36.59 -6.87
C ASN A 780 -10.05 36.85 -5.87
N ARG A 781 -11.29 36.98 -6.33
CA ARG A 781 -12.46 37.09 -5.39
C ARG A 781 -13.37 35.86 -5.53
N LEU A 782 -13.07 34.92 -6.44
CA LEU A 782 -13.94 33.75 -6.69
C LEU A 782 -13.08 32.51 -6.95
N LEU A 783 -13.22 31.50 -6.08
CA LEU A 783 -12.64 30.16 -6.26
C LEU A 783 -13.79 29.15 -6.36
N ILE A 784 -13.84 28.40 -7.47
CA ILE A 784 -14.85 27.33 -7.72
C ILE A 784 -14.14 25.99 -7.52
N LEU A 785 -14.77 25.07 -6.81
CA LEU A 785 -14.27 23.69 -6.59
C LEU A 785 -15.39 22.72 -6.98
N HIS A 786 -15.05 21.64 -7.66
CA HIS A 786 -16.06 20.63 -8.05
C HIS A 786 -15.40 19.25 -8.24
N GLY A 787 -16.06 18.20 -7.73
CA GLY A 787 -15.70 16.80 -8.07
C GLY A 787 -16.13 16.49 -9.48
N PHE A 788 -15.20 16.00 -10.28
CA PHE A 788 -15.43 15.70 -11.72
C PHE A 788 -16.52 14.64 -11.88
N LEU A 789 -16.63 13.67 -10.95
CA LEU A 789 -17.51 12.48 -11.07
C LEU A 789 -18.87 12.73 -10.40
N ASP A 790 -19.19 14.00 -10.03
CA ASP A 790 -20.41 14.32 -9.26
C ASP A 790 -21.66 13.88 -10.06
N GLU A 791 -22.43 12.91 -9.56
CA GLU A 791 -23.66 12.39 -10.20
C GLU A 791 -24.91 13.00 -9.53
N ASN A 792 -24.71 13.91 -8.58
CA ASN A 792 -25.78 14.60 -7.83
C ASN A 792 -25.86 16.04 -8.36
N VAL A 793 -24.89 16.88 -7.98
CA VAL A 793 -24.72 18.23 -8.60
C VAL A 793 -23.69 18.06 -9.71
N HIS A 794 -24.16 17.82 -10.93
CA HIS A 794 -23.28 17.47 -12.07
C HIS A 794 -22.20 18.55 -12.24
N PHE A 795 -21.01 18.12 -12.61
CA PHE A 795 -19.90 19.01 -12.99
C PHE A 795 -20.41 20.06 -14.00
N PHE A 796 -21.42 19.72 -14.82
CA PHE A 796 -22.11 20.66 -15.75
C PHE A 796 -22.40 22.01 -15.07
N HIS A 797 -22.81 22.03 -13.79
CA HIS A 797 -23.14 23.30 -13.09
C HIS A 797 -21.91 24.22 -13.10
N THR A 798 -20.73 23.68 -12.82
CA THR A 798 -19.45 24.44 -12.84
C THR A 798 -19.08 24.78 -14.29
N ASN A 799 -19.21 23.82 -15.20
CA ASN A 799 -18.85 24.02 -16.62
C ASN A 799 -19.72 25.13 -17.24
N PHE A 800 -21.01 25.12 -16.93
CA PHE A 800 -21.95 26.13 -17.45
C PHE A 800 -21.60 27.50 -16.83
N LEU A 801 -21.33 27.54 -15.53
CA LEU A 801 -20.92 28.79 -14.82
C LEU A 801 -19.65 29.35 -15.50
N VAL A 802 -18.66 28.48 -15.75
CA VAL A 802 -17.40 28.90 -16.44
C VAL A 802 -17.73 29.45 -17.84
N SER A 803 -18.58 28.76 -18.60
N SER A 803 -18.58 28.76 -18.60
CA SER A 803 -19.00 29.20 -19.97
CA SER A 803 -18.98 29.20 -19.96
C SER A 803 -19.57 30.62 -19.88
C SER A 803 -19.58 30.61 -19.88
N GLN A 804 -20.42 30.88 -18.88
CA GLN A 804 -21.06 32.21 -18.68
C GLN A 804 -20.00 33.23 -18.24
N LEU A 805 -19.08 32.87 -17.34
CA LEU A 805 -17.99 33.75 -16.85
C LEU A 805 -17.14 34.17 -18.06
N ILE A 806 -16.86 33.25 -18.98
CA ILE A 806 -16.04 33.56 -20.20
C ILE A 806 -16.80 34.57 -21.06
N ARG A 807 -18.08 34.32 -21.32
CA ARG A 807 -18.92 35.20 -22.18
C ARG A 807 -19.02 36.59 -21.54
N ALA A 808 -19.06 36.69 -20.21
CA ALA A 808 -19.21 37.98 -19.50
C ALA A 808 -17.83 38.63 -19.26
N GLY A 809 -16.73 38.00 -19.69
CA GLY A 809 -15.36 38.56 -19.56
C GLY A 809 -14.90 38.64 -18.12
N LYS A 810 -15.28 37.68 -17.27
CA LYS A 810 -14.98 37.68 -15.83
C LYS A 810 -13.81 36.74 -15.52
N PRO A 811 -12.94 37.10 -14.54
CA PRO A 811 -11.94 36.19 -14.02
C PRO A 811 -12.55 35.15 -13.06
N TYR A 812 -11.90 33.99 -12.96
CA TYR A 812 -12.26 32.95 -11.99
C TYR A 812 -11.03 32.09 -11.72
N GLN A 813 -11.01 31.50 -10.52
CA GLN A 813 -10.07 30.41 -10.17
C GLN A 813 -10.86 29.11 -10.07
N LEU A 814 -10.25 27.99 -10.44
CA LEU A 814 -10.95 26.68 -10.49
C LEU A 814 -10.02 25.60 -9.94
N GLN A 815 -10.58 24.72 -9.12
CA GLN A 815 -9.97 23.44 -8.75
C GLN A 815 -10.97 22.33 -9.06
N ILE A 816 -10.49 21.22 -9.60
N ILE A 816 -10.49 21.23 -9.62
CA ILE A 816 -11.32 20.01 -9.79
CA ILE A 816 -11.25 19.98 -9.87
C ILE A 816 -10.72 18.87 -8.98
C ILE A 816 -10.71 18.88 -8.95
N TYR A 817 -11.58 17.95 -8.54
CA TYR A 817 -11.19 16.69 -7.87
C TYR A 817 -11.56 15.59 -8.87
N PRO A 818 -10.64 15.18 -9.74
CA PRO A 818 -10.94 14.22 -10.81
C PRO A 818 -11.52 12.89 -10.33
N ASN A 819 -11.13 12.44 -9.13
CA ASN A 819 -11.51 11.12 -8.57
C ASN A 819 -12.64 11.25 -7.55
N GLU A 820 -13.32 12.39 -7.42
CA GLU A 820 -14.36 12.60 -6.40
C GLU A 820 -15.73 12.78 -7.05
N ARG A 821 -16.75 12.28 -6.38
CA ARG A 821 -18.18 12.54 -6.73
C ARG A 821 -18.62 13.78 -5.96
N HIS A 822 -19.73 13.72 -5.21
CA HIS A 822 -20.33 14.92 -4.58
C HIS A 822 -19.58 15.32 -3.33
N SER A 823 -18.84 14.43 -2.70
CA SER A 823 -18.06 14.78 -1.48
C SER A 823 -16.62 14.32 -1.68
N ILE A 824 -15.67 14.92 -0.96
CA ILE A 824 -14.24 14.52 -1.03
C ILE A 824 -14.02 13.38 -0.04
N ARG A 825 -13.76 12.18 -0.52
CA ARG A 825 -13.55 10.98 0.35
C ARG A 825 -12.08 10.64 0.53
N CYS A 826 -11.22 10.89 -0.46
N CYS A 826 -11.22 10.91 -0.45
CA CYS A 826 -9.77 10.57 -0.39
CA CYS A 826 -9.78 10.57 -0.38
C CYS A 826 -9.08 11.55 0.55
C CYS A 826 -9.08 11.55 0.56
N PRO A 827 -8.36 11.07 1.61
CA PRO A 827 -7.58 11.96 2.48
C PRO A 827 -6.61 12.93 1.77
N GLU A 828 -5.95 12.50 0.70
CA GLU A 828 -4.99 13.37 -0.06
C GLU A 828 -5.76 14.53 -0.68
N SER A 829 -6.95 14.27 -1.25
CA SER A 829 -7.79 15.31 -1.86
C SER A 829 -8.34 16.24 -0.78
N GLY A 830 -8.80 15.70 0.35
CA GLY A 830 -9.28 16.50 1.49
C GLY A 830 -8.20 17.46 1.97
N GLU A 831 -6.96 16.98 2.13
CA GLU A 831 -5.83 17.85 2.56
C GLU A 831 -5.54 18.93 1.51
N HIS A 832 -5.58 18.56 0.23
CA HIS A 832 -5.27 19.51 -0.87
C HIS A 832 -6.32 20.61 -0.87
N TYR A 833 -7.59 20.25 -0.67
CA TYR A 833 -8.72 21.18 -0.55
C TYR A 833 -8.44 22.16 0.60
N GLU A 834 -8.07 21.66 1.77
CA GLU A 834 -7.86 22.52 2.97
C GLU A 834 -6.65 23.44 2.76
N VAL A 835 -5.58 22.91 2.17
CA VAL A 835 -4.35 23.71 1.89
C VAL A 835 -4.73 24.82 0.92
N THR A 836 -5.47 24.47 -0.14
CA THR A 836 -5.90 25.42 -1.20
C THR A 836 -6.70 26.54 -0.54
N LEU A 837 -7.64 26.20 0.34
CA LEU A 837 -8.49 27.19 1.06
C LEU A 837 -7.60 28.09 1.91
N LEU A 838 -6.67 27.54 2.69
CA LEU A 838 -5.79 28.36 3.57
C LEU A 838 -4.96 29.33 2.71
N HIS A 839 -4.43 28.85 1.57
CA HIS A 839 -3.62 29.69 0.67
C HIS A 839 -4.48 30.81 0.08
N PHE A 840 -5.67 30.48 -0.40
CA PHE A 840 -6.60 31.46 -0.98
C PHE A 840 -6.95 32.55 0.04
N LEU A 841 -7.27 32.17 1.29
CA LEU A 841 -7.60 33.15 2.36
C LEU A 841 -6.35 33.97 2.71
N GLN A 842 -5.17 33.38 2.83
CA GLN A 842 -3.97 34.12 3.26
C GLN A 842 -3.61 35.16 2.19
N GLU A 843 -3.77 34.83 0.90
CA GLU A 843 -3.35 35.73 -0.20
C GLU A 843 -4.45 36.76 -0.49
N TYR A 844 -5.73 36.39 -0.42
CA TYR A 844 -6.80 37.19 -1.07
C TYR A 844 -7.84 37.71 -0.08
N LEU A 845 -7.94 37.19 1.14
CA LEU A 845 -8.85 37.76 2.16
C LEU A 845 -8.11 38.88 2.89
N HIS A 846 -6.78 38.81 2.95
CA HIS A 846 -5.90 39.88 3.46
C HIS A 846 -5.78 40.98 2.39
N HIS A 847 -5.59 42.23 2.79
CA HIS A 847 -5.40 43.40 1.90
C HIS A 847 -3.96 43.41 1.38
N PRO B 2 25.01 47.62 -14.87
CA PRO B 2 24.49 46.72 -15.90
C PRO B 2 23.18 47.24 -16.51
N ALA B 3 22.49 46.38 -17.24
CA ALA B 3 21.22 46.71 -17.91
C ALA B 3 20.14 46.89 -16.83
N ALA B 4 19.25 47.86 -16.98
CA ALA B 4 18.01 47.98 -16.19
C ALA B 4 17.07 46.81 -16.52
N ARG B 5 16.20 46.45 -15.57
N ARG B 5 16.20 46.44 -15.59
CA ARG B 5 15.15 45.43 -15.78
CA ARG B 5 15.16 45.40 -15.81
C ARG B 5 13.82 46.12 -16.12
C ARG B 5 13.82 46.08 -16.11
N PHE B 6 13.30 45.89 -17.32
CA PHE B 6 12.06 46.53 -17.79
C PHE B 6 10.88 45.89 -17.06
N GLN B 7 9.98 46.75 -16.56
CA GLN B 7 8.73 46.35 -15.87
C GLN B 7 7.57 46.65 -16.82
N VAL B 8 6.83 45.62 -17.21
CA VAL B 8 5.57 45.77 -17.99
C VAL B 8 4.57 46.50 -17.07
N GLN B 9 3.88 47.49 -17.63
N GLN B 9 3.85 47.48 -17.62
CA GLN B 9 2.76 48.23 -17.00
CA GLN B 9 2.86 48.28 -16.86
C GLN B 9 1.71 47.27 -16.44
C GLN B 9 1.71 47.34 -16.43
N LYS B 10 1.30 47.47 -15.18
CA LYS B 10 0.20 46.69 -14.57
C LYS B 10 -1.13 47.31 -15.04
N HIS B 11 -2.08 46.48 -15.45
CA HIS B 11 -3.45 46.90 -15.81
C HIS B 11 -4.45 46.16 -14.92
N SER B 12 -5.61 46.77 -14.70
CA SER B 12 -6.80 46.06 -14.17
C SER B 12 -7.18 44.96 -15.15
N TRP B 13 -7.98 44.01 -14.69
CA TRP B 13 -8.57 42.97 -15.55
C TRP B 13 -9.33 43.62 -16.71
N ASP B 14 -10.14 44.65 -16.45
CA ASP B 14 -10.94 45.31 -17.52
C ASP B 14 -9.99 46.10 -18.46
N GLY B 15 -8.88 46.63 -17.94
CA GLY B 15 -7.83 47.25 -18.77
C GLY B 15 -7.22 46.22 -19.71
N LEU B 16 -6.93 45.01 -19.25
CA LEU B 16 -6.39 43.94 -20.10
C LEU B 16 -7.44 43.54 -21.16
N ARG B 17 -8.73 43.49 -20.79
CA ARG B 17 -9.81 43.21 -21.78
C ARG B 17 -9.82 44.26 -22.91
N SER B 18 -9.68 45.54 -22.55
N SER B 18 -9.67 45.54 -22.56
CA SER B 18 -9.60 46.69 -23.49
CA SER B 18 -9.62 46.65 -23.54
C SER B 18 -8.40 46.53 -24.44
C SER B 18 -8.39 46.52 -24.45
N ILE B 19 -7.23 46.15 -23.91
CA ILE B 19 -5.99 45.96 -24.75
C ILE B 19 -6.24 44.80 -25.73
N ILE B 20 -6.76 43.65 -25.26
CA ILE B 20 -7.01 42.49 -26.15
C ILE B 20 -8.07 42.86 -27.17
N HIS B 21 -9.18 43.43 -26.74
CA HIS B 21 -10.30 43.78 -27.66
C HIS B 21 -9.81 44.74 -28.74
N GLY B 22 -9.07 45.78 -28.35
CA GLY B 22 -8.50 46.78 -29.28
C GLY B 22 -7.49 46.14 -30.23
N SER B 23 -6.69 45.17 -29.78
CA SER B 23 -5.66 44.48 -30.58
C SER B 23 -6.31 43.76 -31.77
N ARG B 24 -7.51 43.24 -31.58
CA ARG B 24 -8.28 42.51 -32.62
C ARG B 24 -9.16 43.47 -33.45
N LYS B 25 -9.15 44.79 -33.20
CA LYS B 25 -9.68 45.83 -34.14
C LYS B 25 -9.00 45.65 -35.51
N ASN B 32 -11.95 36.41 -43.39
CA ASN B 32 -11.17 36.42 -44.67
C ASN B 32 -10.53 35.04 -44.93
N LYS B 33 -10.74 34.48 -46.12
CA LYS B 33 -9.94 33.32 -46.61
C LYS B 33 -9.58 33.56 -48.08
N ALA B 34 -8.27 33.66 -48.33
CA ALA B 34 -7.68 33.86 -49.68
C ALA B 34 -8.30 32.84 -50.62
N PRO B 35 -8.35 33.08 -51.95
CA PRO B 35 -8.80 32.07 -52.90
C PRO B 35 -7.97 30.79 -52.76
N HIS B 36 -8.66 29.65 -52.80
CA HIS B 36 -8.02 28.31 -52.68
C HIS B 36 -8.87 27.28 -53.42
N ASP B 37 -8.28 26.12 -53.64
N ASP B 37 -8.31 26.10 -53.62
CA ASP B 37 -8.94 24.94 -54.28
CA ASP B 37 -8.96 24.93 -54.30
C ASP B 37 -9.29 25.33 -55.72
C ASP B 37 -9.30 25.35 -55.74
N PHE B 38 -8.27 25.65 -56.53
CA PHE B 38 -8.38 26.24 -57.88
C PHE B 38 -8.71 25.17 -58.92
N GLN B 39 -9.56 25.50 -59.88
CA GLN B 39 -9.74 24.76 -61.15
C GLN B 39 -9.57 25.74 -62.30
N PHE B 40 -8.61 25.50 -63.18
N PHE B 40 -8.64 25.46 -63.20
CA PHE B 40 -8.40 26.26 -64.44
CA PHE B 40 -8.39 26.22 -64.44
C PHE B 40 -9.16 25.54 -65.55
C PHE B 40 -9.15 25.53 -65.57
N VAL B 41 -10.01 26.27 -66.25
CA VAL B 41 -10.77 25.77 -67.43
C VAL B 41 -10.46 26.70 -68.59
N GLN B 42 -9.93 26.15 -69.69
CA GLN B 42 -9.66 26.90 -70.94
C GLN B 42 -11.00 27.29 -71.54
N LYS B 43 -11.09 28.52 -72.04
CA LYS B 43 -12.20 28.98 -72.89
C LYS B 43 -11.72 28.77 -74.32
N THR B 44 -12.56 28.13 -75.12
CA THR B 44 -12.30 27.70 -76.52
C THR B 44 -13.23 28.49 -77.45
N ASP B 45 -13.05 29.81 -77.46
CA ASP B 45 -13.69 30.76 -78.41
C ASP B 45 -12.69 31.88 -78.75
N GLU B 46 -12.29 31.96 -80.02
CA GLU B 46 -11.20 32.83 -80.52
C GLU B 46 -11.57 34.32 -80.36
N SER B 47 -12.85 34.68 -80.49
CA SER B 47 -13.35 36.08 -80.48
C SER B 47 -13.38 36.66 -79.06
N GLY B 48 -13.65 35.84 -78.04
CA GLY B 48 -13.79 36.28 -76.63
C GLY B 48 -12.45 36.74 -76.05
N PRO B 49 -12.43 37.67 -75.08
CA PRO B 49 -11.17 38.23 -74.57
C PRO B 49 -10.49 37.45 -73.43
N HIS B 50 -11.07 36.31 -73.02
CA HIS B 50 -10.60 35.49 -71.87
C HIS B 50 -10.04 34.16 -72.37
N SER B 51 -8.89 33.74 -71.86
CA SER B 51 -8.24 32.44 -72.16
C SER B 51 -8.81 31.37 -71.24
N HIS B 52 -9.13 31.72 -69.98
CA HIS B 52 -9.56 30.78 -68.93
C HIS B 52 -10.65 31.37 -68.06
N ARG B 53 -11.46 30.47 -67.49
CA ARG B 53 -12.19 30.73 -66.24
C ARG B 53 -11.45 30.00 -65.12
N LEU B 54 -11.16 30.71 -64.04
CA LEU B 54 -10.53 30.15 -62.83
C LEU B 54 -11.60 30.03 -61.74
N TYR B 55 -11.91 28.81 -61.31
CA TYR B 55 -12.88 28.53 -60.24
C TYR B 55 -12.12 28.31 -58.94
N TYR B 56 -12.71 28.71 -57.81
CA TYR B 56 -12.08 28.57 -56.49
C TYR B 56 -13.11 28.76 -55.38
N LEU B 57 -12.69 28.41 -54.16
CA LEU B 57 -13.37 28.78 -52.90
C LEU B 57 -12.74 30.06 -52.36
N GLY B 58 -13.57 30.93 -51.82
CA GLY B 58 -13.09 32.13 -51.15
C GLY B 58 -14.21 32.81 -50.41
N MET B 59 -13.80 33.62 -49.44
CA MET B 59 -14.68 34.53 -48.68
C MET B 59 -14.12 35.93 -48.93
N PRO B 60 -14.73 36.72 -49.84
CA PRO B 60 -14.34 38.12 -50.00
C PRO B 60 -14.75 38.95 -48.76
N TYR B 61 -14.31 40.22 -48.68
CA TYR B 61 -14.37 41.05 -47.46
C TYR B 61 -15.85 41.24 -47.03
N GLY B 62 -16.79 41.50 -47.95
CA GLY B 62 -18.23 41.73 -47.64
C GLY B 62 -19.01 40.48 -47.27
N SER B 63 -18.49 39.29 -47.57
CA SER B 63 -19.14 37.97 -47.37
C SER B 63 -18.97 37.50 -45.92
N ARG B 64 -19.88 36.64 -45.44
CA ARG B 64 -19.79 36.00 -44.09
C ARG B 64 -19.45 34.51 -44.20
N GLU B 65 -19.31 33.95 -45.42
CA GLU B 65 -18.91 32.52 -45.58
C GLU B 65 -18.10 32.29 -46.86
N ASN B 66 -17.35 31.20 -46.84
CA ASN B 66 -16.65 30.57 -47.98
C ASN B 66 -17.69 30.10 -49.00
N SER B 67 -17.57 30.52 -50.26
CA SER B 67 -18.44 30.02 -51.36
C SER B 67 -17.65 29.79 -52.65
N LEU B 68 -18.35 29.28 -53.66
CA LEU B 68 -17.81 28.97 -55.01
C LEU B 68 -17.79 30.26 -55.83
N LEU B 69 -16.61 30.60 -56.33
CA LEU B 69 -16.35 31.86 -57.07
C LEU B 69 -15.61 31.54 -58.37
N TYR B 70 -15.59 32.50 -59.29
CA TYR B 70 -14.73 32.41 -60.50
C TYR B 70 -14.17 33.79 -60.83
N SER B 71 -13.05 33.78 -61.55
CA SER B 71 -12.43 34.97 -62.17
C SER B 71 -12.12 34.65 -63.64
N GLU B 72 -12.27 35.65 -64.49
CA GLU B 72 -11.99 35.56 -65.95
C GLU B 72 -10.52 35.96 -66.16
N ILE B 73 -9.75 35.09 -66.80
CA ILE B 73 -8.32 35.36 -67.10
C ILE B 73 -8.21 35.92 -68.51
N PRO B 74 -7.78 37.18 -68.69
CA PRO B 74 -7.75 37.77 -70.04
C PRO B 74 -6.62 37.21 -70.92
N LYS B 75 -6.82 37.25 -72.24
CA LYS B 75 -5.82 36.88 -73.28
C LYS B 75 -4.66 37.88 -73.29
N LYS B 76 -4.95 39.18 -73.06
CA LYS B 76 -3.98 40.29 -73.11
C LYS B 76 -4.08 41.12 -71.83
N VAL B 77 -2.94 41.58 -71.31
CA VAL B 77 -2.85 42.52 -70.16
C VAL B 77 -1.91 43.67 -70.54
N ARG B 78 -2.18 44.87 -70.01
CA ARG B 78 -1.31 46.07 -70.16
C ARG B 78 -0.03 45.86 -69.33
N LYS B 79 1.15 46.14 -69.91
CA LYS B 79 2.49 45.94 -69.27
C LYS B 79 2.62 46.83 -68.03
N GLU B 80 2.27 48.11 -68.12
CA GLU B 80 2.56 49.14 -67.06
C GLU B 80 1.31 49.41 -66.22
N ALA B 81 0.56 48.37 -65.83
CA ALA B 81 -0.71 48.46 -65.06
C ALA B 81 -1.05 47.09 -64.45
N LEU B 82 -1.42 47.08 -63.17
CA LEU B 82 -1.70 45.88 -62.35
C LEU B 82 -3.19 45.53 -62.50
N LEU B 83 -3.51 44.42 -63.16
CA LEU B 83 -4.93 43.97 -63.24
C LEU B 83 -5.27 43.24 -61.94
N LEU B 84 -6.24 43.76 -61.18
N LEU B 84 -6.26 43.76 -61.21
CA LEU B 84 -6.87 43.06 -60.04
CA LEU B 84 -6.91 43.11 -60.06
C LEU B 84 -8.15 42.40 -60.55
C LEU B 84 -8.16 42.40 -60.59
N LEU B 85 -8.15 41.07 -60.59
CA LEU B 85 -9.29 40.26 -61.11
C LEU B 85 -10.46 40.41 -60.13
N SER B 86 -11.65 40.63 -60.67
N SER B 86 -11.65 40.62 -60.68
CA SER B 86 -12.94 40.60 -59.96
CA SER B 86 -12.95 40.59 -59.96
C SER B 86 -13.26 39.16 -59.53
C SER B 86 -13.25 39.15 -59.53
N TRP B 87 -13.69 38.96 -58.29
CA TRP B 87 -14.23 37.66 -57.78
C TRP B 87 -15.71 37.62 -58.12
N LYS B 88 -16.15 36.67 -58.94
CA LYS B 88 -17.57 36.55 -59.35
C LYS B 88 -18.20 35.40 -58.57
N GLN B 89 -19.39 35.64 -58.03
CA GLN B 89 -20.18 34.63 -57.29
C GLN B 89 -20.78 33.64 -58.30
N MET B 90 -20.60 32.35 -58.04
CA MET B 90 -21.30 31.27 -58.79
C MET B 90 -22.71 31.13 -58.25
N LEU B 91 -22.93 31.36 -56.95
CA LEU B 91 -24.20 31.00 -56.26
C LEU B 91 -24.95 32.27 -55.83
N ASP B 92 -26.24 32.34 -56.18
CA ASP B 92 -27.13 33.51 -55.99
C ASP B 92 -27.74 33.46 -54.58
N HIS B 93 -27.32 34.38 -53.69
CA HIS B 93 -27.89 34.60 -52.34
C HIS B 93 -28.12 33.24 -51.65
N PHE B 94 -27.06 32.42 -51.59
CA PHE B 94 -27.13 31.02 -51.12
C PHE B 94 -26.37 30.92 -49.81
N GLN B 95 -27.06 30.56 -48.73
CA GLN B 95 -26.41 30.28 -47.42
C GLN B 95 -26.09 28.78 -47.34
N ALA B 96 -24.81 28.44 -47.43
CA ALA B 96 -24.27 27.07 -47.35
C ALA B 96 -24.08 26.65 -45.88
N THR B 97 -23.80 27.63 -45.01
CA THR B 97 -23.63 27.42 -43.56
C THR B 97 -25.00 27.03 -42.99
N PRO B 98 -25.10 25.96 -42.18
CA PRO B 98 -26.35 25.65 -41.48
C PRO B 98 -26.63 26.70 -40.38
N HIS B 99 -27.84 26.71 -39.80
CA HIS B 99 -28.26 27.67 -38.73
C HIS B 99 -27.18 27.71 -37.63
N HIS B 100 -26.72 28.93 -37.28
CA HIS B 100 -25.77 29.25 -36.18
C HIS B 100 -24.36 28.71 -36.44
N GLY B 101 -24.07 28.16 -37.62
CA GLY B 101 -22.82 27.42 -37.89
C GLY B 101 -22.70 26.18 -37.01
N VAL B 102 -23.84 25.55 -36.72
CA VAL B 102 -23.94 24.25 -35.99
C VAL B 102 -24.10 23.14 -37.03
N TYR B 103 -23.01 22.42 -37.28
CA TYR B 103 -22.93 21.28 -38.23
C TYR B 103 -23.44 20.01 -37.54
N SER B 104 -23.88 19.02 -38.32
CA SER B 104 -24.05 17.60 -37.87
C SER B 104 -22.75 17.16 -37.19
N ARG B 105 -22.82 16.17 -36.29
CA ARG B 105 -21.60 15.65 -35.60
C ARG B 105 -20.58 15.21 -36.64
N GLU B 106 -21.04 14.58 -37.73
CA GLU B 106 -20.18 14.02 -38.79
C GLU B 106 -19.41 15.16 -39.46
N GLU B 107 -20.09 16.21 -39.88
CA GLU B 107 -19.46 17.37 -40.56
C GLU B 107 -18.57 18.15 -39.56
N GLU B 108 -19.03 18.30 -38.32
CA GLU B 108 -18.28 19.04 -37.27
C GLU B 108 -16.94 18.33 -37.03
N LEU B 109 -16.95 17.01 -36.86
CA LEU B 109 -15.69 16.25 -36.61
C LEU B 109 -14.80 16.27 -37.85
N LEU B 110 -15.35 16.20 -39.07
CA LEU B 110 -14.51 16.29 -40.28
C LEU B 110 -13.79 17.66 -40.33
N ARG B 111 -14.51 18.73 -39.99
CA ARG B 111 -13.95 20.10 -39.92
C ARG B 111 -12.82 20.16 -38.89
N GLU B 112 -12.97 19.49 -37.73
CA GLU B 112 -11.90 19.39 -36.72
C GLU B 112 -10.68 18.64 -37.29
N ARG B 113 -10.88 17.48 -37.92
CA ARG B 113 -9.77 16.67 -38.47
C ARG B 113 -9.02 17.48 -39.54
N LYS B 114 -9.73 18.23 -40.38
CA LYS B 114 -9.13 19.01 -41.50
C LYS B 114 -8.65 20.40 -41.02
N ARG B 115 -8.80 20.77 -39.73
CA ARG B 115 -8.43 22.11 -39.20
C ARG B 115 -9.16 23.21 -40.00
N LEU B 116 -10.43 23.00 -40.34
CA LEU B 116 -11.28 24.02 -41.02
C LEU B 116 -11.96 24.89 -39.96
N GLY B 117 -11.71 26.19 -40.00
CA GLY B 117 -12.35 27.19 -39.13
C GLY B 117 -13.43 27.97 -39.87
N VAL B 118 -13.25 28.20 -41.18
CA VAL B 118 -14.16 29.06 -41.99
C VAL B 118 -15.51 28.36 -42.10
N PHE B 119 -16.59 29.13 -42.18
CA PHE B 119 -17.96 28.63 -42.46
C PHE B 119 -18.21 28.61 -43.96
N GLY B 120 -19.19 27.82 -44.40
CA GLY B 120 -19.65 27.74 -45.79
C GLY B 120 -19.09 26.52 -46.47
N ILE B 121 -18.97 26.59 -47.80
CA ILE B 121 -18.48 25.45 -48.63
C ILE B 121 -16.98 25.36 -48.43
N THR B 122 -16.48 24.24 -47.90
CA THR B 122 -15.04 24.05 -47.63
C THR B 122 -14.42 23.05 -48.61
N SER B 123 -15.21 22.38 -49.44
CA SER B 123 -14.69 21.54 -50.55
C SER B 123 -15.80 21.32 -51.59
N TYR B 124 -15.39 21.00 -52.80
CA TYR B 124 -16.28 20.67 -53.93
C TYR B 124 -15.58 19.63 -54.79
N ASP B 125 -16.37 18.83 -55.47
CA ASP B 125 -15.90 17.97 -56.57
C ASP B 125 -16.32 18.65 -57.88
N PHE B 126 -15.48 18.53 -58.90
CA PHE B 126 -15.65 19.15 -60.22
C PHE B 126 -15.38 18.09 -61.30
N HIS B 127 -16.29 17.98 -62.27
CA HIS B 127 -16.08 17.17 -63.50
C HIS B 127 -15.97 18.14 -64.69
N SER B 128 -14.76 18.32 -65.23
CA SER B 128 -14.44 19.39 -66.20
C SER B 128 -15.20 19.17 -67.51
N GLU B 129 -15.27 17.94 -68.03
CA GLU B 129 -15.91 17.63 -69.33
C GLU B 129 -17.40 18.05 -69.29
N SER B 130 -18.12 17.78 -68.20
CA SER B 130 -19.57 18.10 -68.07
C SER B 130 -19.77 19.46 -67.39
N GLY B 131 -18.77 19.98 -66.66
CA GLY B 131 -18.90 21.25 -65.91
C GLY B 131 -19.72 21.10 -64.65
N LEU B 132 -19.82 19.88 -64.09
CA LEU B 132 -20.63 19.60 -62.88
C LEU B 132 -19.80 19.93 -61.63
N PHE B 133 -20.38 20.68 -60.70
CA PHE B 133 -19.87 20.94 -59.34
C PHE B 133 -20.78 20.22 -58.34
N LEU B 134 -20.21 19.52 -57.38
CA LEU B 134 -20.95 18.74 -56.35
C LEU B 134 -20.36 19.09 -55.00
N PHE B 135 -21.19 19.51 -54.06
CA PHE B 135 -20.70 19.98 -52.75
C PHE B 135 -21.78 19.78 -51.68
N GLN B 136 -21.31 19.70 -50.44
CA GLN B 136 -22.15 19.75 -49.21
C GLN B 136 -22.51 21.21 -48.91
N ALA B 137 -23.75 21.46 -48.57
CA ALA B 137 -24.26 22.77 -48.09
C ALA B 137 -25.57 22.55 -47.35
N SER B 138 -25.81 23.35 -46.31
N SER B 138 -25.80 23.34 -46.30
CA SER B 138 -27.10 23.44 -45.56
CA SER B 138 -27.08 23.45 -45.56
C SER B 138 -27.60 22.06 -45.14
C SER B 138 -27.60 22.06 -45.14
N ASN B 139 -26.74 21.24 -44.55
CA ASN B 139 -27.05 19.87 -44.05
C ASN B 139 -27.52 18.94 -45.20
N SER B 140 -27.10 19.19 -46.45
CA SER B 140 -27.57 18.42 -47.62
C SER B 140 -26.51 18.41 -48.73
N LEU B 141 -26.90 17.95 -49.93
CA LEU B 141 -26.02 17.92 -51.12
C LEU B 141 -26.65 18.81 -52.18
N PHE B 142 -25.80 19.62 -52.81
CA PHE B 142 -26.19 20.55 -53.88
C PHE B 142 -25.24 20.37 -55.05
N HIS B 143 -25.70 20.78 -56.22
CA HIS B 143 -24.90 20.79 -57.46
C HIS B 143 -25.26 22.03 -58.26
N CYS B 144 -24.34 22.40 -59.14
CA CYS B 144 -24.56 23.40 -60.21
C CYS B 144 -23.68 23.00 -61.38
N ARG B 145 -23.95 23.54 -62.56
CA ARG B 145 -23.19 23.24 -63.80
C ARG B 145 -22.71 24.57 -64.37
N ASP B 146 -21.47 24.63 -64.83
CA ASP B 146 -20.91 25.81 -65.54
C ASP B 146 -19.88 25.32 -66.54
N GLY B 147 -19.80 25.97 -67.70
CA GLY B 147 -18.96 25.49 -68.81
C GLY B 147 -19.56 24.26 -69.46
N GLY B 148 -18.73 23.47 -70.15
CA GLY B 148 -19.17 22.38 -71.05
C GLY B 148 -20.24 22.84 -72.02
N LYS B 149 -21.31 22.06 -72.17
CA LYS B 149 -22.35 22.21 -73.22
C LYS B 149 -23.30 23.37 -72.86
N ASN B 150 -23.54 23.59 -71.56
CA ASN B 150 -24.47 24.63 -71.04
C ASN B 150 -23.92 26.05 -71.27
N GLY B 151 -22.59 26.20 -71.41
CA GLY B 151 -21.90 27.50 -71.55
C GLY B 151 -21.58 28.11 -70.19
N PHE B 152 -20.97 29.30 -70.20
CA PHE B 152 -20.42 29.99 -69.01
C PHE B 152 -21.44 31.01 -68.48
N MET B 153 -21.81 30.90 -67.19
CA MET B 153 -22.70 31.90 -66.53
C MET B 153 -22.01 33.28 -66.52
N VAL B 154 -22.80 34.37 -66.53
CA VAL B 154 -22.31 35.77 -66.35
C VAL B 154 -22.98 36.42 -65.12
N SER B 155 -23.85 35.68 -64.40
CA SER B 155 -24.42 36.12 -63.09
C SER B 155 -24.69 34.88 -62.26
N PRO B 156 -24.77 35.00 -60.92
CA PRO B 156 -24.86 33.82 -60.05
C PRO B 156 -26.16 33.04 -60.29
N MET B 157 -26.12 31.72 -60.11
CA MET B 157 -27.27 30.80 -60.32
C MET B 157 -27.64 30.18 -58.96
N LYS B 158 -28.88 29.73 -58.79
CA LYS B 158 -29.29 28.96 -57.59
C LYS B 158 -28.76 27.54 -57.78
N PRO B 159 -28.02 26.96 -56.80
CA PRO B 159 -27.64 25.55 -56.89
C PRO B 159 -28.87 24.67 -56.61
N LEU B 160 -28.89 23.43 -57.10
CA LEU B 160 -30.05 22.52 -57.00
C LEU B 160 -29.77 21.50 -55.91
N GLU B 161 -30.67 21.38 -54.93
CA GLU B 161 -30.58 20.33 -53.89
C GLU B 161 -30.77 18.96 -54.56
N ILE B 162 -29.99 17.97 -54.16
CA ILE B 162 -30.17 16.55 -54.57
C ILE B 162 -31.03 15.87 -53.50
N LYS B 163 -32.23 15.46 -53.87
CA LYS B 163 -33.21 14.80 -52.96
C LYS B 163 -32.71 13.40 -52.62
N THR B 164 -33.13 12.89 -51.45
CA THR B 164 -32.72 11.55 -50.95
C THR B 164 -33.87 10.95 -50.12
N GLN B 165 -33.87 9.62 -50.00
CA GLN B 165 -34.72 8.88 -49.05
C GLN B 165 -33.84 8.40 -47.89
N CYS B 166 -32.53 8.67 -47.92
CA CYS B 166 -31.57 8.26 -46.86
C CYS B 166 -31.85 9.06 -45.59
N SER B 167 -31.65 8.42 -44.43
CA SER B 167 -31.67 9.05 -43.07
C SER B 167 -30.24 9.40 -42.67
N GLY B 168 -30.02 10.59 -42.13
CA GLY B 168 -28.73 11.04 -41.60
C GLY B 168 -27.85 11.57 -42.72
N PRO B 169 -26.65 12.10 -42.41
CA PRO B 169 -25.81 12.77 -43.39
C PRO B 169 -25.34 11.91 -44.57
N ARG B 170 -25.22 12.55 -45.73
CA ARG B 170 -24.55 12.04 -46.95
C ARG B 170 -23.18 12.70 -47.00
N MET B 171 -22.15 11.92 -46.68
CA MET B 171 -20.77 12.43 -46.48
C MET B 171 -19.90 12.06 -47.69
N ASP B 172 -18.84 12.82 -47.90
CA ASP B 172 -17.76 12.53 -48.87
C ASP B 172 -18.34 12.27 -50.27
N PRO B 173 -19.12 13.22 -50.83
CA PRO B 173 -19.71 13.04 -52.16
C PRO B 173 -18.65 13.22 -53.26
N LYS B 174 -18.65 12.33 -54.25
CA LYS B 174 -17.70 12.40 -55.39
C LYS B 174 -18.43 12.06 -56.68
N ILE B 175 -18.11 12.79 -57.75
CA ILE B 175 -18.67 12.56 -59.09
C ILE B 175 -17.96 11.32 -59.68
N CYS B 176 -18.70 10.44 -60.33
CA CYS B 176 -18.16 9.31 -61.13
C CYS B 176 -17.36 9.87 -62.31
N PRO B 177 -16.02 9.65 -62.39
CA PRO B 177 -15.21 10.21 -63.47
C PRO B 177 -15.65 9.76 -64.88
N ALA B 178 -16.07 8.50 -65.02
CA ALA B 178 -16.37 7.87 -66.33
C ALA B 178 -17.75 8.29 -66.80
N ASP B 179 -18.64 8.66 -65.88
CA ASP B 179 -20.06 8.96 -66.22
C ASP B 179 -20.61 9.93 -65.18
N PRO B 180 -20.61 11.25 -65.48
CA PRO B 180 -20.97 12.26 -64.49
C PRO B 180 -22.47 12.36 -64.21
N ALA B 181 -23.28 11.49 -64.81
CA ALA B 181 -24.67 11.24 -64.35
C ALA B 181 -24.66 10.62 -62.95
N PHE B 182 -23.58 9.97 -62.54
CA PHE B 182 -23.47 9.27 -61.24
C PHE B 182 -22.57 10.02 -60.26
N PHE B 183 -22.95 9.94 -58.99
CA PHE B 183 -22.06 10.31 -57.86
C PHE B 183 -22.22 9.28 -56.75
N SER B 184 -21.25 9.29 -55.85
CA SER B 184 -21.17 8.39 -54.68
C SER B 184 -21.24 9.23 -53.39
N PHE B 185 -21.63 8.60 -52.30
CA PHE B 185 -21.56 9.19 -50.95
C PHE B 185 -21.56 8.07 -49.92
N ILE B 186 -21.23 8.43 -48.67
CA ILE B 186 -21.29 7.56 -47.49
C ILE B 186 -22.54 7.94 -46.72
N ASN B 187 -23.35 6.96 -46.36
CA ASN B 187 -24.54 7.14 -45.50
C ASN B 187 -24.56 5.98 -44.50
N ASN B 188 -24.60 6.28 -43.21
CA ASN B 188 -24.65 5.26 -42.12
C ASN B 188 -23.60 4.17 -42.37
N SER B 189 -22.35 4.58 -42.58
CA SER B 189 -21.15 3.71 -42.65
C SER B 189 -21.18 2.78 -43.86
N ASP B 190 -21.94 3.09 -44.90
CA ASP B 190 -21.96 2.31 -46.16
C ASP B 190 -21.85 3.26 -47.36
N LEU B 191 -21.31 2.72 -48.45
CA LEU B 191 -21.17 3.40 -49.74
C LEU B 191 -22.47 3.28 -50.53
N TRP B 192 -22.93 4.41 -51.06
CA TRP B 192 -24.10 4.54 -51.95
C TRP B 192 -23.66 5.17 -53.25
N VAL B 193 -24.43 4.97 -54.30
CA VAL B 193 -24.37 5.74 -55.57
C VAL B 193 -25.75 6.27 -55.85
N ALA B 194 -25.79 7.34 -56.62
CA ALA B 194 -27.07 7.91 -57.12
C ALA B 194 -26.84 8.45 -58.52
N ASN B 195 -27.93 8.53 -59.28
CA ASN B 195 -27.99 9.16 -60.61
C ASN B 195 -28.56 10.56 -60.37
N ILE B 196 -27.76 11.58 -60.64
CA ILE B 196 -28.07 13.00 -60.34
C ILE B 196 -29.21 13.48 -61.24
N GLU B 197 -29.36 12.87 -62.42
CA GLU B 197 -30.36 13.26 -63.45
C GLU B 197 -31.72 12.58 -63.16
N THR B 198 -31.74 11.30 -62.78
CA THR B 198 -32.98 10.51 -62.55
C THR B 198 -33.39 10.56 -61.07
N GLY B 199 -32.46 10.77 -60.14
CA GLY B 199 -32.75 10.74 -58.69
C GLY B 199 -32.71 9.33 -58.10
N GLU B 200 -32.46 8.29 -58.90
CA GLU B 200 -32.29 6.90 -58.40
C GLU B 200 -31.09 6.86 -57.43
N GLU B 201 -31.28 6.25 -56.26
CA GLU B 201 -30.20 5.94 -55.28
C GLU B 201 -30.09 4.43 -55.13
N ARG B 202 -28.89 3.94 -54.89
CA ARG B 202 -28.66 2.48 -54.66
C ARG B 202 -27.52 2.32 -53.65
N ARG B 203 -27.82 1.59 -52.58
CA ARG B 203 -26.80 1.16 -51.60
C ARG B 203 -25.90 0.11 -52.25
N LEU B 204 -24.58 0.26 -52.16
CA LEU B 204 -23.62 -0.69 -52.76
C LEU B 204 -23.09 -1.67 -51.70
N THR B 205 -22.87 -1.22 -50.48
CA THR B 205 -22.22 -2.02 -49.41
C THR B 205 -23.22 -2.20 -48.28
N PHE B 206 -23.12 -3.34 -47.60
CA PHE B 206 -24.08 -3.82 -46.60
C PHE B 206 -23.33 -4.27 -45.34
N CYS B 207 -22.31 -3.50 -44.93
N CYS B 207 -22.30 -3.54 -44.91
CA CYS B 207 -21.51 -3.71 -43.70
CA CYS B 207 -21.56 -3.94 -43.69
C CYS B 207 -22.26 -3.35 -42.43
C CYS B 207 -22.20 -3.33 -42.42
N HIS B 208 -22.94 -2.21 -42.50
CA HIS B 208 -23.67 -1.62 -41.34
C HIS B 208 -25.06 -2.25 -41.28
N GLN B 209 -25.32 -3.05 -40.23
CA GLN B 209 -26.57 -3.81 -40.04
C GLN B 209 -27.70 -2.88 -39.58
N GLY B 210 -27.36 -1.75 -38.97
CA GLY B 210 -28.32 -0.80 -38.40
C GLY B 210 -28.92 -1.30 -37.10
N LEU B 211 -28.15 -2.05 -36.31
CA LEU B 211 -28.59 -2.62 -35.00
C LEU B 211 -28.83 -1.46 -34.03
N SER B 212 -29.78 -1.62 -33.11
N SER B 212 -29.77 -1.63 -33.10
CA SER B 212 -30.12 -0.60 -32.07
CA SER B 212 -30.12 -0.63 -32.06
C SER B 212 -28.88 -0.31 -31.21
C SER B 212 -28.87 -0.32 -31.21
N ASN B 213 -28.13 -1.35 -30.80
CA ASN B 213 -26.84 -1.20 -30.07
C ASN B 213 -25.71 -1.03 -31.11
N VAL B 214 -25.22 0.21 -31.30
CA VAL B 214 -24.16 0.59 -32.27
C VAL B 214 -22.87 -0.19 -31.99
N LEU B 215 -22.59 -0.55 -30.73
CA LEU B 215 -21.34 -1.27 -30.34
C LEU B 215 -21.31 -2.69 -30.91
N ASP B 216 -22.48 -3.27 -31.21
CA ASP B 216 -22.62 -4.59 -31.87
C ASP B 216 -22.58 -4.47 -33.38
N ASP B 217 -22.39 -3.26 -33.92
CA ASP B 217 -22.46 -2.94 -35.37
C ASP B 217 -21.16 -2.27 -35.80
N PRO B 218 -20.01 -2.97 -35.74
CA PRO B 218 -18.70 -2.31 -35.81
C PRO B 218 -18.03 -2.20 -37.19
N LYS B 219 -18.73 -2.52 -38.28
CA LYS B 219 -18.13 -2.49 -39.64
C LYS B 219 -18.58 -1.26 -40.40
N SER B 220 -17.68 -0.71 -41.22
N SER B 220 -17.69 -0.72 -41.23
CA SER B 220 -17.99 0.39 -42.17
CA SER B 220 -17.94 0.42 -42.15
C SER B 220 -17.30 0.10 -43.51
C SER B 220 -17.31 0.10 -43.51
N ALA B 221 -17.85 0.68 -44.58
CA ALA B 221 -17.30 0.62 -45.94
C ALA B 221 -17.17 2.04 -46.47
N GLY B 222 -15.99 2.39 -46.98
CA GLY B 222 -15.76 3.65 -47.69
C GLY B 222 -15.36 4.76 -46.74
N VAL B 223 -15.08 4.42 -45.48
CA VAL B 223 -14.87 5.41 -44.38
C VAL B 223 -13.41 5.35 -43.92
N ALA B 224 -12.77 6.51 -43.81
CA ALA B 224 -11.50 6.72 -43.09
C ALA B 224 -11.80 6.81 -41.60
N THR B 225 -11.24 5.91 -40.80
CA THR B 225 -11.47 5.87 -39.34
C THR B 225 -10.65 6.96 -38.62
N PHE B 226 -10.81 7.08 -37.30
CA PHE B 226 -10.29 8.20 -36.49
C PHE B 226 -8.77 8.39 -36.70
N VAL B 227 -7.97 7.35 -36.53
CA VAL B 227 -6.49 7.47 -36.60
C VAL B 227 -6.06 7.79 -38.04
N ILE B 228 -6.80 7.31 -39.02
CA ILE B 228 -6.49 7.56 -40.45
C ILE B 228 -6.68 9.05 -40.74
N GLN B 229 -7.77 9.64 -40.24
CA GLN B 229 -8.09 11.06 -40.45
C GLN B 229 -7.14 11.93 -39.62
N GLU B 230 -6.93 11.59 -38.35
CA GLU B 230 -6.18 12.46 -37.43
C GLU B 230 -4.66 12.31 -37.66
N GLU B 231 -4.16 11.11 -38.01
CA GLU B 231 -2.68 10.86 -37.99
C GLU B 231 -2.12 10.53 -39.37
N PHE B 232 -2.95 10.21 -40.36
CA PHE B 232 -2.45 9.90 -41.72
C PHE B 232 -3.01 10.89 -42.74
N ASP B 233 -3.77 11.91 -42.36
CA ASP B 233 -4.18 12.96 -43.32
C ASP B 233 -4.97 12.32 -44.47
N ARG B 234 -5.76 11.27 -44.21
CA ARG B 234 -6.65 10.67 -45.26
C ARG B 234 -8.08 10.77 -44.75
N PHE B 235 -8.96 11.36 -45.54
CA PHE B 235 -10.33 11.72 -45.15
C PHE B 235 -11.34 10.91 -45.95
N THR B 236 -10.91 9.96 -46.78
CA THR B 236 -11.82 9.15 -47.61
C THR B 236 -11.40 7.70 -47.46
N GLY B 237 -12.36 6.77 -47.57
CA GLY B 237 -12.08 5.33 -47.64
C GLY B 237 -12.56 4.71 -48.93
N TYR B 238 -12.69 5.48 -50.01
CA TYR B 238 -13.10 4.91 -51.32
C TYR B 238 -12.54 5.75 -52.47
N TRP B 239 -12.38 5.08 -53.62
CA TRP B 239 -11.70 5.64 -54.82
C TRP B 239 -12.41 5.11 -56.05
N TRP B 240 -13.01 6.01 -56.83
CA TRP B 240 -13.64 5.70 -58.13
C TRP B 240 -12.59 5.15 -59.08
N CYS B 241 -12.91 4.06 -59.76
CA CYS B 241 -12.16 3.65 -60.97
C CYS B 241 -12.41 4.73 -62.03
N PRO B 242 -11.39 5.29 -62.71
CA PRO B 242 -11.61 6.37 -63.68
C PRO B 242 -12.29 5.93 -65.00
N THR B 243 -12.38 4.62 -65.28
CA THR B 243 -12.92 4.07 -66.54
C THR B 243 -14.13 3.19 -66.28
N ALA B 244 -14.97 3.06 -67.30
CA ALA B 244 -16.07 2.06 -67.40
C ALA B 244 -15.51 0.76 -67.98
N SER B 245 -16.15 -0.37 -67.68
CA SER B 245 -15.88 -1.68 -68.32
C SER B 245 -17.21 -2.32 -68.76
N TRP B 246 -17.12 -3.38 -69.56
CA TRP B 246 -18.25 -3.93 -70.36
C TRP B 246 -18.31 -5.46 -70.27
N GLU B 247 -18.03 -6.05 -69.09
CA GLU B 247 -18.09 -7.54 -68.87
C GLU B 247 -19.53 -8.05 -68.97
N GLY B 248 -19.70 -9.28 -69.43
CA GLY B 248 -21.03 -9.88 -69.68
C GLY B 248 -21.43 -9.68 -71.13
N SER B 249 -22.40 -10.47 -71.57
CA SER B 249 -22.89 -10.50 -72.97
C SER B 249 -24.07 -9.54 -73.17
N GLU B 250 -24.63 -8.98 -72.09
CA GLU B 250 -25.83 -8.09 -72.13
C GLU B 250 -25.43 -6.67 -72.58
N GLY B 251 -24.15 -6.31 -72.53
CA GLY B 251 -23.66 -4.98 -72.95
C GLY B 251 -23.96 -3.91 -71.92
N LEU B 252 -24.17 -4.28 -70.65
CA LEU B 252 -24.31 -3.32 -69.52
C LEU B 252 -22.96 -2.68 -69.23
N LYS B 253 -22.99 -1.42 -68.80
CA LYS B 253 -21.76 -0.68 -68.45
C LYS B 253 -21.50 -0.95 -66.99
N THR B 254 -20.27 -1.37 -66.64
CA THR B 254 -19.83 -1.57 -65.24
C THR B 254 -19.00 -0.35 -64.79
N LEU B 255 -19.35 0.19 -63.62
CA LEU B 255 -18.61 1.23 -62.91
C LEU B 255 -18.14 0.61 -61.60
N ARG B 256 -16.92 0.98 -61.21
CA ARG B 256 -16.18 0.32 -60.09
C ARG B 256 -15.75 1.37 -59.08
N ILE B 257 -15.76 0.98 -57.81
CA ILE B 257 -15.20 1.76 -56.68
C ILE B 257 -14.35 0.83 -55.82
N LEU B 258 -13.10 1.18 -55.62
CA LEU B 258 -12.23 0.56 -54.60
C LEU B 258 -12.62 1.15 -53.26
N TYR B 259 -12.75 0.33 -52.22
CA TYR B 259 -13.09 0.85 -50.88
C TYR B 259 -12.41 0.05 -49.78
N GLU B 260 -12.17 0.74 -48.68
CA GLU B 260 -11.65 0.15 -47.44
C GLU B 260 -12.86 -0.28 -46.62
N GLU B 261 -12.91 -1.58 -46.31
CA GLU B 261 -13.83 -2.10 -45.29
C GLU B 261 -13.06 -2.20 -43.99
N VAL B 262 -13.67 -1.76 -42.89
CA VAL B 262 -13.01 -1.80 -41.55
C VAL B 262 -13.95 -2.51 -40.59
N ASP B 263 -13.36 -3.18 -39.62
CA ASP B 263 -14.06 -3.78 -38.48
C ASP B 263 -13.39 -3.22 -37.23
N GLU B 264 -14.12 -2.37 -36.48
CA GLU B 264 -13.63 -1.69 -35.26
C GLU B 264 -14.02 -2.44 -33.99
N SER B 265 -14.51 -3.69 -34.08
CA SER B 265 -14.96 -4.55 -32.95
C SER B 265 -13.99 -4.51 -31.78
N GLU B 266 -12.68 -4.67 -32.05
CA GLU B 266 -11.65 -4.87 -31.00
C GLU B 266 -11.06 -3.51 -30.58
N VAL B 267 -11.44 -2.43 -31.25
CA VAL B 267 -10.90 -1.08 -30.96
C VAL B 267 -11.61 -0.57 -29.68
N GLU B 268 -10.83 -0.07 -28.74
CA GLU B 268 -11.33 0.48 -27.46
C GLU B 268 -12.28 1.64 -27.72
N VAL B 269 -13.31 1.75 -26.89
CA VAL B 269 -14.34 2.82 -26.96
C VAL B 269 -14.02 3.83 -25.85
N ILE B 270 -14.03 5.11 -26.19
CA ILE B 270 -13.97 6.20 -25.18
C ILE B 270 -15.16 7.13 -25.44
N HIS B 271 -15.50 7.93 -24.44
CA HIS B 271 -16.65 8.87 -24.48
C HIS B 271 -16.07 10.28 -24.32
N VAL B 272 -16.45 11.19 -25.20
CA VAL B 272 -16.04 12.62 -25.13
C VAL B 272 -17.32 13.43 -25.05
N PRO B 273 -17.42 14.41 -24.13
CA PRO B 273 -18.59 15.28 -24.05
C PRO B 273 -18.93 15.89 -25.42
N SER B 274 -20.22 15.95 -25.70
CA SER B 274 -20.83 16.53 -26.91
C SER B 274 -20.89 18.05 -26.74
N PRO B 275 -20.81 18.82 -27.83
CA PRO B 275 -20.92 20.28 -27.77
C PRO B 275 -22.24 20.87 -27.23
N ALA B 276 -23.36 20.16 -27.29
CA ALA B 276 -24.62 20.67 -26.69
C ALA B 276 -24.55 20.41 -25.17
N LEU B 277 -23.87 21.29 -24.44
CA LEU B 277 -23.49 21.03 -23.01
C LEU B 277 -24.73 20.73 -22.17
N GLU B 278 -25.84 21.45 -22.42
CA GLU B 278 -27.10 21.33 -21.64
C GLU B 278 -27.69 19.90 -21.76
N GLU B 279 -27.33 19.13 -22.77
CA GLU B 279 -27.84 17.74 -22.95
C GLU B 279 -27.04 16.79 -22.04
N ARG B 280 -25.86 17.18 -21.56
CA ARG B 280 -25.03 16.45 -20.54
C ARG B 280 -24.78 15.03 -21.05
N LYS B 281 -24.45 14.88 -22.34
CA LYS B 281 -24.18 13.57 -22.99
C LYS B 281 -22.80 13.61 -23.65
N THR B 282 -22.31 12.43 -24.00
CA THR B 282 -21.05 12.18 -24.71
C THR B 282 -21.35 11.57 -26.06
N ASP B 283 -20.37 11.66 -26.97
CA ASP B 283 -20.29 10.84 -28.20
C ASP B 283 -19.27 9.73 -27.93
N SER B 284 -19.49 8.55 -28.48
CA SER B 284 -18.57 7.38 -28.40
C SER B 284 -17.61 7.39 -29.57
N TYR B 285 -16.34 7.10 -29.33
CA TYR B 285 -15.23 7.08 -30.33
C TYR B 285 -14.55 5.73 -30.24
N ARG B 286 -14.28 5.10 -31.37
CA ARG B 286 -13.30 3.98 -31.49
C ARG B 286 -11.91 4.65 -31.53
N TYR B 287 -11.26 4.76 -30.38
CA TYR B 287 -10.00 5.49 -30.18
C TYR B 287 -8.91 4.46 -29.87
N PRO B 288 -8.08 4.07 -30.86
CA PRO B 288 -7.01 3.11 -30.62
C PRO B 288 -5.87 3.77 -29.84
N ARG B 289 -5.82 3.57 -28.52
CA ARG B 289 -4.67 4.09 -27.75
C ARG B 289 -3.42 3.27 -28.13
N THR B 290 -2.25 3.91 -28.03
CA THR B 290 -0.96 3.29 -28.31
C THR B 290 -0.87 1.90 -27.64
N GLY B 291 -0.43 0.90 -28.40
CA GLY B 291 -0.27 -0.49 -27.93
C GLY B 291 -1.56 -1.30 -28.03
N SER B 292 -2.72 -0.71 -28.29
CA SER B 292 -4.03 -1.42 -28.32
C SER B 292 -4.41 -1.66 -29.79
N LYS B 293 -5.53 -2.31 -30.04
CA LYS B 293 -5.88 -2.79 -31.41
C LYS B 293 -6.27 -1.61 -32.29
N ASN B 294 -5.74 -1.59 -33.51
CA ASN B 294 -6.27 -0.78 -34.62
C ASN B 294 -7.41 -1.56 -35.25
N PRO B 295 -8.25 -0.93 -36.09
CA PRO B 295 -9.28 -1.65 -36.82
C PRO B 295 -8.68 -2.77 -37.71
N LYS B 296 -9.45 -3.83 -37.90
CA LYS B 296 -9.17 -4.84 -38.94
C LYS B 296 -9.62 -4.25 -40.27
N ILE B 297 -8.76 -4.29 -41.28
CA ILE B 297 -8.99 -3.59 -42.59
C ILE B 297 -8.91 -4.59 -43.75
N ALA B 298 -9.52 -4.23 -44.87
CA ALA B 298 -9.40 -4.93 -46.17
C ALA B 298 -9.75 -3.96 -47.28
N LEU B 299 -9.13 -4.12 -48.45
CA LEU B 299 -9.60 -3.46 -49.67
C LEU B 299 -10.57 -4.40 -50.38
N LYS B 300 -11.66 -3.82 -50.86
CA LYS B 300 -12.72 -4.50 -51.61
C LYS B 300 -13.02 -3.65 -52.84
N LEU B 301 -13.88 -4.18 -53.69
CA LEU B 301 -14.36 -3.55 -54.92
C LEU B 301 -15.87 -3.61 -54.95
N ALA B 302 -16.52 -2.45 -55.04
CA ALA B 302 -17.97 -2.30 -55.27
C ALA B 302 -18.15 -2.04 -56.76
N GLU B 303 -19.07 -2.78 -57.38
CA GLU B 303 -19.43 -2.61 -58.80
C GLU B 303 -20.93 -2.38 -58.88
N PHE B 304 -21.34 -1.62 -59.88
CA PHE B 304 -22.74 -1.56 -60.30
C PHE B 304 -22.78 -1.48 -61.83
N GLN B 305 -23.89 -1.97 -62.37
CA GLN B 305 -24.12 -1.98 -63.84
C GLN B 305 -25.26 -1.02 -64.15
N THR B 306 -25.16 -0.35 -65.29
N THR B 306 -25.17 -0.35 -65.30
CA THR B 306 -26.15 0.66 -65.76
CA THR B 306 -26.14 0.66 -65.77
C THR B 306 -26.51 0.34 -67.22
C THR B 306 -26.50 0.33 -67.22
N ASP B 307 -27.76 0.59 -67.59
CA ASP B 307 -28.27 0.41 -68.98
C ASP B 307 -28.18 1.76 -69.70
N SER B 308 -28.62 1.80 -70.96
CA SER B 308 -28.55 2.99 -71.86
C SER B 308 -29.30 4.18 -71.26
N GLN B 309 -30.37 3.95 -70.48
CA GLN B 309 -31.18 5.04 -69.85
C GLN B 309 -30.60 5.48 -68.50
N GLY B 310 -29.45 4.94 -68.07
CA GLY B 310 -28.78 5.33 -66.81
C GLY B 310 -29.42 4.66 -65.59
N LYS B 311 -30.24 3.62 -65.78
CA LYS B 311 -30.88 2.88 -64.68
C LYS B 311 -29.82 1.95 -64.07
N ILE B 312 -29.74 1.88 -62.75
CA ILE B 312 -28.81 0.95 -62.04
C ILE B 312 -29.51 -0.41 -61.97
N VAL B 313 -28.99 -1.36 -62.74
N VAL B 313 -29.02 -1.38 -62.74
CA VAL B 313 -29.57 -2.71 -63.01
CA VAL B 313 -29.67 -2.71 -62.92
C VAL B 313 -29.10 -3.71 -61.95
C VAL B 313 -29.12 -3.74 -61.92
N SER B 314 -27.89 -3.57 -61.43
CA SER B 314 -27.29 -4.54 -60.48
C SER B 314 -26.18 -3.87 -59.70
N THR B 315 -25.86 -4.44 -58.54
CA THR B 315 -24.75 -4.03 -57.66
C THR B 315 -24.07 -5.32 -57.16
N GLN B 316 -22.79 -5.24 -56.82
CA GLN B 316 -22.00 -6.41 -56.37
C GLN B 316 -20.88 -5.93 -55.44
N GLU B 317 -20.73 -6.55 -54.28
CA GLU B 317 -19.51 -6.47 -53.43
C GLU B 317 -18.55 -7.56 -53.89
N LYS B 318 -17.31 -7.20 -54.12
CA LYS B 318 -16.22 -8.15 -54.45
C LYS B 318 -15.10 -8.01 -53.42
N GLU B 319 -14.47 -9.13 -53.11
CA GLU B 319 -13.40 -9.23 -52.11
C GLU B 319 -12.20 -9.89 -52.77
N LEU B 320 -11.03 -9.72 -52.18
CA LEU B 320 -9.80 -10.39 -52.65
C LEU B 320 -10.02 -11.92 -52.63
N VAL B 321 -9.55 -12.58 -53.68
CA VAL B 321 -9.74 -14.04 -53.88
C VAL B 321 -9.17 -14.81 -52.67
N GLN B 322 -8.11 -14.30 -52.05
CA GLN B 322 -7.64 -14.80 -50.74
C GLN B 322 -7.64 -13.62 -49.77
N PRO B 323 -7.88 -13.83 -48.46
CA PRO B 323 -8.11 -12.71 -47.54
C PRO B 323 -6.95 -11.70 -47.53
N PHE B 324 -7.29 -10.42 -47.36
CA PHE B 324 -6.32 -9.31 -47.25
C PHE B 324 -5.21 -9.69 -46.26
N SER B 325 -5.58 -10.26 -45.12
CA SER B 325 -4.64 -10.60 -44.02
C SER B 325 -3.70 -11.75 -44.40
N SER B 326 -4.10 -12.64 -45.32
CA SER B 326 -3.26 -13.74 -45.86
C SER B 326 -2.28 -13.20 -46.91
N LEU B 327 -2.79 -12.38 -47.83
CA LEU B 327 -1.97 -11.83 -48.95
C LEU B 327 -0.92 -10.86 -48.39
N PHE B 328 -1.30 -10.03 -47.41
CA PHE B 328 -0.49 -8.88 -46.95
C PHE B 328 -0.41 -8.93 -45.42
N PRO B 329 0.25 -9.95 -44.86
CA PRO B 329 0.12 -10.26 -43.43
C PRO B 329 0.77 -9.24 -42.49
N LYS B 330 1.69 -8.39 -42.94
CA LYS B 330 2.34 -7.41 -42.04
C LYS B 330 1.72 -6.01 -42.20
N VAL B 331 0.65 -5.87 -42.99
CA VAL B 331 0.00 -4.55 -43.20
C VAL B 331 -0.87 -4.22 -41.99
N GLU B 332 -0.63 -3.06 -41.37
CA GLU B 332 -1.45 -2.50 -40.28
C GLU B 332 -2.35 -1.39 -40.83
N TYR B 333 -1.84 -0.57 -41.75
CA TYR B 333 -2.57 0.63 -42.24
C TYR B 333 -2.56 0.63 -43.75
N ILE B 334 -3.66 1.09 -44.33
CA ILE B 334 -3.67 1.57 -45.73
C ILE B 334 -3.49 3.09 -45.66
N ALA B 335 -2.35 3.59 -46.12
CA ALA B 335 -2.06 5.04 -46.09
C ALA B 335 -2.88 5.74 -47.17
N ARG B 336 -2.81 5.20 -48.39
CA ARG B 336 -3.36 5.84 -49.60
C ARG B 336 -3.80 4.73 -50.54
N ALA B 337 -4.67 5.06 -51.48
CA ALA B 337 -5.01 4.15 -52.57
C ALA B 337 -5.51 4.95 -53.77
N GLY B 338 -5.69 4.28 -54.89
CA GLY B 338 -6.19 4.91 -56.12
C GLY B 338 -6.13 3.93 -57.27
N TRP B 339 -6.10 4.47 -58.48
CA TRP B 339 -6.14 3.69 -59.74
C TRP B 339 -5.08 4.24 -60.68
N THR B 340 -4.58 3.39 -61.57
CA THR B 340 -3.90 3.84 -62.81
C THR B 340 -4.95 4.52 -63.69
N ARG B 341 -4.55 5.46 -64.56
CA ARG B 341 -5.48 6.33 -65.34
C ARG B 341 -6.32 5.51 -66.31
N ASP B 342 -5.85 4.34 -66.75
CA ASP B 342 -6.63 3.42 -67.63
C ASP B 342 -7.56 2.50 -66.82
N GLY B 343 -7.50 2.53 -65.49
CA GLY B 343 -8.30 1.64 -64.60
C GLY B 343 -7.81 0.20 -64.60
N LYS B 344 -6.64 -0.07 -65.18
CA LYS B 344 -6.11 -1.45 -65.32
C LYS B 344 -5.77 -1.99 -63.94
N TYR B 345 -5.24 -1.15 -63.06
CA TYR B 345 -4.81 -1.54 -61.70
C TYR B 345 -5.40 -0.56 -60.70
N ALA B 346 -5.97 -1.10 -59.62
CA ALA B 346 -6.06 -0.38 -58.32
C ALA B 346 -4.65 -0.37 -57.73
N TRP B 347 -4.34 0.60 -56.91
CA TRP B 347 -3.05 0.58 -56.16
C TRP B 347 -3.32 0.99 -54.73
N ALA B 348 -2.43 0.56 -53.83
CA ALA B 348 -2.49 0.95 -52.42
C ALA B 348 -1.08 1.11 -51.88
N MET B 349 -0.94 2.00 -50.92
N MET B 349 -0.92 2.03 -50.94
CA MET B 349 0.26 2.23 -50.11
CA MET B 349 0.29 2.21 -50.11
C MET B 349 0.01 1.61 -48.73
C MET B 349 -0.03 1.59 -48.75
N PHE B 350 0.74 0.57 -48.37
CA PHE B 350 0.57 -0.20 -47.11
C PHE B 350 1.71 0.12 -46.14
N LEU B 351 1.41 0.24 -44.85
CA LEU B 351 2.42 0.43 -43.76
C LEU B 351 2.32 -0.72 -42.78
N ASP B 352 3.44 -1.13 -42.20
CA ASP B 352 3.45 -2.07 -41.06
C ASP B 352 3.15 -1.24 -39.80
N ARG B 353 2.90 -1.94 -38.70
CA ARG B 353 2.51 -1.30 -37.43
C ARG B 353 3.67 -0.42 -36.92
N PRO B 354 4.94 -0.87 -36.94
CA PRO B 354 6.06 0.01 -36.56
C PRO B 354 6.24 1.25 -37.44
N GLN B 355 5.58 1.28 -38.60
CA GLN B 355 5.68 2.33 -39.63
C GLN B 355 7.14 2.49 -40.04
N GLN B 356 7.86 1.39 -40.22
CA GLN B 356 9.25 1.39 -40.74
C GLN B 356 9.32 0.71 -42.12
N TRP B 357 8.18 0.30 -42.67
CA TRP B 357 8.13 -0.51 -43.91
C TRP B 357 6.86 -0.13 -44.67
N LEU B 358 7.04 0.37 -45.88
CA LEU B 358 5.94 0.78 -46.79
C LEU B 358 6.05 -0.05 -48.06
N GLN B 359 4.90 -0.51 -48.57
CA GLN B 359 4.83 -1.14 -49.92
C GLN B 359 3.79 -0.42 -50.76
N LEU B 360 4.12 -0.17 -52.03
N LEU B 360 4.12 -0.22 -52.03
CA LEU B 360 3.16 0.26 -53.07
CA LEU B 360 3.18 0.25 -53.06
C LEU B 360 2.82 -0.98 -53.90
C LEU B 360 2.82 -0.98 -53.91
N VAL B 361 1.52 -1.31 -53.96
CA VAL B 361 1.01 -2.60 -54.50
C VAL B 361 -0.06 -2.31 -55.57
N LEU B 362 0.09 -2.90 -56.75
CA LEU B 362 -0.93 -2.90 -57.81
C LEU B 362 -1.86 -4.08 -57.55
N LEU B 363 -3.16 -3.87 -57.70
CA LEU B 363 -4.20 -4.91 -57.50
C LEU B 363 -5.09 -4.86 -58.72
N PRO B 364 -5.01 -5.83 -59.65
CA PRO B 364 -5.88 -5.83 -60.81
C PRO B 364 -7.30 -6.17 -60.36
N PRO B 365 -8.35 -5.58 -60.96
CA PRO B 365 -9.73 -5.97 -60.64
C PRO B 365 -10.03 -7.46 -60.71
N ALA B 366 -9.35 -8.23 -61.57
CA ALA B 366 -9.59 -9.69 -61.73
C ALA B 366 -9.20 -10.47 -60.44
N LEU B 367 -8.43 -9.88 -59.54
CA LEU B 367 -8.04 -10.51 -58.26
C LEU B 367 -9.21 -10.47 -57.26
N PHE B 368 -10.25 -9.66 -57.53
CA PHE B 368 -11.44 -9.54 -56.66
C PHE B 368 -12.56 -10.41 -57.23
N ILE B 369 -13.23 -11.19 -56.38
CA ILE B 369 -14.36 -12.09 -56.79
C ILE B 369 -15.62 -11.70 -56.03
N PRO B 370 -16.83 -12.00 -56.55
CA PRO B 370 -18.08 -11.70 -55.84
C PRO B 370 -18.08 -12.31 -54.43
N SER B 371 -18.41 -11.50 -53.44
CA SER B 371 -18.69 -11.94 -52.05
C SER B 371 -19.93 -12.83 -52.07
N THR B 372 -19.87 -13.98 -51.41
CA THR B 372 -20.99 -14.95 -51.35
C THR B 372 -20.86 -15.80 -50.08
N GLU B 373 -22.00 -16.27 -49.57
CA GLU B 373 -22.09 -17.27 -48.48
C GLU B 373 -22.03 -18.70 -49.05
N ASN B 374 -22.23 -18.85 -50.36
CA ASN B 374 -22.20 -20.15 -51.09
C ASN B 374 -20.75 -20.54 -51.34
N GLU B 375 -20.23 -21.52 -50.59
CA GLU B 375 -18.83 -22.01 -50.68
C GLU B 375 -18.52 -22.52 -52.09
N GLU B 376 -19.46 -23.18 -52.76
CA GLU B 376 -19.27 -23.76 -54.12
C GLU B 376 -19.09 -22.63 -55.13
N GLN B 377 -19.94 -21.59 -55.07
CA GLN B 377 -19.85 -20.41 -55.97
C GLN B 377 -18.52 -19.69 -55.73
N ARG B 378 -18.13 -19.51 -54.46
N ARG B 378 -18.13 -19.51 -54.47
CA ARG B 378 -16.89 -18.78 -54.09
CA ARG B 378 -16.89 -18.76 -54.11
C ARG B 378 -15.68 -19.51 -54.68
C ARG B 378 -15.68 -19.51 -54.68
N LEU B 379 -15.60 -20.83 -54.47
CA LEU B 379 -14.48 -21.66 -54.97
C LEU B 379 -14.46 -21.62 -56.51
N ALA B 380 -15.60 -21.69 -57.17
CA ALA B 380 -15.73 -21.58 -58.64
C ALA B 380 -15.14 -20.25 -59.10
N SER B 381 -15.49 -19.15 -58.44
CA SER B 381 -14.95 -17.80 -58.73
C SER B 381 -13.43 -17.79 -58.55
N ALA B 382 -12.92 -18.35 -57.45
CA ALA B 382 -11.47 -18.36 -57.11
C ALA B 382 -10.72 -19.14 -58.18
N ARG B 383 -11.24 -20.29 -58.58
CA ARG B 383 -10.66 -21.19 -59.60
C ARG B 383 -10.60 -20.51 -60.98
N ALA B 384 -11.55 -19.60 -61.28
CA ALA B 384 -11.65 -18.87 -62.57
C ALA B 384 -10.73 -17.63 -62.59
N VAL B 385 -10.09 -17.24 -61.49
CA VAL B 385 -9.10 -16.12 -61.53
C VAL B 385 -7.92 -16.60 -62.39
N PRO B 386 -7.57 -15.91 -63.49
CA PRO B 386 -6.43 -16.33 -64.33
C PRO B 386 -5.13 -16.48 -63.52
N ARG B 387 -4.33 -17.50 -63.84
CA ARG B 387 -3.09 -17.82 -63.09
C ARG B 387 -2.10 -16.63 -63.14
N ASN B 388 -2.12 -15.86 -64.22
CA ASN B 388 -1.21 -14.70 -64.45
C ASN B 388 -1.70 -13.43 -63.73
N VAL B 389 -2.82 -13.45 -63.02
CA VAL B 389 -3.33 -12.30 -62.21
C VAL B 389 -2.70 -12.38 -60.82
N GLN B 390 -2.18 -11.27 -60.31
CA GLN B 390 -1.59 -11.24 -58.95
C GLN B 390 -1.44 -9.81 -58.49
N PRO B 391 -1.20 -9.58 -57.17
CA PRO B 391 -0.67 -8.31 -56.71
C PRO B 391 0.76 -8.13 -57.25
N TYR B 392 1.14 -6.89 -57.49
CA TYR B 392 2.54 -6.52 -57.82
C TYR B 392 3.02 -5.48 -56.82
N VAL B 393 4.02 -5.83 -56.04
CA VAL B 393 4.72 -4.86 -55.15
C VAL B 393 5.75 -4.13 -56.02
N VAL B 394 5.43 -2.91 -56.46
CA VAL B 394 6.26 -2.14 -57.44
C VAL B 394 7.27 -1.26 -56.70
N TYR B 395 7.11 -1.08 -55.40
CA TYR B 395 8.07 -0.27 -54.61
C TYR B 395 7.97 -0.64 -53.14
N GLU B 396 9.11 -0.57 -52.47
CA GLU B 396 9.24 -0.84 -51.03
C GLU B 396 10.19 0.20 -50.44
N GLU B 397 9.79 0.80 -49.32
CA GLU B 397 10.60 1.80 -48.56
C GLU B 397 10.78 1.23 -47.15
N VAL B 398 12.02 1.14 -46.65
CA VAL B 398 12.34 0.64 -45.28
C VAL B 398 13.31 1.59 -44.60
N THR B 399 13.21 1.76 -43.28
CA THR B 399 14.05 2.72 -42.52
C THR B 399 14.21 2.23 -41.07
N ASN B 400 15.27 2.67 -40.43
CA ASN B 400 15.48 2.50 -38.97
C ASN B 400 14.92 3.73 -38.21
N VAL B 401 14.34 4.73 -38.89
CA VAL B 401 13.72 5.92 -38.25
C VAL B 401 12.19 5.70 -38.31
N TRP B 402 11.49 6.32 -39.25
CA TRP B 402 10.07 6.02 -39.55
C TRP B 402 9.76 6.46 -40.98
N ILE B 403 8.74 5.86 -41.56
CA ILE B 403 8.18 6.25 -42.88
C ILE B 403 7.24 7.44 -42.61
N ASN B 404 7.51 8.59 -43.21
CA ASN B 404 6.52 9.66 -43.39
C ASN B 404 5.75 9.31 -44.66
N VAL B 405 4.42 9.31 -44.59
CA VAL B 405 3.61 9.05 -45.81
C VAL B 405 3.74 10.27 -46.72
N HIS B 406 4.31 10.08 -47.91
CA HIS B 406 4.41 11.09 -48.99
C HIS B 406 3.38 10.76 -50.07
N ASP B 407 2.63 11.76 -50.52
CA ASP B 407 1.43 11.58 -51.36
C ASP B 407 1.81 11.37 -52.84
N ILE B 408 3.07 11.52 -53.23
CA ILE B 408 3.50 11.57 -54.66
C ILE B 408 3.77 10.15 -55.15
N PHE B 409 2.90 9.68 -56.02
CA PHE B 409 3.02 8.40 -56.75
C PHE B 409 2.30 8.62 -58.08
N TYR B 410 3.04 8.70 -59.18
CA TYR B 410 2.48 9.04 -60.51
C TYR B 410 2.84 7.93 -61.49
N PRO B 411 1.91 6.96 -61.72
CA PRO B 411 2.14 5.92 -62.72
C PRO B 411 1.92 6.46 -64.15
N PHE B 412 2.86 6.20 -65.04
CA PHE B 412 2.75 6.55 -66.47
C PHE B 412 1.88 5.50 -67.16
N PRO B 413 1.19 5.87 -68.28
CA PRO B 413 0.48 4.87 -69.08
C PRO B 413 1.45 3.80 -69.58
N GLN B 414 1.00 2.56 -69.60
CA GLN B 414 1.75 1.42 -70.18
C GLN B 414 1.38 1.31 -71.65
N SER B 415 2.29 0.82 -72.48
CA SER B 415 2.00 0.38 -73.87
C SER B 415 1.35 -1.01 -73.84
N GLU B 416 0.62 -1.39 -74.90
CA GLU B 416 0.08 -2.76 -75.13
C GLU B 416 1.25 -3.76 -75.18
N GLY B 417 1.11 -4.90 -74.48
CA GLY B 417 2.09 -6.00 -74.42
C GLY B 417 3.30 -5.69 -73.56
N GLU B 418 3.26 -4.63 -72.76
CA GLU B 418 4.42 -4.14 -71.99
C GLU B 418 4.27 -4.64 -70.55
N ASP B 419 5.26 -5.38 -70.05
CA ASP B 419 5.26 -6.04 -68.73
C ASP B 419 6.09 -5.18 -67.77
N GLU B 420 5.91 -3.86 -67.80
CA GLU B 420 6.57 -2.93 -66.88
C GLU B 420 5.66 -1.75 -66.58
N LEU B 421 5.92 -1.12 -65.44
CA LEU B 421 5.25 0.11 -65.00
C LEU B 421 6.35 1.12 -64.68
N CYS B 422 6.27 2.28 -65.33
CA CYS B 422 7.12 3.44 -65.01
C CYS B 422 6.29 4.38 -64.14
N PHE B 423 6.89 4.93 -63.09
CA PHE B 423 6.20 5.84 -62.15
C PHE B 423 7.20 6.83 -61.54
N LEU B 424 6.69 7.98 -61.16
CA LEU B 424 7.39 8.94 -60.30
C LEU B 424 7.00 8.65 -58.86
N ARG B 425 7.98 8.72 -57.97
CA ARG B 425 7.78 8.42 -56.52
C ARG B 425 8.63 9.39 -55.72
N ALA B 426 8.03 10.03 -54.70
CA ALA B 426 8.77 10.76 -53.64
C ALA B 426 9.26 9.72 -52.64
N ASN B 427 10.55 9.73 -52.31
CA ASN B 427 11.20 8.75 -51.41
C ASN B 427 12.16 9.53 -50.50
N GLU B 428 11.97 9.38 -49.20
CA GLU B 428 12.80 10.05 -48.17
C GLU B 428 13.81 9.07 -47.57
N CYS B 429 13.44 7.79 -47.41
CA CYS B 429 14.28 6.83 -46.64
C CYS B 429 15.60 6.55 -47.38
N LYS B 430 15.65 6.68 -48.71
CA LYS B 430 16.88 6.34 -49.48
C LYS B 430 18.06 7.22 -49.03
N THR B 431 17.91 8.56 -49.01
CA THR B 431 19.00 9.50 -48.65
C THR B 431 18.73 10.28 -47.34
N GLY B 432 17.56 10.14 -46.75
CA GLY B 432 17.18 10.89 -45.53
C GLY B 432 16.57 12.25 -45.85
N PHE B 433 16.40 12.56 -47.14
CA PHE B 433 15.71 13.76 -47.64
C PHE B 433 14.73 13.30 -48.71
N CYS B 434 13.53 13.87 -48.68
CA CYS B 434 12.44 13.52 -49.62
C CYS B 434 12.81 14.04 -51.03
N HIS B 435 12.98 13.12 -51.98
CA HIS B 435 13.38 13.42 -53.38
C HIS B 435 12.51 12.64 -54.37
N LEU B 436 12.50 13.15 -55.60
CA LEU B 436 11.73 12.56 -56.72
C LEU B 436 12.63 11.54 -57.43
N TYR B 437 12.07 10.38 -57.69
CA TYR B 437 12.72 9.27 -58.44
C TYR B 437 11.79 8.82 -59.57
N LYS B 438 12.37 8.52 -60.71
CA LYS B 438 11.67 7.84 -61.81
C LYS B 438 12.05 6.36 -61.73
N VAL B 439 11.06 5.52 -61.55
CA VAL B 439 11.23 4.08 -61.23
C VAL B 439 10.54 3.28 -62.32
N THR B 440 11.21 2.25 -62.81
CA THR B 440 10.60 1.25 -63.71
C THR B 440 10.64 -0.11 -63.02
N ALA B 441 9.46 -0.67 -62.76
CA ALA B 441 9.25 -2.00 -62.18
C ALA B 441 8.88 -2.98 -63.31
N VAL B 442 9.39 -4.21 -63.22
CA VAL B 442 9.02 -5.31 -64.15
C VAL B 442 7.84 -6.08 -63.51
N LEU B 443 6.74 -6.18 -64.24
CA LEU B 443 5.52 -6.92 -63.80
C LEU B 443 5.56 -8.29 -64.46
N LYS B 444 6.11 -9.28 -63.76
CA LYS B 444 6.21 -10.67 -64.27
C LYS B 444 5.30 -11.55 -63.41
N SER B 445 4.37 -12.25 -64.06
CA SER B 445 3.44 -13.23 -63.46
C SER B 445 4.23 -14.48 -63.06
N GLN B 446 4.20 -14.84 -61.78
CA GLN B 446 4.75 -16.11 -61.24
C GLN B 446 3.83 -17.29 -61.62
N GLY B 447 2.52 -17.05 -61.75
CA GLY B 447 1.50 -18.10 -61.91
C GLY B 447 1.04 -18.59 -60.55
N TYR B 448 -0.22 -18.40 -60.20
CA TYR B 448 -0.83 -18.80 -58.91
C TYR B 448 -2.14 -19.53 -59.18
N ASP B 449 -2.35 -20.63 -58.46
CA ASP B 449 -3.68 -21.29 -58.32
C ASP B 449 -4.39 -20.62 -57.15
N TRP B 450 -5.28 -19.68 -57.44
CA TRP B 450 -5.93 -18.83 -56.40
C TRP B 450 -6.99 -19.61 -55.62
N SER B 451 -7.41 -20.79 -56.07
CA SER B 451 -8.33 -21.68 -55.30
C SER B 451 -7.57 -22.42 -54.19
N GLU B 452 -6.23 -22.46 -54.22
CA GLU B 452 -5.40 -23.24 -53.27
C GLU B 452 -4.85 -22.21 -52.28
N PRO B 453 -5.34 -22.16 -51.02
CA PRO B 453 -4.85 -21.16 -50.07
C PRO B 453 -3.35 -21.34 -49.82
N PHE B 454 -2.63 -20.23 -49.63
CA PHE B 454 -1.18 -20.19 -49.28
C PHE B 454 -0.88 -18.95 -48.42
N SER B 455 0.28 -18.98 -47.76
CA SER B 455 0.74 -17.91 -46.84
C SER B 455 1.92 -17.24 -47.53
N PRO B 456 1.71 -16.23 -48.40
CA PRO B 456 2.83 -15.56 -49.05
C PRO B 456 3.58 -14.77 -47.97
N GLY B 457 4.90 -14.80 -48.05
CA GLY B 457 5.78 -13.85 -47.36
C GLY B 457 5.75 -12.46 -48.00
N GLU B 458 6.60 -11.60 -47.49
CA GLU B 458 6.64 -10.15 -47.79
C GLU B 458 7.17 -9.95 -49.22
N ASP B 459 8.09 -10.82 -49.66
CA ASP B 459 8.81 -10.72 -50.96
C ASP B 459 8.02 -11.38 -52.09
N GLU B 460 6.91 -12.06 -51.80
CA GLU B 460 6.26 -12.96 -52.77
C GLU B 460 5.97 -12.25 -54.11
N PHE B 461 5.36 -11.08 -54.03
CA PHE B 461 4.82 -10.31 -55.18
C PHE B 461 5.77 -9.18 -55.55
N LYS B 462 7.01 -9.20 -55.03
CA LYS B 462 8.00 -8.13 -55.24
C LYS B 462 8.43 -8.11 -56.72
N CYS B 463 8.37 -6.94 -57.33
CA CYS B 463 8.79 -6.69 -58.74
C CYS B 463 10.27 -6.32 -58.79
N PRO B 464 11.06 -6.91 -59.70
CA PRO B 464 12.38 -6.38 -60.02
C PRO B 464 12.29 -4.89 -60.43
N ILE B 465 13.27 -4.09 -60.02
CA ILE B 465 13.40 -2.67 -60.45
C ILE B 465 14.43 -2.64 -61.57
N LYS B 466 13.98 -2.33 -62.78
CA LYS B 466 14.83 -2.23 -64.00
C LYS B 466 15.66 -0.93 -63.93
N GLU B 467 15.07 0.14 -63.41
CA GLU B 467 15.71 1.48 -63.42
C GLU B 467 15.15 2.30 -62.26
N GLU B 468 16.00 3.06 -61.57
CA GLU B 468 15.59 4.03 -60.53
C GLU B 468 16.50 5.27 -60.64
N ILE B 469 15.98 6.35 -61.22
CA ILE B 469 16.73 7.59 -61.55
C ILE B 469 16.35 8.64 -60.50
N ALA B 470 17.31 9.23 -59.78
CA ALA B 470 17.08 10.42 -58.93
C ALA B 470 16.85 11.62 -59.84
N LEU B 471 15.68 12.23 -59.79
CA LEU B 471 15.42 13.50 -60.52
C LEU B 471 15.89 14.69 -59.69
N THR B 472 15.88 14.57 -58.37
CA THR B 472 16.32 15.63 -57.43
C THR B 472 17.25 14.98 -56.40
N SER B 473 18.20 15.75 -55.87
CA SER B 473 19.05 15.29 -54.75
C SER B 473 19.60 16.47 -53.95
N GLY B 474 20.12 16.18 -52.76
CA GLY B 474 20.78 17.16 -51.88
C GLY B 474 20.10 17.26 -50.53
N GLU B 475 20.60 18.18 -49.70
CA GLU B 475 20.18 18.35 -48.29
C GLU B 475 19.04 19.36 -48.26
N TRP B 476 17.96 19.01 -48.94
CA TRP B 476 16.70 19.80 -48.99
C TRP B 476 15.61 18.81 -49.40
N GLU B 477 14.35 19.22 -49.38
CA GLU B 477 13.18 18.31 -49.52
C GLU B 477 12.29 18.73 -50.69
N VAL B 478 11.78 17.75 -51.41
CA VAL B 478 10.53 17.90 -52.20
C VAL B 478 9.38 17.82 -51.19
N LEU B 479 8.42 18.73 -51.30
CA LEU B 479 7.23 18.77 -50.44
C LEU B 479 6.19 17.81 -50.97
N ALA B 480 5.77 16.86 -50.15
CA ALA B 480 4.91 15.73 -50.61
C ALA B 480 3.79 15.43 -49.60
N ARG B 481 3.50 16.35 -48.69
CA ARG B 481 2.57 16.11 -47.56
C ARG B 481 1.64 17.30 -47.41
N HIS B 482 0.50 17.06 -46.77
CA HIS B 482 -0.42 18.11 -46.28
C HIS B 482 -0.82 19.04 -47.42
N GLY B 483 -1.16 18.49 -48.59
CA GLY B 483 -1.65 19.24 -49.75
C GLY B 483 -0.60 19.44 -50.84
N SER B 484 0.68 19.26 -50.56
CA SER B 484 1.75 19.41 -51.57
C SER B 484 1.67 18.26 -52.56
N LYS B 485 1.86 18.53 -53.85
CA LYS B 485 1.71 17.52 -54.93
C LYS B 485 2.70 17.83 -56.05
N ILE B 486 2.72 16.96 -57.07
CA ILE B 486 3.47 17.24 -58.32
C ILE B 486 2.45 17.40 -59.43
N TRP B 487 2.87 18.05 -60.49
CA TRP B 487 2.12 18.16 -61.75
C TRP B 487 3.05 17.72 -62.87
N VAL B 488 2.59 16.79 -63.71
CA VAL B 488 3.42 16.09 -64.72
C VAL B 488 2.87 16.45 -66.11
N ASN B 489 3.68 17.10 -66.94
CA ASN B 489 3.39 17.37 -68.37
C ASN B 489 4.06 16.26 -69.20
N GLU B 490 3.27 15.27 -69.66
CA GLU B 490 3.79 14.10 -70.42
C GLU B 490 4.17 14.51 -71.85
N GLU B 491 3.68 15.65 -72.36
CA GLU B 491 4.09 16.15 -73.71
C GLU B 491 5.53 16.70 -73.62
N THR B 492 5.89 17.45 -72.58
CA THR B 492 7.23 18.12 -72.47
C THR B 492 8.20 17.30 -71.61
N LYS B 493 7.71 16.26 -70.93
CA LYS B 493 8.48 15.36 -70.04
C LYS B 493 9.03 16.15 -68.85
N LEU B 494 8.23 17.08 -68.32
CA LEU B 494 8.59 17.92 -67.15
C LEU B 494 7.68 17.57 -65.98
N VAL B 495 8.27 17.57 -64.78
CA VAL B 495 7.51 17.45 -63.51
C VAL B 495 7.76 18.74 -62.74
N TYR B 496 6.65 19.36 -62.33
CA TYR B 496 6.60 20.55 -61.47
C TYR B 496 6.36 20.06 -60.05
N PHE B 497 7.11 20.63 -59.11
CA PHE B 497 7.07 20.22 -57.69
C PHE B 497 7.40 21.43 -56.81
N GLN B 498 7.06 21.32 -55.52
CA GLN B 498 7.46 22.32 -54.53
C GLN B 498 8.56 21.74 -53.66
N GLY B 499 9.42 22.62 -53.16
CA GLY B 499 10.59 22.20 -52.38
C GLY B 499 11.22 23.32 -51.59
N THR B 500 12.20 22.92 -50.78
CA THR B 500 13.02 23.78 -49.91
C THR B 500 14.44 23.91 -50.46
N LYS B 501 14.65 23.73 -51.77
CA LYS B 501 16.02 23.76 -52.38
C LYS B 501 16.73 25.09 -52.09
N ASP B 502 16.03 26.21 -52.18
CA ASP B 502 16.64 27.57 -51.96
C ASP B 502 16.95 27.81 -50.47
N THR B 503 16.08 27.35 -49.58
CA THR B 503 16.20 27.56 -48.12
C THR B 503 15.09 26.76 -47.43
N PRO B 504 15.36 26.18 -46.25
CA PRO B 504 14.30 25.54 -45.46
C PRO B 504 13.24 26.54 -44.98
N LEU B 505 13.47 27.86 -45.11
CA LEU B 505 12.53 28.91 -44.64
C LEU B 505 11.46 29.26 -45.69
N GLU B 506 11.57 28.77 -46.91
CA GLU B 506 10.64 29.16 -48.01
C GLU B 506 10.28 27.92 -48.82
N HIS B 507 8.99 27.80 -49.15
CA HIS B 507 8.47 26.84 -50.16
C HIS B 507 8.50 27.55 -51.50
N HIS B 508 9.08 26.89 -52.52
CA HIS B 508 9.16 27.39 -53.90
C HIS B 508 8.62 26.35 -54.88
N LEU B 509 8.19 26.80 -56.05
CA LEU B 509 7.80 25.93 -57.18
C LEU B 509 9.03 25.75 -58.08
N TYR B 510 9.29 24.51 -58.48
CA TYR B 510 10.43 24.12 -59.34
C TYR B 510 9.93 23.24 -60.48
N VAL B 511 10.75 23.11 -61.50
CA VAL B 511 10.47 22.20 -62.64
C VAL B 511 11.78 21.51 -63.00
N VAL B 512 11.69 20.23 -63.35
CA VAL B 512 12.82 19.38 -63.78
C VAL B 512 12.29 18.43 -64.85
N SER B 513 13.15 18.05 -65.79
CA SER B 513 12.84 17.00 -66.79
C SER B 513 12.83 15.65 -66.07
N TYR B 514 11.84 14.78 -66.31
CA TYR B 514 11.92 13.37 -65.86
C TYR B 514 12.53 12.49 -66.97
N GLU B 515 12.75 13.02 -68.18
CA GLU B 515 13.37 12.27 -69.31
C GLU B 515 14.89 12.37 -69.16
N ALA B 516 15.40 13.60 -69.13
CA ALA B 516 16.84 13.95 -69.08
C ALA B 516 17.09 14.79 -67.82
N ALA B 517 16.98 14.18 -66.65
CA ALA B 517 17.11 14.82 -65.31
C ALA B 517 18.40 15.65 -65.28
N GLY B 518 18.29 16.94 -65.03
CA GLY B 518 19.45 17.85 -64.98
C GLY B 518 19.10 19.11 -64.23
N GLU B 519 19.06 20.23 -64.95
CA GLU B 519 18.80 21.57 -64.38
C GLU B 519 17.40 21.58 -63.72
N ILE B 520 17.35 22.05 -62.50
CA ILE B 520 16.08 22.41 -61.79
C ILE B 520 15.89 23.92 -61.95
N VAL B 521 14.74 24.35 -62.50
CA VAL B 521 14.38 25.78 -62.66
C VAL B 521 13.39 26.17 -61.55
N ARG B 522 13.66 27.25 -60.84
CA ARG B 522 12.73 27.83 -59.83
C ARG B 522 11.79 28.79 -60.56
N LEU B 523 10.49 28.70 -60.30
CA LEU B 523 9.43 29.49 -60.98
C LEU B 523 8.83 30.57 -60.07
N THR B 524 9.07 30.50 -58.76
CA THR B 524 8.53 31.48 -57.77
C THR B 524 9.60 32.49 -57.34
N THR B 525 9.14 33.64 -56.87
CA THR B 525 9.96 34.79 -56.42
C THR B 525 10.66 34.47 -55.11
N PRO B 526 12.01 34.51 -55.05
CA PRO B 526 12.73 34.37 -53.77
C PRO B 526 12.35 35.50 -52.80
N GLY B 527 12.50 35.23 -51.51
CA GLY B 527 12.17 36.21 -50.44
C GLY B 527 10.72 36.07 -49.95
N PHE B 528 9.99 35.08 -50.45
CA PHE B 528 8.62 34.72 -50.02
C PHE B 528 8.50 33.19 -49.94
N SER B 529 7.55 32.70 -49.15
CA SER B 529 7.14 31.28 -49.11
C SER B 529 5.85 31.13 -49.90
N HIS B 530 5.82 30.20 -50.84
CA HIS B 530 4.77 30.06 -51.89
C HIS B 530 3.92 28.80 -51.68
N SER B 531 2.61 28.91 -51.92
CA SER B 531 1.67 27.78 -52.05
C SER B 531 1.01 27.85 -53.43
N CYS B 532 1.34 26.93 -54.33
CA CYS B 532 1.06 27.04 -55.79
C CYS B 532 0.04 26.01 -56.24
N SER B 533 -0.71 26.38 -57.27
CA SER B 533 -1.72 25.58 -57.99
C SER B 533 -1.45 25.75 -59.48
N MET B 534 -1.24 24.64 -60.18
N MET B 534 -1.26 24.66 -60.20
CA MET B 534 -0.83 24.62 -61.60
CA MET B 534 -0.80 24.67 -61.61
C MET B 534 -2.01 24.18 -62.45
C MET B 534 -1.95 24.15 -62.48
N SER B 535 -2.22 24.83 -63.59
CA SER B 535 -3.18 24.37 -64.62
C SER B 535 -2.71 23.01 -65.15
N GLN B 536 -3.66 22.10 -65.37
CA GLN B 536 -3.42 20.80 -66.03
C GLN B 536 -3.00 21.00 -67.50
N ASN B 537 -3.10 22.21 -68.05
CA ASN B 537 -2.61 22.55 -69.42
C ASN B 537 -1.21 23.20 -69.34
N PHE B 538 -0.65 23.41 -68.15
CA PHE B 538 0.74 23.90 -67.95
C PHE B 538 0.94 25.24 -68.67
N ASP B 539 -0.12 26.02 -68.79
CA ASP B 539 -0.08 27.38 -69.42
C ASP B 539 -0.04 28.45 -68.34
N MET B 540 -0.53 28.15 -67.13
N MET B 540 -0.53 28.15 -67.13
CA MET B 540 -0.62 29.16 -66.04
CA MET B 540 -0.69 29.16 -66.06
C MET B 540 -0.65 28.48 -64.69
C MET B 540 -0.67 28.49 -64.68
N PHE B 541 -0.33 29.27 -63.67
CA PHE B 541 -0.36 28.82 -62.27
C PHE B 541 -0.66 30.02 -61.38
N VAL B 542 -1.14 29.70 -60.19
CA VAL B 542 -1.44 30.66 -59.11
C VAL B 542 -0.39 30.41 -58.03
N SER B 543 0.11 31.47 -57.42
CA SER B 543 0.85 31.40 -56.15
C SER B 543 0.15 32.26 -55.10
N HIS B 544 -0.13 31.64 -53.95
CA HIS B 544 -0.51 32.26 -52.69
C HIS B 544 0.77 32.36 -51.88
N TYR B 545 1.29 33.56 -51.65
CA TYR B 545 2.61 33.71 -50.99
C TYR B 545 2.65 34.90 -50.05
N SER B 546 3.62 34.84 -49.13
CA SER B 546 3.86 35.88 -48.12
C SER B 546 5.33 35.82 -47.66
N SER B 547 5.69 36.78 -46.85
CA SER B 547 6.99 36.83 -46.14
C SER B 547 6.72 37.23 -44.69
N VAL B 548 7.73 37.14 -43.83
N VAL B 548 7.73 37.14 -43.81
CA VAL B 548 7.61 37.56 -42.40
CA VAL B 548 7.57 37.58 -42.39
C VAL B 548 7.15 39.03 -42.34
C VAL B 548 7.10 39.04 -42.35
N SER B 549 7.55 39.88 -43.29
CA SER B 549 7.20 41.34 -43.27
C SER B 549 5.92 41.66 -44.05
N THR B 550 5.42 40.77 -44.89
CA THR B 550 4.44 41.15 -45.95
C THR B 550 3.25 40.19 -45.89
N PRO B 551 2.03 40.68 -45.60
CA PRO B 551 0.83 39.84 -45.64
C PRO B 551 0.66 39.14 -46.99
N PRO B 552 -0.13 38.05 -47.03
CA PRO B 552 -0.26 37.23 -48.22
C PRO B 552 -0.88 37.98 -49.41
N CYS B 553 -0.45 37.60 -50.61
CA CYS B 553 -1.05 37.98 -51.89
C CYS B 553 -1.33 36.69 -52.69
N VAL B 554 -2.19 36.79 -53.69
CA VAL B 554 -2.47 35.68 -54.63
C VAL B 554 -2.29 36.23 -56.03
N HIS B 555 -1.28 35.72 -56.74
CA HIS B 555 -0.88 36.19 -58.10
C HIS B 555 -1.04 35.04 -59.11
N VAL B 556 -1.44 35.42 -60.32
CA VAL B 556 -1.59 34.50 -61.47
C VAL B 556 -0.42 34.76 -62.41
N TYR B 557 0.22 33.67 -62.86
CA TYR B 557 1.40 33.69 -63.76
C TYR B 557 1.06 32.92 -65.02
N LYS B 558 1.55 33.41 -66.16
CA LYS B 558 1.41 32.73 -67.48
C LYS B 558 2.81 32.18 -67.77
N LEU B 559 2.93 30.87 -68.03
CA LEU B 559 4.20 30.25 -68.50
C LEU B 559 4.38 30.58 -69.99
N SER B 560 5.38 31.41 -70.31
CA SER B 560 5.53 32.07 -71.63
C SER B 560 6.94 31.81 -72.19
N GLY B 561 7.04 31.78 -73.51
CA GLY B 561 8.31 31.64 -74.25
C GLY B 561 8.23 30.54 -75.29
N PRO B 562 9.31 30.31 -76.06
CA PRO B 562 9.33 29.30 -77.12
C PRO B 562 8.90 27.91 -76.63
N ASP B 563 8.01 27.27 -77.41
CA ASP B 563 7.51 25.89 -77.13
C ASP B 563 8.65 24.87 -77.28
N ASP B 564 9.73 25.19 -78.01
CA ASP B 564 10.88 24.26 -78.19
C ASP B 564 11.81 24.29 -76.96
N ASP B 565 11.56 25.14 -75.95
CA ASP B 565 12.38 25.27 -74.72
C ASP B 565 11.46 25.25 -73.48
N PRO B 566 10.67 24.18 -73.25
CA PRO B 566 9.69 24.16 -72.17
C PRO B 566 10.29 24.29 -70.75
N LEU B 567 11.50 23.79 -70.52
CA LEU B 567 12.14 23.84 -69.17
C LEU B 567 12.38 25.30 -68.78
N HIS B 568 12.61 26.19 -69.75
CA HIS B 568 12.97 27.62 -69.51
C HIS B 568 11.80 28.57 -69.82
N LYS B 569 10.56 28.08 -69.82
CA LYS B 569 9.36 28.96 -69.84
C LYS B 569 9.48 29.98 -68.70
N GLN B 570 9.19 31.25 -68.98
CA GLN B 570 9.17 32.36 -67.98
C GLN B 570 7.87 32.32 -67.20
N PRO B 571 7.89 32.41 -65.86
CA PRO B 571 6.66 32.64 -65.12
C PRO B 571 6.30 34.14 -65.20
N ARG B 572 5.55 34.56 -66.22
CA ARG B 572 5.24 35.99 -66.49
C ARG B 572 4.10 36.40 -65.56
N PHE B 573 4.32 37.34 -64.64
CA PHE B 573 3.25 37.94 -63.82
C PHE B 573 2.12 38.38 -64.76
N TRP B 574 0.90 37.93 -64.49
CA TRP B 574 -0.26 38.16 -65.39
C TRP B 574 -1.28 39.06 -64.72
N ALA B 575 -1.73 38.71 -63.52
CA ALA B 575 -2.78 39.44 -62.78
C ALA B 575 -2.75 39.06 -61.31
N SER B 576 -3.34 39.92 -60.48
CA SER B 576 -3.51 39.68 -59.04
C SER B 576 -4.96 39.26 -58.77
N MET B 577 -5.15 38.24 -57.93
N MET B 577 -5.14 38.22 -57.94
CA MET B 577 -6.46 37.92 -57.31
CA MET B 577 -6.42 37.83 -57.31
C MET B 577 -6.58 38.58 -55.93
C MET B 577 -6.57 38.54 -55.95
N MET B 578 -5.45 38.91 -55.30
CA MET B 578 -5.48 39.54 -53.96
C MET B 578 -4.14 40.22 -53.72
N GLU B 579 -4.17 41.53 -53.52
CA GLU B 579 -2.97 42.30 -53.11
C GLU B 579 -2.77 42.16 -51.60
N ALA B 580 -1.51 42.27 -51.17
CA ALA B 580 -1.13 42.21 -49.73
C ALA B 580 -1.88 43.30 -48.99
N ALA B 581 -2.60 42.95 -47.92
CA ALA B 581 -3.14 43.92 -46.93
C ALA B 581 -1.98 44.79 -46.44
N SER B 582 -2.25 46.07 -46.12
CA SER B 582 -1.24 46.97 -45.52
C SER B 582 -0.80 46.36 -44.18
N CYS B 583 0.50 46.35 -43.93
CA CYS B 583 1.05 45.94 -42.61
C CYS B 583 0.58 46.99 -41.61
N PRO B 584 -0.24 46.64 -40.58
CA PRO B 584 -0.68 47.62 -39.59
C PRO B 584 0.49 48.35 -38.90
N PRO B 585 0.36 49.63 -38.51
CA PRO B 585 1.48 50.36 -37.87
C PRO B 585 1.88 49.77 -36.49
N ASP B 586 0.92 49.17 -35.76
CA ASP B 586 1.17 48.51 -34.45
C ASP B 586 1.62 47.05 -34.62
N TYR B 587 1.62 46.49 -35.83
CA TYR B 587 2.25 45.17 -36.08
C TYR B 587 3.73 45.38 -36.41
N VAL B 588 4.60 44.72 -35.66
CA VAL B 588 6.05 44.62 -35.97
C VAL B 588 6.37 43.15 -36.24
N PRO B 589 6.86 42.79 -37.45
CA PRO B 589 7.22 41.41 -37.75
C PRO B 589 8.30 40.88 -36.80
N PRO B 590 8.29 39.57 -36.48
CA PRO B 590 9.40 38.98 -35.75
C PRO B 590 10.64 38.98 -36.66
N GLU B 591 11.82 38.84 -36.05
CA GLU B 591 13.11 38.70 -36.77
C GLU B 591 13.53 37.22 -36.75
N ILE B 592 13.91 36.68 -37.90
CA ILE B 592 14.45 35.29 -38.00
C ILE B 592 15.96 35.35 -37.70
N PHE B 593 16.45 34.41 -36.92
CA PHE B 593 17.91 34.20 -36.70
C PHE B 593 18.20 32.70 -36.83
N HIS B 594 19.48 32.37 -36.89
CA HIS B 594 19.94 30.98 -36.74
C HIS B 594 21.20 30.97 -35.89
N PHE B 595 21.49 29.82 -35.30
CA PHE B 595 22.71 29.58 -34.52
C PHE B 595 23.06 28.10 -34.65
N HIS B 596 24.26 27.77 -34.25
CA HIS B 596 24.79 26.39 -34.19
C HIS B 596 24.82 25.99 -32.73
N THR B 597 24.22 24.85 -32.43
CA THR B 597 24.25 24.23 -31.09
C THR B 597 25.69 23.80 -30.78
N ARG B 598 25.97 23.43 -29.53
CA ARG B 598 27.28 22.89 -29.08
C ARG B 598 27.63 21.63 -29.89
N SER B 599 26.65 20.86 -30.33
CA SER B 599 26.81 19.68 -31.23
C SER B 599 26.91 20.08 -32.72
N ASP B 600 26.89 21.37 -33.04
CA ASP B 600 27.09 21.93 -34.41
C ASP B 600 25.89 21.61 -35.31
N VAL B 601 24.67 21.61 -34.76
CA VAL B 601 23.42 21.56 -35.55
C VAL B 601 22.96 23.00 -35.74
N ARG B 602 22.57 23.37 -36.97
CA ARG B 602 21.94 24.68 -37.23
C ARG B 602 20.48 24.65 -36.80
N LEU B 603 20.08 25.56 -35.90
CA LEU B 603 18.66 25.78 -35.55
C LEU B 603 18.26 27.19 -35.96
N TYR B 604 17.04 27.34 -36.45
CA TYR B 604 16.38 28.62 -36.74
C TYR B 604 15.43 28.97 -35.60
N GLY B 605 15.29 30.27 -35.39
CA GLY B 605 14.40 30.84 -34.39
C GLY B 605 13.85 32.15 -34.87
N MET B 606 12.90 32.67 -34.12
CA MET B 606 12.30 33.99 -34.35
C MET B 606 12.27 34.73 -33.02
N ILE B 607 12.41 36.04 -33.08
N ILE B 607 12.42 36.04 -33.07
CA ILE B 607 12.30 36.91 -31.88
CA ILE B 607 12.31 36.93 -31.89
C ILE B 607 11.35 38.07 -32.21
C ILE B 607 11.35 38.06 -32.22
N TYR B 608 10.30 38.20 -31.41
CA TYR B 608 9.46 39.42 -31.35
C TYR B 608 10.14 40.35 -30.35
N LYS B 609 10.79 41.38 -30.86
CA LYS B 609 11.50 42.37 -30.02
C LYS B 609 10.43 43.15 -29.28
N PRO B 610 10.64 43.51 -28.00
CA PRO B 610 9.74 44.46 -27.32
C PRO B 610 9.56 45.69 -28.22
N HIS B 611 8.33 46.17 -28.35
CA HIS B 611 8.03 47.38 -29.16
C HIS B 611 8.67 48.60 -28.49
N ALA B 612 9.10 49.57 -29.29
CA ALA B 612 9.72 50.83 -28.79
C ALA B 612 10.90 50.46 -27.87
N LEU B 613 11.73 49.50 -28.32
CA LEU B 613 12.88 48.96 -27.55
C LEU B 613 13.90 50.09 -27.27
N GLN B 614 14.38 50.14 -26.04
CA GLN B 614 15.43 51.08 -25.58
C GLN B 614 16.68 50.24 -25.31
N PRO B 615 17.88 50.74 -25.63
CA PRO B 615 19.12 50.04 -25.28
C PRO B 615 19.35 49.96 -23.76
N GLY B 616 20.05 48.93 -23.30
CA GLY B 616 20.49 48.80 -21.90
C GLY B 616 19.37 48.29 -21.01
N LYS B 617 18.37 47.60 -21.57
CA LYS B 617 17.19 47.13 -20.79
C LYS B 617 16.92 45.66 -21.09
N LYS B 618 16.70 44.86 -20.05
N LYS B 618 16.70 44.85 -20.06
CA LYS B 618 16.37 43.41 -20.16
CA LYS B 618 16.39 43.41 -20.20
C LYS B 618 14.90 43.20 -19.82
C LYS B 618 14.91 43.20 -19.83
N HIS B 619 14.19 42.52 -20.72
CA HIS B 619 12.72 42.40 -20.73
C HIS B 619 12.29 41.00 -20.27
N PRO B 620 11.11 40.89 -19.62
CA PRO B 620 10.52 39.59 -19.34
C PRO B 620 10.19 38.96 -20.71
N THR B 621 10.35 37.65 -20.79
CA THR B 621 10.39 36.90 -22.06
C THR B 621 9.41 35.74 -22.01
N VAL B 622 8.68 35.55 -23.11
CA VAL B 622 7.83 34.35 -23.34
C VAL B 622 8.54 33.49 -24.39
N LEU B 623 8.98 32.30 -23.99
CA LEU B 623 9.37 31.23 -24.94
C LEU B 623 8.08 30.53 -25.39
N PHE B 624 7.66 30.82 -26.60
CA PHE B 624 6.49 30.21 -27.25
C PHE B 624 6.99 28.94 -27.95
N VAL B 625 6.46 27.79 -27.55
CA VAL B 625 6.98 26.47 -27.98
C VAL B 625 5.85 25.62 -28.58
N TYR B 626 6.14 24.94 -29.69
CA TYR B 626 5.38 23.75 -30.15
C TYR B 626 6.33 22.55 -29.98
N GLY B 627 7.35 22.46 -30.85
CA GLY B 627 8.54 21.62 -30.65
C GLY B 627 8.36 20.18 -31.08
N GLY B 628 7.21 19.80 -31.59
CA GLY B 628 6.87 18.41 -31.96
C GLY B 628 7.11 18.12 -33.43
N PRO B 629 7.07 16.83 -33.83
CA PRO B 629 7.26 16.48 -35.24
C PRO B 629 6.13 17.01 -36.11
N GLN B 630 6.43 17.17 -37.40
CA GLN B 630 5.52 17.53 -38.52
C GLN B 630 5.18 19.02 -38.51
N VAL B 631 5.80 19.82 -37.65
CA VAL B 631 5.55 21.27 -37.60
C VAL B 631 6.89 22.01 -37.67
N GLN B 632 6.90 23.08 -38.42
CA GLN B 632 7.96 24.10 -38.48
C GLN B 632 7.31 25.44 -38.18
N LEU B 633 7.61 26.03 -37.02
CA LEU B 633 7.04 27.37 -36.66
C LEU B 633 7.83 28.48 -37.36
N VAL B 634 9.14 28.28 -37.60
CA VAL B 634 10.04 29.37 -38.06
C VAL B 634 10.27 29.22 -39.56
N ASN B 635 9.69 30.13 -40.31
CA ASN B 635 9.88 30.22 -41.77
C ASN B 635 9.55 31.64 -42.22
N ASN B 636 9.90 31.94 -43.46
CA ASN B 636 9.71 33.27 -44.07
C ASN B 636 8.30 33.36 -44.66
N SER B 637 7.30 33.40 -43.78
CA SER B 637 5.86 33.60 -44.14
C SER B 637 5.23 34.49 -43.08
N PHE B 638 4.12 35.12 -43.43
CA PHE B 638 3.49 36.14 -42.57
C PHE B 638 2.84 35.45 -41.37
N LYS B 639 3.21 35.90 -40.16
CA LYS B 639 2.75 35.31 -38.89
C LYS B 639 1.63 36.14 -38.22
N GLY B 640 1.33 37.33 -38.71
CA GLY B 640 0.42 38.28 -38.04
C GLY B 640 -1.05 37.87 -38.04
N ILE B 641 -1.46 36.94 -38.90
CA ILE B 641 -2.90 36.48 -38.95
C ILE B 641 -3.06 35.44 -37.85
N LYS B 642 -2.19 34.44 -37.80
CA LYS B 642 -2.32 33.27 -36.90
C LYS B 642 -1.73 33.59 -35.51
N TYR B 643 -0.71 34.45 -35.43
CA TYR B 643 0.06 34.68 -34.18
C TYR B 643 0.02 36.15 -33.79
N LEU B 644 -1.09 36.85 -34.06
CA LEU B 644 -1.24 38.27 -33.66
C LEU B 644 -0.96 38.41 -32.16
N ARG B 645 -1.35 37.43 -31.33
CA ARG B 645 -1.19 37.53 -29.85
C ARG B 645 0.27 37.66 -29.44
N LEU B 646 1.22 37.17 -30.24
CA LEU B 646 2.66 37.29 -29.92
C LEU B 646 3.09 38.75 -30.15
N ASN B 647 2.56 39.42 -31.19
CA ASN B 647 2.78 40.86 -31.42
C ASN B 647 2.20 41.63 -30.23
N THR B 648 1.03 41.24 -29.72
CA THR B 648 0.37 41.93 -28.57
C THR B 648 1.30 41.83 -27.35
N LEU B 649 1.86 40.65 -27.08
CA LEU B 649 2.82 40.48 -25.96
C LEU B 649 4.01 41.45 -26.13
N ALA B 650 4.59 41.49 -27.33
CA ALA B 650 5.73 42.38 -27.65
C ALA B 650 5.33 43.86 -27.48
N SER B 651 4.10 44.22 -27.82
CA SER B 651 3.60 45.61 -27.69
C SER B 651 3.57 46.05 -26.22
N LEU B 652 3.41 45.12 -25.27
CA LEU B 652 3.41 45.42 -23.82
C LEU B 652 4.84 45.44 -23.23
N GLY B 653 5.83 44.97 -23.98
CA GLY B 653 7.24 44.94 -23.54
C GLY B 653 7.72 43.56 -23.21
N TYR B 654 6.99 42.49 -23.55
CA TYR B 654 7.54 41.11 -23.48
C TYR B 654 8.39 40.84 -24.74
N ALA B 655 9.54 40.24 -24.59
CA ALA B 655 10.25 39.59 -25.71
C ALA B 655 9.57 38.23 -25.93
N VAL B 656 9.33 37.85 -27.18
CA VAL B 656 8.76 36.51 -27.51
C VAL B 656 9.80 35.77 -28.36
N VAL B 657 10.22 34.60 -27.89
CA VAL B 657 11.22 33.74 -28.56
C VAL B 657 10.52 32.47 -29.07
N VAL B 658 10.84 32.06 -30.29
CA VAL B 658 10.40 30.76 -30.89
C VAL B 658 11.65 30.05 -31.43
N ILE B 659 11.84 28.77 -31.08
CA ILE B 659 12.98 27.95 -31.55
C ILE B 659 12.41 26.70 -32.23
N ASP B 660 12.84 26.43 -33.47
CA ASP B 660 12.60 25.15 -34.14
C ASP B 660 13.75 24.21 -33.80
N GLY B 661 13.56 23.40 -32.75
CA GLY B 661 14.60 22.46 -32.28
C GLY B 661 14.55 21.16 -33.06
N ARG B 662 15.50 20.27 -32.80
CA ARG B 662 15.51 18.92 -33.43
C ARG B 662 14.16 18.25 -33.15
N GLY B 663 13.64 17.52 -34.15
CA GLY B 663 12.29 16.93 -34.12
C GLY B 663 11.34 17.66 -35.03
N SER B 664 11.54 18.97 -35.24
CA SER B 664 10.71 19.81 -36.13
C SER B 664 11.01 19.45 -37.61
N CYS B 665 10.18 19.88 -38.54
CA CYS B 665 10.13 19.31 -39.91
C CYS B 665 10.81 20.25 -40.92
N GLN B 666 10.86 19.84 -42.18
CA GLN B 666 11.47 20.51 -43.34
C GLN B 666 13.01 20.57 -43.22
N ARG B 667 13.64 19.69 -42.43
CA ARG B 667 15.11 19.62 -42.25
C ARG B 667 15.61 18.19 -42.51
N GLY B 668 14.76 17.30 -43.01
CA GLY B 668 15.13 15.91 -43.35
C GLY B 668 14.89 14.96 -42.20
N LEU B 669 15.03 13.66 -42.50
CA LEU B 669 14.62 12.57 -41.58
C LEU B 669 15.55 12.48 -40.34
N ARG B 670 16.85 12.66 -40.49
CA ARG B 670 17.84 12.54 -39.41
C ARG B 670 17.59 13.65 -38.38
N PHE B 671 17.32 14.88 -38.82
CA PHE B 671 16.99 16.02 -37.93
C PHE B 671 15.74 15.71 -37.09
N GLU B 672 14.65 15.25 -37.71
CA GLU B 672 13.41 14.94 -36.94
C GLU B 672 13.61 13.65 -36.12
N GLY B 673 14.46 12.75 -36.60
CA GLY B 673 14.79 11.45 -35.98
C GLY B 673 15.46 11.56 -34.60
N ALA B 674 16.00 12.73 -34.23
CA ALA B 674 16.65 12.98 -32.93
C ALA B 674 15.71 12.64 -31.77
N LEU B 675 14.39 12.75 -31.93
CA LEU B 675 13.50 12.51 -30.77
C LEU B 675 13.02 11.06 -30.69
N LYS B 676 13.46 10.17 -31.61
N LYS B 676 13.46 10.17 -31.61
CA LYS B 676 12.98 8.77 -31.68
CA LYS B 676 12.98 8.77 -31.68
C LYS B 676 13.08 8.11 -30.30
C LYS B 676 13.08 8.11 -30.30
N ASN B 677 11.94 7.64 -29.78
CA ASN B 677 11.80 6.88 -28.51
C ASN B 677 12.14 7.73 -27.27
N GLN B 678 12.31 9.04 -27.39
CA GLN B 678 12.75 9.88 -26.23
C GLN B 678 12.08 11.26 -26.31
N MET B 679 10.82 11.31 -26.68
CA MET B 679 10.07 12.58 -26.82
C MET B 679 10.15 13.38 -25.51
N GLY B 680 10.40 14.67 -25.63
CA GLY B 680 10.63 15.60 -24.52
C GLY B 680 12.10 15.91 -24.26
N GLN B 681 13.02 15.00 -24.55
N GLN B 681 13.03 14.98 -24.54
CA GLN B 681 14.41 15.06 -24.00
CA GLN B 681 14.42 15.03 -24.02
C GLN B 681 15.26 16.03 -24.84
C GLN B 681 15.25 16.02 -24.84
N VAL B 682 15.44 15.81 -26.14
CA VAL B 682 16.31 16.71 -26.96
C VAL B 682 15.57 18.04 -27.20
N GLU B 683 14.24 18.05 -27.19
CA GLU B 683 13.44 19.24 -27.54
C GLU B 683 13.73 20.34 -26.51
N ILE B 684 13.71 20.02 -25.22
CA ILE B 684 13.89 21.05 -24.16
C ILE B 684 15.34 21.53 -24.16
N GLU B 685 16.31 20.65 -24.41
CA GLU B 685 17.74 21.05 -24.48
C GLU B 685 17.91 22.12 -25.56
N ASP B 686 17.29 21.93 -26.73
CA ASP B 686 17.41 22.86 -27.88
C ASP B 686 16.67 24.16 -27.56
N GLN B 687 15.51 24.11 -26.90
CA GLN B 687 14.74 25.32 -26.48
C GLN B 687 15.62 26.18 -25.56
N VAL B 688 16.29 25.56 -24.60
CA VAL B 688 17.16 26.27 -23.62
C VAL B 688 18.39 26.83 -24.34
N GLU B 689 19.04 26.06 -25.21
CA GLU B 689 20.21 26.56 -25.98
C GLU B 689 19.81 27.78 -26.82
N GLY B 690 18.63 27.72 -27.45
CA GLY B 690 18.09 28.82 -28.27
C GLY B 690 17.83 30.06 -27.45
N LEU B 691 17.20 29.89 -26.29
CA LEU B 691 16.89 31.00 -25.37
C LEU B 691 18.20 31.66 -24.93
N GLN B 692 19.20 30.87 -24.59
CA GLN B 692 20.50 31.39 -24.09
C GLN B 692 21.25 32.06 -25.26
N PHE B 693 21.14 31.54 -26.49
CA PHE B 693 21.74 32.17 -27.68
C PHE B 693 21.14 33.57 -27.88
N VAL B 694 19.80 33.65 -27.85
CA VAL B 694 19.04 34.93 -28.04
C VAL B 694 19.48 35.95 -26.99
N ALA B 695 19.58 35.51 -25.73
CA ALA B 695 20.01 36.40 -24.62
C ALA B 695 21.39 36.96 -24.89
N GLU B 696 22.33 36.12 -25.38
CA GLU B 696 23.73 36.50 -25.70
C GLU B 696 23.78 37.44 -26.91
N LYS B 697 23.04 37.12 -27.99
N LYS B 697 23.04 37.12 -27.99
CA LYS B 697 23.13 37.90 -29.26
CA LYS B 697 23.11 37.87 -29.26
C LYS B 697 22.41 39.24 -29.11
C LYS B 697 22.39 39.21 -29.15
N TYR B 698 21.21 39.28 -28.53
CA TYR B 698 20.32 40.48 -28.57
C TYR B 698 20.49 41.34 -27.32
N GLY B 699 20.76 40.74 -26.16
CA GLY B 699 21.07 41.48 -24.93
C GLY B 699 19.86 42.12 -24.25
N PHE B 700 18.63 41.93 -24.73
CA PHE B 700 17.41 42.50 -24.08
C PHE B 700 16.57 41.40 -23.42
N ILE B 701 17.10 40.19 -23.21
CA ILE B 701 16.36 39.06 -22.57
C ILE B 701 16.74 39.05 -21.08
N ASP B 702 15.74 39.17 -20.21
CA ASP B 702 15.89 38.95 -18.76
C ASP B 702 15.69 37.45 -18.50
N LEU B 703 16.80 36.71 -18.38
CA LEU B 703 16.76 35.24 -18.17
C LEU B 703 16.20 34.90 -16.78
N SER B 704 16.06 35.87 -15.85
CA SER B 704 15.38 35.65 -14.54
C SER B 704 13.84 35.66 -14.69
N ARG B 705 13.30 36.08 -15.83
CA ARG B 705 11.84 36.23 -16.03
C ARG B 705 11.45 35.62 -17.38
N VAL B 706 11.57 34.30 -17.51
CA VAL B 706 11.16 33.56 -18.74
C VAL B 706 9.96 32.70 -18.39
N ALA B 707 8.87 32.88 -19.14
CA ALA B 707 7.70 31.99 -19.14
C ALA B 707 7.83 31.06 -20.35
N ILE B 708 7.45 29.80 -20.17
CA ILE B 708 7.33 28.85 -21.31
C ILE B 708 5.85 28.57 -21.55
N HIS B 709 5.42 28.69 -22.79
CA HIS B 709 3.99 28.60 -23.16
C HIS B 709 3.83 27.89 -24.49
N GLY B 710 2.92 26.91 -24.52
CA GLY B 710 2.53 26.22 -25.74
C GLY B 710 1.26 25.45 -25.57
N TRP B 711 0.74 24.94 -26.69
CA TRP B 711 -0.51 24.15 -26.80
C TRP B 711 -0.20 22.76 -27.39
N SER B 712 -0.80 21.71 -26.83
CA SER B 712 -0.70 20.30 -27.27
C SER B 712 0.72 19.77 -27.04
N TYR B 713 1.51 19.46 -28.07
CA TYR B 713 2.95 19.14 -27.87
C TYR B 713 3.65 20.30 -27.13
N GLY B 714 3.25 21.54 -27.41
CA GLY B 714 3.79 22.74 -26.73
C GLY B 714 3.42 22.80 -25.26
N GLY B 715 2.25 22.26 -24.89
CA GLY B 715 1.82 22.17 -23.48
C GLY B 715 2.63 21.15 -22.76
N PHE B 716 2.85 20.00 -23.42
CA PHE B 716 3.76 18.94 -22.96
C PHE B 716 5.14 19.54 -22.68
N LEU B 717 5.72 20.26 -23.64
CA LEU B 717 7.10 20.79 -23.46
C LEU B 717 7.12 21.90 -22.42
N SER B 718 6.06 22.69 -22.28
CA SER B 718 5.96 23.71 -21.20
C SER B 718 6.12 23.03 -19.84
N LEU B 719 5.42 21.93 -19.63
CA LEU B 719 5.54 21.13 -18.38
C LEU B 719 6.92 20.49 -18.26
N MET B 720 7.47 19.94 -19.34
CA MET B 720 8.83 19.33 -19.33
C MET B 720 9.84 20.41 -18.92
N GLY B 721 9.68 21.64 -19.43
CA GLY B 721 10.57 22.78 -19.08
C GLY B 721 10.55 23.06 -17.60
N LEU B 722 9.37 23.15 -17.01
CA LEU B 722 9.25 23.48 -15.56
C LEU B 722 9.78 22.32 -14.71
N ILE B 723 9.58 21.09 -15.17
CA ILE B 723 10.06 19.88 -14.46
C ILE B 723 11.58 19.79 -14.53
N HIS B 724 12.19 19.89 -15.71
CA HIS B 724 13.64 19.58 -15.87
C HIS B 724 14.49 20.84 -15.77
N LYS B 725 13.94 22.04 -16.02
CA LYS B 725 14.73 23.31 -16.05
C LYS B 725 14.03 24.36 -15.19
N PRO B 726 13.74 24.06 -13.89
CA PRO B 726 13.00 25.00 -13.03
C PRO B 726 13.77 26.29 -12.74
N GLN B 727 15.10 26.31 -12.90
CA GLN B 727 15.92 27.53 -12.74
C GLN B 727 15.89 28.33 -14.04
N VAL B 728 15.46 27.77 -15.18
CA VAL B 728 15.38 28.52 -16.46
C VAL B 728 14.01 29.18 -16.58
N PHE B 729 12.94 28.43 -16.26
CA PHE B 729 11.54 28.83 -16.54
C PHE B 729 10.86 29.21 -15.21
N LYS B 730 10.59 30.50 -15.05
CA LYS B 730 9.91 31.02 -13.85
C LYS B 730 8.48 30.46 -13.78
N VAL B 731 7.78 30.45 -14.91
CA VAL B 731 6.39 29.98 -14.99
C VAL B 731 6.20 29.17 -16.28
N ALA B 732 5.26 28.24 -16.25
CA ALA B 732 4.78 27.49 -17.43
C ALA B 732 3.27 27.70 -17.59
N ILE B 733 2.83 27.92 -18.83
CA ILE B 733 1.39 27.93 -19.20
C ILE B 733 1.20 26.84 -20.25
N ALA B 734 0.58 25.74 -19.84
CA ALA B 734 0.45 24.52 -20.64
C ALA B 734 -0.98 24.38 -21.14
N GLY B 735 -1.19 24.54 -22.43
CA GLY B 735 -2.48 24.39 -23.11
C GLY B 735 -2.64 22.97 -23.66
N ALA B 736 -3.79 22.35 -23.42
CA ALA B 736 -4.17 21.00 -23.89
C ALA B 736 -2.96 20.09 -23.91
N PRO B 737 -2.24 19.91 -22.79
CA PRO B 737 -1.00 19.18 -22.82
C PRO B 737 -1.21 17.67 -22.97
N VAL B 738 -0.32 17.02 -23.69
CA VAL B 738 -0.15 15.53 -23.57
C VAL B 738 0.60 15.34 -22.26
N THR B 739 0.01 14.63 -21.31
CA THR B 739 0.62 14.41 -19.97
C THR B 739 0.98 12.94 -19.76
N VAL B 740 0.40 12.02 -20.53
N VAL B 740 0.40 12.02 -20.53
CA VAL B 740 0.70 10.57 -20.45
CA VAL B 740 0.70 10.57 -20.47
C VAL B 740 0.60 9.99 -21.87
C VAL B 740 0.59 10.01 -21.88
N TRP B 741 1.73 9.61 -22.45
CA TRP B 741 1.80 9.13 -23.85
C TRP B 741 1.00 7.84 -24.02
N MET B 742 0.83 7.04 -22.97
CA MET B 742 0.04 5.80 -23.02
C MET B 742 -1.44 6.12 -23.29
N ALA B 743 -1.89 7.37 -23.17
CA ALA B 743 -3.30 7.75 -23.46
C ALA B 743 -3.44 8.31 -24.89
N TYR B 744 -2.37 8.48 -25.66
CA TYR B 744 -2.46 9.04 -27.04
C TYR B 744 -2.62 7.88 -28.02
N ASP B 745 -2.82 8.18 -29.29
CA ASP B 745 -3.28 7.19 -30.30
C ASP B 745 -2.12 6.36 -30.86
N THR B 746 -2.47 5.29 -31.56
CA THR B 746 -1.54 4.34 -32.21
C THR B 746 -0.73 5.05 -33.30
N GLY B 747 -1.38 5.68 -34.26
CA GLY B 747 -0.72 6.14 -35.50
C GLY B 747 0.41 7.12 -35.22
N TYR B 748 0.19 8.07 -34.31
CA TYR B 748 1.18 9.10 -33.95
C TYR B 748 2.18 8.52 -32.97
N THR B 749 1.70 8.00 -31.85
CA THR B 749 2.59 7.72 -30.69
C THR B 749 3.56 6.61 -31.08
N GLU B 750 3.08 5.55 -31.72
CA GLU B 750 3.94 4.38 -32.06
C GLU B 750 4.98 4.79 -33.10
N ARG B 751 4.64 5.71 -34.02
CA ARG B 751 5.58 6.17 -35.06
C ARG B 751 6.86 6.69 -34.37
N TYR B 752 6.71 7.55 -33.36
CA TYR B 752 7.83 8.29 -32.72
C TYR B 752 8.35 7.54 -31.48
N MET B 753 7.55 6.70 -30.82
CA MET B 753 7.86 6.20 -29.45
C MET B 753 7.79 4.68 -29.34
N ASP B 754 7.46 3.95 -30.41
CA ASP B 754 7.17 2.50 -30.34
C ASP B 754 5.93 2.28 -29.46
N VAL B 755 5.61 1.04 -29.19
CA VAL B 755 4.51 0.66 -28.26
C VAL B 755 5.07 0.72 -26.84
N PRO B 756 4.21 0.99 -25.83
CA PRO B 756 4.66 1.10 -24.45
C PRO B 756 5.52 -0.08 -23.95
N GLU B 757 5.14 -1.32 -24.29
CA GLU B 757 5.85 -2.56 -23.87
C GLU B 757 7.30 -2.57 -24.43
N ASN B 758 7.57 -1.89 -25.55
CA ASN B 758 8.89 -1.88 -26.22
C ASN B 758 9.71 -0.66 -25.77
N ASN B 759 9.14 0.30 -25.05
CA ASN B 759 9.83 1.57 -24.73
C ASN B 759 9.34 2.10 -23.38
N GLN B 760 9.40 1.27 -22.35
CA GLN B 760 8.91 1.63 -21.00
C GLN B 760 9.65 2.88 -20.51
N HIS B 761 10.97 2.92 -20.67
CA HIS B 761 11.81 4.04 -20.20
C HIS B 761 11.37 5.34 -20.89
N GLY B 762 11.21 5.34 -22.22
CA GLY B 762 10.86 6.55 -22.99
C GLY B 762 9.46 7.03 -22.67
N TYR B 763 8.48 6.12 -22.57
CA TYR B 763 7.10 6.51 -22.17
C TYR B 763 7.11 7.13 -20.78
N GLU B 764 7.80 6.52 -19.83
CA GLU B 764 7.85 7.01 -18.43
C GLU B 764 8.54 8.38 -18.38
N ALA B 765 9.71 8.53 -19.01
CA ALA B 765 10.48 9.80 -19.01
C ALA B 765 9.68 10.89 -19.73
N GLY B 766 8.87 10.55 -20.76
CA GLY B 766 8.16 11.54 -21.59
C GLY B 766 6.76 11.90 -21.08
N SER B 767 6.30 11.27 -20.01
CA SER B 767 4.92 11.44 -19.46
C SER B 767 4.99 12.38 -18.26
N VAL B 768 4.71 13.67 -18.49
CA VAL B 768 4.94 14.73 -17.47
C VAL B 768 4.07 14.47 -16.22
N ALA B 769 2.91 13.81 -16.36
CA ALA B 769 2.03 13.51 -15.21
C ALA B 769 2.70 12.51 -14.26
N LEU B 770 3.72 11.75 -14.71
CA LEU B 770 4.46 10.82 -13.81
C LEU B 770 5.63 11.53 -13.11
N HIS B 771 5.86 12.82 -13.34
CA HIS B 771 7.02 13.57 -12.78
C HIS B 771 6.53 14.77 -11.95
N VAL B 772 5.28 14.76 -11.46
CA VAL B 772 4.66 15.91 -10.73
C VAL B 772 5.44 16.22 -9.46
N GLU B 773 6.13 15.27 -8.85
CA GLU B 773 6.94 15.53 -7.63
C GLU B 773 8.03 16.57 -7.93
N LYS B 774 8.43 16.73 -9.19
CA LYS B 774 9.45 17.72 -9.62
C LYS B 774 8.82 19.06 -9.99
N LEU B 775 7.49 19.18 -10.06
CA LEU B 775 6.82 20.47 -10.35
C LEU B 775 6.94 21.37 -9.11
N PRO B 776 6.76 22.70 -9.25
CA PRO B 776 7.05 23.60 -8.14
C PRO B 776 6.18 23.37 -6.90
N ASN B 777 6.80 23.49 -5.72
CA ASN B 777 6.08 23.54 -4.43
C ASN B 777 5.71 24.99 -4.11
N GLU B 778 5.90 25.93 -5.05
CA GLU B 778 5.52 27.35 -4.92
C GLU B 778 4.27 27.56 -5.77
N PRO B 779 3.23 28.26 -5.27
CA PRO B 779 2.06 28.60 -6.08
C PRO B 779 2.41 29.59 -7.21
N ASN B 780 1.55 29.63 -8.22
CA ASN B 780 1.56 30.66 -9.28
C ASN B 780 2.73 30.46 -10.22
N ARG B 781 3.24 29.24 -10.39
CA ARG B 781 4.27 28.96 -11.40
C ARG B 781 3.70 28.10 -12.52
N LEU B 782 2.45 27.66 -12.41
CA LEU B 782 1.88 26.66 -13.35
C LEU B 782 0.41 26.98 -13.59
N LEU B 783 0.09 27.25 -14.86
CA LEU B 783 -1.28 27.45 -15.34
C LEU B 783 -1.56 26.40 -16.41
N ILE B 784 -2.64 25.62 -16.23
CA ILE B 784 -3.09 24.57 -17.17
C ILE B 784 -4.35 25.10 -17.83
N LEU B 785 -4.45 24.94 -19.16
CA LEU B 785 -5.66 25.31 -19.94
C LEU B 785 -6.07 24.13 -20.80
N HIS B 786 -7.37 23.87 -20.93
CA HIS B 786 -7.83 22.73 -21.74
C HIS B 786 -9.28 22.94 -22.19
N GLY B 787 -9.55 22.65 -23.47
CA GLY B 787 -10.91 22.54 -24.01
C GLY B 787 -11.57 21.28 -23.49
N PHE B 788 -12.75 21.42 -22.89
CA PHE B 788 -13.50 20.31 -22.26
C PHE B 788 -13.89 19.26 -23.32
N LEU B 789 -14.17 19.68 -24.55
CA LEU B 789 -14.71 18.81 -25.62
C LEU B 789 -13.60 18.21 -26.51
N ASP B 790 -12.33 18.36 -26.11
CA ASP B 790 -11.16 17.94 -26.91
C ASP B 790 -11.24 16.44 -27.21
N GLU B 791 -11.36 16.08 -28.49
CA GLU B 791 -11.46 14.67 -28.95
C GLU B 791 -10.11 14.17 -29.47
N ASN B 792 -9.07 15.00 -29.39
CA ASN B 792 -7.72 14.75 -29.89
C ASN B 792 -6.79 14.50 -28.70
N VAL B 793 -6.45 15.57 -27.98
CA VAL B 793 -5.79 15.46 -26.66
C VAL B 793 -6.91 15.55 -25.62
N HIS B 794 -7.39 14.40 -25.18
CA HIS B 794 -8.60 14.31 -24.32
C HIS B 794 -8.38 15.15 -23.07
N PHE B 795 -9.46 15.77 -22.57
CA PHE B 795 -9.47 16.46 -21.26
C PHE B 795 -8.90 15.53 -20.18
N PHE B 796 -9.02 14.22 -20.36
CA PHE B 796 -8.38 13.20 -19.47
C PHE B 796 -6.91 13.56 -19.16
N HIS B 797 -6.15 14.05 -20.12
CA HIS B 797 -4.71 14.38 -19.90
C HIS B 797 -4.58 15.40 -18.77
N THR B 798 -5.43 16.42 -18.76
CA THR B 798 -5.43 17.47 -17.71
C THR B 798 -5.99 16.87 -16.41
N ASN B 799 -7.08 16.10 -16.50
CA ASN B 799 -7.67 15.47 -15.30
C ASN B 799 -6.66 14.55 -14.60
N PHE B 800 -5.93 13.76 -15.37
CA PHE B 800 -4.90 12.85 -14.84
C PHE B 800 -3.77 13.67 -14.22
N LEU B 801 -3.31 14.71 -14.90
CA LEU B 801 -2.26 15.62 -14.36
C LEU B 801 -2.72 16.21 -13.01
N VAL B 802 -3.96 16.69 -12.95
CA VAL B 802 -4.51 17.29 -11.71
C VAL B 802 -4.56 16.22 -10.60
N SER B 803 -5.02 15.01 -10.92
N SER B 803 -5.02 15.02 -10.91
CA SER B 803 -5.07 13.87 -9.95
CA SER B 803 -5.08 13.89 -9.95
C SER B 803 -3.67 13.65 -9.36
C SER B 803 -3.67 13.65 -9.36
N GLN B 804 -2.64 13.66 -10.21
CA GLN B 804 -1.23 13.47 -9.78
C GLN B 804 -0.75 14.67 -8.95
N LEU B 805 -1.10 15.90 -9.36
CA LEU B 805 -0.72 17.13 -8.62
C LEU B 805 -1.32 17.08 -7.20
N ILE B 806 -2.56 16.60 -7.07
CA ILE B 806 -3.22 16.48 -5.74
C ILE B 806 -2.44 15.46 -4.89
N ARG B 807 -2.12 14.30 -5.47
N ARG B 807 -2.12 14.30 -5.48
CA ARG B 807 -1.40 13.20 -4.79
CA ARG B 807 -1.39 13.19 -4.82
C ARG B 807 -0.02 13.69 -4.33
C ARG B 807 -0.02 13.69 -4.33
N ALA B 808 0.66 14.53 -5.10
CA ALA B 808 2.01 15.04 -4.79
C ALA B 808 1.97 16.27 -3.88
N GLY B 809 0.76 16.78 -3.55
CA GLY B 809 0.57 17.99 -2.74
C GLY B 809 1.09 19.25 -3.44
N LYS B 810 0.86 19.37 -4.75
CA LYS B 810 1.37 20.52 -5.55
C LYS B 810 0.23 21.49 -5.85
N PRO B 811 0.50 22.81 -5.83
CA PRO B 811 -0.46 23.80 -6.28
C PRO B 811 -0.54 23.88 -7.81
N TYR B 812 -1.68 24.29 -8.34
CA TYR B 812 -1.87 24.55 -9.79
C TYR B 812 -3.02 25.56 -9.96
N GLN B 813 -2.97 26.27 -11.08
CA GLN B 813 -4.08 27.09 -11.60
C GLN B 813 -4.63 26.40 -12.85
N LEU B 814 -5.94 26.48 -13.04
CA LEU B 814 -6.64 25.78 -14.13
C LEU B 814 -7.66 26.72 -14.75
N GLN B 815 -7.71 26.70 -16.08
CA GLN B 815 -8.82 27.29 -16.85
C GLN B 815 -9.35 26.21 -17.79
N ILE B 816 -10.67 26.10 -17.91
N ILE B 816 -10.66 26.12 -17.92
CA ILE B 816 -11.37 25.19 -18.86
CA ILE B 816 -11.27 25.21 -18.92
C ILE B 816 -12.06 26.06 -19.92
C ILE B 816 -12.06 26.05 -19.93
N TYR B 817 -12.17 25.55 -21.15
CA TYR B 817 -12.99 26.12 -22.24
C TYR B 817 -14.11 25.11 -22.46
N PRO B 818 -15.24 25.24 -21.75
CA PRO B 818 -16.29 24.22 -21.79
C PRO B 818 -16.84 23.92 -23.20
N ASN B 819 -16.82 24.90 -24.09
CA ASN B 819 -17.43 24.80 -25.45
C ASN B 819 -16.36 24.60 -26.53
N GLU B 820 -15.12 24.29 -26.18
CA GLU B 820 -14.02 24.17 -27.17
C GLU B 820 -13.51 22.74 -27.21
N ARG B 821 -13.11 22.32 -28.41
CA ARG B 821 -12.39 21.06 -28.65
C ARG B 821 -10.89 21.36 -28.52
N HIS B 822 -10.09 20.97 -29.52
CA HIS B 822 -8.60 21.02 -29.40
C HIS B 822 -8.09 22.45 -29.62
N SER B 823 -8.85 23.31 -30.26
CA SER B 823 -8.43 24.72 -30.46
C SER B 823 -9.57 25.61 -29.98
N ILE B 824 -9.26 26.87 -29.65
CA ILE B 824 -10.29 27.86 -29.25
C ILE B 824 -10.80 28.54 -30.51
N ARG B 825 -12.04 28.27 -30.90
CA ARG B 825 -12.66 28.82 -32.13
C ARG B 825 -13.52 30.05 -31.84
N CYS B 826 -14.15 30.12 -30.67
N CYS B 826 -14.15 30.11 -30.67
CA CYS B 826 -15.10 31.22 -30.33
CA CYS B 826 -15.08 31.21 -30.32
C CYS B 826 -14.28 32.47 -30.02
C CYS B 826 -14.26 32.47 -30.02
N PRO B 827 -14.49 33.61 -30.73
CA PRO B 827 -13.76 34.85 -30.43
C PRO B 827 -13.81 35.34 -28.98
N GLU B 828 -14.93 35.19 -28.29
CA GLU B 828 -15.04 35.62 -26.87
C GLU B 828 -14.13 34.74 -25.99
N SER B 829 -14.06 33.45 -26.27
CA SER B 829 -13.17 32.53 -25.52
C SER B 829 -11.70 32.83 -25.85
N GLY B 830 -11.36 33.10 -27.13
CA GLY B 830 -10.00 33.50 -27.54
C GLY B 830 -9.53 34.74 -26.79
N GLU B 831 -10.37 35.77 -26.69
CA GLU B 831 -10.06 37.00 -25.94
C GLU B 831 -9.87 36.68 -24.45
N HIS B 832 -10.73 35.84 -23.88
CA HIS B 832 -10.64 35.49 -22.43
C HIS B 832 -9.31 34.80 -22.19
N TYR B 833 -8.93 33.88 -23.07
CA TYR B 833 -7.63 33.17 -23.04
C TYR B 833 -6.48 34.19 -23.04
N GLU B 834 -6.50 35.15 -23.96
CA GLU B 834 -5.41 36.15 -24.07
C GLU B 834 -5.37 37.06 -22.83
N VAL B 835 -6.52 37.46 -22.32
CA VAL B 835 -6.60 38.32 -21.10
C VAL B 835 -6.02 37.52 -19.94
N THR B 836 -6.40 36.24 -19.84
CA THR B 836 -5.93 35.35 -18.76
C THR B 836 -4.39 35.27 -18.80
N LEU B 837 -3.83 35.08 -20.00
N LEU B 837 -3.83 35.08 -20.00
CA LEU B 837 -2.38 34.99 -20.21
CA LEU B 837 -2.38 35.00 -20.25
C LEU B 837 -1.72 36.31 -19.79
C LEU B 837 -1.72 36.30 -19.80
N LEU B 838 -2.24 37.45 -20.23
CA LEU B 838 -1.67 38.79 -19.87
C LEU B 838 -1.70 38.96 -18.34
N HIS B 839 -2.79 38.56 -17.70
CA HIS B 839 -2.94 38.68 -16.24
C HIS B 839 -1.92 37.78 -15.52
N PHE B 840 -1.79 36.55 -15.96
CA PHE B 840 -0.87 35.57 -15.33
C PHE B 840 0.58 36.11 -15.44
N LEU B 841 0.97 36.58 -16.63
CA LEU B 841 2.34 37.13 -16.85
C LEU B 841 2.54 38.39 -16.01
N GLN B 842 1.56 39.30 -15.95
CA GLN B 842 1.77 40.58 -15.22
C GLN B 842 1.93 40.28 -13.73
N GLU B 843 1.20 39.31 -13.19
CA GLU B 843 1.21 39.05 -11.73
C GLU B 843 2.38 38.15 -11.35
N TYR B 844 2.75 37.16 -12.17
CA TYR B 844 3.58 36.02 -11.73
C TYR B 844 4.89 35.88 -12.53
N LEU B 845 5.05 36.51 -13.69
CA LEU B 845 6.37 36.50 -14.39
C LEU B 845 7.26 37.62 -13.84
N HIS B 846 6.65 38.68 -13.31
CA HIS B 846 7.34 39.77 -12.57
C HIS B 846 7.70 39.25 -11.17
N HIS B 847 8.79 39.76 -10.58
CA HIS B 847 9.37 39.32 -9.29
C HIS B 847 8.50 39.80 -8.12
N ALA C 3 46.94 19.81 -4.15
CA ALA C 3 47.24 20.71 -2.97
C ALA C 3 46.00 20.85 -2.07
N ALA C 4 44.92 21.48 -2.58
CA ALA C 4 43.71 21.83 -1.79
C ALA C 4 42.86 20.59 -1.51
N ARG C 5 42.15 20.58 -0.38
CA ARG C 5 41.22 19.50 0.04
C ARG C 5 39.81 19.84 -0.44
N PHE C 6 39.18 18.94 -1.21
CA PHE C 6 37.73 19.01 -1.48
C PHE C 6 36.97 18.67 -0.19
N GLN C 7 35.99 19.50 0.15
CA GLN C 7 35.03 19.27 1.27
C GLN C 7 33.68 18.91 0.66
N VAL C 8 33.15 17.75 1.01
CA VAL C 8 31.77 17.33 0.67
C VAL C 8 30.80 18.32 1.33
N GLN C 9 29.76 18.73 0.61
N GLN C 9 29.76 18.73 0.61
CA GLN C 9 28.67 19.60 1.15
CA GLN C 9 28.69 19.61 1.15
C GLN C 9 28.00 18.85 2.30
C GLN C 9 27.99 18.86 2.29
N LYS C 10 27.86 19.49 3.46
CA LYS C 10 27.15 18.88 4.62
C LYS C 10 25.66 19.15 4.41
N HIS C 11 24.85 18.10 4.42
CA HIS C 11 23.37 18.18 4.29
C HIS C 11 22.72 17.84 5.62
N SER C 12 21.53 18.37 5.84
CA SER C 12 20.61 17.93 6.90
C SER C 12 20.29 16.46 6.66
N TRP C 13 19.83 15.77 7.70
CA TRP C 13 19.38 14.36 7.58
C TRP C 13 18.28 14.28 6.49
N ASP C 14 17.32 15.19 6.47
CA ASP C 14 16.21 15.17 5.47
C ASP C 14 16.77 15.52 4.08
N GLY C 15 17.80 16.36 4.00
CA GLY C 15 18.54 16.63 2.75
C GLY C 15 19.17 15.36 2.20
N LEU C 16 19.82 14.57 3.05
CA LEU C 16 20.41 13.28 2.66
C LEU C 16 19.29 12.33 2.20
N ARG C 17 18.15 12.31 2.89
CA ARG C 17 17.00 11.45 2.51
C ARG C 17 16.53 11.82 1.09
N SER C 18 16.42 13.11 0.76
N SER C 18 16.41 13.12 0.75
CA SER C 18 15.98 13.56 -0.60
CA SER C 18 16.00 13.61 -0.59
C SER C 18 17.01 13.15 -1.65
C SER C 18 17.02 13.13 -1.64
N ILE C 19 18.32 13.26 -1.36
CA ILE C 19 19.40 12.82 -2.28
C ILE C 19 19.27 11.30 -2.54
N ILE C 20 19.14 10.49 -1.50
CA ILE C 20 19.04 9.01 -1.66
C ILE C 20 17.74 8.69 -2.40
N HIS C 21 16.62 9.23 -1.96
CA HIS C 21 15.30 8.94 -2.58
C HIS C 21 15.34 9.29 -4.08
N GLY C 22 15.81 10.50 -4.40
CA GLY C 22 15.94 10.98 -5.79
C GLY C 22 16.83 10.06 -6.62
N SER C 23 17.97 9.63 -6.07
CA SER C 23 18.98 8.79 -6.77
C SER C 23 18.36 7.47 -7.26
N ARG C 24 17.42 6.90 -6.49
CA ARG C 24 16.75 5.61 -6.80
C ARG C 24 15.56 5.87 -7.74
N LYS C 25 14.72 6.84 -7.38
CA LYS C 25 13.46 7.16 -8.11
C LYS C 25 13.78 7.51 -9.56
N TYR C 26 14.79 8.35 -9.76
CA TYR C 26 15.18 8.98 -11.05
C TYR C 26 16.52 8.38 -11.53
N SER C 27 16.71 7.08 -11.30
CA SER C 27 17.96 6.34 -11.62
C SER C 27 18.12 6.24 -13.15
N GLY C 28 17.01 6.14 -13.89
CA GLY C 28 16.99 5.87 -15.35
C GLY C 28 17.21 4.40 -15.69
N LEU C 29 17.29 3.53 -14.67
CA LEU C 29 17.44 2.05 -14.78
C LEU C 29 16.26 1.37 -14.06
N ILE C 30 15.97 0.11 -14.39
CA ILE C 30 14.90 -0.71 -13.74
C ILE C 30 15.53 -2.01 -13.22
N VAL C 31 15.28 -2.36 -11.95
CA VAL C 31 15.81 -3.60 -11.30
C VAL C 31 15.10 -4.81 -11.92
N ASN C 32 15.88 -5.84 -12.25
CA ASN C 32 15.43 -7.23 -12.60
C ASN C 32 14.34 -7.18 -13.67
N LYS C 33 14.62 -6.50 -14.79
CA LYS C 33 13.72 -6.48 -15.98
C LYS C 33 14.20 -7.49 -17.05
N ALA C 34 15.32 -8.21 -16.82
CA ALA C 34 15.94 -9.14 -17.80
C ALA C 34 15.18 -10.45 -17.83
N PRO C 35 14.77 -10.94 -19.02
CA PRO C 35 14.19 -12.29 -19.12
C PRO C 35 15.31 -13.33 -18.88
N HIS C 36 14.95 -14.51 -18.38
CA HIS C 36 15.91 -15.56 -17.96
C HIS C 36 15.25 -16.96 -17.97
N ASP C 37 16.04 -18.02 -17.80
CA ASP C 37 15.58 -19.44 -17.75
C ASP C 37 14.93 -19.79 -19.10
N PHE C 38 15.72 -19.75 -20.16
CA PHE C 38 15.26 -19.86 -21.57
C PHE C 38 15.09 -21.33 -21.95
N GLN C 39 14.04 -21.64 -22.73
CA GLN C 39 13.84 -22.94 -23.43
C GLN C 39 13.40 -22.65 -24.86
N PHE C 40 14.18 -23.10 -25.84
CA PHE C 40 13.88 -23.02 -27.29
C PHE C 40 13.12 -24.29 -27.69
N VAL C 41 12.03 -24.15 -28.43
CA VAL C 41 11.22 -25.25 -29.02
C VAL C 41 11.03 -24.91 -30.49
N GLN C 42 11.42 -25.81 -31.40
CA GLN C 42 11.20 -25.64 -32.87
C GLN C 42 9.70 -25.73 -33.14
N LYS C 43 9.19 -24.90 -34.04
CA LYS C 43 7.79 -25.01 -34.55
C LYS C 43 7.81 -25.97 -35.75
N THR C 44 6.71 -26.73 -35.93
CA THR C 44 6.50 -27.71 -37.03
C THR C 44 5.29 -27.27 -37.86
N ASP C 45 5.38 -26.06 -38.45
CA ASP C 45 4.41 -25.53 -39.44
C ASP C 45 5.19 -24.82 -40.55
N GLU C 46 5.26 -25.44 -41.74
CA GLU C 46 6.09 -24.96 -42.89
C GLU C 46 5.49 -23.67 -43.44
N SER C 47 4.16 -23.49 -43.40
CA SER C 47 3.44 -22.27 -43.88
C SER C 47 3.60 -21.10 -42.89
N GLY C 48 3.72 -21.39 -41.58
CA GLY C 48 3.77 -20.40 -40.48
C GLY C 48 5.04 -19.56 -40.52
N PRO C 49 5.03 -18.32 -39.97
CA PRO C 49 6.17 -17.40 -40.07
C PRO C 49 7.29 -17.56 -39.03
N HIS C 50 7.14 -18.49 -38.08
CA HIS C 50 8.04 -18.64 -36.91
C HIS C 50 8.79 -19.97 -36.99
N SER C 51 10.09 -19.94 -36.74
CA SER C 51 10.96 -21.13 -36.64
C SER C 51 10.89 -21.75 -35.25
N HIS C 52 10.74 -20.92 -34.20
CA HIS C 52 10.79 -21.35 -32.78
C HIS C 52 9.79 -20.59 -31.91
N ARG C 53 9.41 -21.19 -30.79
CA ARG C 53 8.86 -20.50 -29.61
C ARG C 53 9.95 -20.54 -28.55
N LEU C 54 10.26 -19.38 -27.95
CA LEU C 54 11.25 -19.24 -26.86
C LEU C 54 10.47 -18.96 -25.57
N TYR C 55 10.55 -19.87 -24.60
CA TYR C 55 9.90 -19.72 -23.27
C TYR C 55 10.94 -19.21 -22.27
N TYR C 56 10.51 -18.41 -21.30
CA TYR C 56 11.41 -17.82 -20.27
C TYR C 56 10.58 -17.26 -19.12
N LEU C 57 11.26 -16.89 -18.04
CA LEU C 57 10.68 -16.12 -16.91
C LEU C 57 11.04 -14.65 -17.09
N GLY C 58 10.11 -13.78 -16.76
CA GLY C 58 10.40 -12.35 -16.57
C GLY C 58 9.16 -11.59 -16.20
N MET C 59 9.31 -10.27 -16.06
CA MET C 59 8.27 -9.36 -15.53
C MET C 59 7.71 -8.57 -16.70
N PRO C 60 6.55 -8.98 -17.26
CA PRO C 60 6.00 -8.31 -18.44
C PRO C 60 5.50 -6.89 -18.08
N TYR C 61 5.23 -6.09 -19.11
CA TYR C 61 4.71 -4.70 -18.99
C TYR C 61 3.39 -4.73 -18.20
N GLY C 62 3.29 -3.84 -17.21
CA GLY C 62 2.11 -3.69 -16.34
C GLY C 62 2.02 -4.73 -15.22
N SER C 63 3.06 -5.54 -14.98
CA SER C 63 3.09 -6.57 -13.91
C SER C 63 4.19 -6.26 -12.88
N ARG C 64 3.99 -6.70 -11.64
CA ARG C 64 4.93 -6.49 -10.49
C ARG C 64 5.60 -7.81 -10.11
N GLU C 65 5.39 -8.90 -10.87
CA GLU C 65 6.01 -10.20 -10.54
C GLU C 65 6.51 -10.93 -11.79
N ASN C 66 7.42 -11.86 -11.54
CA ASN C 66 7.98 -12.83 -12.51
C ASN C 66 6.87 -13.79 -12.93
N SER C 67 6.63 -13.95 -14.22
CA SER C 67 5.70 -14.98 -14.76
C SER C 67 6.36 -15.76 -15.91
N LEU C 68 5.65 -16.79 -16.36
CA LEU C 68 6.02 -17.64 -17.51
C LEU C 68 5.62 -16.91 -18.79
N LEU C 69 6.57 -16.73 -19.70
CA LEU C 69 6.39 -15.90 -20.92
C LEU C 69 6.92 -16.66 -22.13
N TYR C 70 6.57 -16.21 -23.33
CA TYR C 70 7.17 -16.73 -24.59
C TYR C 70 7.27 -15.59 -25.59
N SER C 71 8.19 -15.77 -26.54
CA SER C 71 8.31 -14.94 -27.76
C SER C 71 8.40 -15.87 -28.97
N GLU C 72 7.90 -15.40 -30.09
CA GLU C 72 7.88 -16.10 -31.39
C GLU C 72 9.16 -15.70 -32.14
N ILE C 73 10.01 -16.67 -32.50
CA ILE C 73 11.24 -16.40 -33.30
C ILE C 73 10.87 -16.50 -34.77
N PRO C 74 10.93 -15.41 -35.56
CA PRO C 74 10.54 -15.48 -36.96
C PRO C 74 11.59 -16.21 -37.82
N LYS C 75 11.15 -16.78 -38.95
CA LYS C 75 12.01 -17.51 -39.91
C LYS C 75 12.95 -16.53 -40.64
N LYS C 76 12.48 -15.31 -40.93
CA LYS C 76 13.24 -14.26 -41.65
C LYS C 76 13.11 -12.94 -40.89
N VAL C 77 14.19 -12.16 -40.87
CA VAL C 77 14.24 -10.78 -40.30
C VAL C 77 14.89 -9.87 -41.33
N ARG C 78 14.47 -8.60 -41.37
CA ARG C 78 15.08 -7.55 -42.24
C ARG C 78 16.45 -7.18 -41.64
N LYS C 79 17.50 -7.15 -42.47
CA LYS C 79 18.91 -6.92 -42.05
C LYS C 79 19.07 -5.52 -41.44
N GLU C 80 18.50 -4.49 -42.05
CA GLU C 80 18.63 -3.06 -41.64
C GLU C 80 17.37 -2.63 -40.86
N ALA C 81 17.05 -3.37 -39.79
CA ALA C 81 15.93 -3.11 -38.85
C ALA C 81 16.09 -4.01 -37.62
N LEU C 82 15.96 -3.42 -36.42
CA LEU C 82 16.12 -4.14 -35.13
C LEU C 82 14.76 -4.66 -34.69
N LEU C 83 14.56 -5.97 -34.71
CA LEU C 83 13.31 -6.59 -34.22
C LEU C 83 13.38 -6.68 -32.69
N LEU C 84 12.44 -6.04 -32.00
N LEU C 84 12.43 -6.03 -32.01
CA LEU C 84 12.20 -6.23 -30.54
CA LEU C 84 12.13 -6.20 -30.57
C LEU C 84 11.04 -7.21 -30.41
C LEU C 84 11.02 -7.23 -30.46
N LEU C 85 11.30 -8.39 -29.87
CA LEU C 85 10.31 -9.49 -29.74
C LEU C 85 9.27 -9.07 -28.70
N SER C 86 7.99 -9.26 -28.99
CA SER C 86 6.89 -9.06 -28.01
C SER C 86 6.94 -10.19 -26.99
N TRP C 87 6.90 -9.83 -25.70
CA TRP C 87 6.77 -10.78 -24.57
C TRP C 87 5.30 -11.16 -24.44
N LYS C 88 4.96 -12.42 -24.68
CA LYS C 88 3.58 -12.93 -24.54
C LYS C 88 3.46 -13.66 -23.20
N GLN C 89 2.37 -13.42 -22.47
CA GLN C 89 2.06 -14.13 -21.21
C GLN C 89 1.55 -15.52 -21.57
N MET C 90 2.05 -16.53 -20.86
CA MET C 90 1.50 -17.91 -20.88
C MET C 90 0.24 -17.94 -20.00
N LEU C 91 0.21 -17.17 -18.90
CA LEU C 91 -0.77 -17.32 -17.79
C LEU C 91 -1.69 -16.10 -17.72
N ASP C 92 -3.00 -16.36 -17.65
CA ASP C 92 -4.09 -15.37 -17.75
C ASP C 92 -4.40 -14.80 -16.36
N HIS C 93 -4.09 -13.52 -16.13
CA HIS C 93 -4.42 -12.73 -14.92
C HIS C 93 -4.22 -13.59 -13.67
N PHE C 94 -3.01 -14.12 -13.51
CA PHE C 94 -2.65 -15.13 -12.49
C PHE C 94 -1.61 -14.51 -11.56
N GLN C 95 -1.92 -14.41 -10.27
CA GLN C 95 -0.97 -14.01 -9.22
C GLN C 95 -0.28 -15.24 -8.64
N ALA C 96 1.01 -15.36 -8.89
CA ALA C 96 1.91 -16.44 -8.42
C ALA C 96 2.46 -16.12 -7.04
N THR C 97 2.66 -14.84 -6.72
CA THR C 97 3.17 -14.37 -5.41
C THR C 97 2.09 -14.65 -4.37
N PRO C 98 2.42 -15.23 -3.20
CA PRO C 98 1.46 -15.32 -2.09
C PRO C 98 1.14 -13.93 -1.52
N HIS C 99 -0.01 -13.83 -0.82
CA HIS C 99 -0.56 -12.55 -0.28
C HIS C 99 0.54 -11.77 0.45
N HIS C 100 0.75 -10.51 0.08
CA HIS C 100 1.68 -9.53 0.70
C HIS C 100 3.15 -9.92 0.57
N GLY C 101 3.47 -10.88 -0.32
CA GLY C 101 4.84 -11.44 -0.47
C GLY C 101 5.30 -12.15 0.80
N VAL C 102 4.36 -12.74 1.56
CA VAL C 102 4.63 -13.56 2.77
C VAL C 102 4.74 -15.04 2.35
N TYR C 103 5.97 -15.52 2.14
CA TYR C 103 6.25 -16.96 1.83
C TYR C 103 6.28 -17.73 3.15
N SER C 104 5.97 -19.03 3.10
CA SER C 104 6.25 -20.02 4.18
C SER C 104 7.73 -19.90 4.59
N ARG C 105 8.07 -20.28 5.84
CA ARG C 105 9.49 -20.22 6.32
C ARG C 105 10.36 -21.02 5.37
N GLU C 106 9.88 -22.17 4.89
CA GLU C 106 10.63 -23.10 3.99
C GLU C 106 10.97 -22.37 2.69
N GLU C 107 9.98 -21.76 2.03
CA GLU C 107 10.18 -21.02 0.75
C GLU C 107 11.01 -19.75 1.00
N GLU C 108 10.75 -19.04 2.10
CA GLU C 108 11.49 -17.81 2.47
C GLU C 108 12.99 -18.15 2.61
N LEU C 109 13.32 -19.22 3.32
CA LEU C 109 14.73 -19.62 3.52
C LEU C 109 15.35 -20.09 2.21
N LEU C 110 14.61 -20.83 1.38
CA LEU C 110 15.13 -21.26 0.04
C LEU C 110 15.48 -20.03 -0.81
N ARG C 111 14.60 -19.03 -0.81
CA ARG C 111 14.82 -17.74 -1.53
C ARG C 111 16.09 -17.05 -0.99
N GLU C 112 16.33 -17.06 0.32
CA GLU C 112 17.59 -16.52 0.92
C GLU C 112 18.81 -17.30 0.41
N ARG C 113 18.76 -18.64 0.43
CA ARG C 113 19.90 -19.48 0.00
C ARG C 113 20.19 -19.22 -1.49
N LYS C 114 19.14 -19.06 -2.31
CA LYS C 114 19.29 -18.86 -3.78
C LYS C 114 19.53 -17.38 -4.14
N ARG C 115 19.56 -16.45 -3.18
CA ARG C 115 19.68 -14.99 -3.42
C ARG C 115 18.55 -14.52 -4.35
N LEU C 116 17.33 -15.01 -4.17
CA LEU C 116 16.15 -14.58 -4.96
C LEU C 116 15.46 -13.43 -4.23
N GLY C 117 15.37 -12.28 -4.88
CA GLY C 117 14.63 -11.11 -4.39
C GLY C 117 13.32 -10.90 -5.13
N VAL C 118 13.23 -11.34 -6.39
CA VAL C 118 12.06 -11.07 -7.26
C VAL C 118 10.86 -11.87 -6.73
N PHE C 119 9.67 -11.36 -6.98
CA PHE C 119 8.39 -12.03 -6.62
C PHE C 119 7.91 -12.84 -7.81
N GLY C 120 7.01 -13.80 -7.56
CA GLY C 120 6.33 -14.57 -8.61
C GLY C 120 7.05 -15.88 -8.88
N ILE C 121 6.89 -16.43 -10.08
CA ILE C 121 7.48 -17.76 -10.47
C ILE C 121 8.99 -17.56 -10.65
N THR C 122 9.81 -18.24 -9.86
CA THR C 122 11.28 -18.08 -9.85
C THR C 122 11.96 -19.31 -10.46
N SER C 123 11.22 -20.38 -10.73
CA SER C 123 11.71 -21.55 -11.50
C SER C 123 10.53 -22.35 -12.02
N TYR C 124 10.78 -23.13 -13.06
CA TYR C 124 9.78 -24.06 -13.64
C TYR C 124 10.53 -25.30 -14.14
N ASP C 125 9.85 -26.44 -14.08
CA ASP C 125 10.31 -27.67 -14.76
C ASP C 125 9.53 -27.81 -16.06
N PHE C 126 10.20 -28.29 -17.11
CA PHE C 126 9.67 -28.35 -18.49
C PHE C 126 10.00 -29.72 -19.07
N HIS C 127 9.00 -30.39 -19.63
CA HIS C 127 9.18 -31.66 -20.39
C HIS C 127 8.85 -31.36 -21.86
N SER C 128 9.87 -31.30 -22.71
CA SER C 128 9.77 -30.74 -24.09
C SER C 128 8.87 -31.64 -24.95
N GLU C 129 9.05 -32.95 -24.87
CA GLU C 129 8.27 -33.93 -25.70
C GLU C 129 6.77 -33.74 -25.47
N SER C 130 6.31 -33.60 -24.23
CA SER C 130 4.86 -33.46 -23.88
C SER C 130 4.44 -31.99 -23.80
N GLY C 131 5.37 -31.04 -23.65
CA GLY C 131 5.04 -29.61 -23.52
C GLY C 131 4.48 -29.26 -22.14
N LEU C 132 4.84 -30.05 -21.11
CA LEU C 132 4.33 -29.85 -19.72
C LEU C 132 5.27 -28.89 -18.97
N PHE C 133 4.70 -27.88 -18.33
CA PHE C 133 5.36 -26.94 -17.39
C PHE C 133 4.83 -27.22 -15.98
N LEU C 134 5.72 -27.33 -15.00
CA LEU C 134 5.38 -27.60 -13.59
C LEU C 134 6.07 -26.54 -12.73
N PHE C 135 5.33 -25.85 -11.86
CA PHE C 135 5.91 -24.75 -11.05
C PHE C 135 5.14 -24.56 -9.74
N GLN C 136 5.83 -23.98 -8.76
CA GLN C 136 5.25 -23.47 -7.50
C GLN C 136 4.63 -22.10 -7.77
N ALA C 137 3.43 -21.88 -7.25
CA ALA C 137 2.75 -20.57 -7.25
C ALA C 137 1.70 -20.56 -6.15
N SER C 138 1.55 -19.41 -5.49
CA SER C 138 0.43 -19.10 -4.57
C SER C 138 0.25 -20.20 -3.51
N ASN C 139 1.34 -20.60 -2.86
CA ASN C 139 1.36 -21.63 -1.76
C ASN C 139 0.89 -23.00 -2.28
N SER C 140 1.05 -23.30 -3.57
CA SER C 140 0.56 -24.57 -4.17
C SER C 140 1.42 -24.95 -5.38
N LEU C 141 0.99 -25.98 -6.11
CA LEU C 141 1.64 -26.47 -7.35
C LEU C 141 0.66 -26.29 -8.49
N PHE C 142 1.16 -25.80 -9.62
CA PHE C 142 0.37 -25.57 -10.83
C PHE C 142 1.12 -26.19 -11.99
N HIS C 143 0.38 -26.45 -13.07
CA HIS C 143 0.93 -26.93 -14.35
C HIS C 143 0.13 -26.32 -15.50
N CYS C 144 0.72 -26.35 -16.69
CA CYS C 144 0.07 -25.98 -17.96
C CYS C 144 0.84 -26.70 -19.06
N ARG C 145 0.24 -26.79 -20.24
CA ARG C 145 0.81 -27.49 -21.41
C ARG C 145 0.83 -26.51 -22.59
N ASP C 146 1.90 -26.52 -23.37
CA ASP C 146 2.02 -25.75 -24.63
C ASP C 146 3.04 -26.44 -25.53
N GLY C 147 2.85 -26.40 -26.84
CA GLY C 147 3.70 -27.10 -27.83
C GLY C 147 3.50 -28.61 -27.76
N GLY C 148 4.52 -29.39 -28.16
CA GLY C 148 4.42 -30.84 -28.41
C GLY C 148 3.20 -31.18 -29.26
N LYS C 149 2.42 -32.18 -28.85
CA LYS C 149 1.20 -32.68 -29.55
C LYS C 149 0.04 -31.68 -29.37
N ASN C 150 -0.01 -30.97 -28.24
CA ASN C 150 -1.14 -30.13 -27.76
C ASN C 150 -1.35 -28.89 -28.66
N GLY C 151 -0.31 -28.41 -29.36
CA GLY C 151 -0.37 -27.18 -30.17
C GLY C 151 0.05 -25.96 -29.36
N PHE C 152 0.19 -24.81 -30.03
CA PHE C 152 0.77 -23.57 -29.47
C PHE C 152 -0.35 -22.59 -29.18
N MET C 153 -0.48 -22.14 -27.92
CA MET C 153 -1.47 -21.11 -27.51
C MET C 153 -1.18 -19.78 -28.24
N VAL C 154 -2.22 -19.00 -28.50
CA VAL C 154 -2.22 -17.67 -29.16
C VAL C 154 -2.60 -16.59 -28.14
N SER C 155 -3.05 -16.97 -26.94
CA SER C 155 -3.45 -16.05 -25.85
C SER C 155 -3.23 -16.76 -24.51
N PRO C 156 -3.18 -16.03 -23.36
CA PRO C 156 -2.84 -16.66 -22.08
C PRO C 156 -3.90 -17.69 -21.65
N MET C 157 -3.48 -18.77 -20.97
CA MET C 157 -4.37 -19.83 -20.41
C MET C 157 -4.30 -19.74 -18.87
N LYS C 158 -5.34 -20.18 -18.15
CA LYS C 158 -5.31 -20.32 -16.67
C LYS C 158 -4.55 -21.60 -16.36
N PRO C 159 -3.55 -21.59 -15.45
CA PRO C 159 -2.83 -22.81 -15.11
C PRO C 159 -3.75 -23.69 -14.23
N LEU C 160 -3.57 -25.02 -14.27
CA LEU C 160 -4.37 -25.97 -13.46
C LEU C 160 -3.64 -26.23 -12.14
N GLU C 161 -4.32 -25.98 -11.03
CA GLU C 161 -3.79 -26.33 -9.68
C GLU C 161 -3.75 -27.86 -9.58
N ILE C 162 -2.70 -28.38 -8.97
CA ILE C 162 -2.59 -29.83 -8.64
C ILE C 162 -3.03 -29.98 -7.18
N LYS C 163 -4.14 -30.67 -6.96
CA LYS C 163 -4.76 -30.88 -5.63
C LYS C 163 -3.89 -31.86 -4.83
N THR C 164 -4.01 -31.83 -3.51
CA THR C 164 -3.21 -32.69 -2.60
C THR C 164 -4.03 -33.03 -1.35
N GLN C 165 -3.69 -34.13 -0.69
CA GLN C 165 -4.15 -34.47 0.68
C GLN C 165 -3.00 -34.22 1.65
N CYS C 166 -1.82 -33.78 1.18
CA CYS C 166 -0.64 -33.45 2.02
C CYS C 166 -0.92 -32.20 2.87
N SER C 167 -0.34 -32.13 4.07
CA SER C 167 -0.29 -30.94 4.95
C SER C 167 1.05 -30.24 4.77
N GLY C 168 1.03 -28.91 4.63
CA GLY C 168 2.24 -28.08 4.54
C GLY C 168 2.80 -28.08 3.12
N PRO C 169 3.88 -27.32 2.87
CA PRO C 169 4.34 -27.09 1.49
C PRO C 169 4.81 -28.36 0.76
N ARG C 170 4.55 -28.39 -0.54
CA ARG C 170 5.11 -29.34 -1.53
C ARG C 170 6.27 -28.63 -2.23
N MET C 171 7.50 -29.02 -1.91
CA MET C 171 8.75 -28.32 -2.31
C MET C 171 9.41 -29.11 -3.46
N ASP C 172 10.21 -28.42 -4.27
CA ASP C 172 11.15 -29.00 -5.26
C ASP C 172 10.42 -29.96 -6.20
N PRO C 173 9.36 -29.51 -6.89
CA PRO C 173 8.62 -30.39 -7.80
C PRO C 173 9.41 -30.62 -9.10
N LYS C 174 9.44 -31.86 -9.58
CA LYS C 174 10.11 -32.23 -10.84
C LYS C 174 9.27 -33.23 -11.63
N ILE C 175 9.25 -33.07 -12.95
CA ILE C 175 8.54 -34.00 -13.88
C ILE C 175 9.41 -35.25 -14.02
N CYS C 176 8.81 -36.41 -14.02
CA CYS C 176 9.50 -37.68 -14.38
C CYS C 176 9.92 -37.62 -15.84
N PRO C 177 11.23 -37.68 -16.17
CA PRO C 177 11.66 -37.61 -17.57
C PRO C 177 11.16 -38.78 -18.43
N ALA C 178 11.06 -39.97 -17.83
CA ALA C 178 10.69 -41.22 -18.51
C ALA C 178 9.19 -41.28 -18.75
N ASP C 179 8.39 -40.58 -17.94
CA ASP C 179 6.91 -40.63 -18.01
C ASP C 179 6.31 -39.36 -17.42
N PRO C 180 5.93 -38.37 -18.26
CA PRO C 180 5.49 -37.07 -17.75
C PRO C 180 4.11 -37.06 -17.09
N ALA C 181 3.43 -38.22 -17.05
CA ALA C 181 2.24 -38.43 -16.19
C ALA C 181 2.64 -38.33 -14.71
N PHE C 182 3.91 -38.57 -14.36
CA PHE C 182 4.41 -38.56 -12.97
C PHE C 182 5.25 -37.32 -12.69
N PHE C 183 5.11 -36.83 -11.46
CA PHE C 183 6.07 -35.85 -10.89
C PHE C 183 6.35 -36.24 -9.46
N SER C 184 7.39 -35.63 -8.93
CA SER C 184 7.87 -35.82 -7.55
C SER C 184 7.82 -34.48 -6.82
N PHE C 185 7.81 -34.54 -5.50
CA PHE C 185 7.98 -33.37 -4.62
C PHE C 185 8.42 -33.85 -3.24
N ILE C 186 8.85 -32.90 -2.42
CA ILE C 186 9.18 -33.13 -0.99
C ILE C 186 8.01 -32.55 -0.18
N ASN C 187 7.50 -33.34 0.76
CA ASN C 187 6.51 -32.87 1.75
C ASN C 187 6.96 -33.36 3.13
N ASN C 188 7.07 -32.45 4.10
CA ASN C 188 7.46 -32.79 5.50
C ASN C 188 8.69 -33.70 5.47
N SER C 189 9.74 -33.30 4.74
CA SER C 189 11.08 -33.93 4.75
C SER C 189 11.06 -35.35 4.16
N ASP C 190 10.06 -35.70 3.36
CA ASP C 190 10.00 -37.02 2.66
C ASP C 190 9.64 -36.81 1.18
N LEU C 191 10.08 -37.77 0.37
CA LEU C 191 9.88 -37.80 -1.09
C LEU C 191 8.51 -38.42 -1.38
N TRP C 192 7.75 -37.76 -2.24
CA TRP C 192 6.44 -38.22 -2.76
C TRP C 192 6.52 -38.26 -4.29
N VAL C 193 5.66 -39.07 -4.88
CA VAL C 193 5.34 -39.01 -6.33
C VAL C 193 3.83 -38.88 -6.44
N ALA C 194 3.42 -38.31 -7.54
CA ALA C 194 2.01 -38.19 -7.89
C ALA C 194 1.88 -38.40 -9.39
N ASN C 195 0.71 -38.84 -9.77
CA ASN C 195 0.29 -38.90 -11.18
C ASN C 195 -0.52 -37.62 -11.41
N ILE C 196 0.05 -36.74 -12.23
CA ILE C 196 -0.46 -35.36 -12.47
C ILE C 196 -1.80 -35.47 -13.21
N GLU C 197 -2.02 -36.57 -13.95
CA GLU C 197 -3.22 -36.83 -14.78
C GLU C 197 -4.34 -37.40 -13.91
N THR C 198 -4.07 -38.37 -13.04
CA THR C 198 -5.11 -39.09 -12.22
C THR C 198 -5.32 -38.42 -10.85
N GLY C 199 -4.33 -37.68 -10.35
CA GLY C 199 -4.36 -37.07 -9.01
C GLY C 199 -3.89 -38.02 -7.91
N GLU C 200 -3.60 -39.29 -8.21
CA GLU C 200 -3.04 -40.27 -7.24
C GLU C 200 -1.70 -39.75 -6.70
N GLU C 201 -1.55 -39.73 -5.38
CA GLU C 201 -0.29 -39.33 -4.69
C GLU C 201 0.17 -40.53 -3.86
N ARG C 202 1.48 -40.66 -3.66
CA ARG C 202 2.08 -41.80 -2.94
C ARG C 202 3.36 -41.35 -2.28
N ARG C 203 3.43 -41.51 -0.96
CA ARG C 203 4.66 -41.27 -0.17
C ARG C 203 5.64 -42.40 -0.49
N LEU C 204 6.90 -42.07 -0.82
CA LEU C 204 7.95 -43.07 -1.14
C LEU C 204 8.87 -43.31 0.05
N THR C 205 9.17 -42.30 0.86
CA THR C 205 10.15 -42.39 1.97
C THR C 205 9.46 -42.08 3.28
N PHE C 206 9.93 -42.68 4.35
CA PHE C 206 9.28 -42.68 5.69
C PHE C 206 10.30 -42.34 6.78
N CYS C 207 11.17 -41.36 6.51
N CYS C 207 11.18 -41.36 6.56
CA CYS C 207 12.23 -40.85 7.42
CA CYS C 207 12.21 -41.06 7.59
C CYS C 207 11.67 -39.98 8.53
C CYS C 207 11.78 -39.91 8.51
N HIS C 208 10.73 -39.12 8.17
CA HIS C 208 10.14 -38.10 9.06
C HIS C 208 8.95 -38.73 9.80
N GLN C 209 9.04 -38.84 11.12
CA GLN C 209 8.00 -39.50 11.96
C GLN C 209 6.83 -38.53 12.20
N GLY C 210 7.09 -37.23 12.17
CA GLY C 210 6.12 -36.18 12.53
C GLY C 210 5.91 -36.08 14.03
N LEU C 211 6.98 -36.30 14.81
CA LEU C 211 6.96 -36.20 16.30
C LEU C 211 6.68 -34.75 16.71
N SER C 212 6.05 -34.55 17.88
CA SER C 212 5.67 -33.22 18.43
C SER C 212 6.94 -32.38 18.63
N ASN C 213 7.98 -32.95 19.24
CA ASN C 213 9.33 -32.32 19.35
C ASN C 213 10.11 -32.58 18.05
N VAL C 214 10.22 -31.54 17.21
CA VAL C 214 10.90 -31.56 15.88
C VAL C 214 12.36 -32.00 16.05
N LEU C 215 13.01 -31.66 17.17
CA LEU C 215 14.44 -31.96 17.43
C LEU C 215 14.65 -33.45 17.68
N ASP C 216 13.59 -34.20 18.03
CA ASP C 216 13.63 -35.68 18.18
C ASP C 216 13.35 -36.36 16.82
N ASP C 217 13.17 -35.58 15.73
CA ASP C 217 12.75 -36.06 14.39
C ASP C 217 13.76 -35.57 13.35
N PRO C 218 15.01 -36.07 13.38
CA PRO C 218 16.11 -35.42 12.67
C PRO C 218 16.46 -35.94 11.26
N LYS C 219 15.68 -36.88 10.70
CA LYS C 219 15.99 -37.47 9.37
C LYS C 219 15.12 -36.85 8.27
N SER C 220 15.68 -36.69 7.09
CA SER C 220 15.02 -36.19 5.86
C SER C 220 15.45 -37.06 4.68
N ALA C 221 14.61 -37.12 3.66
CA ALA C 221 14.90 -37.77 2.36
C ALA C 221 14.64 -36.75 1.26
N GLY C 222 15.61 -36.56 0.38
CA GLY C 222 15.43 -35.79 -0.86
C GLY C 222 15.72 -34.32 -0.66
N VAL C 223 16.23 -33.94 0.51
CA VAL C 223 16.41 -32.53 0.96
C VAL C 223 17.91 -32.20 1.01
N ALA C 224 18.29 -31.07 0.41
CA ALA C 224 19.60 -30.41 0.60
C ALA C 224 19.58 -29.65 1.94
N THR C 225 20.48 -29.99 2.86
CA THR C 225 20.55 -29.34 4.20
C THR C 225 21.21 -27.95 4.08
N PHE C 226 21.27 -27.22 5.18
CA PHE C 226 21.70 -25.79 5.20
C PHE C 226 23.08 -25.61 4.54
N VAL C 227 24.10 -26.38 4.93
CA VAL C 227 25.49 -26.11 4.44
C VAL C 227 25.56 -26.47 2.96
N ILE C 228 24.79 -27.47 2.51
CA ILE C 228 24.77 -27.86 1.07
C ILE C 228 24.19 -26.69 0.24
N GLN C 229 23.10 -26.09 0.72
CA GLN C 229 22.43 -24.98 0.02
C GLN C 229 23.32 -23.72 0.09
N GLU C 230 23.84 -23.39 1.26
CA GLU C 230 24.57 -22.12 1.46
C GLU C 230 25.99 -22.20 0.88
N GLU C 231 26.68 -23.35 0.97
CA GLU C 231 28.13 -23.39 0.69
C GLU C 231 28.46 -24.27 -0.51
N PHE C 232 27.55 -25.08 -1.02
CA PHE C 232 27.82 -25.96 -2.19
C PHE C 232 26.83 -25.69 -3.33
N ASP C 233 25.95 -24.68 -3.21
CA ASP C 233 25.08 -24.29 -4.36
C ASP C 233 24.24 -25.48 -4.84
N ARG C 234 23.81 -26.36 -3.94
CA ARG C 234 22.89 -27.49 -4.32
C ARG C 234 21.59 -27.34 -3.53
N PHE C 235 20.47 -27.32 -4.24
CA PHE C 235 19.13 -26.98 -3.68
C PHE C 235 18.17 -28.17 -3.80
N THR C 236 18.68 -29.35 -4.17
CA THR C 236 17.87 -30.57 -4.33
C THR C 236 18.64 -31.72 -3.71
N GLY C 237 17.93 -32.71 -3.18
CA GLY C 237 18.54 -33.94 -2.64
C GLY C 237 17.95 -35.17 -3.32
N TYR C 238 17.42 -35.05 -4.53
CA TYR C 238 16.92 -36.22 -5.28
C TYR C 238 17.05 -35.96 -6.79
N TRP C 239 17.13 -37.08 -7.52
CA TRP C 239 17.42 -37.11 -8.98
C TRP C 239 16.64 -38.24 -9.62
N TRP C 240 15.69 -37.90 -10.51
CA TRP C 240 14.95 -38.91 -11.32
C TRP C 240 15.93 -39.69 -12.19
N CYS C 241 15.81 -41.00 -12.19
CA CYS C 241 16.36 -41.84 -13.25
C CYS C 241 15.67 -41.47 -14.55
N PRO C 242 16.40 -41.18 -15.65
CA PRO C 242 15.76 -40.74 -16.90
C PRO C 242 15.01 -41.84 -17.67
N THR C 243 15.15 -43.12 -17.29
CA THR C 243 14.56 -44.26 -18.02
C THR C 243 13.66 -45.10 -17.11
N ALA C 244 12.73 -45.80 -17.74
CA ALA C 244 11.89 -46.84 -17.13
C ALA C 244 12.57 -48.19 -17.38
N SER C 245 12.35 -49.15 -16.49
CA SER C 245 12.75 -50.57 -16.73
C SER C 245 11.51 -51.46 -16.56
N TRP C 246 11.62 -52.71 -17.01
CA TRP C 246 10.49 -53.66 -17.18
C TRP C 246 10.84 -55.01 -16.55
N GLU C 247 11.30 -55.03 -15.30
CA GLU C 247 11.55 -56.29 -14.53
C GLU C 247 10.20 -56.92 -14.10
N GLY C 248 10.17 -58.24 -13.91
CA GLY C 248 8.95 -58.99 -13.52
C GLY C 248 8.17 -59.47 -14.74
N SER C 249 7.18 -60.35 -14.51
CA SER C 249 6.36 -61.02 -15.55
C SER C 249 4.91 -60.50 -15.57
N GLU C 250 4.62 -59.41 -14.84
CA GLU C 250 3.25 -58.81 -14.74
C GLU C 250 3.09 -57.63 -15.72
N GLY C 251 4.13 -57.29 -16.49
CA GLY C 251 4.10 -56.18 -17.46
C GLY C 251 4.14 -54.81 -16.80
N LEU C 252 4.58 -54.73 -15.53
CA LEU C 252 4.72 -53.45 -14.80
C LEU C 252 5.97 -52.71 -15.30
N LYS C 253 5.93 -51.38 -15.20
CA LYS C 253 7.06 -50.47 -15.51
C LYS C 253 7.64 -50.00 -14.19
N THR C 254 8.96 -49.98 -14.04
CA THR C 254 9.65 -49.49 -12.82
C THR C 254 10.28 -48.13 -13.10
N LEU C 255 10.00 -47.17 -12.23
CA LEU C 255 10.57 -45.80 -12.22
C LEU C 255 11.40 -45.67 -10.94
N ARG C 256 12.50 -44.91 -11.03
CA ARG C 256 13.53 -44.84 -9.96
C ARG C 256 13.86 -43.39 -9.66
N ILE C 257 14.15 -43.13 -8.39
CA ILE C 257 14.66 -41.81 -7.91
C ILE C 257 15.81 -42.08 -6.96
N LEU C 258 16.98 -41.54 -7.29
CA LEU C 258 18.14 -41.48 -6.39
C LEU C 258 17.87 -40.35 -5.40
N TYR C 259 18.15 -40.56 -4.12
CA TYR C 259 17.94 -39.49 -3.13
C TYR C 259 19.00 -39.60 -2.04
N GLU C 260 19.28 -38.44 -1.45
CA GLU C 260 20.15 -38.31 -0.27
C GLU C 260 19.27 -38.42 0.97
N GLU C 261 19.57 -39.37 1.83
CA GLU C 261 18.98 -39.45 3.19
C GLU C 261 19.98 -38.81 4.14
N VAL C 262 19.49 -37.95 5.02
CA VAL C 262 20.34 -37.24 6.00
C VAL C 262 19.80 -37.50 7.39
N ASP C 263 20.71 -37.53 8.36
CA ASP C 263 20.37 -37.58 9.80
C ASP C 263 21.11 -36.41 10.45
N GLU C 264 20.36 -35.43 10.94
CA GLU C 264 20.91 -34.20 11.57
C GLU C 264 20.98 -34.32 13.11
N SER C 265 20.78 -35.52 13.68
N SER C 265 20.78 -35.52 13.68
CA SER C 265 20.72 -35.77 15.15
CA SER C 265 20.67 -35.72 15.16
C SER C 265 21.88 -35.11 15.89
C SER C 265 21.87 -35.12 15.90
N GLU C 266 23.10 -35.26 15.37
CA GLU C 266 24.35 -34.82 16.06
C GLU C 266 24.71 -33.39 15.65
N VAL C 267 23.98 -32.77 14.72
CA VAL C 267 24.27 -31.39 14.26
C VAL C 267 23.79 -30.42 15.34
N GLU C 268 24.64 -29.46 15.70
CA GLU C 268 24.36 -28.45 16.73
C GLU C 268 23.14 -27.62 16.32
N VAL C 269 22.34 -27.24 17.31
CA VAL C 269 21.11 -26.43 17.13
C VAL C 269 21.41 -25.00 17.58
N ILE C 270 21.02 -24.04 16.75
CA ILE C 270 21.07 -22.60 17.12
C ILE C 270 19.67 -22.03 16.91
N HIS C 271 19.41 -20.89 17.56
CA HIS C 271 18.11 -20.17 17.52
C HIS C 271 18.35 -18.84 16.84
N VAL C 272 17.55 -18.53 15.82
CA VAL C 272 17.57 -17.22 15.14
C VAL C 272 16.17 -16.65 15.29
N PRO C 273 16.02 -15.36 15.69
CA PRO C 273 14.71 -14.76 15.79
C PRO C 273 13.93 -14.93 14.48
N SER C 274 12.62 -15.20 14.61
N SER C 274 12.63 -15.21 14.61
CA SER C 274 11.65 -15.32 13.50
CA SER C 274 11.69 -15.34 13.48
C SER C 274 11.28 -13.92 13.02
C SER C 274 11.28 -13.94 13.03
N PRO C 275 10.98 -13.73 11.71
CA PRO C 275 10.54 -12.44 11.20
C PRO C 275 9.23 -11.85 11.76
N ALA C 276 8.35 -12.64 12.37
CA ALA C 276 7.20 -12.09 13.13
C ALA C 276 7.72 -11.59 14.48
N LEU C 277 8.32 -10.39 14.51
CA LEU C 277 9.06 -9.86 15.71
C LEU C 277 8.14 -9.82 16.93
N GLU C 278 6.87 -9.45 16.73
CA GLU C 278 5.87 -9.31 17.82
C GLU C 278 5.62 -10.64 18.55
N GLU C 279 5.96 -11.78 17.93
CA GLU C 279 5.77 -13.11 18.60
C GLU C 279 6.93 -13.39 19.56
N ARG C 280 8.05 -12.64 19.46
CA ARG C 280 9.22 -12.70 20.39
C ARG C 280 9.71 -14.17 20.51
N LYS C 281 9.82 -14.85 19.38
CA LYS C 281 10.23 -16.27 19.29
C LYS C 281 11.34 -16.41 18.26
N THR C 282 12.03 -17.55 18.31
CA THR C 282 13.10 -17.96 17.39
C THR C 282 12.65 -19.20 16.59
N ASP C 283 13.29 -19.42 15.45
CA ASP C 283 13.32 -20.69 14.70
C ASP C 283 14.61 -21.43 15.09
N SER C 284 14.54 -22.77 15.20
CA SER C 284 15.70 -23.66 15.43
C SER C 284 16.31 -24.09 14.09
N TYR C 285 17.63 -23.98 13.97
CA TYR C 285 18.43 -24.35 12.76
C TYR C 285 19.44 -25.40 13.18
N ARG C 286 19.61 -26.44 12.37
CA ARG C 286 20.78 -27.36 12.42
C ARG C 286 21.93 -26.64 11.72
N TYR C 287 22.79 -25.98 12.49
CA TYR C 287 23.89 -25.13 11.97
C TYR C 287 25.21 -25.79 12.31
N PRO C 288 25.88 -26.45 11.35
CA PRO C 288 27.19 -27.03 11.60
C PRO C 288 28.25 -25.92 11.65
N ARG C 289 28.63 -25.49 12.85
CA ARG C 289 29.75 -24.54 13.01
C ARG C 289 31.04 -25.30 12.67
N THR C 290 32.03 -24.56 12.17
CA THR C 290 33.35 -25.11 11.77
C THR C 290 33.89 -26.04 12.88
N GLY C 291 34.34 -27.23 12.50
CA GLY C 291 34.91 -28.24 13.42
C GLY C 291 33.86 -29.16 14.03
N SER C 292 32.57 -28.83 13.96
CA SER C 292 31.47 -29.60 14.59
C SER C 292 30.85 -30.55 13.54
N LYS C 293 29.86 -31.34 13.93
CA LYS C 293 29.33 -32.42 13.08
C LYS C 293 28.53 -31.86 11.91
N ASN C 294 28.80 -32.36 10.72
CA ASN C 294 27.89 -32.25 9.56
C ASN C 294 26.84 -33.35 9.69
N PRO C 295 25.72 -33.28 8.93
CA PRO C 295 24.78 -34.38 8.89
C PRO C 295 25.42 -35.70 8.48
N LYS C 296 24.85 -36.80 8.99
CA LYS C 296 25.14 -38.15 8.49
C LYS C 296 24.37 -38.34 7.18
N ILE C 297 25.04 -38.79 6.12
CA ILE C 297 24.43 -38.85 4.75
C ILE C 297 24.53 -40.27 4.17
N ALA C 298 23.65 -40.58 3.24
CA ALA C 298 23.72 -41.80 2.40
C ALA C 298 22.95 -41.50 1.13
N LEU C 299 23.34 -42.12 0.04
CA LEU C 299 22.50 -42.20 -1.16
C LEU C 299 21.67 -43.48 -1.05
N LYS C 300 20.39 -43.36 -1.38
CA LYS C 300 19.41 -44.46 -1.43
C LYS C 300 18.65 -44.36 -2.74
N LEU C 301 17.84 -45.36 -3.01
CA LEU C 301 17.06 -45.46 -4.26
C LEU C 301 15.62 -45.77 -3.88
N ALA C 302 14.69 -44.92 -4.31
CA ALA C 302 13.23 -45.13 -4.23
C ALA C 302 12.82 -45.67 -5.59
N GLU C 303 12.07 -46.76 -5.61
CA GLU C 303 11.51 -47.36 -6.84
C GLU C 303 10.01 -47.46 -6.63
N PHE C 304 9.26 -47.30 -7.69
CA PHE C 304 7.82 -47.64 -7.72
C PHE C 304 7.50 -48.27 -9.06
N GLN C 305 6.45 -49.08 -9.08
N GLN C 305 6.44 -49.08 -9.06
CA GLN C 305 5.93 -49.76 -10.29
CA GLN C 305 5.91 -49.78 -10.26
C GLN C 305 4.58 -49.16 -10.66
C GLN C 305 4.58 -49.16 -10.66
N THR C 306 4.33 -49.03 -11.96
CA THR C 306 3.10 -48.46 -12.53
C THR C 306 2.56 -49.44 -13.58
N ASP C 307 1.23 -49.50 -13.73
CA ASP C 307 0.58 -50.34 -14.78
C ASP C 307 0.30 -49.45 -16.00
N SER C 308 -0.31 -50.02 -17.05
CA SER C 308 -0.55 -49.32 -18.34
C SER C 308 -1.47 -48.11 -18.15
N GLN C 309 -2.36 -48.14 -17.14
CA GLN C 309 -3.32 -47.04 -16.82
C GLN C 309 -2.70 -46.02 -15.85
N GLY C 310 -1.41 -46.12 -15.53
CA GLY C 310 -0.67 -45.15 -14.69
C GLY C 310 -0.97 -45.30 -13.21
N LYS C 311 -1.49 -46.46 -12.76
CA LYS C 311 -1.74 -46.70 -11.31
C LYS C 311 -0.41 -46.97 -10.62
N ILE C 312 -0.14 -46.35 -9.47
CA ILE C 312 1.07 -46.67 -8.63
C ILE C 312 0.76 -47.94 -7.82
N VAL C 313 1.33 -49.08 -8.25
CA VAL C 313 0.99 -50.45 -7.80
C VAL C 313 1.79 -50.79 -6.53
N SER C 314 3.03 -50.35 -6.45
CA SER C 314 3.95 -50.74 -5.35
C SER C 314 5.12 -49.76 -5.32
N THR C 315 5.71 -49.63 -4.14
CA THR C 315 6.87 -48.74 -3.88
C THR C 315 7.87 -49.52 -3.03
N GLN C 316 9.13 -49.14 -3.09
CA GLN C 316 10.21 -49.80 -2.33
C GLN C 316 11.30 -48.76 -2.03
N GLU C 317 11.73 -48.67 -0.77
CA GLU C 317 12.98 -48.00 -0.34
C GLU C 317 14.11 -49.01 -0.47
N LYS C 318 15.15 -48.65 -1.19
CA LYS C 318 16.36 -49.48 -1.34
C LYS C 318 17.57 -48.70 -0.86
N GLU C 319 18.56 -49.42 -0.34
CA GLU C 319 19.79 -48.86 0.26
C GLU C 319 20.96 -49.70 -0.23
N LEU C 320 22.16 -49.13 -0.18
CA LEU C 320 23.39 -49.82 -0.60
C LEU C 320 23.52 -51.14 0.20
N VAL C 321 23.91 -52.20 -0.50
CA VAL C 321 24.03 -53.57 0.07
C VAL C 321 24.94 -53.54 1.31
N GLN C 322 25.98 -52.71 1.33
CA GLN C 322 26.74 -52.40 2.55
C GLN C 322 26.59 -50.91 2.83
N PRO C 323 26.58 -50.47 4.10
CA PRO C 323 26.32 -49.07 4.42
C PRO C 323 27.20 -48.07 3.65
N PHE C 324 26.62 -46.93 3.27
CA PHE C 324 27.31 -45.81 2.62
C PHE C 324 28.62 -45.52 3.37
N SER C 325 28.58 -45.49 4.70
CA SER C 325 29.73 -45.18 5.59
C SER C 325 30.82 -46.25 5.50
N SER C 326 30.48 -47.51 5.20
CA SER C 326 31.47 -48.61 5.00
C SER C 326 32.10 -48.52 3.62
N LEU C 327 31.29 -48.34 2.57
CA LEU C 327 31.77 -48.26 1.17
C LEU C 327 32.61 -47.01 0.97
N PHE C 328 32.22 -45.88 1.55
CA PHE C 328 32.79 -44.55 1.25
C PHE C 328 33.09 -43.83 2.57
N PRO C 329 34.03 -44.37 3.39
CA PRO C 329 34.26 -43.89 4.75
C PRO C 329 34.87 -42.49 4.84
N LYS C 330 35.49 -41.97 3.78
CA LYS C 330 36.14 -40.63 3.80
C LYS C 330 35.20 -39.55 3.27
N VAL C 331 33.99 -39.91 2.82
CA VAL C 331 33.06 -38.92 2.20
C VAL C 331 32.38 -38.12 3.32
N GLU C 332 32.52 -36.80 3.27
CA GLU C 332 31.85 -35.85 4.19
C GLU C 332 30.62 -35.25 3.49
N TYR C 333 30.73 -34.90 2.21
CA TYR C 333 29.69 -34.18 1.45
C TYR C 333 29.42 -34.91 0.15
N ILE C 334 28.15 -34.93 -0.24
CA ILE C 334 27.72 -35.19 -1.64
C ILE C 334 27.57 -33.82 -2.29
N ALA C 335 28.46 -33.45 -3.21
CA ALA C 335 28.38 -32.15 -3.90
C ALA C 335 27.23 -32.18 -4.92
N ARG C 336 27.19 -33.22 -5.73
CA ARG C 336 26.30 -33.32 -6.92
C ARG C 336 25.97 -34.80 -7.14
N ALA C 337 24.89 -35.07 -7.87
CA ALA C 337 24.54 -36.42 -8.26
C ALA C 337 23.69 -36.35 -9.53
N GLY C 338 23.46 -37.51 -10.12
CA GLY C 338 22.60 -37.63 -11.29
C GLY C 338 22.65 -39.04 -11.83
N TRP C 339 22.36 -39.18 -13.12
CA TRP C 339 22.30 -40.47 -13.82
C TRP C 339 22.99 -40.33 -15.17
N THR C 340 23.50 -41.42 -15.69
CA THR C 340 23.83 -41.56 -17.13
C THR C 340 22.51 -41.51 -17.91
N ARG C 341 22.54 -41.05 -19.17
CA ARG C 341 21.31 -40.77 -19.98
C ARG C 341 20.51 -42.05 -20.23
N ASP C 342 21.14 -43.23 -20.21
CA ASP C 342 20.46 -44.54 -20.40
C ASP C 342 19.91 -45.08 -19.06
N GLY C 343 20.18 -44.42 -17.93
CA GLY C 343 19.77 -44.89 -16.60
C GLY C 343 20.58 -46.06 -16.07
N LYS C 344 21.66 -46.45 -16.75
CA LYS C 344 22.44 -47.66 -16.36
C LYS C 344 23.14 -47.40 -15.02
N TYR C 345 23.60 -46.18 -14.77
CA TYR C 345 24.32 -45.79 -13.54
C TYR C 345 23.72 -44.52 -12.96
N ALA C 346 23.55 -44.50 -11.64
CA ALA C 346 23.51 -43.25 -10.86
C ALA C 346 24.97 -42.80 -10.75
N TRP C 347 25.21 -41.52 -10.56
CA TRP C 347 26.58 -41.03 -10.25
C TRP C 347 26.51 -40.01 -9.14
N ALA C 348 27.62 -39.84 -8.44
CA ALA C 348 27.74 -38.84 -7.36
C ALA C 348 29.14 -38.27 -7.37
N MET C 349 29.22 -36.99 -7.05
N MET C 349 29.25 -36.97 -7.11
CA MET C 349 30.49 -36.27 -6.79
CA MET C 349 30.50 -36.27 -6.77
C MET C 349 30.65 -36.15 -5.27
C MET C 349 30.59 -36.23 -5.25
N PHE C 350 31.62 -36.87 -4.70
CA PHE C 350 31.89 -36.97 -3.24
C PHE C 350 33.09 -36.08 -2.89
N LEU C 351 33.03 -35.39 -1.76
CA LEU C 351 34.14 -34.59 -1.20
C LEU C 351 34.48 -35.14 0.17
N ASP C 352 35.76 -35.14 0.50
CA ASP C 352 36.20 -35.41 1.89
C ASP C 352 36.02 -34.13 2.70
N ARG C 353 36.19 -34.24 4.01
CA ARG C 353 35.90 -33.12 4.94
C ARG C 353 36.89 -31.98 4.70
N PRO C 354 38.22 -32.21 4.54
CA PRO C 354 39.13 -31.13 4.18
C PRO C 354 38.89 -30.50 2.81
N GLN C 355 38.05 -31.12 1.98
CA GLN C 355 37.69 -30.66 0.62
C GLN C 355 38.97 -30.53 -0.22
N GLN C 356 39.87 -31.51 -0.08
CA GLN C 356 41.10 -31.61 -0.92
C GLN C 356 41.06 -32.87 -1.79
N TRP C 357 39.95 -33.60 -1.76
CA TRP C 357 39.81 -34.91 -2.44
C TRP C 357 38.38 -35.07 -2.91
N LEU C 358 38.21 -35.15 -4.21
CA LEU C 358 36.88 -35.34 -4.85
C LEU C 358 36.94 -36.66 -5.62
N GLN C 359 35.84 -37.42 -5.58
CA GLN C 359 35.65 -38.61 -6.42
C GLN C 359 34.31 -38.50 -7.15
N LEU C 360 34.32 -38.86 -8.44
N LEU C 360 34.32 -38.87 -8.43
CA LEU C 360 33.12 -39.07 -9.26
CA LEU C 360 33.13 -39.09 -9.28
C LEU C 360 32.90 -40.59 -9.34
C LEU C 360 32.90 -40.60 -9.35
N VAL C 361 31.76 -41.07 -8.86
CA VAL C 361 31.50 -42.51 -8.59
C VAL C 361 30.20 -42.91 -9.29
N LEU C 362 30.24 -43.99 -10.07
CA LEU C 362 29.06 -44.62 -10.67
C LEU C 362 28.52 -45.63 -9.68
N LEU C 363 27.20 -45.69 -9.53
CA LEU C 363 26.51 -46.66 -8.67
C LEU C 363 25.42 -47.33 -9.49
N PRO C 364 25.58 -48.62 -9.84
CA PRO C 364 24.52 -49.32 -10.57
C PRO C 364 23.34 -49.57 -9.64
N PRO C 365 22.09 -49.47 -10.11
CA PRO C 365 20.93 -49.80 -9.28
C PRO C 365 20.97 -51.19 -8.63
N ALA C 366 21.65 -52.18 -9.23
CA ALA C 366 21.76 -53.56 -8.70
C ALA C 366 22.56 -53.58 -7.38
N LEU C 367 23.32 -52.54 -7.07
CA LEU C 367 24.07 -52.44 -5.78
C LEU C 367 23.12 -52.10 -4.62
N PHE C 368 21.87 -51.67 -4.91
CA PHE C 368 20.88 -51.28 -3.88
C PHE C 368 19.93 -52.45 -3.64
N ILE C 369 19.61 -52.76 -2.38
CA ILE C 369 18.70 -53.87 -1.98
C ILE C 369 17.54 -53.27 -1.18
N PRO C 370 16.39 -53.98 -1.06
CA PRO C 370 15.27 -53.49 -0.26
C PRO C 370 15.69 -53.22 1.19
N SER C 371 15.34 -52.04 1.71
CA SER C 371 15.49 -51.68 3.14
C SER C 371 14.56 -52.58 3.94
N THR C 372 15.03 -53.13 5.06
CA THR C 372 14.23 -54.01 5.94
C THR C 372 14.79 -53.96 7.37
N GLU C 373 13.95 -54.24 8.35
CA GLU C 373 14.34 -54.47 9.77
C GLU C 373 14.73 -55.95 9.95
N ASN C 374 14.30 -56.83 9.03
CA ASN C 374 14.47 -58.31 9.11
C ASN C 374 15.88 -58.65 8.62
N GLU C 375 16.79 -59.01 9.55
CA GLU C 375 18.21 -59.30 9.22
C GLU C 375 18.32 -60.51 8.27
N GLU C 376 17.43 -61.50 8.38
CA GLU C 376 17.43 -62.71 7.52
C GLU C 376 17.08 -62.31 6.07
N GLN C 377 16.05 -61.49 5.88
CA GLN C 377 15.65 -60.97 4.53
C GLN C 377 16.79 -60.11 3.96
N ARG C 378 17.43 -59.29 4.79
CA ARG C 378 18.54 -58.41 4.36
C ARG C 378 19.69 -59.28 3.82
N LEU C 379 20.10 -60.29 4.57
CA LEU C 379 21.20 -61.22 4.21
C LEU C 379 20.84 -61.95 2.89
N ALA C 380 19.60 -62.40 2.71
CA ALA C 380 19.14 -63.04 1.46
C ALA C 380 19.37 -62.07 0.30
N SER C 381 18.95 -60.79 0.48
CA SER C 381 19.13 -59.74 -0.57
C SER C 381 20.63 -59.57 -0.87
N ALA C 382 21.46 -59.46 0.15
CA ALA C 382 22.92 -59.19 0.00
C ALA C 382 23.58 -60.37 -0.73
N ARG C 383 23.20 -61.61 -0.37
CA ARG C 383 23.68 -62.87 -1.01
C ARG C 383 23.34 -62.90 -2.51
N ALA C 384 22.23 -62.27 -2.93
CA ALA C 384 21.79 -62.23 -4.35
C ALA C 384 22.49 -61.12 -5.15
N VAL C 385 23.19 -60.17 -4.52
CA VAL C 385 23.88 -59.09 -5.31
C VAL C 385 25.05 -59.74 -6.03
N PRO C 386 25.11 -59.72 -7.38
CA PRO C 386 26.21 -60.41 -8.08
C PRO C 386 27.60 -59.85 -7.74
N ARG C 387 28.61 -60.72 -7.82
CA ARG C 387 30.03 -60.36 -7.59
C ARG C 387 30.49 -59.27 -8.56
N ASN C 388 29.93 -59.21 -9.77
CA ASN C 388 30.35 -58.27 -10.84
C ASN C 388 29.69 -56.89 -10.65
N VAL C 389 28.85 -56.69 -9.63
CA VAL C 389 28.18 -55.40 -9.37
C VAL C 389 29.06 -54.64 -8.37
N GLN C 390 29.39 -53.39 -8.68
CA GLN C 390 30.26 -52.59 -7.80
C GLN C 390 30.14 -51.12 -8.12
N PRO C 391 30.55 -50.24 -7.17
CA PRO C 391 30.82 -48.84 -7.48
C PRO C 391 32.02 -48.73 -8.44
N TYR C 392 32.10 -47.66 -9.21
CA TYR C 392 33.26 -47.33 -10.09
C TYR C 392 33.67 -45.88 -9.82
N VAL C 393 34.87 -45.65 -9.28
CA VAL C 393 35.44 -44.27 -9.17
C VAL C 393 36.05 -43.95 -10.55
N VAL C 394 35.32 -43.21 -11.39
CA VAL C 394 35.71 -42.92 -12.79
C VAL C 394 36.59 -41.66 -12.85
N TYR C 395 36.69 -40.89 -11.76
CA TYR C 395 37.55 -39.69 -11.74
C TYR C 395 37.86 -39.32 -10.29
N GLU C 396 39.07 -38.83 -10.08
CA GLU C 396 39.54 -38.38 -8.77
C GLU C 396 40.32 -37.08 -8.96
N GLU C 397 40.06 -36.10 -8.11
CA GLU C 397 40.74 -34.77 -8.10
C GLU C 397 41.33 -34.59 -6.71
N VAL C 398 42.63 -34.29 -6.64
CA VAL C 398 43.38 -34.11 -5.37
C VAL C 398 44.18 -32.80 -5.48
N THR C 399 44.28 -32.06 -4.39
CA THR C 399 44.97 -30.73 -4.37
C THR C 399 45.53 -30.47 -2.99
N ASN C 400 46.58 -29.63 -2.91
CA ASN C 400 47.08 -29.11 -1.62
C ASN C 400 46.44 -27.73 -1.35
N VAL C 401 45.57 -27.23 -2.22
CA VAL C 401 44.82 -25.95 -2.00
C VAL C 401 43.42 -26.33 -1.51
N TRP C 402 42.40 -26.33 -2.39
CA TRP C 402 41.05 -26.90 -2.10
C TRP C 402 40.39 -27.21 -3.43
N ILE C 403 39.42 -28.11 -3.40
CA ILE C 403 38.56 -28.44 -4.56
C ILE C 403 37.44 -27.40 -4.58
N ASN C 404 37.34 -26.64 -5.66
CA ASN C 404 36.11 -25.89 -6.01
C ASN C 404 35.20 -26.89 -6.72
N VAL C 405 33.97 -27.05 -6.28
CA VAL C 405 32.99 -27.94 -6.99
C VAL C 405 32.67 -27.32 -8.34
N HIS C 406 33.03 -28.02 -9.42
CA HIS C 406 32.74 -27.64 -10.83
C HIS C 406 31.59 -28.53 -11.34
N ASP C 407 30.57 -27.91 -11.95
CA ASP C 407 29.28 -28.59 -12.29
C ASP C 407 29.40 -29.43 -13.57
N ILE C 408 30.52 -29.36 -14.29
CA ILE C 408 30.65 -29.92 -15.66
C ILE C 408 31.12 -31.38 -15.55
N PHE C 409 30.23 -32.28 -15.89
CA PHE C 409 30.46 -33.74 -16.00
C PHE C 409 29.46 -34.24 -17.03
N TYR C 410 29.92 -34.58 -18.22
CA TYR C 410 29.02 -34.95 -19.35
C TYR C 410 29.41 -36.35 -19.78
N PRO C 411 28.70 -37.39 -19.28
CA PRO C 411 28.97 -38.76 -19.70
C PRO C 411 28.39 -39.06 -21.09
N PHE C 412 29.21 -39.61 -21.99
CA PHE C 412 28.79 -40.02 -23.35
C PHE C 412 28.10 -41.38 -23.27
N PRO C 413 27.20 -41.69 -24.23
CA PRO C 413 26.65 -43.03 -24.38
C PRO C 413 27.76 -44.07 -24.54
N GLN C 414 27.57 -45.22 -23.88
CA GLN C 414 28.46 -46.39 -24.00
C GLN C 414 27.97 -47.28 -25.13
N SER C 415 28.88 -48.02 -25.76
N SER C 415 28.89 -48.01 -25.75
CA SER C 415 28.58 -49.11 -26.71
CA SER C 415 28.62 -49.13 -26.68
C SER C 415 28.14 -50.36 -25.92
C SER C 415 28.12 -50.35 -25.90
N GLU C 416 27.33 -51.24 -26.52
CA GLU C 416 26.93 -52.55 -25.90
C GLU C 416 28.19 -53.41 -25.71
N GLY C 417 28.34 -54.02 -24.52
CA GLY C 417 29.49 -54.89 -24.16
C GLY C 417 30.76 -54.12 -23.85
N GLU C 418 30.68 -52.78 -23.68
CA GLU C 418 31.86 -51.91 -23.46
C GLU C 418 32.07 -51.70 -21.97
N ASP C 419 33.31 -51.88 -21.51
CA ASP C 419 33.78 -51.65 -20.12
C ASP C 419 34.45 -50.27 -20.05
N GLU C 420 34.02 -49.27 -20.82
CA GLU C 420 34.60 -47.91 -20.66
C GLU C 420 33.50 -46.88 -20.71
N LEU C 421 33.76 -45.79 -20.04
CA LEU C 421 32.90 -44.60 -19.99
C LEU C 421 33.75 -43.42 -20.42
N CYS C 422 33.31 -42.74 -21.46
CA CYS C 422 33.94 -41.49 -21.94
C CYS C 422 33.07 -40.35 -21.42
N PHE C 423 33.69 -39.30 -20.94
CA PHE C 423 32.98 -38.13 -20.37
C PHE C 423 33.81 -36.87 -20.58
N LEU C 424 33.14 -35.72 -20.64
CA LEU C 424 33.80 -34.40 -20.49
C LEU C 424 33.78 -34.01 -19.02
N ARG C 425 34.88 -33.44 -18.53
CA ARG C 425 35.01 -33.02 -17.12
C ARG C 425 35.76 -31.69 -17.08
N ALA C 426 35.28 -30.73 -16.31
CA ALA C 426 36.05 -29.52 -15.94
C ALA C 426 36.94 -29.91 -14.78
N ASN C 427 38.23 -29.64 -14.86
CA ASN C 427 39.25 -29.96 -13.82
C ASN C 427 40.15 -28.74 -13.65
N GLU C 428 40.29 -28.26 -12.42
CA GLU C 428 41.13 -27.10 -12.04
C GLU C 428 42.44 -27.56 -11.39
N CYS C 429 42.41 -28.63 -10.59
N CYS C 429 42.38 -28.63 -10.58
CA CYS C 429 43.59 -29.03 -9.75
CA CYS C 429 43.51 -29.18 -9.77
C CYS C 429 44.75 -29.50 -10.64
C CYS C 429 44.73 -29.49 -10.65
N LYS C 430 44.50 -30.01 -11.85
CA LYS C 430 45.58 -30.53 -12.74
C LYS C 430 46.60 -29.42 -13.05
N THR C 431 46.16 -28.26 -13.54
CA THR C 431 47.05 -27.14 -13.96
C THR C 431 46.91 -25.90 -13.06
N GLY C 432 45.94 -25.87 -12.14
CA GLY C 432 45.61 -24.66 -11.34
C GLY C 432 44.67 -23.71 -12.05
N PHE C 433 44.19 -24.10 -13.24
CA PHE C 433 43.16 -23.33 -14.00
C PHE C 433 42.08 -24.31 -14.45
N CYS C 434 40.82 -23.91 -14.34
CA CYS C 434 39.68 -24.77 -14.71
C CYS C 434 39.64 -24.97 -16.22
N HIS C 435 39.84 -26.21 -16.68
CA HIS C 435 39.87 -26.57 -18.13
C HIS C 435 39.01 -27.80 -18.41
N LEU C 436 38.63 -27.95 -19.69
CA LEU C 436 37.81 -29.07 -20.17
C LEU C 436 38.74 -30.19 -20.61
N TYR C 437 38.43 -31.39 -20.17
CA TYR C 437 39.16 -32.63 -20.53
C TYR C 437 38.16 -33.65 -21.06
N LYS C 438 38.55 -34.39 -22.09
CA LYS C 438 37.82 -35.60 -22.54
C LYS C 438 38.53 -36.80 -21.92
N VAL C 439 37.82 -37.50 -21.03
CA VAL C 439 38.36 -38.58 -20.17
C VAL C 439 37.73 -39.91 -20.60
N THR C 440 38.53 -40.95 -20.73
CA THR C 440 38.05 -42.33 -20.90
C THR C 440 38.53 -43.15 -19.69
N ALA C 441 37.57 -43.59 -18.89
CA ALA C 441 37.78 -44.48 -17.73
C ALA C 441 37.45 -45.91 -18.15
N VAL C 442 38.22 -46.86 -17.65
CA VAL C 442 37.95 -48.30 -17.82
C VAL C 442 37.22 -48.78 -16.55
N LEU C 443 36.04 -49.35 -16.69
CA LEU C 443 35.23 -49.81 -15.55
C LEU C 443 35.78 -51.17 -15.11
N LYS C 444 36.81 -51.13 -14.28
CA LYS C 444 37.58 -52.31 -13.83
C LYS C 444 36.74 -53.04 -12.78
N SER C 445 36.51 -54.32 -13.00
CA SER C 445 35.72 -55.18 -12.09
C SER C 445 36.66 -56.09 -11.27
N GLN C 446 36.49 -56.10 -9.95
N GLN C 446 36.51 -56.11 -9.94
CA GLN C 446 37.36 -56.82 -8.99
CA GLN C 446 37.40 -56.90 -9.05
C GLN C 446 36.69 -58.12 -8.52
C GLN C 446 36.68 -58.16 -8.52
N GLY C 447 35.36 -58.14 -8.41
CA GLY C 447 34.60 -59.24 -7.77
C GLY C 447 34.48 -58.99 -6.27
N TYR C 448 33.25 -58.88 -5.75
CA TYR C 448 33.00 -58.58 -4.33
C TYR C 448 31.97 -59.55 -3.77
N ASP C 449 32.24 -60.04 -2.55
CA ASP C 449 31.27 -60.77 -1.72
C ASP C 449 30.49 -59.75 -0.88
N TRP C 450 29.30 -59.38 -1.33
CA TRP C 450 28.49 -58.31 -0.69
C TRP C 450 27.85 -58.76 0.61
N SER C 451 27.85 -60.06 0.90
CA SER C 451 27.24 -60.65 2.12
C SER C 451 28.17 -60.48 3.33
N GLU C 452 29.44 -60.15 3.14
CA GLU C 452 30.44 -60.00 4.23
C GLU C 452 30.63 -58.51 4.54
N PRO C 453 30.87 -58.09 5.80
CA PRO C 453 31.14 -56.68 6.10
C PRO C 453 32.38 -56.20 5.35
N PHE C 454 32.29 -54.97 4.85
CA PHE C 454 33.18 -54.42 3.80
C PHE C 454 34.16 -53.42 4.41
N SER C 455 35.46 -53.50 4.07
CA SER C 455 36.49 -52.51 4.50
C SER C 455 37.34 -52.09 3.30
N PRO C 456 37.08 -50.94 2.64
CA PRO C 456 37.79 -50.58 1.42
C PRO C 456 39.27 -50.27 1.73
N GLY C 457 40.16 -50.76 0.90
CA GLY C 457 41.58 -50.36 0.89
C GLY C 457 41.80 -49.08 0.11
N GLU C 458 43.06 -48.66 0.02
CA GLU C 458 43.52 -47.56 -0.87
C GLU C 458 43.15 -47.94 -2.32
N ASP C 459 42.57 -46.99 -3.04
CA ASP C 459 42.22 -47.11 -4.48
C ASP C 459 41.10 -48.15 -4.70
N GLU C 460 40.31 -48.45 -3.67
CA GLU C 460 39.10 -49.30 -3.83
C GLU C 460 38.20 -48.63 -4.88
N PHE C 461 37.80 -49.41 -5.89
CA PHE C 461 36.84 -49.02 -6.96
C PHE C 461 37.50 -48.09 -7.98
N LYS C 462 38.81 -47.79 -7.86
CA LYS C 462 39.49 -46.78 -8.73
C LYS C 462 39.59 -47.35 -10.14
N CYS C 463 39.09 -46.61 -11.13
CA CYS C 463 39.13 -47.00 -12.56
C CYS C 463 40.41 -46.49 -13.21
N PRO C 464 41.13 -47.35 -13.98
CA PRO C 464 42.20 -46.89 -14.85
C PRO C 464 41.69 -45.79 -15.79
N ILE C 465 42.48 -44.75 -15.97
CA ILE C 465 42.23 -43.69 -16.98
C ILE C 465 43.05 -44.04 -18.23
N LYS C 466 42.36 -44.46 -19.28
CA LYS C 466 42.95 -44.89 -20.57
C LYS C 466 43.43 -43.65 -21.33
N GLU C 467 42.70 -42.55 -21.23
CA GLU C 467 42.94 -41.34 -22.05
C GLU C 467 42.42 -40.13 -21.28
N GLU C 468 43.17 -39.04 -21.31
CA GLU C 468 42.71 -37.76 -20.73
C GLU C 468 43.22 -36.60 -21.59
N ILE C 469 42.38 -36.07 -22.48
CA ILE C 469 42.79 -35.11 -23.55
C ILE C 469 42.36 -33.72 -23.06
N ALA C 470 43.31 -32.80 -22.96
CA ALA C 470 43.03 -31.37 -22.69
C ALA C 470 42.33 -30.77 -23.91
N LEU C 471 41.08 -30.33 -23.79
CA LEU C 471 40.39 -29.62 -24.90
C LEU C 471 40.73 -28.13 -24.82
N THR C 472 41.01 -27.62 -23.61
CA THR C 472 41.38 -26.20 -23.38
C THR C 472 42.62 -26.19 -22.48
N SER C 473 43.41 -25.13 -22.56
CA SER C 473 44.61 -24.95 -21.70
C SER C 473 45.02 -23.47 -21.69
N GLY C 474 45.84 -23.09 -20.73
CA GLY C 474 46.37 -21.73 -20.58
C GLY C 474 46.00 -21.10 -19.25
N GLU C 475 46.46 -19.87 -19.02
CA GLU C 475 46.26 -19.11 -17.76
C GLU C 475 44.95 -18.34 -17.85
N TRP C 476 43.86 -19.09 -17.99
CA TRP C 476 42.47 -18.57 -18.02
C TRP C 476 41.57 -19.74 -17.65
N GLU C 477 40.28 -19.50 -17.45
CA GLU C 477 39.34 -20.49 -16.88
C GLU C 477 38.17 -20.74 -17.81
N VAL C 478 37.74 -22.00 -17.84
CA VAL C 478 36.38 -22.40 -18.24
C VAL C 478 35.50 -22.09 -17.02
N LEU C 479 34.37 -21.45 -17.24
CA LEU C 479 33.40 -21.14 -16.15
C LEU C 479 32.52 -22.36 -15.92
N ALA C 480 32.52 -22.88 -14.69
CA ALA C 480 31.86 -24.16 -14.38
C ALA C 480 31.03 -24.07 -13.10
N ARG C 481 30.75 -22.87 -12.59
CA ARG C 481 30.08 -22.70 -11.26
C ARG C 481 28.96 -21.66 -11.39
N HIS C 482 28.04 -21.68 -10.43
CA HIS C 482 27.02 -20.63 -10.21
C HIS C 482 26.23 -20.39 -11.49
N GLY C 483 25.77 -21.48 -12.13
CA GLY C 483 24.90 -21.42 -13.32
C GLY C 483 25.65 -21.65 -14.62
N SER C 484 26.99 -21.53 -14.66
CA SER C 484 27.79 -21.76 -15.89
C SER C 484 27.77 -23.25 -16.22
N LYS C 485 27.67 -23.60 -17.49
CA LYS C 485 27.52 -25.01 -17.95
C LYS C 485 28.18 -25.15 -19.32
N ILE C 486 28.22 -26.37 -19.83
CA ILE C 486 28.59 -26.65 -21.24
C ILE C 486 27.36 -27.16 -21.96
N TRP C 487 27.39 -27.06 -23.28
CA TRP C 487 26.37 -27.64 -24.18
C TRP C 487 27.14 -28.50 -25.18
N VAL C 488 26.71 -29.74 -25.37
CA VAL C 488 27.44 -30.75 -26.19
C VAL C 488 26.56 -31.14 -27.38
N ASN C 489 27.05 -30.90 -28.60
CA ASN C 489 26.41 -31.38 -29.83
C ASN C 489 27.12 -32.67 -30.27
N GLU C 490 26.52 -33.82 -29.99
CA GLU C 490 27.09 -35.16 -30.32
C GLU C 490 27.01 -35.43 -31.83
N GLU C 491 26.18 -34.71 -32.59
CA GLU C 491 26.15 -34.81 -34.07
C GLU C 491 27.41 -34.18 -34.67
N THR C 492 27.87 -33.02 -34.19
CA THR C 492 29.03 -32.27 -34.74
C THR C 492 30.30 -32.50 -33.93
N LYS C 493 30.21 -33.14 -32.76
CA LYS C 493 31.33 -33.38 -31.81
C LYS C 493 31.91 -32.05 -31.33
N LEU C 494 31.03 -31.05 -31.08
CA LEU C 494 31.43 -29.72 -30.58
C LEU C 494 30.92 -29.55 -29.15
N VAL C 495 31.74 -28.92 -28.31
CA VAL C 495 31.32 -28.50 -26.95
C VAL C 495 31.42 -26.97 -26.90
N TYR C 496 30.31 -26.36 -26.49
CA TYR C 496 30.15 -24.90 -26.26
C TYR C 496 30.34 -24.68 -24.76
N PHE C 497 31.13 -23.67 -24.42
CA PHE C 497 31.47 -23.36 -23.00
C PHE C 497 31.69 -21.86 -22.86
N GLN C 498 31.70 -21.38 -21.61
CA GLN C 498 32.02 -19.97 -21.32
C GLN C 498 33.37 -19.94 -20.64
N GLY C 499 34.11 -18.85 -20.82
CA GLY C 499 35.40 -18.69 -20.15
C GLY C 499 35.97 -17.29 -20.23
N THR C 500 37.16 -17.15 -19.66
CA THR C 500 37.92 -15.88 -19.51
C THR C 500 39.15 -15.88 -20.45
N LYS C 501 39.10 -16.64 -21.55
CA LYS C 501 40.23 -16.80 -22.50
C LYS C 501 40.68 -15.43 -23.03
N ASP C 502 39.75 -14.54 -23.37
CA ASP C 502 40.07 -13.21 -23.95
C ASP C 502 40.59 -12.27 -22.85
N THR C 503 40.03 -12.33 -21.65
CA THR C 503 40.36 -11.42 -20.53
C THR C 503 39.65 -11.91 -19.28
N PRO C 504 40.29 -11.80 -18.09
CA PRO C 504 39.61 -12.08 -16.83
C PRO C 504 38.44 -11.11 -16.56
N LEU C 505 38.33 -10.02 -17.31
CA LEU C 505 37.28 -8.97 -17.10
C LEU C 505 35.98 -9.29 -17.84
N GLU C 506 35.97 -10.29 -18.74
CA GLU C 506 34.77 -10.58 -19.57
C GLU C 506 34.54 -12.10 -19.66
N HIS C 507 33.28 -12.52 -19.51
CA HIS C 507 32.80 -13.89 -19.80
C HIS C 507 32.41 -13.91 -21.28
N HIS C 508 32.93 -14.88 -22.02
CA HIS C 508 32.65 -15.08 -23.46
C HIS C 508 32.18 -16.50 -23.71
N LEU C 509 31.41 -16.68 -24.77
CA LEU C 509 30.97 -18.00 -25.28
C LEU C 509 31.99 -18.48 -26.31
N TYR C 510 32.41 -19.74 -26.18
CA TYR C 510 33.42 -20.36 -27.06
C TYR C 510 32.91 -21.73 -27.51
N VAL C 511 33.51 -22.25 -28.58
CA VAL C 511 33.24 -23.63 -29.06
C VAL C 511 34.56 -24.27 -29.48
N VAL C 512 34.68 -25.57 -29.21
CA VAL C 512 35.86 -26.40 -29.53
C VAL C 512 35.34 -27.80 -29.87
N SER C 513 36.03 -28.51 -30.74
CA SER C 513 35.75 -29.94 -31.03
C SER C 513 36.26 -30.76 -29.86
N TYR C 514 35.49 -31.75 -29.40
CA TYR C 514 36.01 -32.75 -28.45
C TYR C 514 36.58 -33.97 -29.19
N GLU C 515 36.41 -34.07 -30.52
CA GLU C 515 36.94 -35.23 -31.30
C GLU C 515 38.35 -34.85 -31.75
N ALA C 516 38.46 -33.78 -32.53
CA ALA C 516 39.73 -33.23 -33.08
C ALA C 516 40.06 -31.93 -32.34
N ALA C 517 40.43 -32.01 -31.05
CA ALA C 517 40.75 -30.87 -30.16
C ALA C 517 41.75 -29.93 -30.87
N GLY C 518 41.38 -28.68 -31.06
CA GLY C 518 42.19 -27.73 -31.87
C GLY C 518 41.73 -26.30 -31.66
N GLU C 519 41.28 -25.65 -32.73
CA GLU C 519 40.89 -24.22 -32.72
C GLU C 519 39.72 -24.01 -31.75
N ILE C 520 39.84 -23.02 -30.86
CA ILE C 520 38.72 -22.48 -30.03
C ILE C 520 38.18 -21.24 -30.75
N VAL C 521 36.88 -21.24 -31.08
CA VAL C 521 36.19 -20.11 -31.75
C VAL C 521 35.39 -19.34 -30.69
N ARG C 522 35.54 -18.01 -30.68
CA ARG C 522 34.76 -17.10 -29.81
C ARG C 522 33.48 -16.73 -30.55
N LEU C 523 32.32 -16.82 -29.87
CA LEU C 523 31.00 -16.58 -30.49
C LEU C 523 30.39 -15.24 -30.01
N THR C 524 30.92 -14.63 -28.96
CA THR C 524 30.41 -13.36 -28.38
C THR C 524 31.34 -12.18 -28.71
N THR C 525 30.77 -10.98 -28.71
CA THR C 525 31.49 -9.72 -29.10
C THR C 525 32.36 -9.25 -27.96
N PRO C 526 33.68 -9.04 -28.18
CA PRO C 526 34.55 -8.43 -27.16
C PRO C 526 34.08 -7.03 -26.75
N GLY C 527 34.47 -6.59 -25.55
CA GLY C 527 34.07 -5.28 -24.97
C GLY C 527 32.84 -5.37 -24.10
N PHE C 528 32.28 -6.58 -23.92
CA PHE C 528 31.13 -6.87 -23.03
C PHE C 528 31.39 -8.18 -22.31
N SER C 529 30.77 -8.36 -21.15
CA SER C 529 30.71 -9.65 -20.43
C SER C 529 29.37 -10.30 -20.70
N HIS C 530 29.37 -11.57 -21.10
CA HIS C 530 28.20 -12.29 -21.68
C HIS C 530 27.76 -13.42 -20.75
N SER C 531 26.45 -13.58 -20.60
CA SER C 531 25.81 -14.75 -19.95
C SER C 531 24.87 -15.40 -20.97
N CYS C 532 25.21 -16.60 -21.42
CA CYS C 532 24.61 -17.22 -22.63
C CYS C 532 23.77 -18.44 -22.28
N SER C 533 22.74 -18.65 -23.10
CA SER C 533 21.86 -19.84 -23.10
C SER C 533 21.81 -20.33 -24.54
N MET C 534 22.17 -21.59 -24.76
N MET C 534 22.15 -21.60 -24.73
CA MET C 534 22.26 -22.22 -26.10
CA MET C 534 22.26 -22.28 -26.04
C MET C 534 21.04 -23.13 -26.29
C MET C 534 21.01 -23.13 -26.26
N SER C 535 20.38 -23.04 -27.44
CA SER C 535 19.29 -23.96 -27.87
C SER C 535 19.81 -25.41 -27.88
N GLN C 536 18.98 -26.37 -27.49
CA GLN C 536 19.37 -27.83 -27.53
C GLN C 536 19.50 -28.30 -28.99
N ASN C 537 19.11 -27.49 -29.98
CA ASN C 537 19.29 -27.80 -31.42
C ASN C 537 20.51 -27.06 -31.97
N PHE C 538 21.23 -26.28 -31.15
CA PHE C 538 22.51 -25.62 -31.50
C PHE C 538 22.35 -24.70 -32.72
N ASP C 539 21.14 -24.22 -32.99
CA ASP C 539 20.85 -23.33 -34.15
C ASP C 539 20.79 -21.87 -33.66
N MET C 540 20.62 -21.65 -32.36
CA MET C 540 20.46 -20.29 -31.80
C MET C 540 20.93 -20.23 -30.35
N PHE C 541 21.25 -19.02 -29.91
CA PHE C 541 21.61 -18.77 -28.50
C PHE C 541 21.17 -17.36 -28.12
N VAL C 542 21.00 -17.18 -26.82
CA VAL C 542 20.68 -15.89 -26.18
C VAL C 542 21.95 -15.43 -25.45
N SER C 543 22.27 -14.15 -25.57
CA SER C 543 23.29 -13.53 -24.69
C SER C 543 22.66 -12.36 -23.92
N HIS C 544 22.82 -12.42 -22.60
CA HIS C 544 22.55 -11.35 -21.63
C HIS C 544 23.91 -10.70 -21.35
N TYR C 545 24.13 -9.49 -21.84
CA TYR C 545 25.47 -8.88 -21.78
C TYR C 545 25.41 -7.39 -21.46
N SER C 546 26.56 -6.90 -20.99
CA SER C 546 26.74 -5.50 -20.52
C SER C 546 28.23 -5.18 -20.48
N SER C 547 28.50 -3.90 -20.24
CA SER C 547 29.85 -3.38 -19.95
C SER C 547 29.72 -2.39 -18.80
N VAL C 548 30.84 -1.91 -18.24
CA VAL C 548 30.81 -0.87 -17.18
C VAL C 548 30.04 0.35 -17.67
N SER C 549 30.10 0.69 -18.96
CA SER C 549 29.49 1.92 -19.51
C SER C 549 28.08 1.67 -20.10
N THR C 550 27.63 0.43 -20.32
CA THR C 550 26.35 0.16 -21.06
C THR C 550 25.49 -0.79 -20.26
N PRO C 551 24.26 -0.35 -19.88
CA PRO C 551 23.32 -1.24 -19.20
C PRO C 551 23.05 -2.52 -19.99
N PRO C 552 22.56 -3.59 -19.31
CA PRO C 552 22.42 -4.88 -19.94
C PRO C 552 21.39 -4.91 -21.07
N CYS C 553 21.64 -5.73 -22.08
N CYS C 553 21.69 -5.67 -22.12
CA CYS C 553 20.68 -6.10 -23.14
CA CYS C 553 20.78 -6.09 -23.23
C CYS C 553 20.61 -7.62 -23.21
C CYS C 553 20.59 -7.61 -23.16
N VAL C 554 19.54 -8.14 -23.81
CA VAL C 554 19.37 -9.59 -24.07
C VAL C 554 19.10 -9.72 -25.56
N HIS C 555 20.03 -10.34 -26.28
CA HIS C 555 19.96 -10.53 -27.74
C HIS C 555 19.87 -12.01 -28.09
N VAL C 556 19.10 -12.30 -29.15
CA VAL C 556 18.97 -13.66 -29.74
C VAL C 556 19.84 -13.69 -31.01
N TYR C 557 20.67 -14.73 -31.12
CA TYR C 557 21.62 -14.94 -32.25
C TYR C 557 21.29 -16.26 -32.92
N LYS C 558 21.38 -16.26 -34.25
CA LYS C 558 21.31 -17.48 -35.10
C LYS C 558 22.74 -17.92 -35.40
N LEU C 559 23.06 -19.20 -35.22
CA LEU C 559 24.32 -19.81 -35.71
C LEU C 559 24.07 -20.24 -37.16
N SER C 560 24.75 -19.60 -38.10
CA SER C 560 24.44 -19.67 -39.56
C SER C 560 25.71 -20.07 -40.33
N GLY C 561 25.51 -20.75 -41.47
CA GLY C 561 26.59 -21.14 -42.41
C GLY C 561 26.49 -22.62 -42.78
N PRO C 562 27.41 -23.11 -43.63
CA PRO C 562 27.39 -24.51 -44.10
C PRO C 562 27.37 -25.54 -42.94
N ASP C 563 26.49 -26.53 -43.02
CA ASP C 563 26.34 -27.61 -42.01
C ASP C 563 27.62 -28.47 -41.95
N ASP C 564 28.40 -28.53 -43.04
CA ASP C 564 29.64 -29.35 -43.13
C ASP C 564 30.82 -28.67 -42.41
N ASP C 565 30.68 -27.43 -41.91
CA ASP C 565 31.77 -26.70 -41.18
C ASP C 565 31.20 -26.15 -39.88
N PRO C 566 30.71 -27.01 -38.96
CA PRO C 566 30.00 -26.56 -37.76
C PRO C 566 30.85 -25.70 -36.81
N LEU C 567 32.18 -25.91 -36.74
CA LEU C 567 33.05 -25.15 -35.81
C LEU C 567 33.03 -23.66 -36.17
N HIS C 568 32.83 -23.32 -37.44
CA HIS C 568 32.91 -21.93 -37.97
C HIS C 568 31.54 -21.35 -38.30
N LYS C 569 30.44 -21.93 -37.79
CA LYS C 569 29.09 -21.30 -37.81
C LYS C 569 29.22 -19.87 -37.26
N GLN C 570 28.62 -18.90 -37.95
CA GLN C 570 28.72 -17.45 -37.61
C GLN C 570 27.58 -17.09 -36.68
N PRO C 571 27.82 -16.38 -35.55
CA PRO C 571 26.74 -15.80 -34.76
C PRO C 571 26.18 -14.59 -35.51
N ARG C 572 24.89 -14.64 -35.87
CA ARG C 572 24.19 -13.57 -36.61
C ARG C 572 23.14 -12.97 -35.67
N PHE C 573 23.22 -11.68 -35.38
CA PHE C 573 22.17 -10.97 -34.60
C PHE C 573 20.83 -11.25 -35.26
N TRP C 574 19.85 -11.74 -34.50
CA TRP C 574 18.54 -12.14 -35.03
C TRP C 574 17.45 -11.18 -34.53
N ALA C 575 17.33 -11.03 -33.22
CA ALA C 575 16.31 -10.18 -32.56
C ALA C 575 16.73 -9.84 -31.13
N SER C 576 16.13 -8.78 -30.59
CA SER C 576 16.34 -8.33 -29.18
C SER C 576 15.16 -8.80 -28.31
N MET C 577 15.46 -9.33 -27.13
N MET C 577 15.45 -9.30 -27.12
CA MET C 577 14.49 -9.58 -26.04
CA MET C 577 14.45 -9.52 -26.05
C MET C 577 14.45 -8.37 -25.09
C MET C 577 14.43 -8.34 -25.08
N MET C 578 15.49 -7.53 -25.07
CA MET C 578 15.57 -6.34 -24.19
C MET C 578 16.72 -5.47 -24.69
N GLU C 579 16.41 -4.26 -25.11
CA GLU C 579 17.45 -3.26 -25.47
C GLU C 579 18.02 -2.63 -24.20
N ALA C 580 19.32 -2.33 -24.22
CA ALA C 580 20.00 -1.54 -23.17
C ALA C 580 19.23 -0.24 -22.97
N ALA C 581 18.87 0.06 -21.74
CA ALA C 581 18.67 1.45 -21.27
C ALA C 581 19.87 2.29 -21.73
N SER C 582 19.66 3.57 -22.01
CA SER C 582 20.78 4.55 -22.10
C SER C 582 21.51 4.58 -20.76
N CYS C 583 22.81 4.86 -20.76
CA CYS C 583 23.55 5.28 -19.55
C CYS C 583 22.89 6.55 -19.03
N PRO C 584 22.28 6.55 -17.82
CA PRO C 584 21.63 7.75 -17.29
C PRO C 584 22.58 8.94 -17.19
N PRO C 585 22.13 10.20 -17.39
CA PRO C 585 23.04 11.36 -17.42
C PRO C 585 23.79 11.63 -16.10
N ASP C 586 23.18 11.29 -14.96
N ASP C 586 23.18 11.28 -14.96
CA ASP C 586 23.79 11.44 -13.61
CA ASP C 586 23.75 11.43 -13.60
C ASP C 586 24.63 10.21 -13.23
C ASP C 586 24.53 10.17 -13.18
N TYR C 587 24.58 9.13 -14.01
CA TYR C 587 25.42 7.94 -13.79
C TYR C 587 26.70 8.13 -14.61
N VAL C 588 27.85 8.12 -13.93
CA VAL C 588 29.18 8.14 -14.59
C VAL C 588 29.83 6.78 -14.36
N PRO C 589 30.06 6.00 -15.43
CA PRO C 589 30.64 4.67 -15.28
C PRO C 589 31.99 4.70 -14.58
N PRO C 590 32.32 3.69 -13.76
CA PRO C 590 33.65 3.61 -13.18
C PRO C 590 34.65 3.27 -14.30
N GLU C 591 35.93 3.46 -14.02
CA GLU C 591 37.04 3.16 -14.94
C GLU C 591 37.82 1.98 -14.36
N ILE C 592 38.03 0.94 -15.16
CA ILE C 592 38.86 -0.23 -14.79
C ILE C 592 40.32 0.10 -15.06
N PHE C 593 41.20 -0.29 -14.14
CA PHE C 593 42.68 -0.17 -14.31
C PHE C 593 43.31 -1.47 -13.82
N HIS C 594 44.59 -1.64 -14.09
CA HIS C 594 45.39 -2.71 -13.46
C HIS C 594 46.75 -2.15 -13.06
N PHE C 595 47.38 -2.82 -12.11
CA PHE C 595 48.73 -2.49 -11.60
C PHE C 595 49.39 -3.79 -11.18
N HIS C 596 50.69 -3.72 -10.95
CA HIS C 596 51.51 -4.86 -10.46
C HIS C 596 51.88 -4.53 -9.02
N THR C 597 51.69 -5.49 -8.12
CA THR C 597 52.12 -5.41 -6.71
C THR C 597 53.66 -5.38 -6.67
N ARG C 598 54.24 -5.13 -5.49
CA ARG C 598 55.70 -5.19 -5.23
C ARG C 598 56.23 -6.58 -5.59
N SER C 599 55.42 -7.63 -5.44
CA SER C 599 55.74 -9.04 -5.83
C SER C 599 55.44 -9.30 -7.32
N ASP C 600 55.00 -8.30 -8.09
CA ASP C 600 54.75 -8.37 -9.56
C ASP C 600 53.54 -9.25 -9.88
N VAL C 601 52.53 -9.31 -9.01
CA VAL C 601 51.20 -9.92 -9.33
C VAL C 601 50.33 -8.83 -9.92
N ARG C 602 49.65 -9.12 -11.03
CA ARG C 602 48.70 -8.18 -11.64
C ARG C 602 47.38 -8.17 -10.86
N LEU C 603 46.96 -6.99 -10.38
CA LEU C 603 45.64 -6.78 -9.74
C LEU C 603 44.83 -5.81 -10.61
N TYR C 604 43.54 -6.07 -10.70
CA TYR C 604 42.57 -5.15 -11.35
C TYR C 604 41.82 -4.40 -10.26
N GLY C 605 41.46 -3.18 -10.60
CA GLY C 605 40.68 -2.30 -9.73
C GLY C 605 39.76 -1.46 -10.57
N MET C 606 38.81 -0.80 -9.92
CA MET C 606 38.04 0.25 -10.61
C MET C 606 37.97 1.49 -9.73
N ILE C 607 37.77 2.64 -10.36
N ILE C 607 37.80 2.64 -10.37
CA ILE C 607 37.70 3.96 -9.70
CA ILE C 607 37.69 3.96 -9.69
C ILE C 607 36.44 4.68 -10.21
C ILE C 607 36.43 4.66 -10.22
N TYR C 608 35.61 5.14 -9.29
CA TYR C 608 34.54 6.12 -9.54
C TYR C 608 35.17 7.47 -9.24
N LYS C 609 35.47 8.24 -10.28
CA LYS C 609 36.08 9.58 -10.10
C LYS C 609 35.01 10.48 -9.48
N PRO C 610 35.38 11.38 -8.54
CA PRO C 610 34.45 12.41 -8.08
C PRO C 610 33.84 13.11 -9.29
N HIS C 611 32.53 13.34 -9.30
CA HIS C 611 31.86 13.99 -10.46
C HIS C 611 32.30 15.44 -10.55
N ALA C 612 32.34 16.01 -11.76
CA ALA C 612 32.68 17.44 -11.99
C ALA C 612 34.03 17.75 -11.32
N LEU C 613 35.02 16.88 -11.54
CA LEU C 613 36.35 16.96 -10.91
C LEU C 613 37.05 18.24 -11.37
N GLN C 614 37.62 18.98 -10.42
CA GLN C 614 38.47 20.18 -10.67
C GLN C 614 39.92 19.77 -10.42
N PRO C 615 40.90 20.27 -11.22
CA PRO C 615 42.31 19.89 -11.02
C PRO C 615 42.88 20.49 -9.72
N GLY C 616 43.89 19.84 -9.14
CA GLY C 616 44.63 20.34 -7.95
C GLY C 616 43.85 20.12 -6.66
N LYS C 617 42.90 19.19 -6.65
CA LYS C 617 42.01 18.95 -5.49
C LYS C 617 42.15 17.51 -5.05
N LYS C 618 42.32 17.30 -3.75
CA LYS C 618 42.39 15.95 -3.11
C LYS C 618 41.03 15.66 -2.44
N HIS C 619 40.39 14.57 -2.83
CA HIS C 619 39.01 14.20 -2.43
C HIS C 619 39.03 13.13 -1.36
N PRO C 620 38.05 13.15 -0.41
CA PRO C 620 37.89 12.06 0.53
C PRO C 620 37.52 10.82 -0.29
N THR C 621 37.98 9.65 0.16
CA THR C 621 37.94 8.40 -0.62
C THR C 621 37.25 7.32 0.20
N VAL C 622 36.38 6.55 -0.46
CA VAL C 622 35.78 5.32 0.09
C VAL C 622 36.39 4.13 -0.65
N LEU C 623 37.09 3.27 0.08
CA LEU C 623 37.52 1.94 -0.40
C LEU C 623 36.37 0.98 -0.14
N PHE C 624 35.69 0.57 -1.20
CA PHE C 624 34.60 -0.42 -1.15
C PHE C 624 35.24 -1.80 -1.31
N VAL C 625 35.10 -2.66 -0.30
CA VAL C 625 35.80 -3.96 -0.25
C VAL C 625 34.78 -5.10 -0.10
N TYR C 626 35.02 -6.19 -0.83
CA TYR C 626 34.48 -7.53 -0.48
C TYR C 626 35.69 -8.37 -0.06
N GLY C 627 36.52 -8.79 -1.03
CA GLY C 627 37.90 -9.29 -0.81
C GLY C 627 37.96 -10.76 -0.47
N GLY C 628 36.82 -11.44 -0.41
CA GLY C 628 36.71 -12.86 -0.05
C GLY C 628 36.67 -13.77 -1.26
N PRO C 629 36.85 -15.09 -1.04
CA PRO C 629 36.84 -16.06 -2.13
C PRO C 629 35.47 -16.15 -2.82
N GLN C 630 35.49 -16.62 -4.06
CA GLN C 630 34.32 -16.95 -4.92
C GLN C 630 33.69 -15.68 -5.52
N VAL C 631 34.28 -14.50 -5.31
CA VAL C 631 33.71 -13.22 -5.81
C VAL C 631 34.82 -12.48 -6.55
N GLN C 632 34.43 -11.88 -7.67
CA GLN C 632 35.24 -10.92 -8.45
C GLN C 632 34.42 -9.63 -8.57
N LEU C 633 34.82 -8.56 -7.88
CA LEU C 633 34.07 -7.28 -7.98
C LEU C 633 34.42 -6.53 -9.27
N VAL C 634 35.63 -6.71 -9.80
CA VAL C 634 36.14 -5.88 -10.92
C VAL C 634 36.10 -6.69 -12.21
N ASN C 635 35.16 -6.34 -13.07
CA ASN C 635 35.00 -6.91 -14.42
C ASN C 635 34.22 -5.91 -15.25
N ASN C 636 34.21 -6.15 -16.55
CA ASN C 636 33.58 -5.27 -17.54
C ASN C 636 32.11 -5.65 -17.70
N SER C 637 31.33 -5.42 -16.66
CA SER C 637 29.85 -5.60 -16.66
C SER C 637 29.25 -4.40 -15.94
N PHE C 638 27.97 -4.13 -16.19
CA PHE C 638 27.30 -2.91 -15.68
C PHE C 638 27.12 -3.01 -14.18
N LYS C 639 27.62 -2.03 -13.43
CA LYS C 639 27.59 -2.03 -11.94
C LYS C 639 26.44 -1.18 -11.39
N GLY C 640 25.75 -0.39 -12.22
CA GLY C 640 24.78 0.62 -11.76
C GLY C 640 23.50 0.03 -11.18
N ILE C 641 23.17 -1.23 -11.44
CA ILE C 641 21.91 -1.86 -10.92
C ILE C 641 22.17 -2.30 -9.49
N LYS C 642 23.26 -3.01 -9.23
CA LYS C 642 23.59 -3.55 -7.88
C LYS C 642 24.35 -2.49 -7.05
N TYR C 643 25.12 -1.60 -7.66
CA TYR C 643 26.04 -0.70 -6.91
C TYR C 643 25.78 0.77 -7.22
N LEU C 644 24.51 1.14 -7.42
CA LEU C 644 24.14 2.55 -7.73
C LEU C 644 24.71 3.48 -6.64
N ARG C 645 24.73 3.05 -5.39
CA ARG C 645 25.17 3.89 -4.24
C ARG C 645 26.64 4.33 -4.39
N LEU C 646 27.47 3.60 -5.15
CA LEU C 646 28.88 4.02 -5.41
C LEU C 646 28.90 5.24 -6.33
N ASN C 647 28.03 5.27 -7.34
CA ASN C 647 27.82 6.46 -8.20
C ASN C 647 27.32 7.63 -7.33
N THR C 648 26.41 7.38 -6.39
CA THR C 648 25.85 8.42 -5.50
C THR C 648 27.00 9.05 -4.70
N LEU C 649 27.86 8.23 -4.11
CA LEU C 649 29.07 8.71 -3.37
C LEU C 649 29.93 9.61 -4.27
N ALA C 650 30.22 9.17 -5.50
CA ALA C 650 31.07 9.94 -6.45
C ALA C 650 30.36 11.25 -6.83
N SER C 651 29.02 11.27 -6.92
CA SER C 651 28.26 12.50 -7.26
C SER C 651 28.40 13.54 -6.15
N LEU C 652 28.64 13.13 -4.90
CA LEU C 652 28.86 14.05 -3.75
C LEU C 652 30.34 14.46 -3.62
N GLY C 653 31.23 13.86 -4.40
CA GLY C 653 32.67 14.23 -4.48
C GLY C 653 33.55 13.27 -3.70
N TYR C 654 33.07 12.08 -3.31
CA TYR C 654 33.95 10.98 -2.85
C TYR C 654 34.58 10.30 -4.07
N ALA C 655 35.87 10.01 -4.01
CA ALA C 655 36.51 8.99 -4.89
C ALA C 655 36.11 7.62 -4.33
N VAL C 656 35.67 6.70 -5.17
CA VAL C 656 35.36 5.32 -4.72
C VAL C 656 36.32 4.37 -5.44
N VAL C 657 37.04 3.57 -4.66
CA VAL C 657 38.09 2.64 -5.14
C VAL C 657 37.63 1.23 -4.82
N VAL C 658 37.79 0.31 -5.78
CA VAL C 658 37.54 -1.15 -5.60
C VAL C 658 38.79 -1.87 -6.12
N ILE C 659 39.31 -2.80 -5.31
CA ILE C 659 40.52 -3.61 -5.65
C ILE C 659 40.14 -5.09 -5.54
N ASP C 660 40.35 -5.87 -6.61
CA ASP C 660 40.30 -7.35 -6.55
C ASP C 660 41.68 -7.87 -6.14
N GLY C 661 41.90 -8.04 -4.84
CA GLY C 661 43.17 -8.55 -4.29
C GLY C 661 43.25 -10.06 -4.38
N ARG C 662 44.40 -10.61 -4.03
CA ARG C 662 44.60 -12.08 -3.96
C ARG C 662 43.53 -12.68 -3.06
N GLY C 663 42.99 -13.84 -3.45
CA GLY C 663 41.83 -14.46 -2.78
C GLY C 663 40.57 -14.36 -3.62
N SER C 664 40.46 -13.35 -4.49
CA SER C 664 39.31 -13.16 -5.40
C SER C 664 39.38 -14.18 -6.52
N CYS C 665 38.29 -14.36 -7.27
CA CYS C 665 38.12 -15.52 -8.19
C CYS C 665 38.36 -15.09 -9.64
N GLN C 666 38.26 -16.04 -10.57
CA GLN C 666 38.46 -15.91 -12.02
C GLN C 666 39.94 -15.61 -12.38
N ARG C 667 40.91 -15.94 -11.52
CA ARG C 667 42.38 -15.77 -11.79
C ARG C 667 43.14 -17.07 -11.49
N GLY C 668 42.43 -18.18 -11.30
CA GLY C 668 43.05 -19.50 -11.08
C GLY C 668 43.22 -19.82 -9.61
N LEU C 669 43.58 -21.07 -9.33
CA LEU C 669 43.61 -21.62 -7.95
C LEU C 669 44.77 -21.03 -7.12
N ARG C 670 45.95 -20.80 -7.69
CA ARG C 670 47.11 -20.25 -6.93
C ARG C 670 46.78 -18.84 -6.46
N PHE C 671 46.16 -18.02 -7.29
CA PHE C 671 45.77 -16.63 -6.95
C PHE C 671 44.82 -16.61 -5.76
N GLU C 672 43.76 -17.42 -5.80
CA GLU C 672 42.79 -17.46 -4.67
C GLU C 672 43.42 -18.20 -3.49
N GLY C 673 44.34 -19.13 -3.73
CA GLY C 673 44.99 -19.95 -2.68
C GLY C 673 45.93 -19.16 -1.77
N ALA C 674 46.28 -17.91 -2.12
CA ALA C 674 47.13 -17.02 -1.27
C ALA C 674 46.52 -16.85 0.14
N LEU C 675 45.21 -16.97 0.31
CA LEU C 675 44.64 -16.77 1.67
C LEU C 675 44.53 -18.07 2.46
N LYS C 676 44.99 -19.20 1.96
CA LYS C 676 44.83 -20.52 2.62
C LYS C 676 45.33 -20.46 4.07
N ASN C 677 44.45 -20.73 5.03
CA ASN C 677 44.72 -20.80 6.48
C ASN C 677 45.13 -19.43 7.08
N GLN C 678 44.95 -18.33 6.35
CA GLN C 678 45.41 -16.99 6.83
C GLN C 678 44.47 -15.88 6.34
N MET C 679 43.16 -16.13 6.34
CA MET C 679 42.16 -15.13 5.93
C MET C 679 42.35 -13.87 6.79
N GLY C 680 42.27 -12.71 6.15
CA GLY C 680 42.53 -11.41 6.78
C GLY C 680 43.91 -10.85 6.49
N GLN C 681 44.94 -11.68 6.29
CA GLN C 681 46.37 -11.25 6.31
C GLN C 681 46.73 -10.63 4.95
N VAL C 682 46.67 -11.37 3.85
CA VAL C 682 47.14 -10.88 2.52
C VAL C 682 46.14 -9.85 1.97
N GLU C 683 44.85 -9.92 2.33
CA GLU C 683 43.78 -9.18 1.63
C GLU C 683 44.00 -7.68 1.85
N ILE C 684 44.27 -7.26 3.08
CA ILE C 684 44.42 -5.81 3.40
C ILE C 684 45.69 -5.26 2.75
N GLU C 685 46.77 -6.03 2.72
CA GLU C 685 48.04 -5.63 2.06
C GLU C 685 47.75 -5.25 0.60
N ASP C 686 46.97 -6.07 -0.12
CA ASP C 686 46.63 -5.81 -1.55
C ASP C 686 45.70 -4.60 -1.65
N GLN C 687 44.74 -4.45 -0.76
CA GLN C 687 43.82 -3.28 -0.73
C GLN C 687 44.63 -1.98 -0.61
N VAL C 688 45.59 -1.95 0.30
CA VAL C 688 46.46 -0.76 0.58
C VAL C 688 47.37 -0.50 -0.63
N GLU C 689 47.99 -1.54 -1.21
CA GLU C 689 48.82 -1.36 -2.44
C GLU C 689 47.96 -0.76 -3.56
N GLY C 690 46.72 -1.22 -3.73
CA GLY C 690 45.77 -0.70 -4.73
C GLY C 690 45.42 0.76 -4.48
N LEU C 691 45.12 1.08 -3.23
CA LEU C 691 44.79 2.45 -2.79
C LEU C 691 45.95 3.38 -3.11
N GLN C 692 47.18 2.96 -2.81
CA GLN C 692 48.40 3.77 -3.02
C GLN C 692 48.66 3.90 -4.53
N PHE C 693 48.40 2.86 -5.32
CA PHE C 693 48.56 2.93 -6.81
C PHE C 693 47.60 3.99 -7.35
N VAL C 694 46.33 3.95 -6.94
CA VAL C 694 45.29 4.89 -7.45
C VAL C 694 45.68 6.32 -7.09
N ALA C 695 46.14 6.54 -5.85
CA ALA C 695 46.57 7.88 -5.37
C ALA C 695 47.71 8.42 -6.26
N GLU C 696 48.67 7.57 -6.61
CA GLU C 696 49.84 7.92 -7.47
C GLU C 696 49.39 8.15 -8.92
N LYS C 697 48.56 7.28 -9.48
CA LYS C 697 48.14 7.34 -10.91
C LYS C 697 47.19 8.53 -11.16
N TYR C 698 46.18 8.73 -10.30
CA TYR C 698 45.04 9.65 -10.56
C TYR C 698 45.27 11.01 -9.88
N GLY C 699 45.96 11.07 -8.73
CA GLY C 699 46.39 12.33 -8.10
C GLY C 699 45.28 13.11 -7.36
N PHE C 700 44.02 12.64 -7.32
CA PHE C 700 42.89 13.34 -6.65
C PHE C 700 42.47 12.62 -5.36
N ILE C 701 43.25 11.66 -4.87
CA ILE C 701 42.95 10.89 -3.62
C ILE C 701 43.59 11.63 -2.45
N ASP C 702 42.77 11.99 -1.45
CA ASP C 702 43.25 12.48 -0.14
C ASP C 702 43.48 11.26 0.76
N LEU C 703 44.73 10.82 0.88
CA LEU C 703 45.07 9.61 1.69
C LEU C 703 44.89 9.89 3.18
N SER C 704 44.71 11.15 3.62
CA SER C 704 44.36 11.49 5.02
C SER C 704 42.87 11.29 5.30
N ARG C 705 42.03 11.05 4.29
CA ARG C 705 40.56 10.83 4.47
C ARG C 705 40.10 9.63 3.66
N VAL C 706 40.50 8.44 4.10
CA VAL C 706 40.05 7.16 3.46
C VAL C 706 39.16 6.40 4.45
N ALA C 707 37.94 6.09 4.03
CA ALA C 707 37.00 5.17 4.70
C ALA C 707 37.10 3.80 4.03
N ILE C 708 37.00 2.74 4.82
CA ILE C 708 36.85 1.36 4.31
C ILE C 708 35.43 0.88 4.63
N HIS C 709 34.74 0.32 3.66
CA HIS C 709 33.33 -0.11 3.78
C HIS C 709 33.11 -1.42 3.01
N GLY C 710 32.47 -2.38 3.67
CA GLY C 710 31.98 -3.60 3.02
C GLY C 710 30.99 -4.34 3.87
N TRP C 711 30.47 -5.42 3.30
CA TRP C 711 29.41 -6.27 3.90
C TRP C 711 29.88 -7.74 3.91
N SER C 712 29.65 -8.44 5.02
CA SER C 712 30.01 -9.87 5.26
C SER C 712 31.53 -10.04 5.28
N TYR C 713 32.16 -10.75 4.34
CA TYR C 713 33.65 -10.76 4.23
C TYR C 713 34.17 -9.32 4.15
N GLY C 714 33.45 -8.44 3.45
CA GLY C 714 33.80 -7.01 3.34
C GLY C 714 33.72 -6.28 4.68
N GLY C 715 32.79 -6.68 5.55
CA GLY C 715 32.70 -6.13 6.92
C GLY C 715 33.87 -6.60 7.75
N PHE C 716 34.20 -7.89 7.62
CA PHE C 716 35.41 -8.50 8.23
C PHE C 716 36.66 -7.67 7.83
N LEU C 717 36.86 -7.45 6.53
CA LEU C 717 38.08 -6.73 6.05
C LEU C 717 38.05 -5.25 6.46
N SER C 718 36.88 -4.63 6.54
CA SER C 718 36.75 -3.22 7.03
C SER C 718 37.34 -3.12 8.44
N LEU C 719 36.99 -4.08 9.31
CA LEU C 719 37.54 -4.14 10.69
C LEU C 719 39.02 -4.46 10.67
N MET C 720 39.45 -5.43 9.81
CA MET C 720 40.87 -5.79 9.71
C MET C 720 41.69 -4.56 9.30
N GLY C 721 41.16 -3.77 8.36
CA GLY C 721 41.81 -2.54 7.91
C GLY C 721 42.07 -1.57 9.06
N LEU C 722 41.05 -1.32 9.88
CA LEU C 722 41.15 -0.37 11.01
C LEU C 722 42.11 -0.94 12.06
N ILE C 723 42.14 -2.25 12.23
CA ILE C 723 43.05 -2.95 13.20
C ILE C 723 44.51 -2.89 12.71
N HIS C 724 44.79 -3.27 11.48
CA HIS C 724 46.18 -3.43 11.00
C HIS C 724 46.71 -2.17 10.31
N LYS C 725 45.85 -1.30 9.80
N LYS C 725 45.84 -1.31 9.79
CA LYS C 725 46.26 -0.08 9.04
CA LYS C 725 46.27 -0.08 9.05
C LYS C 725 45.52 1.13 9.59
C LYS C 725 45.52 1.13 9.59
N PRO C 726 45.58 1.42 10.91
CA PRO C 726 44.83 2.53 11.51
C PRO C 726 45.29 3.91 11.00
N GLN C 727 46.51 4.02 10.48
CA GLN C 727 47.01 5.29 9.87
C GLN C 727 46.53 5.40 8.41
N VAL C 728 46.06 4.32 7.79
CA VAL C 728 45.55 4.34 6.39
C VAL C 728 44.07 4.67 6.40
N PHE C 729 43.30 4.05 7.30
CA PHE C 729 41.83 4.07 7.31
C PHE C 729 41.35 4.92 8.47
N LYS C 730 40.81 6.10 8.15
CA LYS C 730 40.30 7.05 9.15
C LYS C 730 39.05 6.43 9.79
N VAL C 731 38.17 5.82 8.99
CA VAL C 731 36.90 5.22 9.50
C VAL C 731 36.65 3.89 8.80
N ALA C 732 35.94 2.99 9.49
CA ALA C 732 35.48 1.69 8.95
C ALA C 732 33.96 1.61 9.15
N ILE C 733 33.25 1.22 8.10
N ILE C 733 33.24 1.24 8.09
CA ILE C 733 31.80 0.89 8.15
CA ILE C 733 31.81 0.89 8.14
C ILE C 733 31.67 -0.59 7.78
C ILE C 733 31.67 -0.59 7.78
N ALA C 734 31.43 -1.43 8.79
CA ALA C 734 31.44 -2.90 8.68
C ALA C 734 29.99 -3.38 8.76
N GLY C 735 29.48 -3.90 7.64
CA GLY C 735 28.15 -4.54 7.58
C GLY C 735 28.25 -6.03 7.77
N ALA C 736 27.36 -6.58 8.58
CA ALA C 736 27.19 -8.05 8.83
C ALA C 736 28.56 -8.72 8.88
N PRO C 737 29.51 -8.25 9.70
CA PRO C 737 30.87 -8.76 9.64
C PRO C 737 30.98 -10.16 10.25
N VAL C 738 31.81 -10.99 9.64
CA VAL C 738 32.36 -12.19 10.34
C VAL C 738 33.41 -11.65 11.31
N THR C 739 33.22 -11.85 12.62
CA THR C 739 34.11 -11.34 13.67
C THR C 739 34.83 -12.48 14.40
N VAL C 740 34.32 -13.71 14.31
N VAL C 740 34.31 -13.71 14.31
CA VAL C 740 34.97 -14.90 14.92
CA VAL C 740 34.94 -14.93 14.92
C VAL C 740 34.70 -16.11 14.00
C VAL C 740 34.69 -16.10 13.97
N TRP C 741 35.75 -16.58 13.33
CA TRP C 741 35.64 -17.68 12.33
C TRP C 741 35.10 -18.96 12.98
N MET C 742 35.33 -19.19 14.28
CA MET C 742 34.78 -20.36 15.01
C MET C 742 33.23 -20.37 14.99
N ALA C 743 32.56 -19.24 14.69
CA ALA C 743 31.08 -19.18 14.65
C ALA C 743 30.55 -19.31 13.21
N TYR C 744 31.40 -19.45 12.20
CA TYR C 744 30.91 -19.63 10.80
C TYR C 744 30.82 -21.14 10.53
N ASP C 745 30.34 -21.51 9.36
CA ASP C 745 29.89 -22.90 9.06
C ASP C 745 31.07 -23.79 8.60
N THR C 746 30.84 -25.08 8.55
CA THR C 746 31.80 -26.14 8.13
C THR C 746 32.19 -25.95 6.67
N GLY C 747 31.21 -25.91 5.76
CA GLY C 747 31.46 -26.01 4.31
C GLY C 747 32.41 -24.93 3.83
N TYR C 748 32.17 -23.69 4.23
CA TYR C 748 32.99 -22.53 3.80
C TYR C 748 34.27 -22.46 4.63
N THR C 749 34.16 -22.40 5.95
CA THR C 749 35.31 -22.01 6.81
C THR C 749 36.42 -23.08 6.69
N GLU C 750 36.06 -24.37 6.74
CA GLU C 750 37.09 -25.44 6.76
C GLU C 750 37.80 -25.49 5.41
N ARG C 751 37.12 -25.18 4.31
CA ARG C 751 37.70 -25.18 2.98
C ARG C 751 38.93 -24.25 2.97
N TYR C 752 38.81 -23.05 3.53
CA TYR C 752 39.81 -21.97 3.46
C TYR C 752 40.72 -21.96 4.68
N MET C 753 40.28 -22.48 5.83
CA MET C 753 40.95 -22.23 7.15
C MET C 753 41.22 -23.51 7.91
N ASP C 754 40.76 -24.68 7.44
CA ASP C 754 40.83 -25.93 8.22
C ASP C 754 39.89 -25.77 9.43
N VAL C 755 39.94 -26.73 10.36
CA VAL C 755 39.11 -26.70 11.59
C VAL C 755 39.88 -25.87 12.62
N PRO C 756 39.17 -25.25 13.59
CA PRO C 756 39.83 -24.43 14.61
C PRO C 756 41.00 -25.09 15.34
N GLU C 757 40.86 -26.36 15.73
CA GLU C 757 41.92 -27.08 16.50
C GLU C 757 43.15 -27.34 15.62
N ASN C 758 43.01 -27.31 14.29
CA ASN C 758 44.12 -27.59 13.33
C ASN C 758 44.79 -26.29 12.87
N ASN C 759 44.22 -25.13 13.16
CA ASN C 759 44.75 -23.82 12.66
C ASN C 759 44.45 -22.75 13.71
N GLN C 760 44.89 -22.98 14.94
N GLN C 760 44.89 -22.97 14.94
CA GLN C 760 44.66 -22.04 16.06
CA GLN C 760 44.64 -22.01 16.05
C GLN C 760 45.25 -20.67 15.70
C GLN C 760 45.24 -20.66 15.69
N HIS C 761 46.46 -20.64 15.13
CA HIS C 761 47.15 -19.39 14.75
C HIS C 761 46.30 -18.59 13.75
N GLY C 762 45.83 -19.23 12.68
CA GLY C 762 45.04 -18.57 11.62
C GLY C 762 43.69 -18.11 12.15
N TYR C 763 42.99 -18.94 12.92
CA TYR C 763 41.67 -18.55 13.49
C TYR C 763 41.83 -17.33 14.41
N GLU C 764 42.85 -17.35 15.27
CA GLU C 764 43.13 -16.23 16.22
C GLU C 764 43.48 -14.96 15.43
N ALA C 765 44.41 -15.05 14.48
CA ALA C 765 44.85 -13.88 13.67
C ALA C 765 43.69 -13.34 12.81
N GLY C 766 42.77 -14.19 12.36
CA GLY C 766 41.70 -13.81 11.43
C GLY C 766 40.40 -13.40 12.10
N SER C 767 40.30 -13.47 13.43
CA SER C 767 39.04 -13.20 14.16
C SER C 767 39.12 -11.81 14.78
N VAL C 768 38.52 -10.82 14.11
CA VAL C 768 38.70 -9.39 14.48
C VAL C 768 38.19 -9.12 15.91
N ALA C 769 37.22 -9.90 16.40
CA ALA C 769 36.66 -9.70 17.76
C ALA C 769 37.72 -10.04 18.82
N LEU C 770 38.75 -10.81 18.47
CA LEU C 770 39.84 -11.15 19.44
C LEU C 770 40.95 -10.09 19.39
N HIS C 771 40.84 -9.03 18.58
CA HIS C 771 41.86 -7.96 18.41
C HIS C 771 41.26 -6.57 18.66
N VAL C 772 40.18 -6.48 19.44
CA VAL C 772 39.49 -5.19 19.72
C VAL C 772 40.41 -4.22 20.46
N GLU C 773 41.40 -4.70 21.21
CA GLU C 773 42.38 -3.80 21.89
C GLU C 773 43.11 -2.93 20.84
N LYS C 774 43.18 -3.37 19.59
CA LYS C 774 43.84 -2.65 18.48
C LYS C 774 42.85 -1.73 17.75
N LEU C 775 41.53 -1.82 18.00
CA LEU C 775 40.52 -0.90 17.41
C LEU C 775 40.64 0.47 18.07
N PRO C 776 40.14 1.55 17.43
CA PRO C 776 40.52 2.90 17.86
C PRO C 776 40.01 3.29 19.26
N ASN C 777 40.80 4.06 20.01
N ASN C 777 40.84 4.06 19.98
CA ASN C 777 40.41 4.62 21.32
CA ASN C 777 40.50 4.71 21.27
C ASN C 777 39.74 5.99 21.10
C ASN C 777 39.53 5.88 21.02
N GLU C 778 39.42 6.33 19.85
N GLU C 778 39.50 6.40 19.79
CA GLU C 778 38.77 7.61 19.47
CA GLU C 778 38.77 7.64 19.43
C GLU C 778 37.36 7.28 18.96
C GLU C 778 37.38 7.28 18.94
N PRO C 779 36.31 8.01 19.37
CA PRO C 779 34.96 7.76 18.87
C PRO C 779 34.83 8.12 17.40
N ASN C 780 33.79 7.62 16.76
CA ASN C 780 33.34 8.03 15.41
C ASN C 780 34.30 7.51 14.34
N ARG C 781 35.01 6.41 14.60
CA ARG C 781 35.86 5.77 13.57
C ARG C 781 35.30 4.41 13.20
N LEU C 782 34.26 3.91 13.87
CA LEU C 782 33.74 2.54 13.64
C LEU C 782 32.21 2.55 13.71
N LEU C 783 31.57 2.20 12.59
CA LEU C 783 30.11 1.98 12.48
C LEU C 783 29.88 0.52 12.10
N ILE C 784 29.12 -0.18 12.93
CA ILE C 784 28.78 -1.62 12.75
C ILE C 784 27.31 -1.65 12.35
N LEU C 785 26.99 -2.40 11.31
CA LEU C 785 25.60 -2.58 10.81
C LEU C 785 25.31 -4.08 10.76
N HIS C 786 24.10 -4.53 11.11
CA HIS C 786 23.77 -5.98 11.06
C HIS C 786 22.25 -6.18 10.99
N GLY C 787 21.79 -7.07 10.12
CA GLY C 787 20.41 -7.57 10.10
C GLY C 787 20.19 -8.48 11.29
N PHE C 788 19.19 -8.19 12.10
CA PHE C 788 18.90 -8.93 13.34
C PHE C 788 18.55 -10.41 13.04
N LEU C 789 17.91 -10.69 11.89
CA LEU C 789 17.38 -12.03 11.53
C LEU C 789 18.40 -12.82 10.68
N ASP C 790 19.64 -12.35 10.56
CA ASP C 790 20.68 -12.98 9.71
C ASP C 790 20.90 -14.44 10.15
N GLU C 791 20.57 -15.40 9.28
CA GLU C 791 20.70 -16.86 9.52
C GLU C 791 21.98 -17.40 8.88
N ASN C 792 22.79 -16.51 8.30
CA ASN C 792 24.04 -16.83 7.58
C ASN C 792 25.22 -16.36 8.43
N VAL C 793 25.46 -15.04 8.47
CA VAL C 793 26.38 -14.42 9.44
C VAL C 793 25.50 -13.97 10.61
N HIS C 794 25.43 -14.80 11.65
CA HIS C 794 24.49 -14.57 12.77
C HIS C 794 24.77 -13.21 13.39
N PHE C 795 23.73 -12.57 13.88
CA PHE C 795 23.84 -11.33 14.68
C PHE C 795 24.85 -11.55 15.82
N PHE C 796 24.99 -12.78 16.31
CA PHE C 796 26.03 -13.16 17.32
C PHE C 796 27.41 -12.52 16.99
N HIS C 797 27.84 -12.50 15.72
CA HIS C 797 29.15 -11.94 15.33
C HIS C 797 29.24 -10.48 15.82
N THR C 798 28.19 -9.67 15.62
CA THR C 798 28.13 -8.27 16.07
C THR C 798 28.01 -8.21 17.59
N ASN C 799 27.18 -9.05 18.18
CA ASN C 799 26.98 -9.07 19.65
C ASN C 799 28.30 -9.41 20.36
N PHE C 800 29.04 -10.38 19.84
CA PHE C 800 30.33 -10.78 20.42
C PHE C 800 31.33 -9.64 20.25
N LEU C 801 31.39 -9.03 19.07
CA LEU C 801 32.29 -7.87 18.80
C LEU C 801 31.97 -6.75 19.79
N VAL C 802 30.68 -6.43 19.98
CA VAL C 802 30.27 -5.36 20.93
C VAL C 802 30.71 -5.75 22.34
N SER C 803 30.46 -6.99 22.77
N SER C 803 30.46 -7.00 22.76
CA SER C 803 30.85 -7.51 24.10
CA SER C 803 30.86 -7.50 24.10
C SER C 803 32.36 -7.28 24.32
C SER C 803 32.36 -7.26 24.33
N GLN C 804 33.17 -7.57 23.31
CA GLN C 804 34.65 -7.40 23.36
C GLN C 804 35.02 -5.92 23.40
N LEU C 805 34.37 -5.09 22.59
CA LEU C 805 34.60 -3.63 22.56
C LEU C 805 34.32 -3.05 23.95
N ILE C 806 33.24 -3.48 24.60
CA ILE C 806 32.88 -2.98 25.97
C ILE C 806 34.00 -3.35 26.95
N ARG C 807 34.42 -4.59 26.93
CA ARG C 807 35.48 -5.15 27.82
C ARG C 807 36.79 -4.37 27.62
N ALA C 808 37.12 -3.99 26.39
CA ALA C 808 38.37 -3.28 26.05
C ALA C 808 38.21 -1.76 26.22
N GLY C 809 37.02 -1.27 26.63
CA GLY C 809 36.73 0.17 26.84
C GLY C 809 36.78 0.97 25.53
N LYS C 810 36.36 0.39 24.41
CA LYS C 810 36.40 1.01 23.08
C LYS C 810 35.03 1.56 22.70
N PRO C 811 34.98 2.75 22.07
CA PRO C 811 33.73 3.29 21.56
C PRO C 811 33.33 2.61 20.24
N TYR C 812 32.04 2.60 19.96
CA TYR C 812 31.49 2.08 18.68
C TYR C 812 30.14 2.76 18.41
N GLN C 813 29.74 2.78 17.14
CA GLN C 813 28.38 3.12 16.69
C GLN C 813 27.78 1.87 16.09
N LEU C 814 26.47 1.69 16.28
CA LEU C 814 25.74 0.49 15.86
C LEU C 814 24.41 0.88 15.20
N GLN C 815 24.11 0.24 14.08
CA GLN C 815 22.75 0.23 13.50
C GLN C 815 22.32 -1.23 13.34
N ILE C 816 21.08 -1.53 13.67
N ILE C 816 21.07 -1.53 13.66
CA ILE C 816 20.50 -2.88 13.41
CA ILE C 816 20.42 -2.86 13.50
C ILE C 816 19.32 -2.70 12.46
C ILE C 816 19.32 -2.69 12.45
N TYR C 817 19.07 -3.71 11.63
CA TYR C 817 17.90 -3.81 10.72
C TYR C 817 17.06 -4.94 11.30
N PRO C 818 16.10 -4.63 12.21
CA PRO C 818 15.35 -5.65 12.93
C PRO C 818 14.62 -6.67 12.05
N ASN C 819 14.22 -6.26 10.84
CA ASN C 819 13.41 -7.08 9.90
C ASN C 819 14.25 -7.64 8.76
N GLU C 820 15.58 -7.55 8.82
CA GLU C 820 16.42 -8.00 7.68
C GLU C 820 17.25 -9.23 8.08
N ARG C 821 17.51 -10.09 7.11
CA ARG C 821 18.45 -11.22 7.23
C ARG C 821 19.82 -10.73 6.75
N HIS C 822 20.47 -11.47 5.87
CA HIS C 822 21.87 -11.21 5.45
C HIS C 822 21.94 -10.03 4.47
N SER C 823 20.86 -9.70 3.77
CA SER C 823 20.85 -8.55 2.86
C SER C 823 19.67 -7.66 3.24
N ILE C 824 19.74 -6.37 2.93
CA ILE C 824 18.60 -5.43 3.18
C ILE C 824 17.68 -5.50 1.95
N ARG C 825 16.50 -6.08 2.08
CA ARG C 825 15.53 -6.27 0.96
C ARG C 825 14.47 -5.18 0.94
N CYS C 826 14.09 -4.61 2.09
CA CYS C 826 13.02 -3.58 2.16
C CYS C 826 13.58 -2.28 1.61
N PRO C 827 12.99 -1.69 0.55
CA PRO C 827 13.51 -0.44 -0.04
C PRO C 827 13.67 0.73 0.94
N GLU C 828 12.76 0.87 1.89
CA GLU C 828 12.79 1.94 2.94
C GLU C 828 14.02 1.71 3.83
N SER C 829 14.31 0.46 4.20
CA SER C 829 15.51 0.11 5.02
C SER C 829 16.79 0.35 4.21
N GLY C 830 16.82 -0.01 2.92
CA GLY C 830 17.94 0.25 2.01
C GLY C 830 18.24 1.75 1.94
N GLU C 831 17.21 2.59 1.81
CA GLU C 831 17.36 4.07 1.83
C GLU C 831 17.94 4.52 3.18
N HIS C 832 17.45 3.97 4.29
CA HIS C 832 17.91 4.35 5.65
C HIS C 832 19.39 4.05 5.77
N TYR C 833 19.79 2.87 5.30
CA TYR C 833 21.19 2.42 5.27
C TYR C 833 22.03 3.44 4.49
N GLU C 834 21.61 3.82 3.29
CA GLU C 834 22.39 4.73 2.42
C GLU C 834 22.48 6.13 3.05
N VAL C 835 21.39 6.61 3.63
CA VAL C 835 21.36 7.92 4.32
C VAL C 835 22.34 7.86 5.50
N THR C 836 22.28 6.78 6.28
CA THR C 836 23.16 6.59 7.46
C THR C 836 24.64 6.65 7.01
N LEU C 837 24.98 5.96 5.91
N LEU C 837 24.98 5.96 5.90
CA LEU C 837 26.36 5.92 5.37
CA LEU C 837 26.37 5.92 5.36
C LEU C 837 26.79 7.34 4.97
C LEU C 837 26.80 7.35 4.98
N LEU C 838 25.96 8.06 4.23
CA LEU C 838 26.26 9.47 3.80
C LEU C 838 26.47 10.36 5.02
N HIS C 839 25.63 10.21 6.04
CA HIS C 839 25.71 11.03 7.28
C HIS C 839 27.02 10.72 8.01
N PHE C 840 27.33 9.43 8.19
CA PHE C 840 28.56 9.01 8.89
C PHE C 840 29.79 9.58 8.18
N LEU C 841 29.85 9.47 6.85
CA LEU C 841 31.00 9.95 6.06
C LEU C 841 31.07 11.48 6.14
N GLN C 842 29.96 12.19 6.00
CA GLN C 842 29.99 13.67 5.98
C GLN C 842 30.45 14.19 7.35
N GLU C 843 30.09 13.54 8.45
CA GLU C 843 30.43 14.01 9.82
C GLU C 843 31.84 13.56 10.19
N TYR C 844 32.27 12.35 9.83
CA TYR C 844 33.41 11.70 10.52
C TYR C 844 34.58 11.38 9.59
N LEU C 845 34.45 11.50 8.26
CA LEU C 845 35.58 11.27 7.35
C LEU C 845 36.30 12.61 7.15
N HIS C 846 37.17 12.95 8.10
CA HIS C 846 37.91 14.23 8.17
C HIS C 846 39.39 13.92 8.52
N HIS C 847 40.30 14.87 8.24
CA HIS C 847 41.78 14.70 8.28
C HIS C 847 42.29 14.65 9.73
N ALA D 4 25.44 34.35 30.48
CA ALA D 4 26.55 33.62 29.78
C ALA D 4 26.35 32.10 29.95
N ARG D 5 26.76 31.34 28.95
CA ARG D 5 26.63 29.86 28.90
C ARG D 5 27.92 29.23 29.42
N PHE D 6 27.82 28.37 30.43
CA PHE D 6 28.94 27.50 30.84
C PHE D 6 29.14 26.41 29.78
N GLN D 7 30.39 26.15 29.39
CA GLN D 7 30.79 25.03 28.50
C GLN D 7 31.55 24.00 29.35
N VAL D 8 31.08 22.76 29.32
CA VAL D 8 31.79 21.60 29.93
C VAL D 8 33.13 21.42 29.20
N GLN D 9 34.20 21.14 29.95
CA GLN D 9 35.54 20.77 29.39
C GLN D 9 35.38 19.53 28.51
N LYS D 10 35.86 19.60 27.27
CA LYS D 10 35.79 18.45 26.32
C LYS D 10 36.99 17.55 26.61
N HIS D 11 36.73 16.26 26.81
CA HIS D 11 37.77 15.24 27.10
C HIS D 11 37.82 14.26 25.95
N SER D 12 38.99 13.67 25.72
CA SER D 12 39.14 12.46 24.88
C SER D 12 38.31 11.34 25.49
N TRP D 13 38.02 10.32 24.71
CA TRP D 13 37.35 9.08 25.21
C TRP D 13 38.15 8.50 26.37
N ASP D 14 39.47 8.39 26.27
CA ASP D 14 40.30 7.79 27.35
C ASP D 14 40.34 8.73 28.56
N GLY D 15 40.27 10.05 28.35
CA GLY D 15 40.10 11.03 29.45
C GLY D 15 38.81 10.77 30.21
N LEU D 16 37.71 10.56 29.50
CA LEU D 16 36.41 10.23 30.13
C LEU D 16 36.50 8.91 30.88
N ARG D 17 37.17 7.90 30.32
CA ARG D 17 37.37 6.59 30.99
C ARG D 17 38.11 6.79 32.33
N SER D 18 39.15 7.61 32.35
CA SER D 18 39.94 7.92 33.57
C SER D 18 39.04 8.60 34.63
N ILE D 19 38.20 9.55 34.23
CA ILE D 19 37.27 10.25 35.17
C ILE D 19 36.28 9.22 35.76
N ILE D 20 35.66 8.39 34.92
CA ILE D 20 34.66 7.40 35.40
C ILE D 20 35.38 6.37 36.27
N HIS D 21 36.49 5.81 35.82
CA HIS D 21 37.25 4.78 36.58
C HIS D 21 37.63 5.33 37.96
N GLY D 22 38.18 6.55 38.03
CA GLY D 22 38.50 7.24 39.29
C GLY D 22 37.28 7.39 40.19
N SER D 23 36.16 7.82 39.62
CA SER D 23 34.90 8.10 40.35
C SER D 23 34.39 6.82 41.04
N ARG D 24 34.53 5.66 40.41
CA ARG D 24 33.74 4.45 40.78
C ARG D 24 34.45 3.64 41.86
N LYS D 25 35.68 4.01 42.17
CA LYS D 25 36.46 3.44 43.30
C LYS D 25 35.69 3.60 44.60
N TYR D 26 35.10 4.78 44.83
CA TYR D 26 34.39 5.16 46.07
C TYR D 26 33.16 4.26 46.26
N SER D 27 32.33 4.09 45.20
CA SER D 27 31.07 3.31 45.29
C SER D 27 31.40 1.83 45.48
N GLY D 28 32.48 1.34 44.85
CA GLY D 28 33.02 -0.03 44.96
C GLY D 28 33.57 -0.35 46.34
N LEU D 29 33.93 0.69 47.11
CA LEU D 29 34.33 0.57 48.55
C LEU D 29 33.12 0.36 49.45
N ILE D 30 32.01 1.09 49.21
CA ILE D 30 30.87 1.23 50.19
C ILE D 30 29.66 0.37 49.78
N VAL D 31 29.51 -0.02 48.50
CA VAL D 31 28.34 -0.82 47.99
C VAL D 31 28.38 -2.22 48.59
N ASN D 32 27.23 -2.72 49.05
CA ASN D 32 27.04 -4.05 49.70
C ASN D 32 28.05 -4.22 50.86
N LYS D 33 28.21 -3.20 51.71
CA LYS D 33 29.07 -3.27 52.93
C LYS D 33 28.20 -3.40 54.18
N ALA D 34 26.88 -3.20 54.08
CA ALA D 34 25.93 -3.21 55.22
C ALA D 34 25.63 -4.63 55.65
N PRO D 35 25.72 -4.98 56.95
CA PRO D 35 25.15 -6.22 57.45
C PRO D 35 23.61 -6.15 57.36
N HIS D 36 22.93 -7.28 57.17
CA HIS D 36 21.47 -7.35 56.92
C HIS D 36 20.92 -8.72 57.31
N ASP D 37 19.59 -8.89 57.34
CA ASP D 37 18.88 -10.15 57.67
C ASP D 37 19.22 -10.54 59.12
N PHE D 38 18.83 -9.70 60.06
CA PHE D 38 19.21 -9.79 61.50
C PHE D 38 18.32 -10.81 62.22
N GLN D 39 18.90 -11.61 63.12
CA GLN D 39 18.19 -12.43 64.13
C GLN D 39 18.82 -12.21 65.50
N PHE D 40 18.04 -11.74 66.48
CA PHE D 40 18.45 -11.61 67.90
C PHE D 40 18.12 -12.93 68.62
N VAL D 41 19.06 -13.45 69.42
CA VAL D 41 18.83 -14.58 70.37
C VAL D 41 19.41 -14.13 71.72
N GLN D 42 18.59 -14.21 72.77
CA GLN D 42 19.01 -13.94 74.16
C GLN D 42 20.01 -15.02 74.60
N LYS D 43 21.00 -14.64 75.40
CA LYS D 43 21.99 -15.56 76.03
C LYS D 43 21.41 -15.98 77.38
N THR D 44 21.62 -17.25 77.77
CA THR D 44 21.13 -17.85 79.04
C THR D 44 22.35 -18.24 79.88
N ASP D 45 23.20 -17.25 80.23
CA ASP D 45 24.35 -17.42 81.17
C ASP D 45 24.48 -16.13 81.99
N GLU D 46 24.10 -16.17 83.27
CA GLU D 46 24.06 -14.99 84.18
C GLU D 46 25.49 -14.47 84.44
N SER D 47 26.50 -15.36 84.46
CA SER D 47 27.92 -15.03 84.72
C SER D 47 28.58 -14.38 83.48
N GLY D 48 28.15 -14.77 82.27
CA GLY D 48 28.75 -14.33 80.99
C GLY D 48 28.52 -12.84 80.71
N PRO D 49 29.40 -12.17 79.93
CA PRO D 49 29.30 -10.72 79.72
C PRO D 49 28.38 -10.26 78.58
N HIS D 50 27.74 -11.18 77.86
CA HIS D 50 26.90 -10.89 76.66
C HIS D 50 25.43 -11.20 76.95
N SER D 51 24.53 -10.29 76.57
CA SER D 51 23.07 -10.42 76.76
C SER D 51 22.47 -11.19 75.57
N HIS D 52 23.00 -10.98 74.36
CA HIS D 52 22.47 -11.55 73.10
C HIS D 52 23.59 -11.95 72.15
N ARG D 53 23.28 -12.90 71.27
CA ARG D 53 23.99 -13.11 69.99
C ARG D 53 23.10 -12.54 68.88
N LEU D 54 23.69 -11.70 68.02
CA LEU D 54 23.02 -11.11 66.84
C LEU D 54 23.59 -11.78 65.60
N TYR D 55 22.77 -12.55 64.87
CA TYR D 55 23.14 -13.23 63.60
C TYR D 55 22.72 -12.33 62.43
N TYR D 56 23.48 -12.38 61.33
CA TYR D 56 23.19 -11.56 60.12
C TYR D 56 24.01 -12.07 58.94
N LEU D 57 23.66 -11.61 57.74
CA LEU D 57 24.45 -11.78 56.50
C LEU D 57 25.31 -10.51 56.28
N GLY D 58 26.53 -10.69 55.79
CA GLY D 58 27.47 -9.58 55.58
C GLY D 58 28.64 -10.01 54.73
N MET D 59 29.23 -9.05 54.01
CA MET D 59 30.46 -9.25 53.23
C MET D 59 31.50 -8.30 53.80
N PRO D 60 32.34 -8.71 54.77
CA PRO D 60 33.37 -7.82 55.32
C PRO D 60 34.46 -7.55 54.26
N TYR D 61 35.26 -6.50 54.48
CA TYR D 61 36.43 -6.16 53.64
C TYR D 61 37.38 -7.36 53.61
N GLY D 62 37.91 -7.67 52.42
CA GLY D 62 38.75 -8.86 52.19
C GLY D 62 37.97 -10.01 51.61
N SER D 63 36.70 -10.21 52.05
CA SER D 63 35.76 -11.21 51.46
C SER D 63 35.16 -10.66 50.16
N ARG D 64 34.86 -11.56 49.23
CA ARG D 64 34.19 -11.23 47.94
C ARG D 64 32.80 -11.89 47.91
N GLU D 65 32.31 -12.46 49.03
CA GLU D 65 30.94 -13.03 49.07
C GLU D 65 30.29 -12.84 50.44
N ASN D 66 28.97 -12.82 50.38
CA ASN D 66 28.04 -12.69 51.53
C ASN D 66 28.14 -13.99 52.34
N SER D 67 28.40 -13.92 53.65
CA SER D 67 28.42 -15.10 54.55
C SER D 67 27.61 -14.85 55.83
N LEU D 68 27.41 -15.94 56.59
CA LEU D 68 26.64 -15.96 57.86
C LEU D 68 27.59 -15.52 58.98
N LEU D 69 27.20 -14.50 59.72
CA LEU D 69 28.06 -13.87 60.75
C LEU D 69 27.28 -13.74 62.05
N TYR D 70 27.97 -13.46 63.15
CA TYR D 70 27.33 -13.07 64.42
C TYR D 70 28.19 -12.01 65.12
N SER D 71 27.53 -11.25 66.00
CA SER D 71 28.18 -10.33 66.96
C SER D 71 27.59 -10.58 68.35
N GLU D 72 28.43 -10.44 69.36
CA GLU D 72 28.07 -10.58 70.79
C GLU D 72 27.63 -9.18 71.27
N ILE D 73 26.40 -9.05 71.78
CA ILE D 73 25.89 -7.78 72.38
C ILE D 73 26.24 -7.82 73.87
N PRO D 74 27.12 -6.93 74.39
CA PRO D 74 27.49 -6.96 75.80
C PRO D 74 26.37 -6.46 76.73
N LYS D 75 26.39 -6.92 77.98
CA LYS D 75 25.42 -6.52 79.04
C LYS D 75 25.70 -5.07 79.46
N LYS D 76 26.97 -4.64 79.51
CA LYS D 76 27.40 -3.27 79.92
C LYS D 76 28.20 -2.61 78.79
N VAL D 77 27.99 -1.31 78.58
CA VAL D 77 28.79 -0.46 77.64
C VAL D 77 29.19 0.83 78.37
N ARG D 78 30.35 1.39 78.03
CA ARG D 78 30.79 2.73 78.50
C ARG D 78 29.93 3.78 77.77
N LYS D 79 29.31 4.70 78.53
CA LYS D 79 28.32 5.69 78.02
C LYS D 79 29.00 6.66 77.04
N GLU D 80 30.16 7.19 77.40
CA GLU D 80 30.93 8.18 76.59
C GLU D 80 32.06 7.45 75.83
N ALA D 81 31.71 6.41 75.06
CA ALA D 81 32.62 5.65 74.18
C ALA D 81 31.81 4.84 73.16
N LEU D 82 32.20 4.86 71.88
CA LEU D 82 31.45 4.25 70.76
C LEU D 82 31.92 2.81 70.54
N LEU D 83 31.14 1.80 70.96
CA LEU D 83 31.55 0.38 70.81
C LEU D 83 31.21 -0.06 69.37
N LEU D 84 32.23 -0.44 68.59
CA LEU D 84 32.07 -1.09 67.27
C LEU D 84 32.12 -2.60 67.50
N LEU D 85 31.02 -3.30 67.24
CA LEU D 85 30.92 -4.77 67.46
C LEU D 85 31.83 -5.49 66.46
N SER D 86 32.57 -6.48 66.92
CA SER D 86 33.38 -7.40 66.09
C SER D 86 32.43 -8.32 65.29
N TRP D 87 32.68 -8.44 63.98
CA TRP D 87 31.97 -9.39 63.07
C TRP D 87 32.66 -10.75 63.22
N LYS D 88 31.94 -11.79 63.66
CA LYS D 88 32.52 -13.16 63.80
C LYS D 88 31.95 -14.02 62.68
N GLN D 89 32.80 -14.81 62.02
N GLN D 89 32.80 -14.81 62.01
CA GLN D 89 32.39 -15.78 60.97
CA GLN D 89 32.40 -15.79 60.97
C GLN D 89 31.73 -16.99 61.65
C GLN D 89 31.74 -17.00 61.65
N MET D 90 30.57 -17.43 61.16
CA MET D 90 29.93 -18.70 61.62
C MET D 90 30.59 -19.88 60.90
N LEU D 91 31.00 -19.69 59.63
CA LEU D 91 31.44 -20.78 58.72
C LEU D 91 32.94 -20.68 58.41
N ASP D 92 33.66 -21.79 58.55
CA ASP D 92 35.15 -21.87 58.42
C ASP D 92 35.52 -22.05 56.93
N HIS D 93 36.10 -21.00 56.32
CA HIS D 93 36.73 -21.02 54.98
C HIS D 93 35.84 -21.79 54.00
N PHE D 94 34.59 -21.35 53.87
CA PHE D 94 33.53 -22.00 53.07
C PHE D 94 33.12 -21.06 51.93
N GLN D 95 33.29 -21.52 50.68
CA GLN D 95 32.89 -20.77 49.45
C GLN D 95 31.46 -21.16 49.06
N ALA D 96 30.50 -20.25 49.23
CA ALA D 96 29.06 -20.44 48.95
C ALA D 96 28.75 -20.17 47.47
N THR D 97 29.48 -19.24 46.84
CA THR D 97 29.30 -18.85 45.43
C THR D 97 29.71 -20.02 44.54
N PRO D 98 28.95 -20.36 43.47
CA PRO D 98 29.39 -21.39 42.52
C PRO D 98 30.58 -20.89 41.67
N HIS D 99 31.30 -21.81 41.01
CA HIS D 99 32.46 -21.53 40.13
C HIS D 99 32.11 -20.37 39.16
N HIS D 100 32.96 -19.33 39.14
CA HIS D 100 32.91 -18.16 38.22
C HIS D 100 31.67 -17.27 38.46
N GLY D 101 30.93 -17.49 39.57
CA GLY D 101 29.63 -16.83 39.82
C GLY D 101 28.59 -17.17 38.78
N VAL D 102 28.68 -18.37 38.19
CA VAL D 102 27.71 -18.92 37.18
C VAL D 102 26.67 -19.76 37.94
N TYR D 103 25.50 -19.18 38.23
CA TYR D 103 24.35 -19.88 38.89
C TYR D 103 23.57 -20.69 37.85
N SER D 104 22.83 -21.72 38.27
CA SER D 104 21.81 -22.42 37.43
C SER D 104 20.84 -21.36 36.88
N ARG D 105 20.17 -21.61 35.75
CA ARG D 105 19.22 -20.65 35.14
C ARG D 105 18.15 -20.30 36.19
N GLU D 106 17.68 -21.31 36.96
CA GLU D 106 16.60 -21.10 37.98
C GLU D 106 17.09 -20.12 39.05
N GLU D 107 18.29 -20.34 39.61
CA GLU D 107 18.87 -19.45 40.65
C GLU D 107 19.20 -18.06 40.06
N GLU D 108 19.73 -18.03 38.84
CA GLU D 108 20.08 -16.77 38.14
C GLU D 108 18.83 -15.91 37.98
N LEU D 109 17.72 -16.49 37.50
CA LEU D 109 16.46 -15.73 37.27
C LEU D 109 15.86 -15.30 38.62
N LEU D 110 15.92 -16.15 39.65
CA LEU D 110 15.42 -15.77 41.01
C LEU D 110 16.19 -14.56 41.52
N ARG D 111 17.51 -14.54 41.35
CA ARG D 111 18.37 -13.41 41.76
C ARG D 111 17.97 -12.14 40.99
N GLU D 112 17.64 -12.25 39.69
CA GLU D 112 17.10 -11.12 38.88
C GLU D 112 15.78 -10.61 39.46
N ARG D 113 14.83 -11.51 39.75
CA ARG D 113 13.50 -11.11 40.26
C ARG D 113 13.67 -10.43 41.63
N LYS D 114 14.59 -10.89 42.47
CA LYS D 114 14.84 -10.33 43.82
C LYS D 114 15.78 -9.12 43.80
N ARG D 115 16.33 -8.73 42.64
CA ARG D 115 17.31 -7.63 42.50
C ARG D 115 18.52 -7.91 43.41
N LEU D 116 18.99 -9.16 43.49
CA LEU D 116 20.19 -9.52 44.29
C LEU D 116 21.43 -9.39 43.40
N GLY D 117 22.38 -8.53 43.79
CA GLY D 117 23.68 -8.33 43.13
C GLY D 117 24.82 -9.06 43.82
N VAL D 118 24.75 -9.25 45.14
CA VAL D 118 25.84 -9.88 45.94
C VAL D 118 25.94 -11.37 45.56
N PHE D 119 27.13 -11.93 45.68
CA PHE D 119 27.40 -13.39 45.57
C PHE D 119 27.38 -13.99 46.98
N GLY D 120 27.23 -15.32 47.09
CA GLY D 120 27.30 -16.07 48.36
C GLY D 120 25.93 -16.29 48.96
N ILE D 121 25.84 -16.43 50.28
CA ILE D 121 24.55 -16.73 50.99
C ILE D 121 23.71 -15.44 50.97
N THR D 122 22.55 -15.44 50.31
CA THR D 122 21.67 -14.26 50.16
C THR D 122 20.41 -14.42 51.03
N SER D 123 20.16 -15.60 51.59
CA SER D 123 19.10 -15.81 52.61
C SER D 123 19.41 -17.05 53.45
N TYR D 124 18.76 -17.15 54.60
CA TYR D 124 18.82 -18.33 55.49
C TYR D 124 17.48 -18.50 56.20
N ASP D 125 17.13 -19.75 56.51
CA ASP D 125 15.98 -20.06 57.41
C ASP D 125 16.57 -20.38 58.78
N PHE D 126 15.94 -19.87 59.83
CA PHE D 126 16.39 -20.03 61.23
C PHE D 126 15.25 -20.60 62.06
N HIS D 127 15.51 -21.66 62.83
CA HIS D 127 14.58 -22.23 63.84
C HIS D 127 15.17 -21.95 65.23
N SER D 128 14.62 -20.98 65.96
CA SER D 128 15.28 -20.37 67.15
C SER D 128 15.36 -21.40 68.27
N GLU D 129 14.31 -22.17 68.53
CA GLU D 129 14.27 -23.17 69.64
C GLU D 129 15.40 -24.19 69.46
N SER D 130 15.63 -24.71 68.24
CA SER D 130 16.65 -25.75 67.96
C SER D 130 18.00 -25.13 67.55
N GLY D 131 18.03 -23.85 67.15
CA GLY D 131 19.26 -23.17 66.71
C GLY D 131 19.71 -23.62 65.33
N LEU D 132 18.80 -24.14 64.50
CA LEU D 132 19.13 -24.66 63.15
C LEU D 132 19.10 -23.51 62.12
N PHE D 133 20.15 -23.41 61.32
CA PHE D 133 20.26 -22.55 60.12
C PHE D 133 20.22 -23.45 58.88
N LEU D 134 19.44 -23.09 57.87
CA LEU D 134 19.31 -23.83 56.59
C LEU D 134 19.49 -22.82 55.44
N PHE D 135 20.35 -23.11 54.46
CA PHE D 135 20.62 -22.17 53.34
C PHE D 135 21.12 -22.91 52.10
N GLN D 136 20.95 -22.26 50.94
CA GLN D 136 21.54 -22.67 49.65
C GLN D 136 23.00 -22.19 49.61
N ALA D 137 23.91 -23.02 49.08
CA ALA D 137 25.33 -22.71 48.84
C ALA D 137 25.90 -23.75 47.87
N SER D 138 26.79 -23.31 46.97
CA SER D 138 27.57 -24.16 46.04
C SER D 138 26.65 -25.13 45.27
N ASN D 139 25.52 -24.65 44.74
CA ASN D 139 24.51 -25.45 43.97
C ASN D 139 23.99 -26.65 44.78
N SER D 140 23.87 -26.48 46.09
CA SER D 140 23.39 -27.54 47.02
C SER D 140 22.75 -26.90 48.25
N LEU D 141 22.45 -27.71 49.27
CA LEU D 141 21.84 -27.27 50.54
C LEU D 141 22.75 -27.63 51.69
N PHE D 142 22.89 -26.71 52.64
CA PHE D 142 23.77 -26.83 53.83
C PHE D 142 22.99 -26.38 55.06
N HIS D 143 23.46 -26.80 56.22
CA HIS D 143 22.91 -26.44 57.54
C HIS D 143 24.03 -26.39 58.57
N CYS D 144 23.76 -25.70 59.68
CA CYS D 144 24.60 -25.68 60.90
C CYS D 144 23.69 -25.34 62.07
N ARG D 145 24.15 -25.57 63.29
CA ARG D 145 23.39 -25.31 64.54
C ARG D 145 24.23 -24.40 65.45
N ASP D 146 23.58 -23.43 66.09
CA ASP D 146 24.22 -22.58 67.12
C ASP D 146 23.15 -22.16 68.13
N GLY D 147 23.51 -22.04 69.40
CA GLY D 147 22.55 -21.85 70.49
C GLY D 147 21.74 -23.11 70.73
N GLY D 148 20.48 -22.98 71.17
CA GLY D 148 19.62 -24.09 71.60
C GLY D 148 20.33 -25.02 72.58
N LYS D 149 20.25 -26.33 72.35
CA LYS D 149 20.79 -27.39 73.25
C LYS D 149 22.31 -27.46 73.16
N ASN D 150 22.89 -27.19 71.98
CA ASN D 150 24.34 -27.42 71.70
C ASN D 150 25.22 -26.39 72.42
N GLY D 151 24.68 -25.21 72.76
CA GLY D 151 25.46 -24.05 73.24
C GLY D 151 25.94 -23.16 72.09
N PHE D 152 26.67 -22.10 72.40
CA PHE D 152 27.12 -21.05 71.44
C PHE D 152 28.58 -21.32 71.03
N MET D 153 28.85 -21.40 69.73
CA MET D 153 30.23 -21.55 69.18
C MET D 153 31.08 -20.34 69.58
N VAL D 154 32.37 -20.57 69.79
CA VAL D 154 33.41 -19.53 70.11
C VAL D 154 34.32 -19.33 68.89
N SER D 155 34.29 -20.24 67.90
CA SER D 155 35.09 -20.17 66.66
C SER D 155 34.27 -20.75 65.50
N PRO D 156 34.61 -20.47 64.22
CA PRO D 156 33.75 -20.88 63.10
C PRO D 156 33.65 -22.40 62.99
N MET D 157 32.51 -22.92 62.53
CA MET D 157 32.27 -24.38 62.30
C MET D 157 32.17 -24.65 60.79
N LYS D 158 32.44 -25.87 60.34
CA LYS D 158 32.19 -26.29 58.93
C LYS D 158 30.68 -26.54 58.79
N PRO D 159 30.01 -25.97 57.77
CA PRO D 159 28.59 -26.28 57.54
C PRO D 159 28.49 -27.70 56.98
N LEU D 160 27.42 -28.41 57.30
CA LEU D 160 27.19 -29.81 56.83
C LEU D 160 26.27 -29.75 55.61
N GLU D 161 26.72 -30.30 54.48
CA GLU D 161 25.88 -30.49 53.27
C GLU D 161 24.74 -31.47 53.60
N ILE D 162 23.54 -31.22 53.07
CA ILE D 162 22.41 -32.19 53.12
C ILE D 162 22.47 -33.03 51.85
N LYS D 163 22.72 -34.34 51.99
CA LYS D 163 22.78 -35.33 50.88
C LYS D 163 21.40 -35.48 50.25
N THR D 164 21.35 -35.79 48.96
CA THR D 164 20.08 -35.95 48.19
C THR D 164 20.28 -36.97 47.06
N GLN D 165 19.17 -37.60 46.64
CA GLN D 165 19.10 -38.42 45.40
C GLN D 165 18.40 -37.62 44.30
N CYS D 166 17.99 -36.38 44.58
CA CYS D 166 17.29 -35.50 43.61
C CYS D 166 18.28 -35.04 42.53
N SER D 167 17.77 -34.89 41.31
CA SER D 167 18.48 -34.37 40.12
C SER D 167 18.07 -32.90 39.91
N GLY D 168 19.04 -32.02 39.66
CA GLY D 168 18.80 -30.58 39.45
C GLY D 168 18.66 -29.85 40.79
N PRO D 169 18.53 -28.51 40.79
CA PRO D 169 18.56 -27.74 42.04
C PRO D 169 17.41 -28.04 43.02
N ARG D 170 17.70 -27.92 44.32
CA ARG D 170 16.71 -27.91 45.43
C ARG D 170 16.46 -26.44 45.78
N MET D 171 15.33 -25.88 45.31
CA MET D 171 14.99 -24.44 45.41
C MET D 171 14.10 -24.19 46.65
N ASP D 172 14.17 -22.96 47.18
CA ASP D 172 13.22 -22.43 48.20
C ASP D 172 13.15 -23.36 49.41
N PRO D 173 14.29 -23.69 50.07
CA PRO D 173 14.28 -24.59 51.21
C PRO D 173 13.72 -23.92 52.47
N LYS D 174 12.88 -24.61 53.24
CA LYS D 174 12.33 -24.09 54.52
C LYS D 174 12.29 -25.18 55.59
N ILE D 175 12.64 -24.82 56.84
CA ILE D 175 12.53 -25.69 58.03
C ILE D 175 11.05 -25.82 58.38
N CYS D 176 10.60 -27.02 58.76
CA CYS D 176 9.24 -27.26 59.31
C CYS D 176 9.14 -26.58 60.68
N PRO D 177 8.26 -25.56 60.87
CA PRO D 177 8.15 -24.88 62.17
C PRO D 177 7.77 -25.80 63.35
N ALA D 178 6.92 -26.80 63.10
CA ALA D 178 6.36 -27.71 64.13
C ALA D 178 7.40 -28.75 64.54
N ASP D 179 8.34 -29.07 63.64
CA ASP D 179 9.30 -30.18 63.86
C ASP D 179 10.56 -29.91 63.03
N PRO D 180 11.64 -29.36 63.65
CA PRO D 180 12.81 -28.92 62.90
C PRO D 180 13.68 -30.05 62.33
N ALA D 181 13.33 -31.30 62.63
CA ALA D 181 13.91 -32.50 61.97
C ALA D 181 13.54 -32.49 60.49
N PHE D 182 12.42 -31.84 60.11
CA PHE D 182 11.92 -31.83 58.71
C PHE D 182 12.18 -30.47 58.04
N PHE D 183 12.44 -30.54 56.73
CA PHE D 183 12.48 -29.35 55.86
C PHE D 183 11.86 -29.73 54.51
N SER D 184 11.56 -28.69 53.74
CA SER D 184 10.92 -28.78 52.42
C SER D 184 11.82 -28.12 51.38
N PHE D 185 11.62 -28.46 50.12
CA PHE D 185 12.24 -27.80 48.96
C PHE D 185 11.42 -28.09 47.71
N ILE D 186 11.64 -27.31 46.66
CA ILE D 186 11.11 -27.56 45.30
C ILE D 186 12.22 -28.20 44.49
N ASN D 187 11.87 -29.27 43.79
CA ASN D 187 12.78 -29.93 42.84
C ASN D 187 11.99 -30.22 41.56
N ASN D 188 12.49 -29.72 40.42
CA ASN D 188 11.86 -29.92 39.09
C ASN D 188 10.35 -29.64 39.19
N SER D 189 9.98 -28.48 39.74
CA SER D 189 8.60 -27.92 39.76
C SER D 189 7.66 -28.77 40.62
N ASP D 190 8.17 -29.56 41.57
CA ASP D 190 7.35 -30.32 42.54
C ASP D 190 7.88 -30.14 43.96
N LEU D 191 6.99 -30.26 44.93
CA LEU D 191 7.27 -30.08 46.38
C LEU D 191 7.81 -31.40 46.95
N TRP D 192 8.90 -31.32 47.71
CA TRP D 192 9.53 -32.44 48.46
C TRP D 192 9.62 -32.07 49.93
N VAL D 193 9.67 -33.07 50.81
CA VAL D 193 10.12 -32.94 52.22
C VAL D 193 11.26 -33.93 52.44
N ALA D 194 12.06 -33.66 53.46
CA ALA D 194 13.16 -34.54 53.90
C ALA D 194 13.32 -34.39 55.41
N ASN D 195 13.90 -35.42 56.02
CA ASN D 195 14.30 -35.43 57.44
C ASN D 195 15.80 -35.18 57.45
N ILE D 196 16.21 -34.04 58.00
CA ILE D 196 17.62 -33.55 57.98
C ILE D 196 18.50 -34.48 58.83
N GLU D 197 17.91 -35.14 59.85
N GLU D 197 17.92 -35.15 59.86
CA GLU D 197 18.62 -36.02 60.81
CA GLU D 197 18.63 -36.01 60.83
C GLU D 197 18.79 -37.42 60.23
C GLU D 197 18.78 -37.44 60.27
N THR D 198 17.78 -37.96 59.53
CA THR D 198 17.79 -39.36 59.01
C THR D 198 18.23 -39.40 57.54
N GLY D 199 18.03 -38.32 56.77
CA GLY D 199 18.33 -38.29 55.33
C GLY D 199 17.21 -38.83 54.46
N GLU D 200 16.09 -39.31 55.04
CA GLU D 200 14.89 -39.72 54.25
C GLU D 200 14.35 -38.52 53.47
N GLU D 201 14.09 -38.68 52.17
CA GLU D 201 13.43 -37.68 51.29
C GLU D 201 12.14 -38.29 50.72
N ARG D 202 11.14 -37.45 50.45
CA ARG D 202 9.83 -37.90 49.90
C ARG D 202 9.24 -36.80 49.01
N ARG D 203 8.97 -37.13 47.76
CA ARG D 203 8.21 -36.26 46.81
C ARG D 203 6.75 -36.21 47.27
N LEU D 204 6.16 -35.01 47.41
CA LEU D 204 4.74 -34.84 47.84
C LEU D 204 3.83 -34.58 46.64
N THR D 205 4.31 -33.96 45.56
CA THR D 205 3.43 -33.56 44.41
C THR D 205 3.97 -34.16 43.11
N PHE D 206 3.08 -34.42 42.14
CA PHE D 206 3.39 -35.17 40.89
C PHE D 206 2.85 -34.43 39.67
N CYS D 207 3.03 -33.12 39.64
CA CYS D 207 2.60 -32.19 38.56
C CYS D 207 3.52 -32.27 37.35
N HIS D 208 4.82 -32.34 37.61
CA HIS D 208 5.88 -32.34 36.56
C HIS D 208 6.11 -33.78 36.07
N GLN D 209 5.75 -34.07 34.81
CA GLN D 209 5.86 -35.42 34.20
C GLN D 209 7.31 -35.70 33.82
N GLY D 210 8.11 -34.67 33.52
CA GLY D 210 9.47 -34.81 32.97
C GLY D 210 9.45 -35.22 31.50
N LEU D 211 8.46 -34.74 30.71
CA LEU D 211 8.38 -35.01 29.24
C LEU D 211 9.58 -34.35 28.54
N SER D 212 10.07 -34.96 27.45
CA SER D 212 11.27 -34.47 26.71
C SER D 212 10.98 -33.07 26.13
N ASN D 213 9.78 -32.87 25.54
CA ASN D 213 9.27 -31.53 25.14
C ASN D 213 8.69 -30.82 26.37
N VAL D 214 9.43 -29.85 26.90
CA VAL D 214 9.12 -29.09 28.15
C VAL D 214 7.76 -28.38 28.01
N LEU D 215 7.40 -27.94 26.80
CA LEU D 215 6.17 -27.15 26.53
C LEU D 215 4.92 -28.02 26.67
N ASP D 216 5.05 -29.35 26.60
CA ASP D 216 3.93 -30.29 26.82
C ASP D 216 3.84 -30.67 28.31
N ASP D 217 4.66 -30.07 29.18
CA ASP D 217 4.78 -30.38 30.63
C ASP D 217 4.52 -29.12 31.46
N PRO D 218 3.30 -28.56 31.44
CA PRO D 218 3.08 -27.18 31.90
C PRO D 218 2.63 -26.94 33.36
N LYS D 219 2.60 -27.98 34.20
CA LYS D 219 2.09 -27.84 35.59
C LYS D 219 3.25 -27.84 36.58
N SER D 220 3.11 -27.08 37.67
N SER D 220 3.12 -27.06 37.66
CA SER D 220 4.09 -26.97 38.78
CA SER D 220 4.10 -26.97 38.78
C SER D 220 3.32 -26.93 40.11
C SER D 220 3.35 -26.91 40.11
N ALA D 221 3.99 -27.33 41.19
CA ALA D 221 3.47 -27.25 42.59
C ALA D 221 4.52 -26.55 43.45
N GLY D 222 4.09 -25.58 44.27
CA GLY D 222 4.97 -24.93 45.25
C GLY D 222 5.72 -23.77 44.67
N VAL D 223 5.47 -23.38 43.41
CA VAL D 223 6.29 -22.41 42.63
C VAL D 223 5.49 -21.11 42.42
N ALA D 224 6.12 -19.96 42.67
CA ALA D 224 5.68 -18.63 42.21
C ALA D 224 6.07 -18.46 40.75
N THR D 225 5.11 -18.23 39.85
CA THR D 225 5.37 -18.07 38.40
C THR D 225 5.91 -16.64 38.12
N PHE D 226 6.26 -16.36 36.86
CA PHE D 226 7.00 -15.14 36.47
C PHE D 226 6.31 -13.87 36.97
N VAL D 227 5.02 -13.69 36.69
CA VAL D 227 4.31 -12.41 37.02
C VAL D 227 4.18 -12.28 38.53
N ILE D 228 4.03 -13.39 39.25
CA ILE D 228 3.92 -13.37 40.74
C ILE D 228 5.25 -12.85 41.31
N GLN D 229 6.39 -13.33 40.80
CA GLN D 229 7.74 -12.92 41.27
C GLN D 229 8.03 -11.50 40.84
N GLU D 230 7.77 -11.17 39.57
CA GLU D 230 8.17 -9.85 39.00
C GLU D 230 7.18 -8.77 39.44
N GLU D 231 5.87 -9.05 39.61
CA GLU D 231 4.88 -7.95 39.76
C GLU D 231 4.17 -8.00 41.11
N PHE D 232 4.22 -9.09 41.85
CA PHE D 232 3.55 -9.21 43.17
C PHE D 232 4.57 -9.46 44.26
N ASP D 233 5.88 -9.48 43.98
CA ASP D 233 6.91 -9.58 45.06
C ASP D 233 6.67 -10.84 45.91
N ARG D 234 6.21 -11.94 45.31
CA ARG D 234 6.09 -13.25 46.01
C ARG D 234 7.02 -14.24 45.29
N PHE D 235 7.87 -14.92 46.07
CA PHE D 235 8.94 -15.79 45.57
C PHE D 235 8.74 -17.22 46.04
N THR D 236 7.62 -17.56 46.68
CA THR D 236 7.33 -18.93 47.16
C THR D 236 5.90 -19.28 46.75
N GLY D 237 5.63 -20.57 46.53
CA GLY D 237 4.28 -21.07 46.26
C GLY D 237 3.88 -22.15 47.25
N TYR D 238 4.47 -22.17 48.45
CA TYR D 238 4.07 -23.13 49.50
C TYR D 238 4.31 -22.56 50.88
N TRP D 239 3.52 -23.06 51.85
CA TRP D 239 3.47 -22.54 53.24
C TRP D 239 3.31 -23.69 54.22
N TRP D 240 4.31 -23.93 55.06
CA TRP D 240 4.26 -24.91 56.17
C TRP D 240 3.12 -24.54 57.12
N CYS D 241 2.29 -25.52 57.48
CA CYS D 241 1.40 -25.38 58.66
C CYS D 241 2.29 -25.32 59.89
N PRO D 242 2.13 -24.34 60.80
CA PRO D 242 3.07 -24.18 61.93
C PRO D 242 2.93 -25.22 63.05
N THR D 243 1.89 -26.06 63.03
CA THR D 243 1.58 -27.02 64.12
C THR D 243 1.40 -28.43 63.54
N ALA D 244 1.56 -29.44 64.39
CA ALA D 244 1.28 -30.86 64.11
C ALA D 244 -0.14 -31.18 64.58
N SER D 245 -0.78 -32.20 64.02
CA SER D 245 -2.04 -32.77 64.56
C SER D 245 -1.88 -34.28 64.75
N TRP D 246 -2.80 -34.90 65.48
CA TRP D 246 -2.66 -36.28 66.03
C TRP D 246 -3.95 -37.09 65.81
N GLU D 247 -4.56 -36.99 64.63
CA GLU D 247 -5.94 -37.51 64.39
C GLU D 247 -5.92 -39.03 64.14
N GLY D 248 -4.75 -39.69 64.09
CA GLY D 248 -4.66 -41.16 63.97
C GLY D 248 -5.00 -41.89 65.27
N SER D 249 -5.37 -43.16 65.19
CA SER D 249 -5.49 -44.10 66.35
C SER D 249 -4.22 -44.97 66.45
N GLU D 250 -3.10 -44.56 65.82
CA GLU D 250 -1.79 -45.26 65.85
C GLU D 250 -0.70 -44.39 66.51
N GLY D 251 -1.05 -43.22 67.06
CA GLY D 251 -0.10 -42.28 67.69
C GLY D 251 0.78 -41.55 66.67
N LEU D 252 0.38 -41.52 65.39
CA LEU D 252 1.11 -40.80 64.32
C LEU D 252 0.85 -39.30 64.44
N LYS D 253 1.82 -38.52 63.98
CA LYS D 253 1.78 -37.05 63.89
C LYS D 253 1.53 -36.67 62.43
N THR D 254 0.59 -35.74 62.15
CA THR D 254 0.35 -35.21 60.78
C THR D 254 0.96 -33.81 60.67
N LEU D 255 1.75 -33.61 59.61
CA LEU D 255 2.30 -32.30 59.19
C LEU D 255 1.68 -31.95 57.82
N ARG D 256 1.51 -30.64 57.58
CA ARG D 256 0.70 -30.11 56.45
C ARG D 256 1.49 -29.01 55.74
N ILE D 257 1.36 -28.93 54.42
CA ILE D 257 1.89 -27.81 53.60
C ILE D 257 0.79 -27.38 52.63
N LEU D 258 0.39 -26.11 52.73
CA LEU D 258 -0.45 -25.42 51.73
C LEU D 258 0.44 -25.12 50.53
N TYR D 259 -0.03 -25.33 49.31
CA TYR D 259 0.76 -24.99 48.11
C TYR D 259 -0.14 -24.54 46.98
N GLU D 260 0.43 -23.70 46.11
CA GLU D 260 -0.22 -23.25 44.86
C GLU D 260 0.18 -24.24 43.77
N GLU D 261 -0.82 -24.87 43.14
CA GLU D 261 -0.61 -25.64 41.88
C GLU D 261 -0.95 -24.69 40.72
N VAL D 262 -0.11 -24.67 39.69
CA VAL D 262 -0.33 -23.81 38.50
C VAL D 262 -0.29 -24.66 37.24
N ASP D 263 -1.02 -24.22 36.23
CA ASP D 263 -1.01 -24.82 34.88
C ASP D 263 -0.78 -23.66 33.90
N GLU D 264 0.40 -23.61 33.27
CA GLU D 264 0.78 -22.52 32.33
C GLU D 264 0.53 -22.91 30.86
N SER D 265 -0.25 -23.96 30.60
CA SER D 265 -0.58 -24.48 29.23
C SER D 265 -0.98 -23.37 28.27
N GLU D 266 -1.87 -22.48 28.71
CA GLU D 266 -2.50 -21.46 27.83
C GLU D 266 -1.67 -20.16 27.85
N VAL D 267 -0.63 -20.07 28.67
CA VAL D 267 0.21 -18.85 28.77
C VAL D 267 1.11 -18.80 27.52
N GLU D 268 1.19 -17.64 26.90
CA GLU D 268 2.06 -17.39 25.72
C GLU D 268 3.53 -17.72 26.05
N VAL D 269 4.23 -18.23 25.05
CA VAL D 269 5.67 -18.59 25.13
C VAL D 269 6.45 -17.50 24.39
N ILE D 270 7.48 -16.97 25.04
CA ILE D 270 8.50 -16.12 24.34
C ILE D 270 9.88 -16.74 24.55
N HIS D 271 10.82 -16.34 23.69
CA HIS D 271 12.23 -16.81 23.73
C HIS D 271 13.12 -15.62 24.06
N VAL D 272 14.00 -15.78 25.03
CA VAL D 272 15.00 -14.74 25.40
C VAL D 272 16.35 -15.40 25.24
N PRO D 273 17.33 -14.74 24.58
CA PRO D 273 18.68 -15.29 24.49
C PRO D 273 19.21 -15.68 25.87
N SER D 274 19.92 -16.81 25.90
CA SER D 274 20.63 -17.35 27.07
C SER D 274 21.94 -16.57 27.25
N PRO D 275 22.42 -16.38 28.50
CA PRO D 275 23.70 -15.71 28.76
C PRO D 275 24.96 -16.37 28.17
N ALA D 276 24.95 -17.66 27.86
CA ALA D 276 26.10 -18.31 27.19
C ALA D 276 26.02 -17.98 25.68
N LEU D 277 26.44 -16.76 25.30
CA LEU D 277 26.15 -16.18 23.95
C LEU D 277 26.70 -17.12 22.86
N GLU D 278 27.85 -17.74 23.10
CA GLU D 278 28.56 -18.68 22.15
C GLU D 278 27.62 -19.84 21.76
N GLU D 279 26.65 -20.21 22.58
CA GLU D 279 25.72 -21.33 22.27
C GLU D 279 24.65 -20.87 21.26
N ARG D 280 24.43 -19.56 21.11
CA ARG D 280 23.46 -18.97 20.13
C ARG D 280 22.07 -19.62 20.32
N LYS D 281 21.66 -19.84 21.58
CA LYS D 281 20.34 -20.41 21.95
C LYS D 281 19.58 -19.43 22.85
N THR D 282 18.29 -19.70 22.99
CA THR D 282 17.34 -18.98 23.87
C THR D 282 16.79 -19.95 24.92
N ASP D 283 16.25 -19.37 25.99
CA ASP D 283 15.42 -20.04 27.00
C ASP D 283 13.97 -19.67 26.69
N SER D 284 13.05 -20.59 26.95
CA SER D 284 11.59 -20.39 26.75
C SER D 284 10.98 -19.91 28.07
N TYR D 285 10.14 -18.89 27.99
CA TYR D 285 9.48 -18.23 29.14
C TYR D 285 7.97 -18.27 28.91
N ARG D 286 7.22 -18.60 29.95
CA ARG D 286 5.75 -18.42 30.00
C ARG D 286 5.54 -16.96 30.42
N TYR D 287 5.32 -16.09 29.45
CA TYR D 287 5.25 -14.62 29.65
C TYR D 287 3.83 -14.19 29.32
N PRO D 288 2.97 -13.96 30.34
CA PRO D 288 1.63 -13.43 30.11
C PRO D 288 1.70 -11.95 29.74
N ARG D 289 1.58 -11.67 28.45
CA ARG D 289 1.50 -10.27 28.00
C ARG D 289 0.12 -9.76 28.37
N THR D 290 0.03 -8.46 28.64
CA THR D 290 -1.20 -7.77 29.03
C THR D 290 -2.35 -8.20 28.09
N GLY D 291 -3.50 -8.58 28.68
CA GLY D 291 -4.70 -8.99 27.93
C GLY D 291 -4.72 -10.47 27.57
N SER D 292 -3.62 -11.21 27.72
CA SER D 292 -3.52 -12.66 27.40
C SER D 292 -3.71 -13.48 28.69
N LYS D 293 -3.68 -14.80 28.60
CA LYS D 293 -4.01 -15.70 29.75
C LYS D 293 -2.87 -15.63 30.78
N ASN D 294 -3.24 -15.49 32.04
CA ASN D 294 -2.42 -15.86 33.20
C ASN D 294 -2.49 -17.36 33.40
N PRO D 295 -1.59 -17.95 34.23
CA PRO D 295 -1.71 -19.34 34.61
C PRO D 295 -3.06 -19.65 35.28
N LYS D 296 -3.51 -20.88 35.09
CA LYS D 296 -4.63 -21.44 35.90
C LYS D 296 -4.04 -21.85 37.26
N ILE D 297 -4.67 -21.43 38.36
CA ILE D 297 -4.13 -21.64 39.74
C ILE D 297 -5.15 -22.35 40.62
N ALA D 298 -4.65 -23.03 41.66
CA ALA D 298 -5.46 -23.61 42.75
C ALA D 298 -4.59 -23.71 44.00
N LEU D 299 -5.19 -23.57 45.17
CA LEU D 299 -4.54 -23.96 46.47
C LEU D 299 -4.89 -25.41 46.73
N LYS D 300 -3.88 -26.19 47.10
CA LYS D 300 -4.00 -27.61 47.49
C LYS D 300 -3.22 -27.82 48.79
N LEU D 301 -3.34 -29.01 49.36
CA LEU D 301 -2.78 -29.34 50.69
C LEU D 301 -2.06 -30.69 50.57
N ALA D 302 -0.77 -30.69 50.89
CA ALA D 302 0.07 -31.90 51.02
C ALA D 302 0.10 -32.23 52.51
N GLU D 303 -0.19 -33.49 52.85
CA GLU D 303 -0.07 -34.00 54.23
C GLU D 303 0.90 -35.17 54.21
N PHE D 304 1.63 -35.33 55.30
CA PHE D 304 2.38 -36.58 55.58
C PHE D 304 2.28 -36.88 57.07
N GLN D 305 2.40 -38.17 57.39
CA GLN D 305 2.38 -38.68 58.78
C GLN D 305 3.78 -39.21 59.12
N THR D 306 4.22 -38.92 60.34
CA THR D 306 5.53 -39.33 60.88
C THR D 306 5.29 -40.08 62.20
N ASP D 307 6.16 -41.03 62.54
CA ASP D 307 6.14 -41.76 63.85
C ASP D 307 7.07 -41.03 64.82
N SER D 308 7.19 -41.53 66.04
CA SER D 308 8.02 -40.97 67.15
C SER D 308 9.50 -40.87 66.74
N GLN D 309 9.98 -41.76 65.87
CA GLN D 309 11.39 -41.83 65.39
C GLN D 309 11.62 -40.93 64.16
N GLY D 310 10.61 -40.16 63.70
CA GLY D 310 10.75 -39.25 62.55
C GLY D 310 10.67 -39.95 61.21
N LYS D 311 10.19 -41.20 61.15
CA LYS D 311 10.03 -41.94 59.86
C LYS D 311 8.78 -41.43 59.14
N ILE D 312 8.86 -41.18 57.82
CA ILE D 312 7.68 -40.75 57.01
C ILE D 312 6.90 -42.02 56.63
N VAL D 313 5.74 -42.21 57.27
CA VAL D 313 4.90 -43.45 57.19
C VAL D 313 3.93 -43.35 56.02
N SER D 314 3.41 -42.16 55.71
CA SER D 314 2.39 -41.97 54.64
C SER D 314 2.35 -40.52 54.18
N THR D 315 1.85 -40.30 52.96
CA THR D 315 1.66 -38.96 52.35
C THR D 315 0.29 -38.93 51.66
N GLN D 316 -0.26 -37.74 51.45
CA GLN D 316 -1.58 -37.56 50.79
C GLN D 316 -1.59 -36.21 50.05
N GLU D 317 -2.03 -36.23 48.80
CA GLU D 317 -2.40 -35.03 48.00
C GLU D 317 -3.88 -34.73 48.28
N LYS D 318 -4.18 -33.55 48.83
CA LYS D 318 -5.58 -33.10 49.03
C LYS D 318 -5.86 -31.85 48.20
N GLU D 319 -7.10 -31.72 47.75
CA GLU D 319 -7.58 -30.58 46.93
C GLU D 319 -8.93 -30.12 47.51
N LEU D 320 -9.34 -28.90 47.18
CA LEU D 320 -10.62 -28.34 47.68
C LEU D 320 -11.77 -29.27 47.26
N VAL D 321 -12.71 -29.48 48.18
CA VAL D 321 -13.88 -30.38 47.98
C VAL D 321 -14.66 -29.98 46.71
N GLN D 322 -14.70 -28.70 46.38
CA GLN D 322 -15.19 -28.20 45.08
C GLN D 322 -14.02 -27.48 44.41
N PRO D 323 -13.92 -27.47 43.05
CA PRO D 323 -12.76 -26.86 42.40
C PRO D 323 -12.54 -25.39 42.82
N PHE D 324 -11.28 -24.99 42.93
CA PHE D 324 -10.85 -23.59 43.23
C PHE D 324 -11.66 -22.61 42.38
N SER D 325 -11.80 -22.91 41.08
CA SER D 325 -12.45 -22.02 40.08
C SER D 325 -13.97 -21.93 40.33
N SER D 326 -14.60 -22.95 40.94
CA SER D 326 -16.03 -22.92 41.36
C SER D 326 -16.22 -22.12 42.64
N LEU D 327 -15.40 -22.38 43.66
CA LEU D 327 -15.53 -21.70 44.98
C LEU D 327 -15.18 -20.21 44.86
N PHE D 328 -14.17 -19.89 44.06
CA PHE D 328 -13.57 -18.53 43.99
C PHE D 328 -13.47 -18.13 42.52
N PRO D 329 -14.62 -17.95 41.83
CA PRO D 329 -14.63 -17.80 40.37
C PRO D 329 -14.02 -16.50 39.85
N LYS D 330 -13.92 -15.46 40.67
CA LYS D 330 -13.38 -14.15 40.22
C LYS D 330 -11.90 -13.99 40.62
N VAL D 331 -11.27 -15.01 41.22
CA VAL D 331 -9.85 -14.93 41.61
C VAL D 331 -8.97 -15.15 40.39
N GLU D 332 -8.09 -14.20 40.10
CA GLU D 332 -7.07 -14.27 39.03
C GLU D 332 -5.71 -14.58 39.66
N TYR D 333 -5.38 -13.97 40.79
CA TYR D 333 -4.04 -14.10 41.42
C TYR D 333 -4.20 -14.46 42.87
N ILE D 334 -3.33 -15.35 43.36
CA ILE D 334 -3.03 -15.49 44.80
C ILE D 334 -1.86 -14.55 45.10
N ALA D 335 -2.11 -13.47 45.84
CA ALA D 335 -1.05 -12.50 46.20
C ALA D 335 -0.17 -13.11 47.28
N ARG D 336 -0.81 -13.63 48.34
CA ARG D 336 -0.12 -14.07 49.58
C ARG D 336 -0.91 -15.22 50.19
N ALA D 337 -0.26 -16.02 51.02
CA ALA D 337 -0.94 -17.09 51.77
C ALA D 337 -0.13 -17.40 53.03
N GLY D 338 -0.71 -18.19 53.91
CA GLY D 338 -0.11 -18.57 55.18
C GLY D 338 -1.09 -19.38 56.02
N TRP D 339 -0.85 -19.38 57.32
CA TRP D 339 -1.67 -20.08 58.33
C TRP D 339 -1.86 -19.16 59.53
N THR D 340 -2.93 -19.37 60.30
CA THR D 340 -3.07 -18.87 61.69
C THR D 340 -1.99 -19.57 62.55
N ARG D 341 -1.60 -18.97 63.67
CA ARG D 341 -0.44 -19.44 64.50
C ARG D 341 -0.73 -20.82 65.10
N ASP D 342 -2.01 -21.18 65.31
CA ASP D 342 -2.40 -22.52 65.86
C ASP D 342 -2.54 -23.55 64.71
N GLY D 343 -2.41 -23.15 63.45
CA GLY D 343 -2.58 -24.04 62.29
C GLY D 343 -4.03 -24.43 62.03
N LYS D 344 -5.00 -23.81 62.71
CA LYS D 344 -6.44 -24.17 62.60
C LYS D 344 -6.93 -23.79 61.19
N TYR D 345 -6.45 -22.68 60.63
CA TYR D 345 -6.86 -22.20 59.29
C TYR D 345 -5.61 -21.90 58.45
N ALA D 346 -5.63 -22.34 57.18
CA ALA D 346 -4.84 -21.73 56.10
C ALA D 346 -5.50 -20.39 55.77
N TRP D 347 -4.77 -19.43 55.22
CA TRP D 347 -5.39 -18.19 54.69
C TRP D 347 -4.75 -17.83 53.37
N ALA D 348 -5.51 -17.11 52.55
CA ALA D 348 -5.01 -16.60 51.26
C ALA D 348 -5.55 -15.21 51.01
N MET D 349 -4.73 -14.38 50.38
N MET D 349 -4.72 -14.36 50.40
CA MET D 349 -5.09 -13.06 49.85
CA MET D 349 -5.09 -13.04 49.85
C MET D 349 -5.31 -13.22 48.34
C MET D 349 -5.32 -13.23 48.34
N PHE D 350 -6.57 -13.09 47.89
CA PHE D 350 -6.97 -13.26 46.47
C PHE D 350 -7.20 -11.89 45.82
N LEU D 351 -6.81 -11.74 44.56
CA LEU D 351 -7.08 -10.55 43.73
C LEU D 351 -7.90 -10.96 42.51
N ASP D 352 -8.77 -10.08 42.04
CA ASP D 352 -9.44 -10.25 40.74
C ASP D 352 -8.48 -9.75 39.66
N ARG D 353 -8.84 -10.00 38.42
CA ARG D 353 -7.97 -9.66 37.27
C ARG D 353 -7.82 -8.15 37.16
N PRO D 354 -8.89 -7.31 37.29
CA PRO D 354 -8.70 -5.86 37.31
C PRO D 354 -7.83 -5.32 38.46
N GLN D 355 -7.59 -6.14 39.48
CA GLN D 355 -6.84 -5.80 40.71
C GLN D 355 -7.53 -4.61 41.40
N GLN D 356 -8.88 -4.64 41.45
CA GLN D 356 -9.67 -3.63 42.20
C GLN D 356 -10.46 -4.27 43.34
N TRP D 357 -10.25 -5.56 43.58
CA TRP D 357 -11.03 -6.37 44.54
C TRP D 357 -10.10 -7.41 45.15
N LEU D 358 -9.88 -7.33 46.46
CA LEU D 358 -9.03 -8.24 47.24
C LEU D 358 -9.89 -8.89 48.32
N GLN D 359 -9.69 -10.17 48.57
CA GLN D 359 -10.32 -10.90 49.68
C GLN D 359 -9.26 -11.63 50.48
N LEU D 360 -9.34 -11.55 51.82
N LEU D 360 -9.40 -11.57 51.80
CA LEU D 360 -8.60 -12.41 52.77
CA LEU D 360 -8.68 -12.37 52.81
C LEU D 360 -9.55 -13.52 53.22
C LEU D 360 -9.58 -13.54 53.23
N VAL D 361 -9.17 -14.78 52.97
CA VAL D 361 -10.06 -15.97 53.08
C VAL D 361 -9.38 -17.02 53.98
N LEU D 362 -10.07 -17.47 55.02
CA LEU D 362 -9.65 -18.64 55.84
C LEU D 362 -10.12 -19.91 55.13
N LEU D 363 -9.26 -20.92 55.09
CA LEU D 363 -9.56 -22.24 54.53
C LEU D 363 -9.17 -23.28 55.58
N PRO D 364 -10.15 -23.94 56.22
CA PRO D 364 -9.84 -25.00 57.17
C PRO D 364 -9.30 -26.21 56.42
N PRO D 365 -8.32 -26.96 56.98
CA PRO D 365 -7.83 -28.18 56.32
C PRO D 365 -8.93 -29.22 56.01
N ALA D 366 -10.02 -29.26 56.80
CA ALA D 366 -11.15 -30.20 56.56
C ALA D 366 -11.87 -29.89 55.23
N LEU D 367 -11.69 -28.71 54.64
CA LEU D 367 -12.29 -28.37 53.32
C LEU D 367 -11.53 -29.05 52.17
N PHE D 368 -10.35 -29.60 52.44
CA PHE D 368 -9.50 -30.31 51.44
C PHE D 368 -9.76 -31.82 51.60
N ILE D 369 -9.96 -32.53 50.50
CA ILE D 369 -10.23 -34.01 50.49
C ILE D 369 -9.14 -34.68 49.66
N PRO D 370 -8.90 -36.01 49.83
CA PRO D 370 -7.96 -36.74 48.97
C PRO D 370 -8.24 -36.55 47.46
N SER D 371 -7.21 -36.21 46.69
CA SER D 371 -7.26 -36.22 45.21
C SER D 371 -7.44 -37.66 44.75
N THR D 372 -8.36 -37.89 43.81
CA THR D 372 -8.60 -39.24 43.23
C THR D 372 -9.22 -39.10 41.83
N GLU D 373 -8.98 -40.10 40.98
CA GLU D 373 -9.62 -40.25 39.64
C GLU D 373 -10.96 -40.98 39.79
N ASN D 374 -11.21 -41.63 40.93
CA ASN D 374 -12.44 -42.40 41.24
C ASN D 374 -13.53 -41.42 41.68
N GLU D 375 -14.51 -41.14 40.81
CA GLU D 375 -15.62 -40.18 41.06
C GLU D 375 -16.47 -40.62 42.27
N GLU D 376 -16.66 -41.94 42.47
CA GLU D 376 -17.47 -42.48 43.60
C GLU D 376 -16.76 -42.19 44.93
N GLN D 377 -15.45 -42.41 45.00
CA GLN D 377 -14.60 -42.12 46.20
C GLN D 377 -14.64 -40.61 46.48
N ARG D 378 -14.53 -39.78 45.44
CA ARG D 378 -14.52 -38.30 45.56
C ARG D 378 -15.84 -37.84 46.19
N LEU D 379 -16.98 -38.31 45.66
CA LEU D 379 -18.33 -37.95 46.19
C LEU D 379 -18.47 -38.39 47.66
N ALA D 380 -18.02 -39.60 47.99
CA ALA D 380 -18.03 -40.12 49.38
C ALA D 380 -17.24 -39.16 50.28
N SER D 381 -16.04 -38.75 49.86
CA SER D 381 -15.18 -37.80 50.60
C SER D 381 -15.90 -36.46 50.78
N ALA D 382 -16.52 -35.94 49.72
CA ALA D 382 -17.26 -34.65 49.71
C ALA D 382 -18.40 -34.71 50.73
N ARG D 383 -19.17 -35.80 50.73
CA ARG D 383 -20.32 -36.03 51.64
C ARG D 383 -19.87 -36.09 53.11
N ALA D 384 -18.63 -36.56 53.37
CA ALA D 384 -18.06 -36.70 54.73
C ALA D 384 -17.51 -35.37 55.26
N VAL D 385 -17.34 -34.33 54.44
CA VAL D 385 -16.93 -32.99 54.93
C VAL D 385 -18.06 -32.48 55.81
N PRO D 386 -17.84 -32.18 57.12
CA PRO D 386 -18.91 -31.64 57.97
C PRO D 386 -19.58 -30.39 57.38
N ARG D 387 -20.88 -30.25 57.61
CA ARG D 387 -21.70 -29.13 57.05
C ARG D 387 -21.16 -27.77 57.51
N ASN D 388 -20.59 -27.71 58.73
CA ASN D 388 -20.08 -26.47 59.37
C ASN D 388 -18.70 -26.05 58.83
N VAL D 389 -18.08 -26.83 57.95
CA VAL D 389 -16.74 -26.52 57.36
C VAL D 389 -16.97 -25.65 56.10
N GLN D 390 -16.25 -24.53 55.98
CA GLN D 390 -16.40 -23.64 54.80
C GLN D 390 -15.25 -22.65 54.74
N PRO D 391 -15.03 -21.98 53.58
CA PRO D 391 -14.21 -20.78 53.52
C PRO D 391 -14.88 -19.66 54.33
N TYR D 392 -14.08 -18.76 54.89
CA TYR D 392 -14.54 -17.53 55.59
C TYR D 392 -13.80 -16.34 54.96
N VAL D 393 -14.54 -15.45 54.29
CA VAL D 393 -13.96 -14.17 53.82
C VAL D 393 -14.00 -13.21 55.01
N VAL D 394 -12.85 -13.01 55.64
CA VAL D 394 -12.72 -12.22 56.89
C VAL D 394 -12.47 -10.74 56.56
N TYR D 395 -12.15 -10.42 55.31
CA TYR D 395 -11.84 -9.02 54.91
C TYR D 395 -11.92 -8.91 53.40
N GLU D 396 -12.40 -7.78 52.95
CA GLU D 396 -12.55 -7.43 51.52
C GLU D 396 -12.13 -5.97 51.35
N GLU D 397 -11.31 -5.70 50.33
CA GLU D 397 -10.88 -4.33 49.95
C GLU D 397 -11.30 -4.13 48.49
N VAL D 398 -11.97 -3.01 48.24
CA VAL D 398 -12.50 -2.63 46.89
C VAL D 398 -12.11 -1.16 46.64
N THR D 399 -11.77 -0.83 45.41
CA THR D 399 -11.31 0.53 45.02
C THR D 399 -11.66 0.78 43.56
N ASN D 400 -11.79 2.05 43.20
CA ASN D 400 -11.91 2.50 41.79
C ASN D 400 -10.53 2.89 41.26
N VAL D 401 -9.44 2.75 42.05
CA VAL D 401 -8.05 3.03 41.60
C VAL D 401 -7.39 1.67 41.34
N TRP D 402 -6.58 1.14 42.27
CA TRP D 402 -6.09 -0.26 42.23
C TRP D 402 -5.70 -0.67 43.64
N ILE D 403 -5.69 -1.98 43.87
CA ILE D 403 -5.18 -2.61 45.12
C ILE D 403 -3.67 -2.70 45.00
N ASN D 404 -2.95 -2.05 45.91
CA ASN D 404 -1.53 -2.36 46.17
C ASN D 404 -1.54 -3.52 47.16
N VAL D 405 -0.83 -4.59 46.87
CA VAL D 405 -0.76 -5.74 47.83
C VAL D 405 0.10 -5.30 49.02
N HIS D 406 -0.51 -5.22 50.20
CA HIS D 406 0.15 -4.88 51.49
C HIS D 406 0.38 -6.18 52.28
N ASP D 407 1.60 -6.37 52.80
CA ASP D 407 2.04 -7.67 53.38
C ASP D 407 1.54 -7.82 54.82
N ILE D 408 0.99 -6.77 55.44
CA ILE D 408 0.58 -6.76 56.88
C ILE D 408 -0.79 -7.42 57.03
N PHE D 409 -0.79 -8.61 57.60
CA PHE D 409 -1.98 -9.35 58.06
C PHE D 409 -1.53 -10.18 59.26
N TYR D 410 -1.97 -9.83 60.45
CA TYR D 410 -1.50 -10.42 61.72
C TYR D 410 -2.71 -10.97 62.46
N PRO D 411 -3.04 -12.28 62.28
CA PRO D 411 -4.14 -12.91 63.00
C PRO D 411 -3.75 -13.20 64.46
N PHE D 412 -4.57 -12.73 65.40
CA PHE D 412 -4.40 -13.01 66.84
C PHE D 412 -4.91 -14.41 67.13
N PRO D 413 -4.31 -15.12 68.12
CA PRO D 413 -4.88 -16.38 68.60
C PRO D 413 -6.34 -16.20 69.04
N GLN D 414 -7.17 -17.22 68.82
CA GLN D 414 -8.63 -17.16 69.10
C GLN D 414 -8.85 -17.33 70.61
N SER D 415 -8.40 -16.33 71.35
CA SER D 415 -8.53 -16.20 72.82
C SER D 415 -9.98 -15.85 73.21
N GLU D 416 -10.69 -15.08 72.38
CA GLU D 416 -12.14 -14.81 72.58
C GLU D 416 -12.93 -16.13 72.41
N GLY D 417 -12.48 -17.09 71.60
CA GLY D 417 -13.18 -18.35 71.28
C GLY D 417 -13.31 -18.61 69.78
N GLU D 418 -14.00 -19.69 69.37
CA GLU D 418 -14.01 -20.21 67.98
C GLU D 418 -14.85 -19.35 67.01
N ASP D 419 -15.79 -18.52 67.50
CA ASP D 419 -16.79 -17.81 66.65
C ASP D 419 -16.25 -16.49 66.08
N GLU D 420 -15.02 -16.08 66.40
CA GLU D 420 -14.45 -14.83 65.82
C GLU D 420 -12.93 -14.94 65.65
N LEU D 421 -12.41 -14.12 64.75
CA LEU D 421 -10.97 -13.96 64.48
C LEU D 421 -10.67 -12.46 64.54
N CYS D 422 -9.77 -12.08 65.44
CA CYS D 422 -9.22 -10.72 65.53
C CYS D 422 -7.88 -10.69 64.77
N PHE D 423 -7.63 -9.64 63.99
CA PHE D 423 -6.42 -9.49 63.17
C PHE D 423 -6.08 -8.01 62.96
N LEU D 424 -4.79 -7.72 62.81
CA LEU D 424 -4.29 -6.43 62.31
C LEU D 424 -4.16 -6.53 60.79
N ARG D 425 -4.60 -5.48 60.10
CA ARG D 425 -4.57 -5.41 58.64
C ARG D 425 -4.16 -4.00 58.21
N ALA D 426 -3.18 -3.90 57.30
CA ALA D 426 -2.87 -2.64 56.59
C ALA D 426 -3.90 -2.49 55.48
N ASN D 427 -4.59 -1.34 55.45
CA ASN D 427 -5.65 -1.04 54.48
C ASN D 427 -5.42 0.38 53.95
N GLU D 428 -5.32 0.52 52.63
CA GLU D 428 -5.12 1.81 51.94
C GLU D 428 -6.42 2.33 51.36
N CYS D 429 -7.27 1.46 50.82
N CYS D 429 -7.25 1.43 50.83
CA CYS D 429 -8.45 1.87 50.01
CA CYS D 429 -8.50 1.73 50.07
C CYS D 429 -9.48 2.58 50.90
C CYS D 429 -9.45 2.59 50.91
N LYS D 430 -9.55 2.30 52.21
CA LYS D 430 -10.54 2.95 53.11
C LYS D 430 -10.39 4.48 53.07
N THR D 431 -9.19 5.04 53.29
CA THR D 431 -8.96 6.52 53.37
C THR D 431 -8.08 7.02 52.22
N GLY D 432 -7.48 6.14 51.40
CA GLY D 432 -6.53 6.52 50.34
C GLY D 432 -5.10 6.63 50.87
N PHE D 433 -4.87 6.30 52.14
CA PHE D 433 -3.53 6.21 52.76
C PHE D 433 -3.45 4.89 53.54
N CYS D 434 -2.32 4.21 53.43
CA CYS D 434 -2.11 2.88 54.05
C CYS D 434 -2.04 3.04 55.57
N HIS D 435 -3.01 2.48 56.29
CA HIS D 435 -3.14 2.57 57.76
C HIS D 435 -3.38 1.21 58.40
N LEU D 436 -3.06 1.10 59.69
CA LEU D 436 -3.25 -0.13 60.48
C LEU D 436 -4.64 -0.09 61.09
N TYR D 437 -5.36 -1.20 60.96
CA TYR D 437 -6.71 -1.40 61.52
C TYR D 437 -6.73 -2.70 62.33
N LYS D 438 -7.42 -2.71 63.47
CA LYS D 438 -7.70 -3.93 64.24
C LYS D 438 -9.13 -4.36 63.88
N VAL D 439 -9.25 -5.54 63.30
CA VAL D 439 -10.53 -6.03 62.72
C VAL D 439 -10.93 -7.30 63.46
N THR D 440 -12.21 -7.43 63.79
CA THR D 440 -12.80 -8.68 64.32
C THR D 440 -13.89 -9.13 63.35
N ALA D 441 -13.70 -10.30 62.77
CA ALA D 441 -14.66 -10.98 61.87
C ALA D 441 -15.37 -12.09 62.65
N VAL D 442 -16.67 -12.28 62.39
CA VAL D 442 -17.51 -13.35 62.99
C VAL D 442 -17.53 -14.53 62.04
N LEU D 443 -17.17 -15.72 62.53
CA LEU D 443 -17.05 -16.97 61.74
C LEU D 443 -18.31 -17.81 62.00
N LYS D 444 -19.35 -17.62 61.20
CA LYS D 444 -20.66 -18.31 61.39
C LYS D 444 -20.88 -19.23 60.19
N SER D 445 -21.02 -20.53 60.46
CA SER D 445 -21.26 -21.60 59.46
C SER D 445 -22.69 -21.46 58.92
N GLN D 446 -22.83 -21.34 57.61
CA GLN D 446 -24.15 -21.35 56.91
C GLN D 446 -24.68 -22.78 56.84
N GLY D 447 -23.81 -23.80 56.80
CA GLY D 447 -24.17 -25.17 56.43
C GLY D 447 -24.14 -25.33 54.92
N TYR D 448 -23.21 -26.13 54.40
CA TYR D 448 -23.14 -26.47 52.96
C TYR D 448 -23.10 -27.99 52.83
N ASP D 449 -23.84 -28.52 51.86
CA ASP D 449 -23.67 -29.92 51.38
C ASP D 449 -22.64 -29.89 50.25
N TRP D 450 -21.40 -30.24 50.56
CA TRP D 450 -20.24 -30.12 49.63
C TRP D 450 -20.29 -31.17 48.52
N SER D 451 -21.16 -32.18 48.59
CA SER D 451 -21.39 -33.16 47.48
C SER D 451 -22.24 -32.52 46.37
N GLU D 452 -22.96 -31.43 46.62
CA GLU D 452 -23.91 -30.82 45.65
C GLU D 452 -23.21 -29.70 44.90
N PRO D 453 -23.22 -29.67 43.54
CA PRO D 453 -22.54 -28.59 42.82
C PRO D 453 -23.21 -27.24 43.13
N PHE D 454 -22.43 -26.16 43.19
CA PHE D 454 -22.90 -24.82 43.64
C PHE D 454 -22.10 -23.70 42.99
N SER D 455 -22.76 -22.69 42.45
CA SER D 455 -22.17 -21.36 42.14
C SER D 455 -22.33 -20.40 43.32
N PRO D 456 -21.24 -19.83 43.87
CA PRO D 456 -21.36 -18.85 44.94
C PRO D 456 -22.05 -17.58 44.43
N GLY D 457 -22.94 -17.01 45.25
CA GLY D 457 -23.55 -15.70 44.97
C GLY D 457 -22.59 -14.55 45.26
N GLU D 458 -23.07 -13.32 45.07
CA GLU D 458 -22.43 -12.09 45.63
C GLU D 458 -22.33 -12.26 47.16
N ASP D 459 -21.12 -12.04 47.69
CA ASP D 459 -20.84 -12.02 49.15
C ASP D 459 -20.94 -13.44 49.74
N GLU D 460 -20.82 -14.49 48.93
CA GLU D 460 -20.66 -15.89 49.45
C GLU D 460 -19.45 -15.91 50.40
N PHE D 461 -19.64 -16.45 51.60
CA PHE D 461 -18.61 -16.69 52.63
C PHE D 461 -18.23 -15.39 53.35
N LYS D 462 -18.92 -14.27 53.08
CA LYS D 462 -18.55 -12.94 53.65
C LYS D 462 -18.89 -12.96 55.16
N CYS D 463 -17.89 -12.78 56.02
CA CYS D 463 -18.06 -12.71 57.51
C CYS D 463 -18.60 -11.35 57.92
N PRO D 464 -19.60 -11.29 58.83
CA PRO D 464 -19.92 -10.04 59.52
C PRO D 464 -18.66 -9.46 60.19
N ILE D 465 -18.48 -8.15 60.07
CA ILE D 465 -17.38 -7.42 60.76
C ILE D 465 -17.96 -6.85 62.06
N LYS D 466 -17.53 -7.42 63.18
CA LYS D 466 -17.97 -7.04 64.55
C LYS D 466 -17.34 -5.70 64.93
N GLU D 467 -16.10 -5.45 64.51
CA GLU D 467 -15.31 -4.26 64.93
C GLU D 467 -14.22 -3.98 63.89
N GLU D 468 -13.97 -2.71 63.60
CA GLU D 468 -12.85 -2.26 62.74
C GLU D 468 -12.32 -0.93 63.29
N ILE D 469 -11.20 -0.95 64.03
CA ILE D 469 -10.64 0.22 64.75
C ILE D 469 -9.42 0.70 63.96
N ALA D 470 -9.40 1.97 63.59
CA ALA D 470 -8.21 2.64 63.00
C ALA D 470 -7.16 2.82 64.11
N LEU D 471 -6.01 2.17 64.01
CA LEU D 471 -4.89 2.37 64.97
C LEU D 471 -4.05 3.56 64.53
N THR D 472 -4.01 3.85 63.23
CA THR D 472 -3.28 5.01 62.66
C THR D 472 -4.23 5.73 61.70
N SER D 473 -4.01 7.03 61.51
CA SER D 473 -4.79 7.85 60.55
C SER D 473 -4.01 9.10 60.16
N GLY D 474 -4.42 9.74 59.07
CA GLY D 474 -3.83 11.01 58.59
C GLY D 474 -3.26 10.87 57.18
N GLU D 475 -2.71 11.97 56.66
CA GLU D 475 -2.23 12.08 55.26
C GLU D 475 -0.76 11.63 55.23
N TRP D 476 -0.54 10.36 55.57
CA TRP D 476 0.78 9.71 55.60
C TRP D 476 0.53 8.20 55.60
N GLU D 477 1.57 7.38 55.45
CA GLU D 477 1.44 5.92 55.21
C GLU D 477 2.18 5.11 56.26
N VAL D 478 1.56 4.00 56.64
CA VAL D 478 2.26 2.83 57.22
C VAL D 478 2.92 2.11 56.03
N LEU D 479 4.20 1.77 56.15
CA LEU D 479 4.97 1.07 55.08
C LEU D 479 4.68 -0.42 55.21
N ALA D 480 4.18 -1.05 54.15
CA ALA D 480 3.64 -2.43 54.22
C ALA D 480 4.09 -3.29 53.03
N ARG D 481 5.06 -2.84 52.24
CA ARG D 481 5.48 -3.52 50.98
C ARG D 481 7.01 -3.60 50.93
N HIS D 482 7.54 -4.48 50.07
CA HIS D 482 8.96 -4.51 49.66
C HIS D 482 9.85 -4.62 50.89
N GLY D 483 9.51 -5.49 51.84
CA GLY D 483 10.34 -5.78 53.03
C GLY D 483 9.78 -5.15 54.29
N SER D 484 8.98 -4.08 54.20
CA SER D 484 8.39 -3.41 55.38
C SER D 484 7.37 -4.34 56.04
N LYS D 485 7.35 -4.37 57.37
CA LYS D 485 6.49 -5.28 58.16
C LYS D 485 6.12 -4.59 59.46
N ILE D 486 5.31 -5.26 60.27
CA ILE D 486 5.01 -4.82 61.66
C ILE D 486 5.60 -5.86 62.60
N TRP D 487 5.78 -5.45 63.86
CA TRP D 487 6.16 -6.35 64.97
C TRP D 487 5.15 -6.15 66.08
N VAL D 488 4.56 -7.24 66.58
CA VAL D 488 3.45 -7.20 67.57
C VAL D 488 3.92 -7.83 68.87
N ASN D 489 3.90 -7.05 69.96
CA ASN D 489 4.16 -7.53 71.34
C ASN D 489 2.81 -7.77 72.00
N GLU D 490 2.39 -9.03 72.07
CA GLU D 490 1.07 -9.44 72.64
C GLU D 490 1.07 -9.31 74.17
N GLU D 491 2.23 -9.22 74.83
CA GLU D 491 2.32 -8.96 76.29
C GLU D 491 1.94 -7.50 76.59
N THR D 492 2.43 -6.54 75.81
CA THR D 492 2.24 -5.07 76.07
C THR D 492 1.10 -4.51 75.22
N LYS D 493 0.59 -5.27 74.24
CA LYS D 493 -0.49 -4.88 73.30
C LYS D 493 -0.02 -3.68 72.46
N LEU D 494 1.26 -3.71 72.03
CA LEU D 494 1.87 -2.67 71.16
C LEU D 494 2.21 -3.28 69.80
N VAL D 495 2.01 -2.48 68.74
CA VAL D 495 2.44 -2.81 67.37
C VAL D 495 3.49 -1.77 66.96
N TYR D 496 4.66 -2.25 66.54
CA TYR D 496 5.79 -1.45 65.99
C TYR D 496 5.66 -1.49 64.47
N PHE D 497 5.83 -0.33 63.83
CA PHE D 497 5.63 -0.19 62.37
C PHE D 497 6.53 0.93 61.86
N GLN D 498 6.73 0.96 60.55
CA GLN D 498 7.50 2.02 59.89
C GLN D 498 6.53 2.86 59.08
N GLY D 499 6.83 4.15 58.96
CA GLY D 499 5.85 5.10 58.38
C GLY D 499 6.50 6.41 57.99
N THR D 500 5.69 7.21 57.30
CA THR D 500 6.06 8.55 56.77
C THR D 500 5.34 9.64 57.56
N LYS D 501 4.95 9.36 58.81
CA LYS D 501 4.16 10.31 59.66
C LYS D 501 4.91 11.65 59.79
N ASP D 502 6.22 11.64 59.99
CA ASP D 502 7.00 12.89 60.19
C ASP D 502 7.19 13.61 58.85
N THR D 503 7.41 12.86 57.77
CA THR D 503 7.70 13.42 56.43
C THR D 503 7.70 12.29 55.42
N PRO D 504 7.20 12.56 54.19
CA PRO D 504 7.34 11.57 53.13
C PRO D 504 8.80 11.35 52.70
N LEU D 505 9.75 12.18 53.17
CA LEU D 505 11.18 12.09 52.78
C LEU D 505 11.96 11.12 53.69
N GLU D 506 11.38 10.64 54.78
CA GLU D 506 12.09 9.77 55.76
C GLU D 506 11.19 8.62 56.19
N HIS D 507 11.74 7.42 56.25
CA HIS D 507 11.15 6.24 56.94
C HIS D 507 11.57 6.30 58.40
N HIS D 508 10.60 6.20 59.31
CA HIS D 508 10.82 6.19 60.77
C HIS D 508 10.15 4.96 61.37
N LEU D 509 10.66 4.52 62.52
CA LEU D 509 10.07 3.45 63.34
C LEU D 509 9.16 4.13 64.37
N TYR D 510 7.94 3.62 64.48
CA TYR D 510 6.89 4.10 65.39
C TYR D 510 6.35 2.92 66.20
N VAL D 511 5.68 3.25 67.30
CA VAL D 511 4.92 2.25 68.09
C VAL D 511 3.59 2.88 68.50
N VAL D 512 2.53 2.07 68.49
CA VAL D 512 1.16 2.44 68.93
C VAL D 512 0.55 1.24 69.66
N SER D 513 -0.34 1.47 70.62
CA SER D 513 -1.14 0.41 71.27
C SER D 513 -2.21 -0.08 70.29
N TYR D 514 -2.46 -1.39 70.20
CA TYR D 514 -3.64 -1.94 69.47
C TYR D 514 -4.80 -2.18 70.44
N GLU D 515 -4.60 -2.03 71.76
CA GLU D 515 -5.68 -2.17 72.76
C GLU D 515 -6.41 -0.83 72.87
N ALA D 516 -5.68 0.23 73.21
CA ALA D 516 -6.22 1.59 73.46
C ALA D 516 -5.52 2.59 72.55
N ALA D 517 -5.75 2.48 71.24
CA ALA D 517 -5.09 3.26 70.17
C ALA D 517 -5.15 4.76 70.51
N GLY D 518 -4.00 5.41 70.60
CA GLY D 518 -3.89 6.84 70.94
C GLY D 518 -2.58 7.42 70.45
N GLU D 519 -1.69 7.79 71.38
CA GLU D 519 -0.37 8.39 71.06
C GLU D 519 0.46 7.39 70.23
N ILE D 520 1.02 7.86 69.13
CA ILE D 520 2.08 7.16 68.35
C ILE D 520 3.43 7.74 68.81
N VAL D 521 4.36 6.87 69.25
CA VAL D 521 5.73 7.25 69.70
C VAL D 521 6.73 6.96 68.56
N ARG D 522 7.56 7.94 68.21
CA ARG D 522 8.65 7.80 67.21
C ARG D 522 9.89 7.29 67.94
N LEU D 523 10.52 6.23 67.42
CA LEU D 523 11.70 5.59 68.05
C LEU D 523 13.02 5.96 67.35
N THR D 524 12.95 6.51 66.14
CA THR D 524 14.14 6.84 65.31
C THR D 524 14.37 8.35 65.28
N THR D 525 15.65 8.73 65.09
CA THR D 525 16.11 10.14 65.04
C THR D 525 15.70 10.79 63.73
N PRO D 526 14.98 11.94 63.78
CA PRO D 526 14.71 12.73 62.57
C PRO D 526 16.00 13.22 61.90
N GLY D 527 15.93 13.53 60.60
CA GLY D 527 17.07 13.98 59.77
C GLY D 527 17.77 12.81 59.09
N PHE D 528 17.28 11.59 59.28
CA PHE D 528 17.72 10.35 58.59
C PHE D 528 16.49 9.54 58.21
N SER D 529 16.62 8.74 57.16
CA SER D 529 15.64 7.69 56.78
C SER D 529 16.17 6.34 57.31
N HIS D 530 15.30 5.58 57.97
CA HIS D 530 15.66 4.40 58.79
C HIS D 530 15.01 3.13 58.22
N SER D 531 15.78 2.04 58.20
CA SER D 531 15.29 0.66 57.91
C SER D 531 15.62 -0.19 59.14
N CYS D 532 14.59 -0.60 59.88
CA CYS D 532 14.73 -1.18 61.24
C CYS D 532 14.43 -2.67 61.24
N SER D 533 15.11 -3.37 62.14
CA SER D 533 14.86 -4.79 62.50
C SER D 533 14.67 -4.84 64.01
N MET D 534 13.51 -5.31 64.45
CA MET D 534 13.09 -5.33 65.88
C MET D 534 13.32 -6.73 66.42
N SER D 535 13.92 -6.84 67.61
CA SER D 535 14.06 -8.13 68.34
C SER D 535 12.66 -8.69 68.62
N GLN D 536 12.45 -10.01 68.48
CA GLN D 536 11.16 -10.66 68.87
C GLN D 536 10.95 -10.60 70.39
N ASN D 537 11.96 -10.19 71.18
CA ASN D 537 11.82 -9.93 72.64
C ASN D 537 11.55 -8.43 72.93
N PHE D 538 11.52 -7.57 71.90
CA PHE D 538 11.16 -6.14 72.00
C PHE D 538 12.05 -5.40 73.00
N ASP D 539 13.26 -5.90 73.21
CA ASP D 539 14.25 -5.30 74.15
C ASP D 539 15.26 -4.46 73.34
N MET D 540 15.41 -4.71 72.04
CA MET D 540 16.43 -4.03 71.19
C MET D 540 16.00 -4.01 69.72
N PHE D 541 16.62 -3.11 68.95
CA PHE D 541 16.40 -3.03 67.50
C PHE D 541 17.67 -2.51 66.82
N VAL D 542 17.77 -2.85 65.54
CA VAL D 542 18.82 -2.37 64.60
C VAL D 542 18.19 -1.30 63.73
N SER D 543 18.89 -0.20 63.46
CA SER D 543 18.52 0.73 62.38
C SER D 543 19.68 0.86 61.40
N HIS D 544 19.40 0.56 60.14
CA HIS D 544 20.20 0.90 58.94
C HIS D 544 19.68 2.26 58.46
N TYR D 545 20.46 3.32 58.63
CA TYR D 545 19.99 4.69 58.31
C TYR D 545 21.06 5.52 57.63
N SER D 546 20.59 6.54 56.92
CA SER D 546 21.40 7.51 56.17
C SER D 546 20.61 8.80 55.93
N SER D 547 21.30 9.79 55.39
CA SER D 547 20.71 11.05 54.87
C SER D 547 21.39 11.35 53.53
N VAL D 548 20.90 12.35 52.81
CA VAL D 548 21.54 12.80 51.54
C VAL D 548 23.00 13.14 51.78
N SER D 549 23.39 13.66 52.94
CA SER D 549 24.77 14.12 53.22
C SER D 549 25.60 13.03 53.93
N THR D 550 25.02 11.98 54.52
CA THR D 550 25.77 11.06 55.41
C THR D 550 25.59 9.63 54.93
N PRO D 551 26.67 8.93 54.50
CA PRO D 551 26.58 7.53 54.09
C PRO D 551 25.95 6.65 55.18
N PRO D 552 25.44 5.46 54.84
CA PRO D 552 24.69 4.62 55.78
C PRO D 552 25.55 4.14 56.94
N CYS D 553 24.91 4.02 58.10
N CYS D 553 24.92 4.10 58.13
CA CYS D 553 25.44 3.33 59.30
CA CYS D 553 25.37 3.44 59.39
C CYS D 553 24.39 2.35 59.79
C CYS D 553 24.41 2.30 59.71
N VAL D 554 24.83 1.38 60.60
CA VAL D 554 23.94 0.34 61.20
C VAL D 554 24.18 0.40 62.69
N HIS D 555 23.18 0.86 63.46
CA HIS D 555 23.29 1.02 64.94
C HIS D 555 22.34 0.06 65.64
N VAL D 556 22.78 -0.46 66.79
CA VAL D 556 21.97 -1.30 67.72
C VAL D 556 21.52 -0.40 68.87
N TYR D 557 20.22 -0.43 69.18
CA TYR D 557 19.56 0.37 70.22
C TYR D 557 18.90 -0.59 71.21
N LYS D 558 18.94 -0.22 72.49
CA LYS D 558 18.18 -0.87 73.59
C LYS D 558 16.91 -0.06 73.84
N LEU D 559 15.74 -0.71 73.93
CA LEU D 559 14.51 -0.07 74.46
C LEU D 559 14.53 -0.21 75.98
N SER D 560 14.63 0.90 76.69
CA SER D 560 14.88 0.96 78.16
C SER D 560 13.86 1.88 78.86
N GLY D 561 13.61 1.62 80.14
CA GLY D 561 12.71 2.41 81.01
C GLY D 561 11.75 1.52 81.78
N PRO D 562 10.89 2.12 82.64
CA PRO D 562 9.94 1.35 83.45
C PRO D 562 9.06 0.40 82.64
N ASP D 563 8.92 -0.84 83.12
CA ASP D 563 8.07 -1.89 82.50
C ASP D 563 6.59 -1.51 82.56
N ASP D 564 6.17 -0.62 83.47
CA ASP D 564 4.75 -0.18 83.61
C ASP D 564 4.36 0.85 82.54
N ASP D 565 5.31 1.33 81.72
CA ASP D 565 5.05 2.35 80.66
C ASP D 565 5.75 1.87 79.38
N PRO D 566 5.33 0.72 78.80
CA PRO D 566 6.00 0.18 77.62
C PRO D 566 5.91 1.09 76.38
N LEU D 567 4.84 1.88 76.23
CA LEU D 567 4.66 2.76 75.05
C LEU D 567 5.78 3.81 75.03
N HIS D 568 6.30 4.23 76.19
CA HIS D 568 7.31 5.32 76.30
C HIS D 568 8.71 4.79 76.62
N LYS D 569 8.98 3.50 76.39
CA LYS D 569 10.36 2.95 76.41
C LYS D 569 11.26 3.83 75.52
N GLN D 570 12.45 4.17 76.01
CA GLN D 570 13.40 5.10 75.35
C GLN D 570 14.36 4.28 74.48
N PRO D 571 14.58 4.68 73.20
CA PRO D 571 15.64 4.09 72.40
C PRO D 571 16.99 4.65 72.87
N ARG D 572 17.88 3.78 73.34
CA ARG D 572 19.22 4.14 73.85
C ARG D 572 20.25 3.51 72.93
N PHE D 573 21.10 4.34 72.30
CA PHE D 573 22.24 3.85 71.48
C PHE D 573 23.03 2.87 72.33
N TRP D 574 23.30 1.68 71.79
CA TRP D 574 24.02 0.61 72.51
C TRP D 574 25.39 0.38 71.88
N ALA D 575 25.44 0.09 70.57
CA ALA D 575 26.69 -0.20 69.82
C ALA D 575 26.47 -0.04 68.31
N SER D 576 27.58 0.07 67.56
CA SER D 576 27.59 0.17 66.08
C SER D 576 27.91 -1.20 65.46
N MET D 577 27.17 -1.59 64.42
CA MET D 577 27.48 -2.71 63.51
C MET D 577 28.27 -2.18 62.30
N MET D 578 28.15 -0.89 61.95
CA MET D 578 28.87 -0.27 60.80
C MET D 578 28.79 1.26 60.93
N GLU D 579 29.93 1.94 61.07
CA GLU D 579 30.00 3.43 61.04
C GLU D 579 29.98 3.91 59.58
N ALA D 580 29.41 5.09 59.34
CA ALA D 580 29.35 5.78 58.03
C ALA D 580 30.76 5.93 57.46
N ALA D 581 30.95 5.45 56.23
CA ALA D 581 32.15 5.72 55.40
C ALA D 581 32.40 7.24 55.38
N SER D 582 33.67 7.64 55.25
CA SER D 582 34.04 9.03 54.84
C SER D 582 33.44 9.32 53.45
N CYS D 583 33.14 10.58 53.14
CA CYS D 583 32.81 11.04 51.75
C CYS D 583 34.05 11.50 51.01
N PRO D 584 34.16 11.28 49.68
CA PRO D 584 35.17 11.96 48.86
C PRO D 584 35.02 13.48 48.96
N PRO D 585 36.11 14.28 48.89
CA PRO D 585 36.02 15.74 48.81
C PRO D 585 35.19 16.28 47.64
N ASP D 586 35.17 15.57 46.51
CA ASP D 586 34.37 15.97 45.32
C ASP D 586 33.03 15.21 45.31
N TYR D 587 32.59 14.57 46.40
CA TYR D 587 31.16 14.18 46.53
C TYR D 587 30.42 15.34 47.20
N VAL D 588 29.51 16.01 46.47
CA VAL D 588 28.64 17.08 47.03
C VAL D 588 27.20 16.56 47.04
N PRO D 589 26.59 16.40 48.23
CA PRO D 589 25.23 15.87 48.31
C PRO D 589 24.23 16.70 47.50
N PRO D 590 23.20 16.08 46.89
CA PRO D 590 22.14 16.84 46.23
C PRO D 590 21.34 17.59 47.30
N GLU D 591 20.65 18.64 46.90
CA GLU D 591 19.76 19.45 47.75
C GLU D 591 18.30 19.08 47.44
N ILE D 592 17.53 18.73 48.46
CA ILE D 592 16.08 18.46 48.33
C ILE D 592 15.32 19.78 48.35
N PHE D 593 14.33 19.92 47.48
CA PHE D 593 13.43 21.10 47.47
C PHE D 593 12.01 20.57 47.28
N HIS D 594 11.04 21.44 47.49
CA HIS D 594 9.67 21.16 47.03
C HIS D 594 9.12 22.45 46.42
N PHE D 595 8.11 22.28 45.58
CA PHE D 595 7.35 23.38 44.98
C PHE D 595 5.89 22.91 44.83
N HIS D 596 5.03 23.87 44.57
CA HIS D 596 3.58 23.66 44.38
C HIS D 596 3.31 23.95 42.91
N THR D 597 2.69 22.98 42.23
CA THR D 597 2.32 23.08 40.81
C THR D 597 1.23 24.15 40.65
N ARG D 598 0.91 24.50 39.42
CA ARG D 598 -0.21 25.42 39.08
C ARG D 598 -1.54 24.86 39.62
N SER D 599 -1.68 23.54 39.73
CA SER D 599 -2.86 22.86 40.35
C SER D 599 -2.75 22.75 41.89
N ASP D 600 -1.70 23.32 42.49
CA ASP D 600 -1.45 23.37 43.96
C ASP D 600 -1.18 21.96 44.52
N VAL D 601 -0.50 21.09 43.77
CA VAL D 601 0.04 19.81 44.31
C VAL D 601 1.48 20.05 44.73
N ARG D 602 1.88 19.57 45.91
CA ARG D 602 3.28 19.63 46.35
C ARG D 602 4.09 18.51 45.68
N LEU D 603 5.17 18.89 44.98
CA LEU D 603 6.14 17.94 44.40
C LEU D 603 7.50 18.18 45.03
N TYR D 604 8.18 17.09 45.38
CA TYR D 604 9.59 17.09 45.84
C TYR D 604 10.51 16.85 44.66
N GLY D 605 11.69 17.44 44.75
CA GLY D 605 12.76 17.23 43.78
C GLY D 605 14.11 17.35 44.46
N MET D 606 15.15 17.04 43.71
CA MET D 606 16.56 17.18 44.14
C MET D 606 17.30 17.91 43.04
N ILE D 607 18.31 18.68 43.43
CA ILE D 607 19.24 19.33 42.46
C ILE D 607 20.66 18.99 42.90
N TYR D 608 21.43 18.46 41.96
CA TYR D 608 22.90 18.42 42.02
C TYR D 608 23.39 19.72 41.37
N LYS D 609 23.81 20.70 42.16
CA LYS D 609 24.31 21.99 41.63
C LYS D 609 25.63 21.70 40.91
N PRO D 610 25.90 22.36 39.75
CA PRO D 610 27.23 22.31 39.16
C PRO D 610 28.29 22.62 40.25
N HIS D 611 29.37 21.85 40.32
CA HIS D 611 30.43 22.09 41.35
C HIS D 611 31.15 23.39 40.98
N ALA D 612 31.60 24.17 41.95
CA ALA D 612 32.33 25.45 41.69
C ALA D 612 31.52 26.34 40.71
N LEU D 613 30.23 26.49 41.00
CA LEU D 613 29.28 27.38 40.27
C LEU D 613 29.75 28.83 40.40
N GLN D 614 29.75 29.58 39.30
CA GLN D 614 30.01 31.04 39.24
C GLN D 614 28.70 31.75 38.97
N PRO D 615 28.46 32.98 39.51
CA PRO D 615 27.23 33.71 39.26
C PRO D 615 27.10 34.18 37.80
N GLY D 616 25.87 34.33 37.30
CA GLY D 616 25.57 34.79 35.94
C GLY D 616 25.69 33.65 34.91
N LYS D 617 26.06 32.41 35.27
CA LYS D 617 26.33 31.33 34.29
C LYS D 617 25.14 30.38 34.20
N LYS D 618 24.70 30.05 32.99
CA LYS D 618 23.66 29.02 32.72
C LYS D 618 24.35 27.73 32.27
N HIS D 619 24.07 26.63 32.96
CA HIS D 619 24.75 25.33 32.80
C HIS D 619 23.87 24.37 32.01
N PRO D 620 24.49 23.47 31.23
CA PRO D 620 23.77 22.40 30.57
C PRO D 620 23.22 21.50 31.70
N THR D 621 22.03 20.93 31.48
CA THR D 621 21.23 20.28 32.53
C THR D 621 20.81 18.87 32.10
N VAL D 622 20.91 17.90 33.00
CA VAL D 622 20.35 16.54 32.83
C VAL D 622 19.16 16.40 33.77
N LEU D 623 17.96 16.21 33.21
CA LEU D 623 16.77 15.75 33.97
C LEU D 623 16.86 14.23 34.08
N PHE D 624 17.24 13.73 35.26
CA PHE D 624 17.29 12.27 35.54
C PHE D 624 15.88 11.85 35.98
N VAL D 625 15.27 10.90 35.27
CA VAL D 625 13.83 10.56 35.45
C VAL D 625 13.64 9.05 35.65
N TYR D 626 12.76 8.67 36.59
CA TYR D 626 12.12 7.33 36.59
C TYR D 626 10.63 7.58 36.28
N GLY D 627 9.87 8.09 37.25
CA GLY D 627 8.55 8.69 37.08
C GLY D 627 7.41 7.68 37.09
N GLY D 628 7.71 6.39 37.25
CA GLY D 628 6.71 5.32 37.25
C GLY D 628 6.20 4.97 38.64
N PRO D 629 5.09 4.23 38.74
CA PRO D 629 4.56 3.82 40.04
C PRO D 629 5.53 2.93 40.82
N GLN D 630 5.37 2.94 42.15
CA GLN D 630 6.04 2.08 43.15
C GLN D 630 7.46 2.57 43.46
N VAL D 631 7.88 3.71 42.90
CA VAL D 631 9.24 4.25 43.16
C VAL D 631 9.11 5.70 43.64
N GLN D 632 9.94 6.06 44.61
CA GLN D 632 10.18 7.44 45.08
C GLN D 632 11.69 7.71 44.96
N LEU D 633 12.13 8.54 44.01
CA LEU D 633 13.58 8.87 43.87
C LEU D 633 14.02 9.89 44.92
N VAL D 634 13.13 10.79 45.34
CA VAL D 634 13.49 11.98 46.17
C VAL D 634 13.12 11.70 47.63
N ASN D 635 14.12 11.42 48.44
CA ASN D 635 13.98 11.24 49.88
C ASN D 635 15.33 11.52 50.52
N ASN D 636 15.31 11.63 51.83
CA ASN D 636 16.49 11.97 52.65
C ASN D 636 17.23 10.69 53.01
N SER D 637 17.86 10.09 52.01
CA SER D 637 18.78 8.93 52.17
C SER D 637 19.96 9.12 51.23
N PHE D 638 21.05 8.43 51.52
CA PHE D 638 22.33 8.61 50.80
C PHE D 638 22.19 8.05 49.39
N LYS D 639 22.50 8.87 48.38
CA LYS D 639 22.32 8.54 46.95
C LYS D 639 23.66 8.18 46.28
N GLY D 640 24.80 8.37 46.95
CA GLY D 640 26.13 8.10 46.37
C GLY D 640 26.43 6.61 46.10
N ILE D 641 25.67 5.68 46.67
CA ILE D 641 25.85 4.21 46.42
C ILE D 641 25.24 3.89 45.06
N LYS D 642 23.99 4.27 44.81
CA LYS D 642 23.26 3.86 43.59
C LYS D 642 23.46 4.91 42.49
N TYR D 643 23.69 6.18 42.84
CA TYR D 643 23.57 7.32 41.88
C TYR D 643 24.82 8.20 41.90
N LEU D 644 25.98 7.59 42.09
CA LEU D 644 27.25 8.35 42.14
C LEU D 644 27.46 9.11 40.84
N ARG D 645 27.02 8.55 39.71
CA ARG D 645 27.21 9.14 38.36
C ARG D 645 26.53 10.51 38.26
N LEU D 646 25.50 10.79 39.06
CA LEU D 646 24.84 12.13 39.05
C LEU D 646 25.78 13.17 39.66
N ASN D 647 26.50 12.81 40.73
CA ASN D 647 27.57 13.67 41.30
C ASN D 647 28.66 13.89 40.24
N THR D 648 29.04 12.83 39.51
CA THR D 648 30.09 12.92 38.46
C THR D 648 29.67 13.97 37.42
N LEU D 649 28.41 13.91 36.94
CA LEU D 649 27.84 14.91 35.99
C LEU D 649 27.98 16.32 36.57
N ALA D 650 27.57 16.53 37.83
CA ALA D 650 27.64 17.86 38.47
C ALA D 650 29.11 18.31 38.65
N SER D 651 30.05 17.38 38.86
CA SER D 651 31.49 17.72 38.98
C SER D 651 32.04 18.27 37.65
N LEU D 652 31.45 17.88 36.51
CA LEU D 652 31.84 18.37 35.17
C LEU D 652 31.13 19.68 34.80
N GLY D 653 30.15 20.11 35.60
CA GLY D 653 29.42 21.38 35.39
C GLY D 653 28.05 21.19 34.80
N TYR D 654 27.51 19.96 34.74
CA TYR D 654 26.06 19.74 34.48
C TYR D 654 25.25 20.02 35.76
N ALA D 655 24.13 20.71 35.64
CA ALA D 655 23.07 20.69 36.67
C ALA D 655 22.31 19.38 36.48
N VAL D 656 22.02 18.67 37.56
CA VAL D 656 21.20 17.42 37.48
C VAL D 656 19.96 17.64 38.33
N VAL D 657 18.79 17.46 37.71
CA VAL D 657 17.47 17.69 38.38
C VAL D 657 16.74 16.34 38.42
N VAL D 658 16.12 16.03 39.55
CA VAL D 658 15.22 14.86 39.75
C VAL D 658 13.90 15.39 40.31
N ILE D 659 12.77 14.98 39.72
CA ILE D 659 11.40 15.39 40.15
C ILE D 659 10.61 14.11 40.44
N ASP D 660 10.02 14.01 41.63
CA ASP D 660 9.00 12.97 41.94
C ASP D 660 7.63 13.54 41.55
N GLY D 661 7.20 13.27 40.31
CA GLY D 661 5.88 13.71 39.83
C GLY D 661 4.75 12.83 40.34
N ARG D 662 3.52 13.25 40.07
CA ARG D 662 2.32 12.41 40.32
C ARG D 662 2.53 11.04 39.66
N GLY D 663 2.12 9.98 40.34
CA GLY D 663 2.36 8.58 39.92
C GLY D 663 3.44 7.93 40.77
N SER D 664 4.36 8.70 41.36
CA SER D 664 5.40 8.19 42.30
C SER D 664 4.74 7.81 43.62
N CYS D 665 5.44 7.08 44.48
CA CYS D 665 4.85 6.42 45.67
C CYS D 665 5.19 7.22 46.95
N GLN D 666 4.70 6.74 48.08
CA GLN D 666 4.82 7.29 49.45
C GLN D 666 4.06 8.63 49.60
N ARG D 667 3.05 8.89 48.77
CA ARG D 667 2.17 10.09 48.83
C ARG D 667 0.69 9.70 48.83
N GLY D 668 0.38 8.41 48.97
CA GLY D 668 -1.02 7.92 49.06
C GLY D 668 -1.59 7.57 47.69
N LEU D 669 -2.75 6.95 47.68
CA LEU D 669 -3.33 6.30 46.48
C LEU D 669 -3.79 7.34 45.44
N ARG D 670 -4.39 8.46 45.86
CA ARG D 670 -4.90 9.50 44.91
C ARG D 670 -3.72 10.09 44.11
N PHE D 671 -2.60 10.37 44.77
CA PHE D 671 -1.38 10.95 44.13
C PHE D 671 -0.83 9.98 43.06
N GLU D 672 -0.68 8.70 43.41
CA GLU D 672 -0.22 7.61 42.50
C GLU D 672 -1.26 7.40 41.39
N GLY D 673 -2.55 7.55 41.72
CA GLY D 673 -3.69 7.26 40.85
C GLY D 673 -3.83 8.23 39.69
N ALA D 674 -3.11 9.37 39.70
CA ALA D 674 -3.19 10.41 38.64
C ALA D 674 -2.83 9.80 37.28
N LEU D 675 -2.03 8.75 37.20
CA LEU D 675 -1.63 8.21 35.87
C LEU D 675 -2.58 7.10 35.40
N LYS D 676 -3.65 6.79 36.15
CA LYS D 676 -4.56 5.67 35.81
C LYS D 676 -5.03 5.75 34.35
N ASN D 677 -4.74 4.71 33.57
CA ASN D 677 -5.19 4.53 32.16
C ASN D 677 -4.55 5.56 31.20
N GLN D 678 -3.56 6.33 31.63
CA GLN D 678 -2.97 7.40 30.78
C GLN D 678 -1.47 7.52 31.05
N MET D 679 -0.77 6.40 31.23
CA MET D 679 0.69 6.42 31.51
C MET D 679 1.41 7.21 30.40
N GLY D 680 2.36 8.05 30.79
CA GLY D 680 3.06 8.99 29.90
C GLY D 680 2.54 10.43 29.99
N GLN D 681 1.25 10.63 30.30
CA GLN D 681 0.56 11.94 30.06
C GLN D 681 0.86 12.89 31.22
N VAL D 682 0.46 12.58 32.45
CA VAL D 682 0.65 13.56 33.57
C VAL D 682 2.14 13.61 33.98
N GLU D 683 2.89 12.53 33.76
CA GLU D 683 4.27 12.41 34.31
C GLU D 683 5.16 13.47 33.67
N ILE D 684 5.07 13.65 32.35
CA ILE D 684 5.95 14.61 31.62
C ILE D 684 5.55 16.04 31.98
N GLU D 685 4.26 16.33 32.16
CA GLU D 685 3.80 17.69 32.56
C GLU D 685 4.49 18.07 33.88
N ASP D 686 4.53 17.15 34.85
CA ASP D 686 5.13 17.40 36.18
C ASP D 686 6.66 17.53 36.05
N GLN D 687 7.31 16.71 35.22
CA GLN D 687 8.77 16.80 34.97
C GLN D 687 9.12 18.21 34.45
N VAL D 688 8.35 18.71 33.49
CA VAL D 688 8.57 20.04 32.85
C VAL D 688 8.31 21.15 33.87
N GLU D 689 7.23 21.08 34.65
CA GLU D 689 6.93 22.12 35.69
C GLU D 689 8.09 22.15 36.70
N GLY D 690 8.60 20.99 37.11
CA GLY D 690 9.74 20.87 38.05
C GLY D 690 11.00 21.51 37.49
N LEU D 691 11.31 21.22 36.22
CA LEU D 691 12.49 21.78 35.53
C LEU D 691 12.38 23.29 35.51
N GLN D 692 11.21 23.80 35.14
CA GLN D 692 10.97 25.27 35.01
C GLN D 692 11.03 25.91 36.41
N PHE D 693 10.54 25.24 37.45
CA PHE D 693 10.64 25.74 38.85
C PHE D 693 12.12 25.90 39.22
N VAL D 694 12.92 24.86 38.98
CA VAL D 694 14.37 24.86 39.34
C VAL D 694 15.08 26.00 38.58
N ALA D 695 14.79 26.17 37.29
CA ALA D 695 15.40 27.23 36.45
C ALA D 695 15.08 28.61 37.05
N GLU D 696 13.85 28.82 37.49
CA GLU D 696 13.38 30.12 38.07
C GLU D 696 14.00 30.31 39.47
N LYS D 697 13.97 29.28 40.32
CA LYS D 697 14.39 29.38 41.74
C LYS D 697 15.93 29.50 41.84
N TYR D 698 16.68 28.70 41.08
CA TYR D 698 18.15 28.55 41.25
C TYR D 698 18.91 29.42 40.24
N GLY D 699 18.38 29.66 39.04
CA GLY D 699 18.90 30.69 38.12
C GLY D 699 20.11 30.24 37.30
N PHE D 700 20.63 29.02 37.46
CA PHE D 700 21.85 28.55 36.74
C PHE D 700 21.53 27.47 35.69
N ILE D 701 20.24 27.27 35.35
CA ILE D 701 19.80 26.25 34.36
C ILE D 701 19.74 26.92 32.99
N ASP D 702 20.50 26.38 32.03
CA ASP D 702 20.37 26.74 30.59
C ASP D 702 19.25 25.90 29.98
N LEU D 703 18.04 26.45 29.87
CA LEU D 703 16.86 25.73 29.34
C LEU D 703 17.01 25.42 27.85
N SER D 704 17.99 26.00 27.14
CA SER D 704 18.31 25.61 25.74
C SER D 704 19.16 24.32 25.69
N ARG D 705 19.68 23.81 26.81
CA ARG D 705 20.58 22.62 26.84
C ARG D 705 20.15 21.64 27.93
N VAL D 706 18.98 21.03 27.77
CA VAL D 706 18.45 20.04 28.73
C VAL D 706 18.41 18.67 28.04
N ALA D 707 19.06 17.68 28.64
CA ALA D 707 18.93 16.25 28.31
C ALA D 707 17.94 15.62 29.29
N ILE D 708 17.11 14.70 28.80
CA ILE D 708 16.29 13.80 29.67
C ILE D 708 16.88 12.40 29.56
N HIS D 709 17.05 11.74 30.69
CA HIS D 709 17.71 10.42 30.77
C HIS D 709 17.07 9.59 31.89
N GLY D 710 16.75 8.34 31.57
CA GLY D 710 16.30 7.36 32.56
C GLY D 710 16.33 5.95 31.99
N TRP D 711 16.04 4.99 32.85
CA TRP D 711 16.10 3.53 32.58
C TRP D 711 14.72 2.92 32.87
N SER D 712 14.25 2.04 31.99
CA SER D 712 12.95 1.29 32.09
C SER D 712 11.77 2.26 31.93
N TYR D 713 10.93 2.49 32.96
CA TYR D 713 9.89 3.55 32.90
C TYR D 713 10.55 4.89 32.58
N GLY D 714 11.76 5.13 33.11
CA GLY D 714 12.54 6.35 32.84
C GLY D 714 12.97 6.47 31.39
N GLY D 715 13.23 5.33 30.73
CA GLY D 715 13.57 5.32 29.30
C GLY D 715 12.35 5.67 28.49
N PHE D 716 11.20 5.08 28.86
CA PHE D 716 9.87 5.40 28.30
C PHE D 716 9.64 6.91 28.39
N LEU D 717 9.77 7.49 29.60
CA LEU D 717 9.46 8.94 29.79
C LEU D 717 10.49 9.81 29.07
N SER D 718 11.74 9.39 28.96
CA SER D 718 12.78 10.13 28.18
C SER D 718 12.30 10.28 26.74
N LEU D 719 11.78 9.21 26.13
CA LEU D 719 11.24 9.23 24.75
C LEU D 719 9.96 10.06 24.70
N MET D 720 9.06 9.91 25.69
CA MET D 720 7.81 10.72 25.76
C MET D 720 8.17 12.21 25.80
N GLY D 721 9.20 12.58 26.55
CA GLY D 721 9.68 13.96 26.63
C GLY D 721 10.11 14.49 25.27
N LEU D 722 10.89 13.72 24.54
CA LEU D 722 11.45 14.15 23.24
C LEU D 722 10.31 14.23 22.23
N ILE D 723 9.31 13.34 22.34
CA ILE D 723 8.13 13.33 21.43
C ILE D 723 7.23 14.52 21.72
N HIS D 724 6.83 14.74 22.98
CA HIS D 724 5.78 15.72 23.32
C HIS D 724 6.38 17.09 23.66
N LYS D 725 7.64 17.18 24.07
CA LYS D 725 8.27 18.46 24.50
C LYS D 725 9.60 18.64 23.77
N PRO D 726 9.61 18.61 22.41
CA PRO D 726 10.87 18.66 21.65
C PRO D 726 11.59 20.01 21.79
N GLN D 727 10.88 21.08 22.16
CA GLN D 727 11.49 22.41 22.39
C GLN D 727 12.06 22.46 23.82
N VAL D 728 11.67 21.57 24.72
CA VAL D 728 12.19 21.53 26.13
C VAL D 728 13.47 20.71 26.18
N PHE D 729 13.48 19.55 25.52
CA PHE D 729 14.52 18.49 25.66
C PHE D 729 15.34 18.44 24.37
N LYS D 730 16.59 18.89 24.44
CA LYS D 730 17.54 18.87 23.30
C LYS D 730 17.84 17.41 22.95
N VAL D 731 18.09 16.57 23.94
CA VAL D 731 18.44 15.14 23.72
C VAL D 731 17.71 14.26 24.71
N ALA D 732 17.46 13.03 24.31
CA ALA D 732 16.97 11.95 25.17
C ALA D 732 17.97 10.78 25.15
N ILE D 733 18.32 10.27 26.32
CA ILE D 733 19.05 8.98 26.48
C ILE D 733 18.12 8.01 27.20
N ALA D 734 17.59 7.05 26.45
CA ALA D 734 16.53 6.12 26.90
C ALA D 734 17.16 4.74 27.10
N GLY D 735 17.26 4.31 28.36
CA GLY D 735 17.75 2.97 28.71
C GLY D 735 16.58 2.00 28.90
N ALA D 736 16.73 0.80 28.37
CA ALA D 736 15.76 -0.33 28.43
C ALA D 736 14.33 0.19 28.43
N PRO D 737 13.93 1.00 27.43
CA PRO D 737 12.63 1.67 27.50
C PRO D 737 11.47 0.71 27.23
N VAL D 738 10.34 0.91 27.92
CA VAL D 738 9.05 0.32 27.46
C VAL D 738 8.61 1.19 26.27
N THR D 739 8.46 0.59 25.09
CA THR D 739 8.07 1.32 23.86
C THR D 739 6.68 0.89 23.36
N VAL D 740 6.18 -0.26 23.81
N VAL D 740 6.14 -0.23 23.83
CA VAL D 740 4.83 -0.75 23.43
CA VAL D 740 4.79 -0.71 23.42
C VAL D 740 4.22 -1.46 24.65
C VAL D 740 4.17 -1.47 24.59
N TRP D 741 3.19 -0.84 25.26
CA TRP D 741 2.57 -1.38 26.49
C TRP D 741 1.93 -2.75 26.23
N MET D 742 1.49 -3.01 25.00
CA MET D 742 0.89 -4.33 24.63
C MET D 742 1.93 -5.46 24.75
N ALA D 743 3.24 -5.16 24.83
CA ALA D 743 4.31 -6.19 24.97
C ALA D 743 4.71 -6.38 26.45
N TYR D 744 4.16 -5.61 27.39
CA TYR D 744 4.52 -5.76 28.83
C TYR D 744 3.50 -6.71 29.47
N ASP D 745 3.70 -7.03 30.75
CA ASP D 745 3.04 -8.19 31.39
C ASP D 745 1.65 -7.81 31.95
N THR D 746 0.87 -8.84 32.30
CA THR D 746 -0.50 -8.73 32.88
C THR D 746 -0.46 -7.98 34.22
N GLY D 747 0.33 -8.47 35.19
CA GLY D 747 0.25 -8.01 36.58
C GLY D 747 0.48 -6.51 36.70
N TYR D 748 1.48 -5.98 35.99
CA TYR D 748 1.81 -4.54 36.04
C TYR D 748 0.87 -3.74 35.15
N THR D 749 0.82 -4.08 33.87
CA THR D 749 0.21 -3.19 32.84
C THR D 749 -1.30 -3.07 33.11
N GLU D 750 -1.98 -4.17 33.41
CA GLU D 750 -3.46 -4.14 33.63
C GLU D 750 -3.79 -3.36 34.90
N ARG D 751 -2.93 -3.42 35.92
CA ARG D 751 -3.13 -2.68 37.18
C ARG D 751 -3.30 -1.19 36.86
N TYR D 752 -2.41 -0.61 36.05
CA TYR D 752 -2.31 0.86 35.82
C TYR D 752 -3.06 1.27 34.56
N MET D 753 -3.30 0.35 33.60
CA MET D 753 -3.76 0.72 32.23
C MET D 753 -4.98 -0.08 31.78
N ASP D 754 -5.50 -1.02 32.57
CA ASP D 754 -6.60 -1.94 32.12
C ASP D 754 -6.04 -2.84 31.02
N VAL D 755 -6.89 -3.67 30.42
CA VAL D 755 -6.51 -4.55 29.29
C VAL D 755 -6.57 -3.71 28.01
N PRO D 756 -5.77 -4.06 26.99
CA PRO D 756 -5.74 -3.30 25.74
C PRO D 756 -7.11 -3.02 25.12
N GLU D 757 -8.04 -4.00 25.09
CA GLU D 757 -9.36 -3.82 24.41
C GLU D 757 -10.21 -2.78 25.18
N ASN D 758 -9.93 -2.56 26.47
CA ASN D 758 -10.68 -1.60 27.32
C ASN D 758 -10.04 -0.20 27.31
N ASN D 759 -8.84 -0.06 26.77
CA ASN D 759 -8.09 1.22 26.87
C ASN D 759 -7.21 1.39 25.64
N GLN D 760 -7.79 1.24 24.44
CA GLN D 760 -6.95 1.29 23.21
C GLN D 760 -6.36 2.72 23.11
N HIS D 761 -7.12 3.76 23.46
CA HIS D 761 -6.63 5.16 23.42
C HIS D 761 -5.40 5.31 24.33
N GLY D 762 -5.48 4.86 25.58
CA GLY D 762 -4.39 5.01 26.58
C GLY D 762 -3.17 4.20 26.17
N TYR D 763 -3.37 2.95 25.73
CA TYR D 763 -2.23 2.12 25.23
C TYR D 763 -1.55 2.80 24.06
N GLU D 764 -2.31 3.31 23.09
CA GLU D 764 -1.76 3.92 21.86
C GLU D 764 -1.00 5.20 22.25
N ALA D 765 -1.60 6.08 23.06
CA ALA D 765 -0.97 7.37 23.47
C ALA D 765 0.29 7.09 24.29
N GLY D 766 0.34 6.02 25.08
CA GLY D 766 1.48 5.73 25.97
C GLY D 766 2.57 4.87 25.34
N SER D 767 2.41 4.44 24.10
CA SER D 767 3.37 3.53 23.40
C SER D 767 4.26 4.36 22.49
N VAL D 768 5.47 4.71 22.96
CA VAL D 768 6.34 5.69 22.27
C VAL D 768 6.73 5.15 20.87
N ALA D 769 6.77 3.83 20.66
CA ALA D 769 7.14 3.23 19.35
C ALA D 769 6.08 3.55 18.29
N LEU D 770 4.85 3.90 18.70
CA LEU D 770 3.78 4.25 17.73
C LEU D 770 3.79 5.75 17.41
N HIS D 771 4.70 6.55 17.97
CA HIS D 771 4.76 8.04 17.75
C HIS D 771 6.12 8.48 17.19
N VAL D 772 6.82 7.56 16.53
N VAL D 772 6.84 7.58 16.52
CA VAL D 772 8.19 7.75 15.99
CA VAL D 772 8.24 7.84 16.07
C VAL D 772 8.23 8.92 15.00
C VAL D 772 8.26 8.92 14.97
N GLU D 773 7.15 9.21 14.30
CA GLU D 773 7.08 10.34 13.33
C GLU D 773 7.30 11.66 14.07
N LYS D 774 7.06 11.72 15.37
CA LYS D 774 7.29 12.93 16.21
C LYS D 774 8.71 12.95 16.82
N LEU D 775 9.50 11.89 16.65
CA LEU D 775 10.91 11.91 17.14
C LEU D 775 11.74 12.77 16.18
N PRO D 776 12.91 13.28 16.61
CA PRO D 776 13.62 14.29 15.83
C PRO D 776 14.07 13.82 14.44
N ASN D 777 13.95 14.70 13.45
CA ASN D 777 14.53 14.49 12.09
C ASN D 777 15.99 14.96 12.08
N GLU D 778 16.55 15.36 13.22
CA GLU D 778 17.96 15.78 13.37
C GLU D 778 18.71 14.63 14.04
N PRO D 779 19.91 14.26 13.55
CA PRO D 779 20.74 13.27 14.21
C PRO D 779 21.25 13.76 15.58
N ASN D 780 21.68 12.83 16.42
CA ASN D 780 22.40 13.08 17.70
C ASN D 780 21.45 13.69 18.73
N ARG D 781 20.14 13.46 18.65
CA ARG D 781 19.19 13.89 19.72
C ARG D 781 18.63 12.67 20.46
N LEU D 782 18.97 11.46 20.04
CA LEU D 782 18.36 10.24 20.60
C LEU D 782 19.42 9.13 20.69
N LEU D 783 19.63 8.66 21.91
CA LEU D 783 20.52 7.52 22.22
C LEU D 783 19.69 6.48 22.96
N ILE D 784 19.68 5.26 22.44
CA ILE D 784 18.91 4.12 23.00
C ILE D 784 19.92 3.13 23.53
N LEU D 785 19.68 2.62 24.74
CA LEU D 785 20.56 1.64 25.43
C LEU D 785 19.68 0.47 25.86
N HIS D 786 20.13 -0.76 25.69
CA HIS D 786 19.35 -1.94 26.12
C HIS D 786 20.24 -3.15 26.33
N GLY D 787 20.01 -3.87 27.42
CA GLY D 787 20.58 -5.20 27.69
C GLY D 787 19.95 -6.23 26.78
N PHE D 788 20.76 -6.95 26.04
CA PHE D 788 20.30 -7.94 25.05
C PHE D 788 19.53 -9.09 25.70
N LEU D 789 19.87 -9.45 26.95
CA LEU D 789 19.29 -10.62 27.66
C LEU D 789 18.11 -10.20 28.56
N ASP D 790 17.62 -8.97 28.45
CA ASP D 790 16.56 -8.42 29.32
C ASP D 790 15.31 -9.32 29.21
N GLU D 791 14.93 -9.97 30.31
CA GLU D 791 13.77 -10.93 30.39
C GLU D 791 12.58 -10.21 31.02
N ASN D 792 12.69 -8.91 31.28
CA ASN D 792 11.68 -8.06 31.97
C ASN D 792 11.13 -7.08 30.93
N VAL D 793 11.92 -6.08 30.57
CA VAL D 793 11.63 -5.21 29.39
C VAL D 793 12.43 -5.80 28.23
N HIS D 794 11.78 -6.65 27.43
CA HIS D 794 12.46 -7.44 26.38
C HIS D 794 13.18 -6.51 25.43
N PHE D 795 14.32 -6.98 24.90
CA PHE D 795 15.05 -6.26 23.86
C PHE D 795 14.10 -5.93 22.70
N PHE D 796 13.05 -6.74 22.48
CA PHE D 796 11.97 -6.46 21.52
C PHE D 796 11.51 -4.99 21.58
N HIS D 797 11.39 -4.38 22.77
CA HIS D 797 10.93 -2.96 22.89
C HIS D 797 11.86 -2.06 22.06
N THR D 798 13.18 -2.25 22.17
CA THR D 798 14.18 -1.45 21.42
C THR D 798 14.14 -1.85 19.94
N ASN D 799 14.06 -3.14 19.65
CA ASN D 799 14.07 -3.65 18.25
C ASN D 799 12.85 -3.10 17.50
N PHE D 800 11.68 -3.10 18.15
CA PHE D 800 10.45 -2.57 17.56
C PHE D 800 10.60 -1.04 17.36
N LEU D 801 11.12 -0.34 18.36
CA LEU D 801 11.37 1.12 18.25
C LEU D 801 12.28 1.41 17.04
N VAL D 802 13.35 0.64 16.91
CA VAL D 802 14.31 0.81 15.77
C VAL D 802 13.58 0.56 14.45
N SER D 803 12.81 -0.53 14.36
N SER D 803 12.82 -0.54 14.33
CA SER D 803 12.04 -0.89 13.15
CA SER D 803 12.10 -0.84 13.07
C SER D 803 11.15 0.29 12.74
C SER D 803 11.16 0.32 12.72
N GLN D 804 10.47 0.90 13.71
CA GLN D 804 9.57 2.07 13.49
C GLN D 804 10.40 3.30 13.09
N LEU D 805 11.55 3.55 13.72
CA LEU D 805 12.44 4.69 13.38
C LEU D 805 12.89 4.56 11.92
N ILE D 806 13.25 3.35 11.50
CA ILE D 806 13.70 3.11 10.10
C ILE D 806 12.55 3.44 9.14
N ARG D 807 11.36 2.92 9.41
CA ARG D 807 10.16 3.12 8.54
C ARG D 807 9.82 4.62 8.46
N ALA D 808 10.01 5.38 9.53
CA ALA D 808 9.69 6.84 9.56
C ALA D 808 10.87 7.69 9.04
N GLY D 809 11.98 7.05 8.64
CA GLY D 809 13.18 7.73 8.12
C GLY D 809 13.89 8.57 9.17
N LYS D 810 13.94 8.14 10.42
CA LYS D 810 14.54 8.92 11.54
C LYS D 810 15.93 8.40 11.91
N PRO D 811 16.87 9.29 12.27
CA PRO D 811 18.18 8.86 12.79
C PRO D 811 18.07 8.40 14.25
N TYR D 812 19.00 7.55 14.67
CA TYR D 812 19.11 7.11 16.09
C TYR D 812 20.54 6.62 16.32
N GLN D 813 20.96 6.69 17.58
CA GLN D 813 22.15 6.02 18.10
C GLN D 813 21.70 4.90 19.03
N LEU D 814 22.47 3.82 19.08
CA LEU D 814 22.12 2.58 19.80
C LEU D 814 23.39 2.04 20.46
N GLN D 815 23.26 1.65 21.71
CA GLN D 815 24.26 0.79 22.40
C GLN D 815 23.51 -0.43 22.93
N ILE D 816 24.13 -1.60 22.81
N ILE D 816 24.14 -1.60 22.78
CA ILE D 816 23.59 -2.84 23.41
CA ILE D 816 23.67 -2.92 23.31
C ILE D 816 24.61 -3.35 24.41
C ILE D 816 24.62 -3.33 24.43
N TYR D 817 24.12 -4.00 25.46
CA TYR D 817 24.94 -4.69 26.49
C TYR D 817 24.65 -6.16 26.27
N PRO D 818 25.45 -6.85 25.42
CA PRO D 818 25.16 -8.23 25.04
C PRO D 818 25.01 -9.22 26.21
N ASN D 819 25.70 -8.95 27.31
CA ASN D 819 25.79 -9.87 28.48
C ASN D 819 24.91 -9.40 29.63
N GLU D 820 24.05 -8.40 29.45
CA GLU D 820 23.26 -7.85 30.57
C GLU D 820 21.77 -8.14 30.37
N ARG D 821 21.06 -8.31 31.48
CA ARG D 821 19.59 -8.42 31.51
C ARG D 821 19.03 -7.00 31.73
N HIS D 822 18.16 -6.81 32.72
CA HIS D 822 17.43 -5.53 32.90
C HIS D 822 18.32 -4.47 33.53
N SER D 823 19.38 -4.83 34.23
CA SER D 823 20.31 -3.86 34.86
C SER D 823 21.74 -4.24 34.49
N ILE D 824 22.65 -3.27 34.51
CA ILE D 824 24.08 -3.51 34.17
C ILE D 824 24.80 -3.93 35.45
N ARG D 825 25.19 -5.20 35.56
CA ARG D 825 25.84 -5.77 36.76
C ARG D 825 27.38 -5.81 36.59
N CYS D 826 27.90 -5.97 35.36
N CYS D 826 27.88 -5.93 35.35
CA CYS D 826 29.36 -6.03 35.10
CA CYS D 826 29.35 -6.01 35.10
C CYS D 826 29.97 -4.65 35.29
C CYS D 826 29.97 -4.63 35.31
N PRO D 827 30.96 -4.47 36.21
CA PRO D 827 31.60 -3.16 36.40
C PRO D 827 32.20 -2.52 35.14
N GLU D 828 32.79 -3.32 34.26
CA GLU D 828 33.36 -2.87 32.97
C GLU D 828 32.23 -2.30 32.10
N SER D 829 31.07 -2.96 32.04
CA SER D 829 29.91 -2.47 31.25
C SER D 829 29.33 -1.20 31.88
N GLY D 830 29.22 -1.15 33.20
CA GLY D 830 28.77 0.05 33.94
C GLY D 830 29.64 1.26 33.61
N GLU D 831 30.96 1.10 33.62
N GLU D 831 30.95 1.09 33.63
CA GLU D 831 31.93 2.16 33.25
CA GLU D 831 31.94 2.15 33.26
C GLU D 831 31.70 2.58 31.79
C GLU D 831 31.68 2.57 31.81
N HIS D 832 31.53 1.62 30.89
CA HIS D 832 31.33 1.90 29.45
C HIS D 832 30.05 2.73 29.28
N TYR D 833 28.98 2.35 29.97
CA TYR D 833 27.70 3.09 29.97
C TYR D 833 27.95 4.54 30.42
N GLU D 834 28.63 4.76 31.54
CA GLU D 834 28.84 6.13 32.08
C GLU D 834 29.74 6.95 31.14
N VAL D 835 30.77 6.32 30.57
CA VAL D 835 31.68 7.00 29.60
C VAL D 835 30.86 7.40 28.38
N THR D 836 30.02 6.49 27.90
CA THR D 836 29.17 6.72 26.71
C THR D 836 28.25 7.92 26.98
N LEU D 837 27.64 7.97 28.16
N LEU D 837 27.62 7.94 28.16
CA LEU D 837 26.71 9.07 28.54
CA LEU D 837 26.72 9.03 28.62
C LEU D 837 27.48 10.40 28.57
C LEU D 837 27.47 10.38 28.59
N LEU D 838 28.65 10.44 29.20
CA LEU D 838 29.48 11.67 29.29
C LEU D 838 29.87 12.12 27.88
N HIS D 839 30.26 11.17 27.00
CA HIS D 839 30.66 11.47 25.61
C HIS D 839 29.48 12.07 24.84
N PHE D 840 28.32 11.43 24.93
CA PHE D 840 27.12 11.86 24.21
C PHE D 840 26.74 13.29 24.66
N LEU D 841 26.74 13.56 25.97
CA LEU D 841 26.40 14.91 26.51
C LEU D 841 27.44 15.94 26.06
N GLN D 842 28.73 15.60 26.11
CA GLN D 842 29.78 16.60 25.79
C GLN D 842 29.69 16.95 24.31
N GLU D 843 29.34 16.01 23.43
CA GLU D 843 29.32 16.25 21.97
C GLU D 843 27.98 16.86 21.55
N TYR D 844 26.86 16.46 22.13
CA TYR D 844 25.53 16.68 21.50
C TYR D 844 24.59 17.52 22.37
N LEU D 845 24.87 17.76 23.65
CA LEU D 845 24.10 18.73 24.45
C LEU D 845 24.68 20.14 24.21
N HIS D 846 24.27 20.73 23.06
CA HIS D 846 24.65 22.02 22.39
C HIS D 846 26.08 22.48 22.75
#